data_5JWJ
#
_entry.id   5JWJ
#
_entity_poly.entity_id   1
_entity_poly.type   'polypeptide(L)'
_entity_poly.pdbx_seq_one_letter_code
;MSYVPHVPYVPTPEKVVRRMLEIAKVSQDDIVYALGCGDGRIIITAAKDFNVKKAVGVEINDERIREALANIEKNGVTGR
ASIVKGNFFEVDISEATVVTMFLLTNVNEMLKPKLEKELKPGTRVVSHEFEIRGWNPKEVIKVEDGNMNHTVYLYVIGEH
KAAALEHHHHHH
;
_entity_poly.pdbx_strand_id   A
#
# COMPACT_ATOMS: atom_id res chain seq x y z
N MET A 1 24.81 0.43 -22.32
CA MET A 1 23.51 0.72 -23.00
C MET A 1 22.38 0.62 -21.99
N SER A 2 22.68 0.06 -20.82
CA SER A 2 21.68 -0.09 -19.77
C SER A 2 22.18 0.51 -18.46
N TYR A 3 21.26 1.03 -17.67
CA TYR A 3 21.60 1.63 -16.39
C TYR A 3 22.62 2.76 -16.58
N VAL A 4 22.67 3.31 -17.79
CA VAL A 4 23.60 4.38 -18.08
C VAL A 4 23.24 5.64 -17.28
N PRO A 5 21.97 5.93 -17.10
CA PRO A 5 21.53 7.14 -16.34
C PRO A 5 22.01 7.12 -14.89
N HIS A 6 22.20 8.31 -14.32
CA HIS A 6 22.67 8.41 -12.95
C HIS A 6 21.78 7.59 -12.02
N VAL A 7 22.40 6.94 -11.04
CA VAL A 7 21.70 6.10 -10.06
C VAL A 7 20.21 6.46 -9.95
N PRO A 8 19.36 5.86 -10.77
CA PRO A 8 17.90 6.14 -10.75
C PRO A 8 17.18 5.41 -9.62
N TYR A 9 15.98 5.89 -9.28
CA TYR A 9 15.18 5.27 -8.23
C TYR A 9 14.90 3.81 -8.57
N VAL A 10 15.08 2.93 -7.60
CA VAL A 10 14.84 1.50 -7.81
C VAL A 10 13.73 0.98 -6.89
N PRO A 11 12.53 0.74 -7.39
CA PRO A 11 11.41 0.21 -6.54
C PRO A 11 11.81 -1.08 -5.84
N THR A 12 11.26 -1.31 -4.66
CA THR A 12 11.59 -2.51 -3.89
C THR A 12 11.05 -3.74 -4.62
N PRO A 13 11.57 -4.93 -4.36
CA PRO A 13 11.09 -6.17 -5.03
C PRO A 13 9.60 -6.41 -4.79
N GLU A 14 8.94 -7.01 -5.78
CA GLU A 14 7.51 -7.29 -5.67
C GLU A 14 7.25 -8.21 -4.48
N LYS A 15 8.31 -8.89 -4.04
CA LYS A 15 8.20 -9.80 -2.91
C LYS A 15 7.76 -9.03 -1.67
N VAL A 16 8.27 -7.81 -1.51
CA VAL A 16 7.91 -6.99 -0.37
C VAL A 16 6.41 -6.70 -0.38
N VAL A 17 5.90 -6.33 -1.56
CA VAL A 17 4.47 -6.05 -1.70
C VAL A 17 3.66 -7.31 -1.44
N ARG A 18 4.18 -8.43 -1.92
CA ARG A 18 3.49 -9.71 -1.77
C ARG A 18 3.27 -10.05 -0.29
N ARG A 19 4.28 -9.80 0.54
CA ARG A 19 4.15 -10.08 1.96
C ARG A 19 3.10 -9.18 2.60
N MET A 20 3.05 -7.93 2.17
CA MET A 20 2.11 -6.95 2.70
C MET A 20 0.67 -7.40 2.46
N LEU A 21 0.44 -8.05 1.34
CA LEU A 21 -0.90 -8.53 1.00
C LEU A 21 -1.26 -9.77 1.83
N GLU A 22 -0.29 -10.67 1.99
CA GLU A 22 -0.54 -11.90 2.75
C GLU A 22 -0.92 -11.61 4.19
N ILE A 23 -0.18 -10.71 4.83
CA ILE A 23 -0.46 -10.38 6.22
C ILE A 23 -1.78 -9.65 6.36
N ALA A 24 -2.10 -8.82 5.38
CA ALA A 24 -3.35 -8.08 5.41
C ALA A 24 -4.52 -9.02 5.18
N LYS A 25 -4.19 -10.26 4.81
CA LYS A 25 -5.19 -11.29 4.55
C LYS A 25 -6.12 -10.89 3.41
N VAL A 26 -5.58 -10.19 2.42
CA VAL A 26 -6.39 -9.76 1.28
C VAL A 26 -6.94 -10.98 0.55
N SER A 27 -8.26 -11.09 0.49
CA SER A 27 -8.91 -12.19 -0.20
C SER A 27 -9.61 -11.69 -1.45
N GLN A 28 -10.02 -12.59 -2.32
CA GLN A 28 -10.68 -12.20 -3.55
C GLN A 28 -11.94 -11.41 -3.26
N ASP A 29 -12.47 -11.54 -2.05
CA ASP A 29 -13.67 -10.82 -1.67
C ASP A 29 -13.33 -9.52 -0.93
N ASP A 30 -12.04 -9.27 -0.74
CA ASP A 30 -11.60 -8.07 -0.04
C ASP A 30 -11.00 -7.06 -1.03
N ILE A 31 -11.30 -5.79 -0.81
CA ILE A 31 -10.79 -4.74 -1.68
C ILE A 31 -9.46 -4.21 -1.14
N VAL A 32 -8.67 -3.61 -2.03
CA VAL A 32 -7.37 -3.05 -1.63
C VAL A 32 -7.28 -1.56 -1.98
N TYR A 33 -7.09 -0.75 -0.95
CA TYR A 33 -6.94 0.71 -1.12
C TYR A 33 -5.52 1.13 -0.70
N ALA A 34 -4.70 1.47 -1.68
CA ALA A 34 -3.32 1.88 -1.39
C ALA A 34 -3.02 3.25 -1.99
N LEU A 35 -2.25 4.04 -1.26
CA LEU A 35 -1.89 5.38 -1.73
C LEU A 35 -0.42 5.43 -2.12
N GLY A 36 0.26 4.29 -2.04
CA GLY A 36 1.67 4.23 -2.38
C GLY A 36 1.90 3.61 -3.76
N CYS A 37 0.84 3.50 -4.54
CA CYS A 37 0.96 2.91 -5.88
C CYS A 37 2.22 3.43 -6.58
N GLY A 38 2.14 4.59 -7.21
CA GLY A 38 3.29 5.15 -7.90
C GLY A 38 3.55 4.44 -9.22
N ASP A 39 2.61 3.60 -9.62
CA ASP A 39 2.72 2.85 -10.88
C ASP A 39 1.66 1.76 -10.97
N GLY A 40 1.02 1.47 -9.84
CA GLY A 40 -0.02 0.46 -9.80
C GLY A 40 0.55 -0.92 -9.45
N ARG A 41 1.87 -1.02 -9.32
CA ARG A 41 2.47 -2.30 -9.00
C ARG A 41 1.94 -2.80 -7.66
N ILE A 42 1.44 -1.88 -6.85
CA ILE A 42 0.91 -2.22 -5.54
C ILE A 42 -0.46 -2.90 -5.64
N ILE A 43 -1.34 -2.35 -6.49
CA ILE A 43 -2.68 -2.91 -6.65
C ILE A 43 -2.73 -3.96 -7.77
N ILE A 44 -1.87 -3.82 -8.77
CA ILE A 44 -1.83 -4.76 -9.89
C ILE A 44 -1.47 -6.17 -9.42
N THR A 45 -0.51 -6.28 -8.51
CA THR A 45 -0.10 -7.60 -8.01
C THR A 45 -1.23 -8.24 -7.21
N ALA A 46 -2.13 -7.40 -6.71
CA ALA A 46 -3.25 -7.90 -5.95
C ALA A 46 -4.29 -8.50 -6.89
N ALA A 47 -4.87 -7.66 -7.73
CA ALA A 47 -5.88 -8.12 -8.67
C ALA A 47 -5.34 -9.19 -9.60
N LYS A 48 -4.09 -9.02 -10.02
CA LYS A 48 -3.47 -9.98 -10.92
C LYS A 48 -3.33 -11.36 -10.27
N ASP A 49 -2.85 -11.37 -9.02
CA ASP A 49 -2.65 -12.64 -8.31
C ASP A 49 -3.70 -12.89 -7.23
N PHE A 50 -3.87 -11.92 -6.33
CA PHE A 50 -4.83 -12.08 -5.24
C PHE A 50 -6.27 -12.01 -5.73
N ASN A 51 -6.48 -11.68 -6.99
CA ASN A 51 -7.83 -11.61 -7.54
C ASN A 51 -8.74 -10.78 -6.63
N VAL A 52 -8.19 -9.75 -6.01
CA VAL A 52 -8.98 -8.91 -5.12
C VAL A 52 -10.34 -8.61 -5.73
N LYS A 53 -11.24 -8.17 -4.88
CA LYS A 53 -12.58 -7.81 -5.33
C LYS A 53 -12.50 -6.50 -6.10
N LYS A 54 -11.85 -5.51 -5.49
CA LYS A 54 -11.69 -4.21 -6.11
C LYS A 54 -10.38 -3.58 -5.65
N ALA A 55 -9.55 -3.13 -6.60
CA ALA A 55 -8.28 -2.53 -6.26
C ALA A 55 -8.22 -1.09 -6.74
N VAL A 56 -7.88 -0.19 -5.85
CA VAL A 56 -7.79 1.23 -6.18
C VAL A 56 -6.51 1.85 -5.66
N GLY A 57 -5.85 2.64 -6.49
CA GLY A 57 -4.64 3.33 -6.10
C GLY A 57 -4.90 4.82 -5.97
N VAL A 58 -4.47 5.42 -4.86
CA VAL A 58 -4.68 6.85 -4.65
C VAL A 58 -3.37 7.58 -4.86
N GLU A 59 -3.39 8.53 -5.79
CA GLU A 59 -2.20 9.32 -6.09
C GLU A 59 -2.51 10.39 -7.13
N ILE A 60 -1.76 11.48 -7.09
CA ILE A 60 -1.93 12.55 -8.06
C ILE A 60 -0.57 13.01 -8.56
N ASN A 61 -0.35 12.87 -9.87
CA ASN A 61 0.91 13.29 -10.47
C ASN A 61 0.67 13.72 -11.90
N ASP A 62 1.75 14.01 -12.62
CA ASP A 62 1.64 14.43 -14.02
C ASP A 62 2.24 13.39 -14.95
N GLU A 63 3.55 13.23 -14.87
CA GLU A 63 4.25 12.26 -15.72
C GLU A 63 3.93 10.82 -15.29
N ARG A 64 3.85 10.61 -13.98
CA ARG A 64 3.59 9.27 -13.46
C ARG A 64 2.11 8.94 -13.51
N ILE A 65 1.27 9.91 -13.85
CA ILE A 65 -0.16 9.66 -13.90
C ILE A 65 -0.52 8.72 -15.05
N ARG A 66 0.22 8.83 -16.15
CA ARG A 66 -0.02 7.99 -17.31
C ARG A 66 0.64 6.64 -17.14
N GLU A 67 1.71 6.59 -16.36
CA GLU A 67 2.43 5.34 -16.16
C GLU A 67 1.53 4.29 -15.51
N ALA A 68 0.85 4.67 -14.44
CA ALA A 68 -0.03 3.73 -13.74
C ALA A 68 -1.14 3.21 -14.63
N LEU A 69 -1.70 4.08 -15.46
CA LEU A 69 -2.77 3.67 -16.35
C LEU A 69 -2.25 2.61 -17.32
N ALA A 70 -1.03 2.83 -17.81
CA ALA A 70 -0.40 1.90 -18.75
C ALA A 70 -0.12 0.55 -18.10
N ASN A 71 0.30 0.58 -16.84
CA ASN A 71 0.63 -0.65 -16.12
C ASN A 71 -0.59 -1.54 -15.89
N ILE A 72 -1.78 -0.94 -15.90
CA ILE A 72 -3.00 -1.71 -15.73
C ILE A 72 -3.26 -2.57 -16.98
N GLU A 73 -3.14 -1.95 -18.15
CA GLU A 73 -3.35 -2.66 -19.40
C GLU A 73 -2.29 -3.74 -19.60
N LYS A 74 -1.06 -3.42 -19.22
CA LYS A 74 0.04 -4.35 -19.38
C LYS A 74 -0.28 -5.67 -18.68
N ASN A 75 -0.86 -5.59 -17.49
CA ASN A 75 -1.20 -6.80 -16.75
C ASN A 75 -2.64 -7.21 -17.02
N GLY A 76 -3.32 -6.51 -17.91
CA GLY A 76 -4.69 -6.85 -18.27
C GLY A 76 -5.56 -7.05 -17.03
N VAL A 77 -5.43 -6.16 -16.06
CA VAL A 77 -6.21 -6.26 -14.83
C VAL A 77 -7.28 -5.19 -14.75
N THR A 78 -7.60 -4.53 -15.87
CA THR A 78 -8.63 -3.50 -15.85
C THR A 78 -9.85 -3.95 -15.06
N GLY A 79 -10.64 -2.97 -14.65
CA GLY A 79 -11.87 -3.26 -13.92
C GLY A 79 -11.59 -3.57 -12.46
N ARG A 80 -10.42 -4.13 -12.17
CA ARG A 80 -10.08 -4.47 -10.80
C ARG A 80 -9.08 -3.46 -10.25
N ALA A 81 -8.35 -2.80 -11.15
CA ALA A 81 -7.35 -1.82 -10.76
C ALA A 81 -7.66 -0.47 -11.37
N SER A 82 -7.58 0.57 -10.55
CA SER A 82 -7.86 1.92 -11.00
C SER A 82 -7.03 2.92 -10.22
N ILE A 83 -6.95 4.15 -10.74
CA ILE A 83 -6.20 5.21 -10.07
C ILE A 83 -7.10 6.42 -9.85
N VAL A 84 -7.05 6.98 -8.66
CA VAL A 84 -7.86 8.15 -8.33
C VAL A 84 -6.98 9.34 -7.98
N LYS A 85 -7.16 10.44 -8.70
CA LYS A 85 -6.36 11.63 -8.45
C LYS A 85 -7.13 12.62 -7.58
N GLY A 86 -6.39 13.44 -6.83
CA GLY A 86 -7.00 14.41 -5.95
C GLY A 86 -6.31 14.42 -4.58
N ASN A 87 -6.96 15.01 -3.60
CA ASN A 87 -6.40 15.07 -2.26
C ASN A 87 -7.01 13.99 -1.36
N PHE A 88 -6.16 13.22 -0.70
CA PHE A 88 -6.63 12.14 0.16
C PHE A 88 -7.75 12.65 1.06
N PHE A 89 -7.69 13.91 1.41
CA PHE A 89 -8.73 14.51 2.25
C PHE A 89 -10.07 14.46 1.55
N GLU A 90 -10.08 14.87 0.29
CA GLU A 90 -11.29 14.91 -0.53
C GLU A 90 -11.92 13.52 -0.69
N VAL A 91 -11.08 12.51 -0.93
CA VAL A 91 -11.59 11.16 -1.11
C VAL A 91 -11.73 10.46 0.24
N ASP A 92 -12.44 9.34 0.26
CA ASP A 92 -12.65 8.59 1.49
C ASP A 92 -12.24 7.13 1.30
N ILE A 93 -11.68 6.55 2.36
CA ILE A 93 -11.24 5.15 2.32
C ILE A 93 -11.98 4.33 3.37
N SER A 94 -13.01 4.90 3.97
CA SER A 94 -13.77 4.17 4.99
C SER A 94 -14.37 2.89 4.42
N GLU A 95 -14.63 2.90 3.12
CA GLU A 95 -15.20 1.74 2.45
C GLU A 95 -14.16 0.62 2.32
N ALA A 96 -12.89 1.00 2.39
CA ALA A 96 -11.81 0.02 2.25
C ALA A 96 -11.72 -0.91 3.44
N THR A 97 -11.49 -2.19 3.18
CA THR A 97 -11.34 -3.17 4.25
C THR A 97 -9.86 -3.45 4.50
N VAL A 98 -9.06 -3.29 3.45
CA VAL A 98 -7.63 -3.50 3.53
C VAL A 98 -6.89 -2.30 2.94
N VAL A 99 -5.92 -1.75 3.67
CA VAL A 99 -5.15 -0.62 3.17
C VAL A 99 -3.67 -0.79 3.49
N THR A 100 -2.82 -0.17 2.67
CA THR A 100 -1.38 -0.24 2.88
C THR A 100 -0.77 1.15 2.71
N MET A 101 0.42 1.34 3.28
CA MET A 101 1.10 2.63 3.18
C MET A 101 2.55 2.46 2.76
N PHE A 102 2.98 3.27 1.80
CA PHE A 102 4.36 3.23 1.32
C PHE A 102 4.77 4.59 0.76
N LEU A 103 5.33 5.43 1.62
CA LEU A 103 5.76 6.76 1.22
C LEU A 103 7.25 6.96 1.49
N LEU A 104 7.90 7.74 0.62
CA LEU A 104 9.33 8.01 0.77
C LEU A 104 9.56 9.26 1.61
N THR A 105 8.49 9.94 2.00
CA THR A 105 8.61 11.15 2.80
C THR A 105 9.11 10.80 4.20
N ASN A 106 10.25 11.36 4.59
CA ASN A 106 10.83 11.10 5.90
C ASN A 106 9.93 11.62 7.02
N VAL A 107 9.36 12.81 6.82
CA VAL A 107 8.50 13.41 7.84
C VAL A 107 7.18 13.87 7.24
N ASN A 108 6.08 13.41 7.81
CA ASN A 108 4.75 13.79 7.35
C ASN A 108 3.71 13.50 8.43
N GLU A 109 2.48 13.93 8.20
CA GLU A 109 1.42 13.69 9.16
C GLU A 109 0.95 12.24 9.07
N MET A 110 0.78 11.59 10.21
CA MET A 110 0.35 10.20 10.22
C MET A 110 -1.17 10.12 10.28
N LEU A 111 -1.77 10.89 11.18
CA LEU A 111 -3.22 10.88 11.35
C LEU A 111 -3.70 9.49 11.76
N LYS A 112 -2.99 8.89 12.72
CA LYS A 112 -3.33 7.56 13.21
C LYS A 112 -4.76 7.51 13.76
N PRO A 113 -5.13 8.37 14.70
CA PRO A 113 -6.50 8.35 15.29
C PRO A 113 -7.59 8.64 14.28
N LYS A 114 -7.23 9.29 13.17
CA LYS A 114 -8.19 9.59 12.12
C LYS A 114 -8.71 8.29 11.49
N LEU A 115 -7.80 7.34 11.35
CA LEU A 115 -8.12 6.04 10.76
C LEU A 115 -9.19 5.34 11.59
N GLU A 116 -9.14 5.52 12.90
CA GLU A 116 -10.12 4.90 13.78
C GLU A 116 -11.52 5.42 13.48
N LYS A 117 -11.60 6.61 12.88
CA LYS A 117 -12.88 7.19 12.55
C LYS A 117 -13.24 6.92 11.08
N GLU A 118 -12.24 6.98 10.20
CA GLU A 118 -12.48 6.74 8.77
C GLU A 118 -12.68 5.26 8.50
N LEU A 119 -11.74 4.45 8.96
CA LEU A 119 -11.80 3.00 8.74
C LEU A 119 -12.63 2.33 9.83
N LYS A 120 -13.52 1.44 9.41
CA LYS A 120 -14.36 0.70 10.35
C LYS A 120 -13.51 -0.33 11.08
N PRO A 121 -13.87 -0.70 12.28
CA PRO A 121 -13.09 -1.71 13.06
C PRO A 121 -12.98 -3.02 12.31
N GLY A 122 -11.81 -3.66 12.42
CA GLY A 122 -11.57 -4.93 11.74
C GLY A 122 -10.82 -4.70 10.43
N THR A 123 -10.62 -3.43 10.09
CA THR A 123 -9.90 -3.08 8.88
C THR A 123 -8.42 -3.42 9.04
N ARG A 124 -7.76 -3.80 7.95
CA ARG A 124 -6.35 -4.16 8.02
C ARG A 124 -5.49 -3.02 7.48
N VAL A 125 -4.50 -2.60 8.27
CA VAL A 125 -3.60 -1.53 7.85
C VAL A 125 -2.15 -2.00 7.89
N VAL A 126 -1.42 -1.80 6.80
CA VAL A 126 -0.03 -2.23 6.71
C VAL A 126 0.90 -1.05 6.44
N SER A 127 1.91 -0.87 7.30
CA SER A 127 2.87 0.22 7.13
C SER A 127 4.17 -0.30 6.52
N HIS A 128 4.89 0.59 5.84
CA HIS A 128 6.14 0.23 5.19
C HIS A 128 7.16 -0.32 6.20
N GLU A 129 8.13 0.51 6.56
CA GLU A 129 9.16 0.11 7.52
C GLU A 129 9.04 0.87 8.83
N PHE A 130 8.35 2.00 8.78
CA PHE A 130 8.19 2.82 9.98
C PHE A 130 6.99 2.36 10.80
N GLU A 131 7.24 1.97 12.04
CA GLU A 131 6.16 1.52 12.92
C GLU A 131 5.30 2.70 13.35
N ILE A 132 4.10 2.39 13.81
CA ILE A 132 3.18 3.44 14.26
C ILE A 132 3.34 3.67 15.76
N ARG A 133 3.72 4.89 16.13
CA ARG A 133 3.88 5.23 17.54
C ARG A 133 2.53 5.37 18.20
N GLY A 134 2.39 4.89 19.42
CA GLY A 134 1.13 5.00 20.14
C GLY A 134 0.23 3.78 19.88
N TRP A 135 0.46 3.11 18.76
CA TRP A 135 -0.34 1.96 18.39
C TRP A 135 0.45 0.66 18.59
N ASN A 136 -0.27 -0.42 18.87
CA ASN A 136 0.36 -1.72 19.07
C ASN A 136 0.10 -2.61 17.85
N PRO A 137 1.12 -3.04 17.11
CA PRO A 137 0.91 -3.89 15.91
C PRO A 137 0.48 -5.31 16.28
N LYS A 138 -0.27 -5.94 15.37
CA LYS A 138 -0.72 -7.31 15.62
C LYS A 138 0.37 -8.30 15.24
N GLU A 139 0.96 -8.11 14.05
CA GLU A 139 2.02 -9.00 13.58
C GLU A 139 3.17 -8.19 13.00
N VAL A 140 4.39 -8.48 13.45
CA VAL A 140 5.57 -7.78 12.96
C VAL A 140 6.64 -8.78 12.54
N ILE A 141 7.09 -8.69 11.29
CA ILE A 141 8.11 -9.60 10.80
C ILE A 141 9.09 -8.89 9.88
N LYS A 142 10.22 -9.54 9.64
CA LYS A 142 11.25 -8.98 8.78
C LYS A 142 11.58 -9.92 7.63
N VAL A 143 12.06 -9.34 6.54
CA VAL A 143 12.42 -10.08 5.35
C VAL A 143 13.83 -9.70 4.93
N GLU A 144 14.68 -10.69 4.71
CA GLU A 144 16.06 -10.43 4.30
C GLU A 144 16.31 -10.97 2.90
N ASP A 145 16.86 -10.13 2.03
CA ASP A 145 17.15 -10.54 0.67
C ASP A 145 18.52 -10.03 0.24
N GLY A 146 19.51 -10.92 0.23
CA GLY A 146 20.86 -10.54 -0.16
C GLY A 146 21.61 -9.97 1.03
N ASN A 147 21.75 -8.65 1.07
CA ASN A 147 22.43 -7.97 2.17
C ASN A 147 21.54 -6.88 2.74
N MET A 148 20.26 -6.92 2.41
CA MET A 148 19.30 -5.92 2.87
C MET A 148 18.23 -6.54 3.76
N ASN A 149 17.36 -5.69 4.28
CA ASN A 149 16.26 -6.14 5.12
C ASN A 149 15.08 -5.18 5.10
N HIS A 150 13.89 -5.74 5.29
CA HIS A 150 12.67 -4.94 5.29
C HIS A 150 11.76 -5.40 6.42
N THR A 151 11.05 -4.47 7.04
CA THR A 151 10.15 -4.78 8.14
C THR A 151 8.75 -4.28 7.79
N VAL A 152 7.73 -5.07 8.13
CA VAL A 152 6.35 -4.70 7.84
C VAL A 152 5.50 -4.79 9.09
N TYR A 153 4.71 -3.75 9.34
CA TYR A 153 3.85 -3.72 10.52
C TYR A 153 2.38 -3.83 10.12
N LEU A 154 1.67 -4.72 10.81
CA LEU A 154 0.26 -4.95 10.55
C LEU A 154 -0.54 -4.44 11.74
N TYR A 155 -1.60 -3.68 11.48
CA TYR A 155 -2.43 -3.17 12.56
C TYR A 155 -3.89 -3.51 12.28
N VAL A 156 -4.70 -3.44 13.31
CA VAL A 156 -6.13 -3.73 13.17
C VAL A 156 -6.96 -2.63 13.83
N ILE A 157 -7.88 -2.07 13.07
CA ILE A 157 -8.74 -1.01 13.58
C ILE A 157 -9.76 -1.58 14.56
N GLY A 158 -9.94 -0.86 15.67
CA GLY A 158 -10.89 -1.28 16.70
C GLY A 158 -10.20 -1.30 18.06
N GLU A 159 -8.92 -1.68 18.07
CA GLU A 159 -8.17 -1.73 19.30
C GLU A 159 -6.74 -1.23 19.05
N HIS A 160 -6.28 -0.35 19.93
CA HIS A 160 -4.94 0.21 19.80
C HIS A 160 -4.16 0.01 21.11
N LYS A 161 -3.37 1.03 21.48
CA LYS A 161 -2.57 1.00 22.70
C LYS A 161 -2.37 -0.42 23.24
N ALA A 162 -3.32 -0.88 24.05
CA ALA A 162 -3.25 -2.22 24.62
C ALA A 162 -4.61 -2.63 25.19
N MET A 1 30.91 -22.85 -8.44
CA MET A 1 31.55 -23.15 -9.76
C MET A 1 31.76 -21.85 -10.52
N SER A 2 32.01 -20.77 -9.78
CA SER A 2 32.22 -19.46 -10.41
C SER A 2 33.13 -18.60 -9.54
N TYR A 3 33.16 -17.31 -9.81
CA TYR A 3 34.00 -16.38 -9.05
C TYR A 3 33.18 -15.72 -7.95
N VAL A 4 31.91 -16.09 -7.84
CA VAL A 4 31.04 -15.53 -6.82
C VAL A 4 31.15 -14.01 -6.80
N PRO A 5 30.87 -13.36 -7.91
CA PRO A 5 30.93 -11.88 -8.01
C PRO A 5 29.81 -11.20 -7.23
N HIS A 6 30.05 -9.96 -6.80
CA HIS A 6 29.05 -9.23 -6.03
C HIS A 6 27.83 -8.93 -6.89
N VAL A 7 26.65 -9.14 -6.31
CA VAL A 7 25.40 -8.88 -7.01
C VAL A 7 25.14 -7.37 -7.13
N PRO A 8 24.46 -6.93 -8.15
CA PRO A 8 24.14 -5.48 -8.34
C PRO A 8 23.10 -5.00 -7.34
N TYR A 9 23.03 -3.69 -7.13
CA TYR A 9 22.08 -3.13 -6.17
C TYR A 9 20.66 -3.58 -6.50
N VAL A 10 19.97 -4.10 -5.49
CA VAL A 10 18.61 -4.60 -5.67
C VAL A 10 17.59 -3.74 -4.89
N PRO A 11 16.84 -2.88 -5.57
CA PRO A 11 15.80 -2.03 -4.90
C PRO A 11 14.79 -2.88 -4.11
N THR A 12 13.52 -2.46 -4.15
CA THR A 12 12.48 -3.20 -3.44
C THR A 12 11.79 -4.18 -4.42
N PRO A 13 11.96 -5.49 -4.25
CA PRO A 13 11.32 -6.47 -5.16
C PRO A 13 9.82 -6.61 -4.90
N GLU A 14 9.11 -7.14 -5.89
CA GLU A 14 7.67 -7.33 -5.76
C GLU A 14 7.37 -8.22 -4.55
N LYS A 15 8.37 -8.98 -4.13
CA LYS A 15 8.22 -9.87 -2.99
C LYS A 15 7.81 -9.09 -1.75
N VAL A 16 8.36 -7.88 -1.61
CA VAL A 16 8.03 -7.05 -0.46
C VAL A 16 6.53 -6.75 -0.44
N VAL A 17 5.99 -6.37 -1.59
CA VAL A 17 4.57 -6.07 -1.72
C VAL A 17 3.75 -7.33 -1.45
N ARG A 18 4.23 -8.45 -1.95
CA ARG A 18 3.52 -9.72 -1.79
C ARG A 18 3.32 -10.06 -0.32
N ARG A 19 4.33 -9.84 0.51
CA ARG A 19 4.21 -10.13 1.93
C ARG A 19 3.19 -9.22 2.59
N MET A 20 3.16 -7.96 2.16
CA MET A 20 2.24 -6.97 2.70
C MET A 20 0.78 -7.39 2.46
N LEU A 21 0.54 -8.02 1.32
CA LEU A 21 -0.81 -8.46 0.99
C LEU A 21 -1.20 -9.71 1.78
N GLU A 22 -0.25 -10.62 1.96
CA GLU A 22 -0.51 -11.86 2.69
C GLU A 22 -0.87 -11.59 4.15
N ILE A 23 -0.10 -10.72 4.78
CA ILE A 23 -0.34 -10.40 6.20
C ILE A 23 -1.67 -9.68 6.38
N ALA A 24 -2.01 -8.84 5.42
CA ALA A 24 -3.24 -8.08 5.48
C ALA A 24 -4.45 -9.00 5.29
N LYS A 25 -4.17 -10.25 4.92
CA LYS A 25 -5.22 -11.25 4.69
C LYS A 25 -6.12 -10.85 3.52
N VAL A 26 -5.49 -10.34 2.46
CA VAL A 26 -6.23 -9.92 1.29
C VAL A 26 -6.79 -11.14 0.54
N SER A 27 -8.10 -11.21 0.46
CA SER A 27 -8.77 -12.31 -0.23
C SER A 27 -9.47 -11.78 -1.47
N GLN A 28 -9.89 -12.68 -2.35
CA GLN A 28 -10.56 -12.28 -3.57
C GLN A 28 -11.83 -11.49 -3.27
N ASP A 29 -12.34 -11.63 -2.05
CA ASP A 29 -13.55 -10.92 -1.66
C ASP A 29 -13.21 -9.62 -0.92
N ASP A 30 -11.92 -9.37 -0.72
CA ASP A 30 -11.49 -8.17 -0.02
C ASP A 30 -10.90 -7.16 -0.99
N ILE A 31 -11.21 -5.89 -0.77
CA ILE A 31 -10.70 -4.83 -1.64
C ILE A 31 -9.38 -4.28 -1.10
N VAL A 32 -8.59 -3.67 -1.99
CA VAL A 32 -7.31 -3.10 -1.60
C VAL A 32 -7.21 -1.61 -1.95
N TYR A 33 -7.00 -0.79 -0.94
CA TYR A 33 -6.84 0.66 -1.15
C TYR A 33 -5.41 1.04 -0.78
N ALA A 34 -4.60 1.33 -1.79
CA ALA A 34 -3.20 1.69 -1.57
C ALA A 34 -2.89 3.07 -2.13
N LEU A 35 -2.12 3.86 -1.38
CA LEU A 35 -1.75 5.19 -1.82
C LEU A 35 -0.29 5.23 -2.25
N GLY A 36 0.36 4.07 -2.20
CA GLY A 36 1.76 3.96 -2.58
C GLY A 36 1.92 3.52 -4.03
N CYS A 37 0.83 3.63 -4.81
CA CYS A 37 0.87 3.23 -6.22
C CYS A 37 2.13 3.76 -6.91
N GLY A 38 1.97 4.83 -7.67
CA GLY A 38 3.12 5.41 -8.38
C GLY A 38 3.48 4.58 -9.59
N ASP A 39 2.65 3.57 -9.88
CA ASP A 39 2.86 2.69 -11.03
C ASP A 39 1.73 1.66 -11.12
N GLY A 40 1.05 1.43 -10.01
CA GLY A 40 -0.06 0.47 -9.98
C GLY A 40 0.46 -0.92 -9.63
N ARG A 41 1.77 -1.06 -9.55
CA ARG A 41 2.36 -2.35 -9.22
C ARG A 41 1.81 -2.85 -7.88
N ILE A 42 1.49 -1.91 -7.00
CA ILE A 42 0.98 -2.26 -5.68
C ILE A 42 -0.40 -2.93 -5.78
N ILE A 43 -1.29 -2.37 -6.60
CA ILE A 43 -2.64 -2.92 -6.75
C ILE A 43 -2.71 -3.99 -7.85
N ILE A 44 -1.87 -3.86 -8.86
CA ILE A 44 -1.84 -4.81 -9.96
C ILE A 44 -1.48 -6.21 -9.48
N THR A 45 -0.49 -6.32 -8.60
CA THR A 45 -0.09 -7.62 -8.08
C THR A 45 -1.22 -8.25 -7.28
N ALA A 46 -2.10 -7.40 -6.77
CA ALA A 46 -3.23 -7.88 -6.01
C ALA A 46 -4.26 -8.49 -6.95
N ALA A 47 -4.85 -7.65 -7.80
CA ALA A 47 -5.87 -8.13 -8.72
C ALA A 47 -5.32 -9.22 -9.65
N LYS A 48 -4.08 -9.06 -10.08
CA LYS A 48 -3.46 -10.05 -10.95
C LYS A 48 -3.35 -11.41 -10.28
N ASP A 49 -2.87 -11.42 -9.03
CA ASP A 49 -2.70 -12.68 -8.30
C ASP A 49 -3.75 -12.89 -7.20
N PHE A 50 -3.92 -11.89 -6.34
CA PHE A 50 -4.88 -12.01 -5.24
C PHE A 50 -6.33 -11.92 -5.73
N ASN A 51 -6.55 -11.62 -7.00
CA ASN A 51 -7.90 -11.53 -7.53
C ASN A 51 -8.79 -10.65 -6.66
N VAL A 52 -8.21 -9.61 -6.07
CA VAL A 52 -8.99 -8.74 -5.21
C VAL A 52 -10.23 -8.21 -5.91
N LYS A 53 -11.36 -8.35 -5.23
CA LYS A 53 -12.64 -7.94 -5.79
C LYS A 53 -12.52 -6.53 -6.38
N LYS A 54 -11.92 -5.62 -5.63
CA LYS A 54 -11.76 -4.26 -6.12
C LYS A 54 -10.43 -3.67 -5.64
N ALA A 55 -9.63 -3.19 -6.59
CA ALA A 55 -8.33 -2.62 -6.27
C ALA A 55 -8.27 -1.18 -6.76
N VAL A 56 -7.91 -0.27 -5.87
CA VAL A 56 -7.82 1.14 -6.22
C VAL A 56 -6.53 1.76 -5.69
N GLY A 57 -5.87 2.53 -6.55
CA GLY A 57 -4.65 3.21 -6.17
C GLY A 57 -4.91 4.70 -5.99
N VAL A 58 -4.52 5.25 -4.85
CA VAL A 58 -4.74 6.67 -4.60
C VAL A 58 -3.45 7.43 -4.87
N GLU A 59 -3.51 8.35 -5.82
CA GLU A 59 -2.33 9.13 -6.17
C GLU A 59 -2.69 10.26 -7.14
N ILE A 60 -1.97 11.36 -7.03
CA ILE A 60 -2.18 12.49 -7.91
C ILE A 60 -0.83 12.96 -8.45
N ASN A 61 -0.61 12.78 -9.75
CA ASN A 61 0.65 13.20 -10.36
C ASN A 61 0.39 13.62 -11.80
N ASP A 62 1.40 14.19 -12.46
CA ASP A 62 1.24 14.63 -13.83
C ASP A 62 1.84 13.61 -14.81
N GLU A 63 3.16 13.47 -14.79
CA GLU A 63 3.85 12.55 -15.69
C GLU A 63 3.56 11.09 -15.35
N ARG A 64 3.52 10.80 -14.05
CA ARG A 64 3.28 9.43 -13.60
C ARG A 64 1.82 9.04 -13.76
N ILE A 65 0.97 9.98 -14.12
CA ILE A 65 -0.44 9.69 -14.27
C ILE A 65 -0.68 8.67 -15.39
N ARG A 66 0.09 8.78 -16.46
CA ARG A 66 -0.06 7.87 -17.59
C ARG A 66 0.63 6.54 -17.34
N GLU A 67 1.69 6.57 -16.53
CA GLU A 67 2.43 5.34 -16.26
C GLU A 67 1.55 4.29 -15.58
N ALA A 68 0.83 4.69 -14.53
CA ALA A 68 -0.02 3.75 -13.80
C ALA A 68 -1.13 3.18 -14.67
N LEU A 69 -1.74 4.01 -15.50
CA LEU A 69 -2.80 3.55 -16.38
C LEU A 69 -2.27 2.51 -17.36
N ALA A 70 -1.09 2.77 -17.88
CA ALA A 70 -0.46 1.88 -18.86
C ALA A 70 -0.16 0.52 -18.26
N ASN A 71 0.31 0.51 -17.01
CA ASN A 71 0.66 -0.75 -16.36
C ASN A 71 -0.57 -1.65 -16.27
N ILE A 72 -1.71 -1.09 -15.89
CA ILE A 72 -2.92 -1.87 -15.75
C ILE A 72 -3.26 -2.61 -17.04
N GLU A 73 -3.21 -1.92 -18.17
CA GLU A 73 -3.51 -2.57 -19.44
C GLU A 73 -2.48 -3.67 -19.71
N LYS A 74 -1.22 -3.37 -19.39
CA LYS A 74 -0.14 -4.32 -19.61
C LYS A 74 -0.44 -5.63 -18.88
N ASN A 75 -0.99 -5.53 -17.69
CA ASN A 75 -1.32 -6.73 -16.91
C ASN A 75 -2.75 -7.17 -17.13
N GLY A 76 -3.47 -6.47 -18.02
CA GLY A 76 -4.85 -6.83 -18.34
C GLY A 76 -5.68 -7.04 -17.08
N VAL A 77 -5.52 -6.15 -16.10
CA VAL A 77 -6.28 -6.27 -14.85
C VAL A 77 -7.33 -5.16 -14.73
N THR A 78 -7.66 -4.50 -15.82
CA THR A 78 -8.65 -3.44 -15.77
C THR A 78 -9.86 -3.88 -14.97
N GLY A 79 -10.66 -2.91 -14.57
CA GLY A 79 -11.86 -3.19 -13.82
C GLY A 79 -11.56 -3.50 -12.36
N ARG A 80 -10.44 -4.19 -12.12
CA ARG A 80 -10.07 -4.54 -10.75
C ARG A 80 -9.07 -3.53 -10.21
N ALA A 81 -8.33 -2.89 -11.12
CA ALA A 81 -7.34 -1.92 -10.74
C ALA A 81 -7.66 -0.56 -11.35
N SER A 82 -7.61 0.48 -10.54
CA SER A 82 -7.90 1.82 -11.00
C SER A 82 -7.08 2.84 -10.22
N ILE A 83 -7.00 4.06 -10.74
CA ILE A 83 -6.26 5.13 -10.07
C ILE A 83 -7.18 6.32 -9.84
N VAL A 84 -7.14 6.87 -8.64
CA VAL A 84 -7.97 8.03 -8.30
C VAL A 84 -7.10 9.18 -7.84
N LYS A 85 -7.31 10.34 -8.44
CA LYS A 85 -6.54 11.53 -8.08
C LYS A 85 -7.30 12.40 -7.11
N GLY A 86 -6.56 13.13 -6.29
CA GLY A 86 -7.18 14.02 -5.31
C GLY A 86 -6.33 14.12 -4.05
N ASN A 87 -6.92 14.65 -2.99
CA ASN A 87 -6.20 14.80 -1.73
C ASN A 87 -6.65 13.74 -0.72
N PHE A 88 -5.70 13.22 0.02
CA PHE A 88 -5.96 12.19 1.02
C PHE A 88 -7.03 12.65 2.00
N PHE A 89 -6.91 13.89 2.44
CA PHE A 89 -7.89 14.45 3.38
C PHE A 89 -9.26 14.54 2.72
N GLU A 90 -9.28 14.97 1.46
CA GLU A 90 -10.54 15.12 0.72
C GLU A 90 -11.18 13.77 0.40
N VAL A 91 -10.35 12.80 0.02
CA VAL A 91 -10.87 11.48 -0.34
C VAL A 91 -11.13 10.63 0.90
N ASP A 92 -12.16 9.78 0.82
CA ASP A 92 -12.51 8.90 1.92
C ASP A 92 -12.24 7.44 1.56
N ILE A 93 -11.55 6.75 2.46
CA ILE A 93 -11.23 5.34 2.25
C ILE A 93 -12.02 4.46 3.20
N SER A 94 -13.11 4.99 3.71
CA SER A 94 -13.94 4.25 4.65
C SER A 94 -14.42 2.92 4.06
N GLU A 95 -14.70 2.90 2.77
CA GLU A 95 -15.18 1.66 2.15
C GLU A 95 -14.09 0.60 2.11
N ALA A 96 -12.85 1.03 2.23
CA ALA A 96 -11.73 0.09 2.18
C ALA A 96 -11.67 -0.83 3.39
N THR A 97 -11.46 -2.12 3.14
CA THR A 97 -11.35 -3.09 4.21
C THR A 97 -9.87 -3.38 4.48
N VAL A 98 -9.05 -3.17 3.45
CA VAL A 98 -7.61 -3.39 3.56
C VAL A 98 -6.86 -2.19 2.99
N VAL A 99 -5.89 -1.69 3.76
CA VAL A 99 -5.10 -0.55 3.33
C VAL A 99 -3.61 -0.80 3.57
N THR A 100 -2.79 -0.34 2.63
CA THR A 100 -1.34 -0.51 2.73
C THR A 100 -0.63 0.81 2.45
N MET A 101 0.59 0.93 2.97
CA MET A 101 1.38 2.14 2.77
C MET A 101 2.77 1.81 2.26
N PHE A 102 3.24 2.56 1.29
CA PHE A 102 4.58 2.34 0.72
C PHE A 102 5.16 3.65 0.21
N LEU A 103 5.93 4.32 1.06
CA LEU A 103 6.56 5.58 0.69
C LEU A 103 8.07 5.50 0.87
N LEU A 104 8.81 5.85 -0.17
CA LEU A 104 10.26 5.81 -0.10
C LEU A 104 10.77 6.82 0.92
N THR A 105 10.15 7.98 0.96
CA THR A 105 10.56 9.02 1.90
C THR A 105 9.39 9.96 2.22
N ASN A 106 9.63 10.94 3.08
CA ASN A 106 8.60 11.90 3.46
C ASN A 106 7.40 11.20 4.06
N VAL A 107 7.64 10.26 4.97
CA VAL A 107 6.57 9.53 5.61
C VAL A 107 5.69 10.50 6.41
N ASN A 108 6.34 11.44 7.09
CA ASN A 108 5.62 12.44 7.89
C ASN A 108 4.77 11.78 8.97
N GLU A 109 5.40 10.93 9.79
CA GLU A 109 4.68 10.26 10.87
C GLU A 109 4.04 11.28 11.80
N MET A 110 2.89 11.83 11.38
CA MET A 110 2.18 12.82 12.17
C MET A 110 0.97 12.21 12.85
N LEU A 111 1.00 10.90 13.07
CA LEU A 111 -0.11 10.21 13.71
C LEU A 111 -1.38 10.36 12.88
N LYS A 112 -2.06 9.23 12.66
CA LYS A 112 -3.30 9.24 11.87
C LYS A 112 -4.42 8.51 12.61
N PRO A 113 -4.87 9.03 13.72
CA PRO A 113 -5.97 8.41 14.52
C PRO A 113 -7.32 8.54 13.80
N LYS A 114 -7.36 9.43 12.82
CA LYS A 114 -8.57 9.66 12.05
C LYS A 114 -9.05 8.38 11.38
N LEU A 115 -8.11 7.45 11.18
CA LEU A 115 -8.42 6.17 10.54
C LEU A 115 -9.47 5.41 11.35
N GLU A 116 -9.50 5.66 12.65
CA GLU A 116 -10.45 4.99 13.52
C GLU A 116 -11.87 5.47 13.23
N LYS A 117 -11.99 6.63 12.60
CA LYS A 117 -13.30 7.18 12.28
C LYS A 117 -13.66 6.85 10.84
N GLU A 118 -12.68 6.89 9.95
CA GLU A 118 -12.91 6.61 8.54
C GLU A 118 -13.02 5.10 8.29
N LEU A 119 -12.04 4.36 8.76
CA LEU A 119 -12.03 2.91 8.58
C LEU A 119 -12.83 2.23 9.69
N LYS A 120 -13.69 1.29 9.29
CA LYS A 120 -14.51 0.58 10.27
C LYS A 120 -13.65 -0.43 11.03
N PRO A 121 -13.98 -0.76 12.26
CA PRO A 121 -13.19 -1.75 13.04
C PRO A 121 -13.01 -3.07 12.29
N GLY A 122 -11.82 -3.66 12.37
CA GLY A 122 -11.56 -4.92 11.70
C GLY A 122 -10.79 -4.68 10.40
N THR A 123 -10.63 -3.42 10.05
CA THR A 123 -9.87 -3.07 8.85
C THR A 123 -8.40 -3.37 9.07
N ARG A 124 -7.72 -3.82 8.03
CA ARG A 124 -6.30 -4.13 8.14
C ARG A 124 -5.46 -3.01 7.54
N VAL A 125 -4.46 -2.58 8.30
CA VAL A 125 -3.55 -1.52 7.86
C VAL A 125 -2.11 -2.00 7.91
N VAL A 126 -1.38 -1.82 6.81
CA VAL A 126 0.01 -2.25 6.74
C VAL A 126 0.94 -1.07 6.51
N SER A 127 1.91 -0.90 7.41
CA SER A 127 2.87 0.20 7.28
C SER A 127 4.15 -0.29 6.64
N HIS A 128 4.87 0.64 6.00
CA HIS A 128 6.12 0.30 5.32
C HIS A 128 7.16 -0.20 6.34
N GLU A 129 8.10 0.68 6.71
CA GLU A 129 9.16 0.31 7.65
C GLU A 129 9.02 1.06 8.97
N PHE A 130 8.27 2.17 8.94
CA PHE A 130 8.10 2.98 10.14
C PHE A 130 6.90 2.49 10.94
N GLU A 131 7.17 2.14 12.20
CA GLU A 131 6.13 1.66 13.10
C GLU A 131 5.24 2.82 13.55
N ILE A 132 3.94 2.58 13.66
CA ILE A 132 3.03 3.62 14.09
C ILE A 132 3.16 3.82 15.60
N ARG A 133 3.64 5.00 15.99
CA ARG A 133 3.79 5.31 17.40
C ARG A 133 2.43 5.51 18.04
N GLY A 134 2.27 5.01 19.27
CA GLY A 134 1.01 5.16 19.98
C GLY A 134 0.10 3.97 19.72
N TRP A 135 0.30 3.27 18.60
CA TRP A 135 -0.53 2.11 18.27
C TRP A 135 0.20 0.80 18.53
N ASN A 136 -0.56 -0.22 18.88
CA ASN A 136 0.00 -1.54 19.16
C ASN A 136 -0.19 -2.45 17.94
N PRO A 137 0.86 -2.90 17.26
CA PRO A 137 0.71 -3.77 16.07
C PRO A 137 0.27 -5.18 16.44
N LYS A 138 -0.48 -5.82 15.55
CA LYS A 138 -0.94 -7.18 15.79
C LYS A 138 0.14 -8.17 15.37
N GLU A 139 0.63 -8.01 14.13
CA GLU A 139 1.68 -8.89 13.63
C GLU A 139 2.77 -8.06 12.95
N VAL A 140 4.02 -8.48 13.11
CA VAL A 140 5.15 -7.78 12.50
C VAL A 140 6.31 -8.74 12.26
N ILE A 141 6.87 -8.70 11.06
CA ILE A 141 7.98 -9.57 10.72
C ILE A 141 9.02 -8.84 9.88
N LYS A 142 10.18 -9.46 9.73
CA LYS A 142 11.27 -8.88 8.95
C LYS A 142 11.63 -9.78 7.78
N VAL A 143 12.11 -9.16 6.71
CA VAL A 143 12.50 -9.89 5.50
C VAL A 143 13.92 -9.52 5.13
N GLU A 144 14.76 -10.53 4.92
CA GLU A 144 16.15 -10.30 4.55
C GLU A 144 16.39 -10.77 3.12
N ASP A 145 16.79 -9.86 2.25
CA ASP A 145 17.05 -10.22 0.86
C ASP A 145 18.31 -9.51 0.34
N GLY A 146 19.42 -10.24 0.31
CA GLY A 146 20.67 -9.67 -0.16
C GLY A 146 21.52 -9.16 1.00
N ASN A 147 21.77 -7.85 1.02
CA ASN A 147 22.55 -7.24 2.09
C ASN A 147 21.72 -6.20 2.84
N MET A 148 20.41 -6.27 2.67
CA MET A 148 19.50 -5.33 3.34
C MET A 148 18.26 -6.07 3.82
N ASN A 149 17.58 -5.49 4.80
CA ASN A 149 16.37 -6.10 5.35
C ASN A 149 15.22 -5.11 5.36
N HIS A 150 14.02 -5.64 5.53
CA HIS A 150 12.82 -4.82 5.57
C HIS A 150 11.89 -5.28 6.69
N THR A 151 11.17 -4.34 7.29
CA THR A 151 10.25 -4.65 8.38
C THR A 151 8.87 -4.11 8.05
N VAL A 152 7.83 -4.86 8.41
CA VAL A 152 6.46 -4.44 8.12
C VAL A 152 5.58 -4.62 9.36
N TYR A 153 4.66 -3.68 9.57
CA TYR A 153 3.75 -3.73 10.71
C TYR A 153 2.30 -3.85 10.26
N LEU A 154 1.58 -4.77 10.90
CA LEU A 154 0.17 -4.98 10.59
C LEU A 154 -0.68 -4.56 11.77
N TYR A 155 -1.56 -3.59 11.57
CA TYR A 155 -2.44 -3.12 12.62
C TYR A 155 -3.88 -3.49 12.29
N VAL A 156 -4.76 -3.30 13.27
CA VAL A 156 -6.17 -3.58 13.08
C VAL A 156 -7.01 -2.50 13.73
N ILE A 157 -7.94 -1.95 12.95
CA ILE A 157 -8.80 -0.90 13.47
C ILE A 157 -9.79 -1.47 14.49
N GLY A 158 -9.90 -0.80 15.62
CA GLY A 158 -10.80 -1.24 16.68
C GLY A 158 -10.03 -1.47 17.99
N GLU A 159 -8.88 -2.12 17.87
CA GLU A 159 -8.06 -2.39 19.05
C GLU A 159 -6.63 -1.91 18.83
N HIS A 160 -6.30 -0.75 19.38
CA HIS A 160 -4.96 -0.19 19.25
C HIS A 160 -4.74 0.87 20.33
N LYS A 161 -3.48 1.13 20.67
CA LYS A 161 -3.17 2.11 21.70
C LYS A 161 -3.73 1.65 23.03
N ALA A 162 -3.05 2.00 24.12
CA ALA A 162 -3.50 1.60 25.44
C ALA A 162 -5.00 1.81 25.60
N MET A 1 31.78 25.53 -14.42
CA MET A 1 30.41 25.09 -14.05
C MET A 1 30.41 23.59 -13.81
N SER A 2 29.46 23.13 -13.01
CA SER A 2 29.35 21.71 -12.71
C SER A 2 27.91 21.34 -12.32
N TYR A 3 27.61 20.05 -12.35
CA TYR A 3 26.28 19.57 -12.01
C TYR A 3 26.34 18.58 -10.85
N VAL A 4 25.35 18.66 -9.96
CA VAL A 4 25.30 17.77 -8.81
C VAL A 4 23.91 17.13 -8.68
N PRO A 5 23.63 16.15 -9.49
CA PRO A 5 22.31 15.44 -9.47
C PRO A 5 22.00 14.87 -8.09
N HIS A 6 20.73 14.94 -7.71
CA HIS A 6 20.30 14.43 -6.41
C HIS A 6 18.86 13.96 -6.44
N VAL A 7 18.58 12.96 -7.28
CA VAL A 7 17.23 12.43 -7.40
C VAL A 7 17.27 10.92 -7.64
N PRO A 8 17.87 10.18 -6.75
CA PRO A 8 17.96 8.70 -6.87
C PRO A 8 16.64 8.01 -6.58
N TYR A 9 16.39 6.90 -7.28
CA TYR A 9 15.16 6.16 -7.08
C TYR A 9 15.45 4.67 -7.02
N VAL A 10 15.15 4.04 -5.88
CA VAL A 10 15.38 2.62 -5.71
C VAL A 10 14.12 1.91 -5.22
N PRO A 11 13.37 1.22 -6.07
CA PRO A 11 12.14 0.50 -5.65
C PRO A 11 12.47 -0.82 -4.97
N THR A 12 11.69 -1.17 -3.95
CA THR A 12 11.93 -2.42 -3.23
C THR A 12 11.50 -3.62 -4.09
N PRO A 13 12.07 -4.79 -3.87
CA PRO A 13 11.66 -6.00 -4.62
C PRO A 13 10.14 -6.21 -4.56
N GLU A 14 9.57 -6.71 -5.64
CA GLU A 14 8.13 -6.93 -5.72
C GLU A 14 7.65 -7.88 -4.62
N LYS A 15 8.43 -8.90 -4.32
CA LYS A 15 8.02 -9.87 -3.30
C LYS A 15 7.67 -9.16 -1.99
N VAL A 16 8.13 -7.93 -1.84
CA VAL A 16 7.85 -7.17 -0.62
C VAL A 16 6.35 -6.93 -0.48
N VAL A 17 5.71 -6.53 -1.57
CA VAL A 17 4.27 -6.25 -1.53
C VAL A 17 3.48 -7.53 -1.31
N ARG A 18 4.03 -8.65 -1.76
CA ARG A 18 3.34 -9.93 -1.62
C ARG A 18 3.11 -10.26 -0.15
N ARG A 19 4.13 -10.03 0.68
CA ARG A 19 3.99 -10.30 2.11
C ARG A 19 2.99 -9.34 2.75
N MET A 20 3.02 -8.09 2.29
CA MET A 20 2.13 -7.05 2.82
C MET A 20 0.66 -7.41 2.57
N LEU A 21 0.40 -8.05 1.44
CA LEU A 21 -0.96 -8.44 1.09
C LEU A 21 -1.39 -9.68 1.89
N GLU A 22 -0.48 -10.64 2.04
CA GLU A 22 -0.79 -11.88 2.77
C GLU A 22 -1.11 -11.60 4.22
N ILE A 23 -0.32 -10.76 4.86
CA ILE A 23 -0.53 -10.45 6.27
C ILE A 23 -1.86 -9.72 6.45
N ALA A 24 -2.20 -8.87 5.49
CA ALA A 24 -3.44 -8.12 5.55
C ALA A 24 -4.63 -9.05 5.31
N LYS A 25 -4.32 -10.30 4.95
CA LYS A 25 -5.33 -11.32 4.69
C LYS A 25 -6.21 -10.93 3.51
N VAL A 26 -5.59 -10.37 2.48
CA VAL A 26 -6.33 -9.95 1.29
C VAL A 26 -6.90 -11.16 0.56
N SER A 27 -8.22 -11.19 0.47
CA SER A 27 -8.93 -12.28 -0.21
C SER A 27 -9.60 -11.75 -1.46
N GLN A 28 -10.00 -12.65 -2.35
CA GLN A 28 -10.64 -12.25 -3.58
C GLN A 28 -11.91 -11.44 -3.30
N ASP A 29 -12.43 -11.55 -2.09
CA ASP A 29 -13.63 -10.83 -1.71
C ASP A 29 -13.30 -9.54 -0.96
N ASP A 30 -12.01 -9.29 -0.76
CA ASP A 30 -11.58 -8.09 -0.04
C ASP A 30 -11.01 -7.04 -0.99
N ILE A 31 -11.41 -5.78 -0.79
CA ILE A 31 -10.92 -4.70 -1.64
C ILE A 31 -9.60 -4.17 -1.10
N VAL A 32 -8.79 -3.61 -1.99
CA VAL A 32 -7.49 -3.05 -1.60
C VAL A 32 -7.37 -1.58 -2.01
N TYR A 33 -7.23 -0.71 -1.00
CA TYR A 33 -7.02 0.72 -1.24
C TYR A 33 -5.63 1.09 -0.74
N ALA A 34 -4.76 1.48 -1.68
CA ALA A 34 -3.39 1.85 -1.33
C ALA A 34 -3.10 3.28 -1.76
N LEU A 35 -2.43 4.03 -0.88
CA LEU A 35 -2.10 5.41 -1.18
C LEU A 35 -0.67 5.51 -1.72
N GLY A 36 0.03 4.38 -1.73
CA GLY A 36 1.42 4.35 -2.19
C GLY A 36 1.56 3.58 -3.50
N CYS A 37 0.78 3.94 -4.51
CA CYS A 37 0.88 3.27 -5.80
C CYS A 37 2.18 3.66 -6.50
N GLY A 38 2.16 4.77 -7.22
CA GLY A 38 3.36 5.23 -7.91
C GLY A 38 3.59 4.46 -9.22
N ASP A 39 2.64 3.62 -9.58
CA ASP A 39 2.75 2.83 -10.80
C ASP A 39 1.64 1.78 -10.88
N GLY A 40 0.97 1.53 -9.76
CA GLY A 40 -0.10 0.55 -9.73
C GLY A 40 0.43 -0.82 -9.36
N ARG A 41 1.73 -0.94 -9.20
CA ARG A 41 2.31 -2.23 -8.85
C ARG A 41 1.78 -2.72 -7.50
N ILE A 42 1.33 -1.78 -6.68
CA ILE A 42 0.81 -2.13 -5.36
C ILE A 42 -0.57 -2.81 -5.49
N ILE A 43 -1.41 -2.29 -6.38
CA ILE A 43 -2.75 -2.86 -6.57
C ILE A 43 -2.79 -3.92 -7.68
N ILE A 44 -1.92 -3.76 -8.67
CA ILE A 44 -1.87 -4.72 -9.78
C ILE A 44 -1.49 -6.12 -9.30
N THR A 45 -0.53 -6.20 -8.39
CA THR A 45 -0.11 -7.49 -7.85
C THR A 45 -1.24 -8.13 -7.07
N ALA A 46 -2.17 -7.30 -6.61
CA ALA A 46 -3.30 -7.80 -5.87
C ALA A 46 -4.31 -8.44 -6.81
N ALA A 47 -4.90 -7.63 -7.67
CA ALA A 47 -5.90 -8.12 -8.62
C ALA A 47 -5.31 -9.19 -9.53
N LYS A 48 -4.07 -9.00 -9.94
CA LYS A 48 -3.42 -9.96 -10.83
C LYS A 48 -3.28 -11.34 -10.15
N ASP A 49 -2.78 -11.34 -8.92
CA ASP A 49 -2.57 -12.61 -8.20
C ASP A 49 -3.61 -12.86 -7.11
N PHE A 50 -3.84 -11.86 -6.26
CA PHE A 50 -4.78 -12.02 -5.16
C PHE A 50 -6.23 -11.97 -5.64
N ASN A 51 -6.45 -11.67 -6.91
CA ASN A 51 -7.81 -11.62 -7.44
C ASN A 51 -8.73 -10.80 -6.57
N VAL A 52 -8.22 -9.74 -5.96
CA VAL A 52 -9.02 -8.91 -5.09
C VAL A 52 -10.37 -8.62 -5.73
N LYS A 53 -11.30 -8.15 -4.91
CA LYS A 53 -12.63 -7.79 -5.40
C LYS A 53 -12.53 -6.48 -6.17
N LYS A 54 -11.91 -5.51 -5.54
CA LYS A 54 -11.74 -4.20 -6.14
C LYS A 54 -10.43 -3.59 -5.67
N ALA A 55 -9.60 -3.13 -6.60
CA ALA A 55 -8.31 -2.54 -6.25
C ALA A 55 -8.23 -1.10 -6.75
N VAL A 56 -7.94 -0.19 -5.83
CA VAL A 56 -7.82 1.22 -6.17
C VAL A 56 -6.56 1.82 -5.57
N GLY A 57 -5.87 2.64 -6.36
CA GLY A 57 -4.66 3.30 -5.90
C GLY A 57 -4.79 4.81 -6.07
N VAL A 58 -4.34 5.57 -5.08
CA VAL A 58 -4.43 7.03 -5.19
C VAL A 58 -3.14 7.58 -5.76
N GLU A 59 -3.24 8.17 -6.95
CA GLU A 59 -2.05 8.73 -7.60
C GLU A 59 -2.35 10.10 -8.21
N ILE A 60 -1.59 11.09 -7.78
CA ILE A 60 -1.76 12.45 -8.29
C ILE A 60 -0.42 12.99 -8.77
N ASN A 61 -0.18 12.91 -10.07
CA ASN A 61 1.06 13.39 -10.66
C ASN A 61 0.80 13.85 -12.09
N ASP A 62 1.85 14.22 -12.80
CA ASP A 62 1.70 14.67 -14.18
C ASP A 62 2.28 13.66 -15.17
N GLU A 63 3.59 13.50 -15.16
CA GLU A 63 4.26 12.58 -16.05
C GLU A 63 3.99 11.12 -15.68
N ARG A 64 3.95 10.86 -14.38
CA ARG A 64 3.72 9.50 -13.89
C ARG A 64 2.24 9.14 -13.91
N ILE A 65 1.38 10.12 -14.18
CA ILE A 65 -0.05 9.84 -14.20
C ILE A 65 -0.41 8.86 -15.32
N ARG A 66 0.26 8.99 -16.45
CA ARG A 66 0.01 8.12 -17.58
C ARG A 66 0.70 6.78 -17.40
N GLU A 67 1.80 6.78 -16.66
CA GLU A 67 2.55 5.55 -16.44
C GLU A 67 1.69 4.51 -15.72
N ALA A 68 1.02 4.93 -14.65
CA ALA A 68 0.20 3.99 -13.88
C ALA A 68 -0.92 3.40 -14.72
N LEU A 69 -1.56 4.22 -15.55
CA LEU A 69 -2.65 3.74 -16.40
C LEU A 69 -2.14 2.66 -17.36
N ALA A 70 -0.95 2.89 -17.89
CA ALA A 70 -0.35 1.95 -18.82
C ALA A 70 -0.08 0.60 -18.17
N ASN A 71 0.36 0.63 -16.93
CA ASN A 71 0.69 -0.61 -16.22
C ASN A 71 -0.53 -1.53 -16.12
N ILE A 72 -1.69 -0.96 -15.77
CA ILE A 72 -2.89 -1.79 -15.63
C ILE A 72 -3.18 -2.56 -16.91
N GLU A 73 -3.11 -1.90 -18.06
CA GLU A 73 -3.36 -2.58 -19.32
C GLU A 73 -2.31 -3.66 -19.55
N LYS A 74 -1.07 -3.33 -19.22
CA LYS A 74 0.04 -4.26 -19.41
C LYS A 74 -0.25 -5.57 -18.68
N ASN A 75 -0.82 -5.47 -17.49
CA ASN A 75 -1.14 -6.65 -16.69
C ASN A 75 -2.56 -7.14 -16.95
N GLY A 76 -3.27 -6.51 -17.89
CA GLY A 76 -4.62 -6.94 -18.23
C GLY A 76 -5.48 -7.14 -16.98
N VAL A 77 -5.37 -6.22 -16.03
CA VAL A 77 -6.14 -6.32 -14.79
C VAL A 77 -7.23 -5.26 -14.72
N THR A 78 -7.57 -4.64 -15.84
CA THR A 78 -8.60 -3.62 -15.83
C THR A 78 -9.82 -4.09 -15.09
N GLY A 79 -10.67 -3.14 -14.73
CA GLY A 79 -11.90 -3.44 -14.04
C GLY A 79 -11.65 -3.77 -12.57
N ARG A 80 -10.48 -4.35 -12.26
CA ARG A 80 -10.16 -4.70 -10.88
C ARG A 80 -9.18 -3.69 -10.30
N ALA A 81 -8.41 -3.05 -11.19
CA ALA A 81 -7.42 -2.08 -10.77
C ALA A 81 -7.69 -0.73 -11.41
N SER A 82 -7.62 0.32 -10.60
CA SER A 82 -7.87 1.67 -11.09
C SER A 82 -7.02 2.67 -10.33
N ILE A 83 -6.89 3.87 -10.88
CA ILE A 83 -6.12 4.92 -10.24
C ILE A 83 -6.97 6.18 -10.09
N VAL A 84 -6.88 6.81 -8.94
CA VAL A 84 -7.65 8.02 -8.67
C VAL A 84 -6.75 9.16 -8.23
N LYS A 85 -6.90 10.32 -8.86
CA LYS A 85 -6.10 11.47 -8.51
C LYS A 85 -6.88 12.38 -7.58
N GLY A 86 -6.18 13.13 -6.75
CA GLY A 86 -6.83 14.03 -5.80
C GLY A 86 -6.09 14.04 -4.46
N ASN A 87 -6.77 14.48 -3.42
CA ASN A 87 -6.18 14.56 -2.09
C ASN A 87 -6.69 13.43 -1.19
N PHE A 88 -5.75 12.76 -0.52
CA PHE A 88 -6.09 11.66 0.38
C PHE A 88 -7.07 12.11 1.45
N PHE A 89 -6.87 13.32 1.96
CA PHE A 89 -7.75 13.85 2.99
C PHE A 89 -9.15 14.03 2.42
N GLU A 90 -9.20 14.43 1.16
CA GLU A 90 -10.45 14.65 0.46
C GLU A 90 -11.01 13.32 -0.09
N VAL A 91 -10.30 12.23 0.16
CA VAL A 91 -10.73 10.91 -0.33
C VAL A 91 -11.28 10.05 0.81
N ASP A 92 -12.49 9.56 0.62
CA ASP A 92 -13.14 8.70 1.62
C ASP A 92 -12.78 7.23 1.37
N ILE A 93 -12.12 6.61 2.34
CA ILE A 93 -11.72 5.20 2.22
C ILE A 93 -12.39 4.35 3.29
N SER A 94 -13.44 4.88 3.91
CA SER A 94 -14.13 4.14 4.96
C SER A 94 -14.65 2.80 4.47
N GLU A 95 -14.97 2.72 3.19
CA GLU A 95 -15.48 1.48 2.62
C GLU A 95 -14.38 0.43 2.45
N ALA A 96 -13.13 0.89 2.47
CA ALA A 96 -12.01 -0.03 2.29
C ALA A 96 -11.84 -0.97 3.48
N THR A 97 -11.61 -2.24 3.20
CA THR A 97 -11.42 -3.23 4.26
C THR A 97 -9.93 -3.48 4.48
N VAL A 98 -9.14 -3.26 3.43
CA VAL A 98 -7.69 -3.46 3.53
C VAL A 98 -6.96 -2.24 2.97
N VAL A 99 -6.03 -1.71 3.76
CA VAL A 99 -5.25 -0.55 3.34
C VAL A 99 -3.77 -0.76 3.61
N THR A 100 -2.95 -0.30 2.67
CA THR A 100 -1.50 -0.42 2.80
C THR A 100 -0.84 0.91 2.47
N MET A 101 0.38 1.10 2.96
CA MET A 101 1.10 2.35 2.70
C MET A 101 2.49 2.05 2.13
N PHE A 102 2.86 2.81 1.10
CA PHE A 102 4.16 2.63 0.46
C PHE A 102 4.65 3.96 -0.10
N LEU A 103 5.41 4.70 0.72
CA LEU A 103 5.93 6.00 0.29
C LEU A 103 7.07 6.43 1.19
N LEU A 104 7.85 7.41 0.71
CA LEU A 104 8.98 7.91 1.48
C LEU A 104 9.02 9.44 1.43
N THR A 105 7.86 10.04 1.16
CA THR A 105 7.77 11.49 1.08
C THR A 105 6.61 12.00 1.93
N ASN A 106 6.66 13.28 2.27
CA ASN A 106 5.61 13.90 3.09
C ASN A 106 5.27 13.00 4.28
N VAL A 107 3.99 13.01 4.68
CA VAL A 107 3.53 12.20 5.80
C VAL A 107 4.62 12.03 6.86
N ASN A 108 5.31 13.13 7.17
CA ASN A 108 6.38 13.09 8.15
C ASN A 108 5.86 12.69 9.53
N GLU A 109 4.68 13.19 9.89
CA GLU A 109 4.09 12.89 11.18
C GLU A 109 3.81 11.39 11.32
N MET A 110 3.34 10.78 10.24
CA MET A 110 3.02 9.36 10.22
C MET A 110 1.97 9.04 11.28
N LEU A 111 1.14 10.02 11.60
CA LEU A 111 0.09 9.83 12.58
C LEU A 111 -1.26 10.32 12.04
N LYS A 112 -2.29 9.49 12.21
CA LYS A 112 -3.62 9.85 11.74
C LYS A 112 -4.69 8.99 12.41
N PRO A 113 -4.99 9.27 13.65
CA PRO A 113 -6.02 8.52 14.43
C PRO A 113 -7.38 8.51 13.74
N LYS A 114 -7.52 9.36 12.72
CA LYS A 114 -8.78 9.47 11.99
C LYS A 114 -9.17 8.12 11.38
N LEU A 115 -8.20 7.21 11.27
CA LEU A 115 -8.48 5.89 10.71
C LEU A 115 -9.53 5.18 11.54
N GLU A 116 -9.48 5.38 12.85
CA GLU A 116 -10.42 4.76 13.75
C GLU A 116 -11.84 5.25 13.49
N LYS A 117 -11.94 6.44 12.89
CA LYS A 117 -13.24 7.02 12.59
C LYS A 117 -13.66 6.70 11.17
N GLU A 118 -12.71 6.76 10.25
CA GLU A 118 -13.00 6.50 8.83
C GLU A 118 -13.11 5.00 8.54
N LEU A 119 -12.12 4.23 8.97
CA LEU A 119 -12.11 2.79 8.73
C LEU A 119 -12.90 2.07 9.83
N LYS A 120 -13.73 1.13 9.42
CA LYS A 120 -14.55 0.39 10.38
C LYS A 120 -13.67 -0.60 11.17
N PRO A 121 -14.03 -0.92 12.40
CA PRO A 121 -13.23 -1.89 13.22
C PRO A 121 -13.04 -3.22 12.50
N GLY A 122 -11.85 -3.80 12.63
CA GLY A 122 -11.57 -5.08 12.01
C GLY A 122 -10.82 -4.88 10.70
N THR A 123 -10.66 -3.63 10.31
CA THR A 123 -9.92 -3.31 9.09
C THR A 123 -8.44 -3.57 9.30
N ARG A 124 -7.74 -3.93 8.23
CA ARG A 124 -6.32 -4.22 8.32
C ARG A 124 -5.51 -3.09 7.70
N VAL A 125 -4.53 -2.60 8.44
CA VAL A 125 -3.66 -1.53 7.95
C VAL A 125 -2.21 -1.97 7.98
N VAL A 126 -1.51 -1.81 6.87
CA VAL A 126 -0.10 -2.21 6.78
C VAL A 126 0.80 -1.02 6.49
N SER A 127 1.77 -0.77 7.36
CA SER A 127 2.68 0.37 7.17
C SER A 127 3.95 -0.09 6.48
N HIS A 128 4.50 0.78 5.63
CA HIS A 128 5.71 0.46 4.89
C HIS A 128 6.82 -0.04 5.82
N GLU A 129 7.81 0.82 6.08
CA GLU A 129 8.93 0.46 6.93
C GLU A 129 8.80 1.10 8.31
N PHE A 130 8.29 2.32 8.34
CA PHE A 130 8.15 3.05 9.61
C PHE A 130 6.96 2.52 10.41
N GLU A 131 7.15 2.42 11.72
CA GLU A 131 6.08 1.94 12.60
C GLU A 131 5.18 3.10 13.02
N ILE A 132 4.00 2.78 13.52
CA ILE A 132 3.07 3.81 13.95
C ILE A 132 3.23 4.10 15.44
N ARG A 133 3.62 5.32 15.77
CA ARG A 133 3.80 5.71 17.15
C ARG A 133 2.42 5.86 17.82
N GLY A 134 2.31 5.40 19.07
CA GLY A 134 1.06 5.51 19.80
C GLY A 134 0.19 4.28 19.58
N TRP A 135 0.43 3.55 18.50
CA TRP A 135 -0.34 2.36 18.19
C TRP A 135 0.47 1.09 18.46
N ASN A 136 -0.23 0.00 18.76
CA ASN A 136 0.42 -1.27 19.02
C ASN A 136 0.18 -2.23 17.85
N PRO A 137 1.21 -2.72 17.18
CA PRO A 137 1.03 -3.64 16.02
C PRO A 137 0.61 -5.03 16.45
N LYS A 138 -0.14 -5.71 15.59
CA LYS A 138 -0.59 -7.06 15.89
C LYS A 138 0.50 -8.06 15.54
N GLU A 139 1.07 -7.91 14.33
CA GLU A 139 2.14 -8.79 13.88
C GLU A 139 3.26 -7.98 13.25
N VAL A 140 4.50 -8.28 13.63
CA VAL A 140 5.67 -7.58 13.08
C VAL A 140 6.72 -8.58 12.60
N ILE A 141 7.10 -8.49 11.34
CA ILE A 141 8.10 -9.41 10.80
C ILE A 141 9.05 -8.70 9.84
N LYS A 142 10.17 -9.35 9.59
CA LYS A 142 11.19 -8.82 8.68
C LYS A 142 11.47 -9.76 7.53
N VAL A 143 11.90 -9.18 6.41
CA VAL A 143 12.22 -9.94 5.22
C VAL A 143 13.64 -9.61 4.77
N GLU A 144 14.44 -10.64 4.53
CA GLU A 144 15.82 -10.43 4.09
C GLU A 144 15.99 -10.92 2.66
N ASP A 145 16.44 -10.04 1.76
CA ASP A 145 16.63 -10.41 0.37
C ASP A 145 17.87 -9.72 -0.20
N GLY A 146 18.98 -10.43 -0.26
CA GLY A 146 20.21 -9.87 -0.79
C GLY A 146 21.09 -9.32 0.32
N ASN A 147 21.38 -8.02 0.26
CA ASN A 147 22.21 -7.37 1.28
C ASN A 147 21.39 -6.35 2.07
N MET A 148 20.06 -6.42 1.93
CA MET A 148 19.19 -5.49 2.64
C MET A 148 17.95 -6.22 3.16
N ASN A 149 17.31 -5.65 4.17
CA ASN A 149 16.12 -6.24 4.75
C ASN A 149 14.99 -5.23 4.82
N HIS A 150 13.78 -5.73 5.05
CA HIS A 150 12.61 -4.88 5.12
C HIS A 150 11.72 -5.29 6.28
N THR A 151 11.05 -4.32 6.90
CA THR A 151 10.16 -4.59 8.03
C THR A 151 8.78 -4.02 7.72
N VAL A 152 7.74 -4.75 8.11
CA VAL A 152 6.38 -4.29 7.87
C VAL A 152 5.53 -4.46 9.12
N TYR A 153 4.68 -3.49 9.40
CA TYR A 153 3.83 -3.53 10.58
C TYR A 153 2.36 -3.70 10.20
N LEU A 154 1.68 -4.57 10.93
CA LEU A 154 0.27 -4.85 10.70
C LEU A 154 -0.54 -4.38 11.89
N TYR A 155 -1.61 -3.63 11.63
CA TYR A 155 -2.46 -3.13 12.70
C TYR A 155 -3.91 -3.50 12.42
N VAL A 156 -4.74 -3.42 13.44
CA VAL A 156 -6.17 -3.73 13.29
C VAL A 156 -7.02 -2.67 13.96
N ILE A 157 -7.97 -2.13 13.20
CA ILE A 157 -8.85 -1.10 13.71
C ILE A 157 -9.83 -1.66 14.72
N GLY A 158 -10.02 -0.93 15.82
CA GLY A 158 -10.91 -1.35 16.89
C GLY A 158 -10.23 -1.10 18.24
N GLU A 159 -8.92 -1.26 18.24
CA GLU A 159 -8.13 -1.02 19.45
C GLU A 159 -6.75 -0.54 19.03
N HIS A 160 -6.52 0.77 19.11
CA HIS A 160 -5.24 1.34 18.71
C HIS A 160 -4.12 0.97 19.67
N LYS A 161 -4.44 0.74 20.93
CA LYS A 161 -3.41 0.37 21.91
C LYS A 161 -3.44 -1.14 22.18
N ALA A 162 -2.68 -1.58 23.17
CA ALA A 162 -2.63 -3.01 23.51
C ALA A 162 -1.84 -3.22 24.79
N MET A 1 20.74 -9.63 -13.07
CA MET A 1 22.13 -9.28 -12.63
C MET A 1 23.03 -9.23 -13.86
N SER A 2 22.62 -8.47 -14.87
CA SER A 2 23.40 -8.34 -16.08
C SER A 2 23.17 -6.98 -16.75
N TYR A 3 24.22 -6.43 -17.34
CA TYR A 3 24.11 -5.14 -18.01
C TYR A 3 23.55 -4.09 -17.06
N VAL A 4 24.02 -4.11 -15.81
CA VAL A 4 23.55 -3.16 -14.81
C VAL A 4 24.74 -2.48 -14.12
N PRO A 5 25.57 -1.81 -14.87
CA PRO A 5 26.76 -1.09 -14.33
C PRO A 5 26.37 0.12 -13.48
N HIS A 6 25.12 0.56 -13.64
CA HIS A 6 24.63 1.71 -12.89
C HIS A 6 23.66 1.26 -11.80
N VAL A 7 23.45 2.13 -10.81
CA VAL A 7 22.55 1.82 -9.70
C VAL A 7 21.51 2.93 -9.51
N PRO A 8 20.67 3.15 -10.48
CA PRO A 8 19.61 4.19 -10.42
C PRO A 8 18.45 3.80 -9.52
N TYR A 9 17.69 4.79 -9.09
CA TYR A 9 16.56 4.58 -8.22
C TYR A 9 15.66 3.48 -8.77
N VAL A 10 15.47 2.46 -7.95
CA VAL A 10 14.63 1.33 -8.30
C VAL A 10 13.63 1.07 -7.16
N PRO A 11 12.34 1.22 -7.38
CA PRO A 11 11.35 0.98 -6.30
C PRO A 11 11.49 -0.43 -5.70
N THR A 12 11.07 -0.59 -4.46
CA THR A 12 11.18 -1.88 -3.78
C THR A 12 10.59 -2.99 -4.67
N PRO A 13 11.09 -4.20 -4.56
CA PRO A 13 10.60 -5.35 -5.38
C PRO A 13 9.17 -5.76 -5.01
N GLU A 14 8.55 -6.51 -5.91
CA GLU A 14 7.19 -6.97 -5.70
C GLU A 14 7.11 -7.91 -4.51
N LYS A 15 8.26 -8.45 -4.10
CA LYS A 15 8.30 -9.37 -2.97
C LYS A 15 7.81 -8.68 -1.71
N VAL A 16 8.24 -7.42 -1.53
CA VAL A 16 7.81 -6.66 -0.35
C VAL A 16 6.30 -6.47 -0.36
N VAL A 17 5.75 -6.10 -1.52
CA VAL A 17 4.32 -5.92 -1.66
C VAL A 17 3.60 -7.24 -1.43
N ARG A 18 4.19 -8.31 -1.94
CA ARG A 18 3.61 -9.64 -1.81
C ARG A 18 3.45 -10.02 -0.33
N ARG A 19 4.44 -9.72 0.49
CA ARG A 19 4.35 -10.03 1.91
C ARG A 19 3.30 -9.18 2.60
N MET A 20 3.22 -7.92 2.19
CA MET A 20 2.26 -6.97 2.76
C MET A 20 0.83 -7.44 2.49
N LEU A 21 0.63 -8.02 1.32
CA LEU A 21 -0.68 -8.51 0.93
C LEU A 21 -1.07 -9.75 1.73
N GLU A 22 -0.10 -10.66 1.95
CA GLU A 22 -0.37 -11.90 2.68
C GLU A 22 -0.75 -11.65 4.13
N ILE A 23 0.00 -10.77 4.78
CA ILE A 23 -0.26 -10.48 6.20
C ILE A 23 -1.59 -9.76 6.37
N ALA A 24 -1.92 -8.90 5.41
CA ALA A 24 -3.15 -8.15 5.47
C ALA A 24 -4.36 -9.08 5.29
N LYS A 25 -4.06 -10.32 4.91
CA LYS A 25 -5.10 -11.33 4.67
C LYS A 25 -6.01 -10.93 3.53
N VAL A 26 -5.38 -10.46 2.44
CA VAL A 26 -6.12 -10.03 1.27
C VAL A 26 -6.67 -11.25 0.52
N SER A 27 -7.99 -11.35 0.47
CA SER A 27 -8.66 -12.45 -0.21
C SER A 27 -9.38 -11.92 -1.45
N GLN A 28 -9.78 -12.82 -2.33
CA GLN A 28 -10.46 -12.42 -3.54
C GLN A 28 -11.73 -11.63 -3.22
N ASP A 29 -12.26 -11.80 -2.02
CA ASP A 29 -13.47 -11.09 -1.62
C ASP A 29 -13.13 -9.83 -0.84
N ASP A 30 -11.84 -9.52 -0.74
CA ASP A 30 -11.40 -8.34 0.00
C ASP A 30 -10.80 -7.30 -0.96
N ILE A 31 -11.10 -6.03 -0.71
CA ILE A 31 -10.59 -4.95 -1.55
C ILE A 31 -9.29 -4.40 -0.99
N VAL A 32 -8.52 -3.73 -1.86
CA VAL A 32 -7.26 -3.13 -1.44
C VAL A 32 -7.21 -1.63 -1.80
N TYR A 33 -7.01 -0.80 -0.78
CA TYR A 33 -6.89 0.65 -0.97
C TYR A 33 -5.48 1.09 -0.60
N ALA A 34 -4.75 1.63 -1.57
CA ALA A 34 -3.37 2.07 -1.32
C ALA A 34 -3.12 3.43 -1.94
N LEU A 35 -2.34 4.25 -1.24
CA LEU A 35 -2.03 5.59 -1.72
C LEU A 35 -0.56 5.69 -2.11
N GLY A 36 0.13 4.55 -2.06
CA GLY A 36 1.54 4.51 -2.43
C GLY A 36 1.73 4.01 -3.85
N CYS A 37 0.63 3.86 -4.59
CA CYS A 37 0.71 3.38 -5.97
C CYS A 37 1.89 4.01 -6.70
N GLY A 38 1.65 5.09 -7.42
CA GLY A 38 2.72 5.76 -8.15
C GLY A 38 3.10 4.94 -9.39
N ASP A 39 2.26 3.97 -9.71
CA ASP A 39 2.51 3.11 -10.86
C ASP A 39 1.42 2.05 -10.99
N GLY A 40 0.76 1.74 -9.87
CA GLY A 40 -0.30 0.76 -9.87
C GLY A 40 0.24 -0.63 -9.55
N ARG A 41 1.55 -0.75 -9.42
CA ARG A 41 2.14 -2.05 -9.12
C ARG A 41 1.60 -2.59 -7.79
N ILE A 42 1.39 -1.69 -6.84
CA ILE A 42 0.89 -2.09 -5.53
C ILE A 42 -0.48 -2.77 -5.65
N ILE A 43 -1.38 -2.21 -6.46
CA ILE A 43 -2.72 -2.79 -6.62
C ILE A 43 -2.78 -3.85 -7.73
N ILE A 44 -1.97 -3.68 -8.76
CA ILE A 44 -1.95 -4.63 -9.88
C ILE A 44 -1.53 -6.02 -9.43
N THR A 45 -0.53 -6.11 -8.55
CA THR A 45 -0.10 -7.42 -8.06
C THR A 45 -1.23 -8.06 -7.28
N ALA A 46 -2.09 -7.22 -6.72
CA ALA A 46 -3.22 -7.71 -5.97
C ALA A 46 -4.23 -8.36 -6.91
N ALA A 47 -4.86 -7.56 -7.74
CA ALA A 47 -5.87 -8.06 -8.67
C ALA A 47 -5.29 -9.12 -9.60
N LYS A 48 -4.06 -8.92 -10.03
CA LYS A 48 -3.41 -9.87 -10.92
C LYS A 48 -3.27 -11.25 -10.26
N ASP A 49 -2.81 -11.26 -9.01
CA ASP A 49 -2.60 -12.52 -8.29
C ASP A 49 -3.64 -12.76 -7.19
N PHE A 50 -3.80 -11.79 -6.30
CA PHE A 50 -4.74 -11.93 -5.19
C PHE A 50 -6.18 -11.87 -5.67
N ASN A 51 -6.41 -11.53 -6.94
CA ASN A 51 -7.75 -11.48 -7.47
C ASN A 51 -8.67 -10.63 -6.59
N VAL A 52 -8.12 -9.58 -5.99
CA VAL A 52 -8.91 -8.73 -5.12
C VAL A 52 -10.15 -8.21 -5.81
N LYS A 53 -11.29 -8.41 -5.18
CA LYS A 53 -12.57 -8.01 -5.74
C LYS A 53 -12.47 -6.59 -6.30
N LYS A 54 -11.90 -5.68 -5.52
CA LYS A 54 -11.76 -4.31 -5.98
C LYS A 54 -10.43 -3.72 -5.52
N ALA A 55 -9.66 -3.15 -6.45
CA ALA A 55 -8.38 -2.56 -6.12
C ALA A 55 -8.33 -1.11 -6.60
N VAL A 56 -8.00 -0.21 -5.69
CA VAL A 56 -7.94 1.22 -6.03
C VAL A 56 -6.65 1.85 -5.52
N GLY A 57 -6.01 2.63 -6.38
CA GLY A 57 -4.78 3.33 -6.01
C GLY A 57 -5.02 4.84 -5.99
N VAL A 58 -4.55 5.49 -4.93
CA VAL A 58 -4.71 6.95 -4.81
C VAL A 58 -3.38 7.63 -5.04
N GLU A 59 -3.35 8.58 -5.97
CA GLU A 59 -2.13 9.29 -6.29
C GLU A 59 -2.38 10.34 -7.38
N ILE A 60 -1.58 11.40 -7.38
CA ILE A 60 -1.70 12.46 -8.38
C ILE A 60 -0.32 12.84 -8.89
N ASN A 61 -0.09 12.69 -10.19
CA ASN A 61 1.20 13.04 -10.80
C ASN A 61 0.97 13.48 -12.23
N ASP A 62 2.03 13.98 -12.88
CA ASP A 62 1.91 14.44 -14.26
C ASP A 62 2.50 13.41 -15.23
N GLU A 63 3.81 13.22 -15.18
CA GLU A 63 4.50 12.29 -16.06
C GLU A 63 4.13 10.84 -15.75
N ARG A 64 4.00 10.54 -14.46
CA ARG A 64 3.67 9.18 -14.04
C ARG A 64 2.21 8.86 -14.33
N ILE A 65 1.46 9.87 -14.76
CA ILE A 65 0.04 9.69 -15.06
C ILE A 65 -0.18 8.53 -16.03
N ARG A 66 0.66 8.44 -17.05
CA ARG A 66 0.55 7.39 -18.05
C ARG A 66 1.11 6.06 -17.53
N GLU A 67 2.11 6.16 -16.67
CA GLU A 67 2.75 4.97 -16.12
C GLU A 67 1.81 4.19 -15.21
N ALA A 68 0.81 4.88 -14.68
CA ALA A 68 -0.16 4.23 -13.80
C ALA A 68 -1.26 3.56 -14.63
N LEU A 69 -1.92 4.35 -15.46
CA LEU A 69 -3.00 3.83 -16.29
C LEU A 69 -2.49 2.78 -17.27
N ALA A 70 -1.31 3.02 -17.83
CA ALA A 70 -0.72 2.10 -18.79
C ALA A 70 -0.41 0.76 -18.15
N ASN A 71 0.07 0.79 -16.91
CA ASN A 71 0.43 -0.44 -16.23
C ASN A 71 -0.79 -1.38 -16.13
N ILE A 72 -1.92 -0.83 -15.70
CA ILE A 72 -3.13 -1.66 -15.54
C ILE A 72 -3.47 -2.39 -16.84
N GLU A 73 -3.44 -1.67 -17.96
CA GLU A 73 -3.74 -2.30 -19.24
C GLU A 73 -2.69 -3.36 -19.55
N LYS A 74 -1.44 -3.05 -19.25
CA LYS A 74 -0.35 -3.98 -19.52
C LYS A 74 -0.60 -5.30 -18.82
N ASN A 75 -1.10 -5.25 -17.60
CA ASN A 75 -1.37 -6.46 -16.85
C ASN A 75 -2.80 -6.95 -17.08
N GLY A 76 -3.54 -6.26 -17.94
CA GLY A 76 -4.91 -6.66 -18.27
C GLY A 76 -5.74 -6.93 -17.02
N VAL A 77 -5.62 -6.06 -16.02
CA VAL A 77 -6.38 -6.23 -14.79
C VAL A 77 -7.48 -5.18 -14.66
N THR A 78 -7.83 -4.54 -15.77
CA THR A 78 -8.88 -3.53 -15.72
C THR A 78 -10.11 -4.05 -15.00
N GLY A 79 -10.91 -3.11 -14.54
CA GLY A 79 -12.15 -3.45 -13.87
C GLY A 79 -11.90 -3.89 -12.43
N ARG A 80 -10.64 -4.16 -12.10
CA ARG A 80 -10.29 -4.59 -10.75
C ARG A 80 -9.29 -3.60 -10.15
N ALA A 81 -8.54 -2.95 -11.03
CA ALA A 81 -7.54 -1.98 -10.62
C ALA A 81 -7.85 -0.62 -11.22
N SER A 82 -7.78 0.42 -10.41
CA SER A 82 -8.07 1.76 -10.88
C SER A 82 -7.23 2.78 -10.13
N ILE A 83 -7.16 3.98 -10.69
CA ILE A 83 -6.39 5.05 -10.07
C ILE A 83 -7.26 6.31 -9.95
N VAL A 84 -7.13 7.00 -8.82
CA VAL A 84 -7.91 8.21 -8.59
C VAL A 84 -6.99 9.39 -8.30
N LYS A 85 -7.15 10.46 -9.08
CA LYS A 85 -6.32 11.64 -8.89
C LYS A 85 -7.03 12.66 -8.01
N GLY A 86 -6.23 13.48 -7.33
CA GLY A 86 -6.77 14.50 -6.45
C GLY A 86 -5.99 14.55 -5.15
N ASN A 87 -6.60 15.08 -4.10
CA ASN A 87 -5.91 15.15 -2.80
C ASN A 87 -6.29 13.96 -1.94
N PHE A 88 -5.28 13.39 -1.29
CA PHE A 88 -5.48 12.21 -0.46
C PHE A 88 -6.60 12.42 0.56
N PHE A 89 -6.87 13.68 0.90
CA PHE A 89 -7.93 13.96 1.88
C PHE A 89 -9.27 14.17 1.18
N GLU A 90 -9.27 14.13 -0.14
CA GLU A 90 -10.50 14.31 -0.91
C GLU A 90 -11.12 12.96 -1.27
N VAL A 91 -10.47 11.89 -0.83
CA VAL A 91 -10.97 10.53 -1.09
C VAL A 91 -11.27 9.80 0.22
N ASP A 92 -12.32 8.98 0.18
CA ASP A 92 -12.72 8.21 1.36
C ASP A 92 -12.21 6.78 1.27
N ILE A 93 -11.69 6.27 2.39
CA ILE A 93 -11.17 4.91 2.43
C ILE A 93 -11.94 4.06 3.44
N SER A 94 -12.99 4.63 4.01
CA SER A 94 -13.79 3.91 5.00
C SER A 94 -14.32 2.60 4.42
N GLU A 95 -14.69 2.61 3.16
CA GLU A 95 -15.21 1.41 2.51
C GLU A 95 -14.14 0.32 2.39
N ALA A 96 -12.88 0.73 2.49
CA ALA A 96 -11.77 -0.21 2.36
C ALA A 96 -11.66 -1.15 3.57
N THR A 97 -11.37 -2.43 3.30
CA THR A 97 -11.20 -3.40 4.37
C THR A 97 -9.71 -3.61 4.62
N VAL A 98 -8.90 -3.39 3.59
CA VAL A 98 -7.45 -3.54 3.69
C VAL A 98 -6.76 -2.30 3.15
N VAL A 99 -5.82 -1.76 3.91
CA VAL A 99 -5.09 -0.56 3.51
C VAL A 99 -3.59 -0.72 3.77
N THR A 100 -2.79 -0.14 2.88
CA THR A 100 -1.34 -0.20 3.02
C THR A 100 -0.76 1.21 2.91
N MET A 101 0.44 1.39 3.46
CA MET A 101 1.10 2.70 3.42
C MET A 101 2.54 2.56 2.97
N PHE A 102 2.94 3.36 1.99
CA PHE A 102 4.30 3.33 1.48
C PHE A 102 4.78 4.73 1.13
N LEU A 103 5.42 5.39 2.09
CA LEU A 103 5.93 6.74 1.88
C LEU A 103 7.42 6.79 2.21
N LEU A 104 8.19 7.47 1.36
CA LEU A 104 9.64 7.57 1.60
C LEU A 104 9.91 8.31 2.90
N THR A 105 9.16 9.38 3.14
CA THR A 105 9.33 10.16 4.36
C THR A 105 8.11 11.05 4.61
N ASN A 106 7.92 11.46 5.86
CA ASN A 106 6.80 12.32 6.22
C ASN A 106 7.13 13.14 7.45
N VAL A 107 6.38 14.23 7.66
CA VAL A 107 6.60 15.10 8.82
C VAL A 107 5.30 15.32 9.57
N ASN A 108 5.30 14.98 10.86
CA ASN A 108 4.11 15.15 11.70
C ASN A 108 2.84 14.85 10.90
N GLU A 109 1.74 15.49 11.29
CA GLU A 109 0.47 15.29 10.60
C GLU A 109 0.27 13.82 10.25
N MET A 110 0.57 12.94 11.20
CA MET A 110 0.41 11.52 10.98
C MET A 110 -1.08 11.16 10.88
N LEU A 111 -1.89 11.83 11.68
CA LEU A 111 -3.33 11.59 11.69
C LEU A 111 -3.63 10.10 11.83
N LYS A 112 -3.21 9.52 12.94
CA LYS A 112 -3.44 8.09 13.18
C LYS A 112 -4.84 7.87 13.75
N PRO A 113 -5.29 8.71 14.65
CA PRO A 113 -6.64 8.58 15.29
C PRO A 113 -7.78 8.70 14.28
N LYS A 114 -7.51 9.36 13.16
CA LYS A 114 -8.51 9.55 12.12
C LYS A 114 -8.94 8.20 11.52
N LEU A 115 -7.98 7.28 11.41
CA LEU A 115 -8.25 5.96 10.84
C LEU A 115 -9.32 5.23 11.65
N GLU A 116 -9.29 5.42 12.95
CA GLU A 116 -10.27 4.77 13.82
C GLU A 116 -11.69 5.26 13.51
N LYS A 117 -11.77 6.44 12.91
CA LYS A 117 -13.07 7.02 12.56
C LYS A 117 -13.43 6.68 11.12
N GLU A 118 -12.46 6.78 10.22
CA GLU A 118 -12.69 6.51 8.81
C GLU A 118 -12.83 5.03 8.54
N LEU A 119 -11.88 4.26 9.03
CA LEU A 119 -11.88 2.82 8.83
C LEU A 119 -12.69 2.13 9.92
N LYS A 120 -13.58 1.23 9.50
CA LYS A 120 -14.41 0.49 10.45
C LYS A 120 -13.55 -0.53 11.17
N PRO A 121 -13.95 -0.96 12.34
CA PRO A 121 -13.17 -1.96 13.12
C PRO A 121 -13.03 -3.27 12.36
N GLY A 122 -11.85 -3.86 12.45
CA GLY A 122 -11.58 -5.12 11.76
C GLY A 122 -10.83 -4.86 10.46
N THR A 123 -10.63 -3.58 10.15
CA THR A 123 -9.92 -3.21 8.93
C THR A 123 -8.44 -3.56 9.08
N ARG A 124 -7.79 -3.93 7.97
CA ARG A 124 -6.37 -4.29 8.02
C ARG A 124 -5.51 -3.13 7.57
N VAL A 125 -4.53 -2.75 8.39
CA VAL A 125 -3.62 -1.65 8.02
C VAL A 125 -2.17 -2.13 8.07
N VAL A 126 -1.44 -1.87 7.00
CA VAL A 126 -0.03 -2.28 6.92
C VAL A 126 0.90 -1.09 6.71
N SER A 127 1.88 -0.92 7.58
CA SER A 127 2.83 0.19 7.45
C SER A 127 4.10 -0.29 6.76
N HIS A 128 4.87 0.66 6.24
CA HIS A 128 6.11 0.33 5.53
C HIS A 128 7.16 -0.24 6.48
N GLU A 129 8.14 0.59 6.85
CA GLU A 129 9.21 0.16 7.75
C GLU A 129 9.08 0.82 9.11
N PHE A 130 8.42 1.97 9.16
CA PHE A 130 8.25 2.68 10.42
C PHE A 130 7.04 2.16 11.18
N GLU A 131 7.26 1.82 12.44
CA GLU A 131 6.18 1.31 13.29
C GLU A 131 5.27 2.45 13.72
N ILE A 132 4.06 2.09 14.16
CA ILE A 132 3.11 3.10 14.61
C ILE A 132 3.23 3.29 16.11
N ARG A 133 3.62 4.48 16.53
CA ARG A 133 3.76 4.77 17.95
C ARG A 133 2.39 4.91 18.59
N GLY A 134 2.24 4.40 19.81
CA GLY A 134 0.96 4.49 20.50
C GLY A 134 0.07 3.29 20.18
N TRP A 135 0.29 2.69 19.02
CA TRP A 135 -0.51 1.56 18.59
C TRP A 135 0.24 0.25 18.78
N ASN A 136 -0.50 -0.81 19.08
CA ASN A 136 0.10 -2.12 19.28
C ASN A 136 -0.11 -2.98 18.02
N PRO A 137 0.93 -3.40 17.33
CA PRO A 137 0.77 -4.22 16.09
C PRO A 137 0.33 -5.64 16.41
N LYS A 138 -0.43 -6.23 15.48
CA LYS A 138 -0.90 -7.60 15.65
C LYS A 138 0.21 -8.59 15.30
N GLU A 139 0.86 -8.34 14.16
CA GLU A 139 1.95 -9.20 13.70
C GLU A 139 3.10 -8.36 13.14
N VAL A 140 4.32 -8.68 13.57
CA VAL A 140 5.51 -7.96 13.10
C VAL A 140 6.58 -8.95 12.62
N ILE A 141 7.02 -8.78 11.38
CA ILE A 141 8.04 -9.67 10.85
C ILE A 141 9.02 -8.92 9.94
N LYS A 142 10.16 -9.55 9.69
CA LYS A 142 11.18 -8.96 8.84
C LYS A 142 11.48 -9.85 7.64
N VAL A 143 11.97 -9.21 6.58
CA VAL A 143 12.30 -9.92 5.35
C VAL A 143 13.71 -9.55 4.93
N GLU A 144 14.54 -10.55 4.66
CA GLU A 144 15.91 -10.30 4.22
C GLU A 144 16.10 -10.75 2.78
N ASP A 145 16.21 -9.79 1.87
CA ASP A 145 16.39 -10.10 0.46
C ASP A 145 17.77 -9.63 -0.01
N GLY A 146 18.69 -10.57 -0.15
CA GLY A 146 20.04 -10.24 -0.58
C GLY A 146 20.92 -9.83 0.60
N ASN A 147 21.27 -8.55 0.66
CA ASN A 147 22.10 -8.04 1.74
C ASN A 147 21.38 -6.93 2.50
N MET A 148 20.06 -6.86 2.31
CA MET A 148 19.25 -5.83 2.96
C MET A 148 18.17 -6.45 3.84
N ASN A 149 17.32 -5.59 4.40
CA ASN A 149 16.22 -6.06 5.24
C ASN A 149 15.06 -5.07 5.28
N HIS A 150 13.87 -5.61 5.46
CA HIS A 150 12.66 -4.80 5.52
C HIS A 150 11.75 -5.31 6.64
N THR A 151 11.04 -4.38 7.27
CA THR A 151 10.12 -4.74 8.35
C THR A 151 8.72 -4.25 8.00
N VAL A 152 7.71 -5.05 8.31
CA VAL A 152 6.33 -4.68 8.03
C VAL A 152 5.46 -4.85 9.27
N TYR A 153 4.68 -3.83 9.58
CA TYR A 153 3.79 -3.87 10.74
C TYR A 153 2.34 -3.97 10.30
N LEU A 154 1.61 -4.89 10.93
CA LEU A 154 0.21 -5.10 10.63
C LEU A 154 -0.62 -4.69 11.84
N TYR A 155 -1.60 -3.82 11.63
CA TYR A 155 -2.46 -3.37 12.73
C TYR A 155 -3.91 -3.72 12.41
N VAL A 156 -4.76 -3.62 13.42
CA VAL A 156 -6.18 -3.89 13.25
C VAL A 156 -7.01 -2.80 13.91
N ILE A 157 -7.93 -2.22 13.15
CA ILE A 157 -8.79 -1.18 13.68
C ILE A 157 -9.78 -1.75 14.68
N GLY A 158 -9.86 -1.11 15.84
CA GLY A 158 -10.77 -1.56 16.90
C GLY A 158 -9.99 -1.81 18.19
N GLU A 159 -8.85 -2.46 18.05
CA GLU A 159 -8.00 -2.76 19.20
C GLU A 159 -6.54 -2.46 18.87
N HIS A 160 -5.88 -1.71 19.74
CA HIS A 160 -4.48 -1.35 19.51
C HIS A 160 -3.82 -0.86 20.79
N LYS A 161 -3.96 0.43 21.04
CA LYS A 161 -3.35 1.06 22.21
C LYS A 161 -3.25 0.08 23.38
N ALA A 162 -4.37 -0.54 23.73
CA ALA A 162 -4.37 -1.50 24.84
C ALA A 162 -5.40 -2.61 24.59
N MET A 1 31.90 17.26 -14.38
CA MET A 1 32.31 15.83 -14.40
C MET A 1 33.17 15.53 -13.18
N SER A 2 33.74 16.58 -12.59
CA SER A 2 34.59 16.42 -11.41
C SER A 2 33.79 15.84 -10.25
N TYR A 3 32.55 16.31 -10.12
CA TYR A 3 31.68 15.84 -9.04
C TYR A 3 30.33 15.39 -9.59
N VAL A 4 29.74 14.39 -8.96
CA VAL A 4 28.45 13.87 -9.39
C VAL A 4 27.47 13.80 -8.21
N PRO A 5 26.20 13.95 -8.44
CA PRO A 5 25.17 13.90 -7.35
C PRO A 5 24.99 12.49 -6.80
N HIS A 6 24.59 12.41 -5.53
CA HIS A 6 24.38 11.12 -4.88
C HIS A 6 22.93 10.95 -4.46
N VAL A 7 22.20 10.08 -5.16
CA VAL A 7 20.81 9.83 -4.85
C VAL A 7 20.47 8.34 -4.99
N PRO A 8 21.00 7.53 -4.11
CA PRO A 8 20.76 6.06 -4.13
C PRO A 8 19.28 5.69 -4.09
N TYR A 9 18.91 4.71 -4.88
CA TYR A 9 17.53 4.25 -4.95
C TYR A 9 17.46 2.74 -5.02
N VAL A 10 16.75 2.12 -4.08
CA VAL A 10 16.64 0.66 -4.04
C VAL A 10 15.23 0.21 -4.47
N PRO A 11 15.06 -0.36 -5.65
CA PRO A 11 13.72 -0.85 -6.10
C PRO A 11 13.11 -1.83 -5.10
N THR A 12 11.78 -1.87 -5.06
CA THR A 12 11.09 -2.76 -4.15
C THR A 12 10.57 -4.01 -4.90
N PRO A 13 11.17 -5.17 -4.69
CA PRO A 13 10.71 -6.42 -5.37
C PRO A 13 9.24 -6.69 -5.10
N GLU A 14 8.58 -7.39 -6.02
CA GLU A 14 7.17 -7.71 -5.86
C GLU A 14 6.98 -8.57 -4.61
N LYS A 15 8.08 -9.15 -4.15
CA LYS A 15 8.05 -9.99 -2.96
C LYS A 15 7.60 -9.19 -1.75
N VAL A 16 8.08 -7.95 -1.64
CA VAL A 16 7.71 -7.10 -0.51
C VAL A 16 6.21 -6.84 -0.50
N VAL A 17 5.66 -6.48 -1.66
CA VAL A 17 4.23 -6.22 -1.77
C VAL A 17 3.44 -7.50 -1.50
N ARG A 18 3.96 -8.61 -1.99
CA ARG A 18 3.31 -9.91 -1.81
C ARG A 18 3.17 -10.26 -0.33
N ARG A 19 4.19 -9.98 0.45
CA ARG A 19 4.14 -10.27 1.88
C ARG A 19 3.12 -9.40 2.59
N MET A 20 3.00 -8.16 2.15
CA MET A 20 2.05 -7.22 2.77
C MET A 20 0.62 -7.69 2.54
N LEU A 21 0.42 -8.38 1.43
CA LEU A 21 -0.90 -8.90 1.10
C LEU A 21 -1.23 -10.15 1.93
N GLU A 22 -0.23 -11.02 2.13
CA GLU A 22 -0.44 -12.25 2.88
C GLU A 22 -0.78 -11.98 4.34
N ILE A 23 -0.06 -11.04 4.94
CA ILE A 23 -0.29 -10.71 6.35
C ILE A 23 -1.63 -10.02 6.54
N ALA A 24 -1.99 -9.17 5.59
CA ALA A 24 -3.24 -8.43 5.67
C ALA A 24 -4.42 -9.38 5.47
N LYS A 25 -4.10 -10.62 5.13
CA LYS A 25 -5.11 -11.66 4.89
C LYS A 25 -6.02 -11.27 3.74
N VAL A 26 -5.43 -10.68 2.71
CA VAL A 26 -6.19 -10.26 1.54
C VAL A 26 -6.69 -11.46 0.75
N SER A 27 -8.00 -11.52 0.54
CA SER A 27 -8.61 -12.61 -0.19
C SER A 27 -9.25 -12.07 -1.48
N GLN A 28 -9.75 -12.97 -2.31
CA GLN A 28 -10.37 -12.57 -3.56
C GLN A 28 -11.59 -11.70 -3.33
N ASP A 29 -12.19 -11.79 -2.15
CA ASP A 29 -13.37 -11.00 -1.83
C ASP A 29 -13.01 -9.77 -1.00
N ASP A 30 -11.72 -9.53 -0.84
CA ASP A 30 -11.25 -8.37 -0.06
C ASP A 30 -10.68 -7.29 -0.96
N ILE A 31 -11.12 -6.06 -0.75
CA ILE A 31 -10.65 -4.94 -1.56
C ILE A 31 -9.33 -4.39 -1.00
N VAL A 32 -8.54 -3.77 -1.87
CA VAL A 32 -7.27 -3.18 -1.45
C VAL A 32 -7.19 -1.72 -1.88
N TYR A 33 -7.07 -0.84 -0.89
CA TYR A 33 -6.91 0.60 -1.16
C TYR A 33 -5.52 1.03 -0.69
N ALA A 34 -4.65 1.34 -1.65
CA ALA A 34 -3.30 1.76 -1.32
C ALA A 34 -3.13 3.26 -1.50
N LEU A 35 -2.74 3.92 -0.42
CA LEU A 35 -2.57 5.36 -0.43
C LEU A 35 -1.49 5.83 -1.42
N GLY A 36 -0.40 5.07 -1.55
CA GLY A 36 0.67 5.47 -2.47
C GLY A 36 1.17 4.30 -3.32
N CYS A 37 0.65 4.20 -4.54
CA CYS A 37 1.07 3.14 -5.45
C CYS A 37 2.36 3.51 -6.15
N GLY A 38 2.37 4.64 -6.85
CA GLY A 38 3.57 5.09 -7.55
C GLY A 38 3.76 4.39 -8.89
N ASP A 39 2.76 3.60 -9.30
CA ASP A 39 2.85 2.87 -10.58
C ASP A 39 1.78 1.77 -10.66
N GLY A 40 1.06 1.56 -9.57
CA GLY A 40 0.02 0.55 -9.52
C GLY A 40 0.60 -0.83 -9.21
N ARG A 41 1.89 -0.90 -8.95
CA ARG A 41 2.52 -2.17 -8.63
C ARG A 41 2.05 -2.67 -7.27
N ILE A 42 1.37 -1.79 -6.54
CA ILE A 42 0.85 -2.14 -5.22
C ILE A 42 -0.53 -2.80 -5.35
N ILE A 43 -1.36 -2.28 -6.25
CA ILE A 43 -2.72 -2.81 -6.44
C ILE A 43 -2.79 -3.81 -7.59
N ILE A 44 -1.95 -3.64 -8.59
CA ILE A 44 -1.94 -4.54 -9.73
C ILE A 44 -1.62 -5.96 -9.30
N THR A 45 -0.64 -6.11 -8.41
CA THR A 45 -0.26 -7.44 -7.97
C THR A 45 -1.46 -8.15 -7.35
N ALA A 46 -2.15 -7.50 -6.43
CA ALA A 46 -3.27 -8.14 -5.76
C ALA A 46 -4.33 -8.60 -6.75
N ALA A 47 -4.78 -7.71 -7.63
CA ALA A 47 -5.81 -8.07 -8.58
C ALA A 47 -5.35 -9.19 -9.51
N LYS A 48 -4.11 -9.11 -9.96
CA LYS A 48 -3.58 -10.13 -10.86
C LYS A 48 -3.49 -11.49 -10.17
N ASP A 49 -2.96 -11.50 -8.95
CA ASP A 49 -2.77 -12.76 -8.22
C ASP A 49 -3.85 -13.00 -7.16
N PHE A 50 -4.03 -12.05 -6.26
CA PHE A 50 -5.01 -12.21 -5.20
C PHE A 50 -6.44 -12.03 -5.69
N ASN A 51 -6.63 -11.70 -6.96
CA ASN A 51 -7.97 -11.55 -7.52
C ASN A 51 -8.86 -10.68 -6.65
N VAL A 52 -8.30 -9.63 -6.06
CA VAL A 52 -9.10 -8.77 -5.19
C VAL A 52 -10.30 -8.18 -5.93
N LYS A 53 -11.43 -8.25 -5.26
CA LYS A 53 -12.68 -7.76 -5.84
C LYS A 53 -12.51 -6.34 -6.36
N LYS A 54 -11.93 -5.47 -5.55
CA LYS A 54 -11.73 -4.09 -5.98
C LYS A 54 -10.39 -3.56 -5.46
N ALA A 55 -9.62 -2.95 -6.35
CA ALA A 55 -8.33 -2.40 -5.96
C ALA A 55 -8.20 -0.97 -6.44
N VAL A 56 -7.80 -0.09 -5.52
CA VAL A 56 -7.65 1.33 -5.85
C VAL A 56 -6.34 1.88 -5.28
N GLY A 57 -5.62 2.64 -6.09
CA GLY A 57 -4.36 3.25 -5.66
C GLY A 57 -4.46 4.76 -5.73
N VAL A 58 -4.10 5.44 -4.64
CA VAL A 58 -4.17 6.90 -4.64
C VAL A 58 -2.80 7.48 -4.98
N GLU A 59 -2.79 8.33 -5.98
CA GLU A 59 -1.55 8.97 -6.41
C GLU A 59 -1.76 10.46 -6.58
N ILE A 60 -0.80 11.12 -7.22
CA ILE A 60 -0.86 12.56 -7.48
C ILE A 60 0.48 13.02 -8.01
N ASN A 61 0.68 12.87 -9.31
CA ASN A 61 1.94 13.28 -9.93
C ASN A 61 1.67 13.75 -11.35
N ASP A 62 2.71 14.20 -12.05
CA ASP A 62 2.54 14.67 -13.41
C ASP A 62 2.96 13.62 -14.43
N GLU A 63 4.25 13.30 -14.46
CA GLU A 63 4.77 12.31 -15.40
C GLU A 63 4.30 10.90 -15.06
N ARG A 64 4.26 10.58 -13.77
CA ARG A 64 3.85 9.26 -13.34
C ARG A 64 2.35 9.07 -13.46
N ILE A 65 1.62 10.14 -13.77
CA ILE A 65 0.16 10.05 -13.88
C ILE A 65 -0.24 9.12 -15.02
N ARG A 66 0.50 9.18 -16.11
CA ARG A 66 0.19 8.36 -17.28
C ARG A 66 0.76 6.95 -17.14
N GLU A 67 1.88 6.84 -16.42
CA GLU A 67 2.51 5.54 -16.25
C GLU A 67 1.57 4.58 -15.53
N ALA A 68 0.94 5.03 -14.45
CA ALA A 68 0.05 4.18 -13.68
C ALA A 68 -1.12 3.67 -14.53
N LEU A 69 -1.68 4.55 -15.36
CA LEU A 69 -2.78 4.15 -16.22
C LEU A 69 -2.34 3.06 -17.19
N ALA A 70 -1.15 3.25 -17.75
CA ALA A 70 -0.60 2.30 -18.71
C ALA A 70 -0.34 0.93 -18.09
N ASN A 71 0.15 0.93 -16.86
CA ASN A 71 0.46 -0.33 -16.19
C ASN A 71 -0.78 -1.20 -16.06
N ILE A 72 -1.90 -0.60 -15.64
CA ILE A 72 -3.13 -1.34 -15.47
C ILE A 72 -3.47 -2.12 -16.76
N GLU A 73 -3.42 -1.44 -17.90
CA GLU A 73 -3.72 -2.10 -19.17
C GLU A 73 -2.71 -3.21 -19.45
N LYS A 74 -1.44 -2.92 -19.18
CA LYS A 74 -0.38 -3.89 -19.43
C LYS A 74 -0.68 -5.19 -18.70
N ASN A 75 -1.24 -5.08 -17.51
CA ASN A 75 -1.57 -6.25 -16.71
C ASN A 75 -3.03 -6.67 -16.92
N GLY A 76 -3.73 -6.00 -17.83
CA GLY A 76 -5.12 -6.36 -18.13
C GLY A 76 -5.94 -6.54 -16.86
N VAL A 77 -5.75 -5.63 -15.91
CA VAL A 77 -6.48 -5.72 -14.65
C VAL A 77 -7.59 -4.69 -14.59
N THR A 78 -7.89 -4.05 -15.72
CA THR A 78 -8.96 -3.06 -15.75
C THR A 78 -10.24 -3.62 -15.18
N GLY A 79 -10.77 -2.97 -14.16
CA GLY A 79 -12.00 -3.43 -13.53
C GLY A 79 -11.72 -3.89 -12.11
N ARG A 80 -10.44 -4.03 -11.78
CA ARG A 80 -10.03 -4.45 -10.45
C ARG A 80 -9.02 -3.46 -9.90
N ALA A 81 -8.31 -2.77 -10.81
CA ALA A 81 -7.31 -1.81 -10.42
C ALA A 81 -7.57 -0.45 -11.07
N SER A 82 -7.48 0.60 -10.26
CA SER A 82 -7.72 1.95 -10.75
C SER A 82 -6.83 2.93 -10.00
N ILE A 83 -6.69 4.14 -10.53
CA ILE A 83 -5.88 5.15 -9.88
C ILE A 83 -6.64 6.47 -9.78
N VAL A 84 -6.52 7.12 -8.63
CA VAL A 84 -7.19 8.39 -8.38
C VAL A 84 -6.20 9.45 -7.91
N LYS A 85 -6.26 10.64 -8.51
CA LYS A 85 -5.35 11.70 -8.11
C LYS A 85 -5.99 12.56 -7.03
N GLY A 86 -5.17 13.10 -6.14
CA GLY A 86 -5.67 13.95 -5.06
C GLY A 86 -5.36 13.35 -3.69
N ASN A 87 -5.89 13.97 -2.65
CA ASN A 87 -5.66 13.50 -1.29
C ASN A 87 -6.69 12.44 -0.91
N PHE A 88 -6.50 11.80 0.24
CA PHE A 88 -7.44 10.79 0.70
C PHE A 88 -8.73 11.45 1.17
N PHE A 89 -8.74 12.77 1.17
CA PHE A 89 -9.91 13.53 1.54
C PHE A 89 -10.91 13.54 0.39
N GLU A 90 -10.37 13.70 -0.81
CA GLU A 90 -11.17 13.75 -2.02
C GLU A 90 -11.95 12.45 -2.21
N VAL A 91 -11.42 11.36 -1.66
CA VAL A 91 -12.07 10.06 -1.79
C VAL A 91 -12.29 9.44 -0.41
N ASP A 92 -13.19 8.47 -0.36
CA ASP A 92 -13.51 7.78 0.89
C ASP A 92 -12.91 6.38 0.88
N ILE A 93 -12.29 5.99 1.99
CA ILE A 93 -11.68 4.67 2.10
C ILE A 93 -12.25 3.88 3.28
N SER A 94 -13.31 4.40 3.88
CA SER A 94 -13.92 3.72 5.02
C SER A 94 -14.40 2.32 4.64
N GLU A 95 -14.80 2.16 3.39
CA GLU A 95 -15.28 0.86 2.93
C GLU A 95 -14.13 -0.12 2.73
N ALA A 96 -12.91 0.41 2.66
CA ALA A 96 -11.74 -0.43 2.46
C ALA A 96 -11.46 -1.34 3.65
N THR A 97 -11.24 -2.62 3.35
CA THR A 97 -10.95 -3.58 4.40
C THR A 97 -9.45 -3.71 4.61
N VAL A 98 -8.69 -3.56 3.52
CA VAL A 98 -7.25 -3.66 3.59
C VAL A 98 -6.59 -2.46 2.91
N VAL A 99 -5.66 -1.83 3.62
CA VAL A 99 -4.95 -0.69 3.07
C VAL A 99 -3.46 -0.80 3.39
N THR A 100 -2.63 -0.22 2.53
CA THR A 100 -1.18 -0.26 2.73
C THR A 100 -0.57 1.09 2.40
N MET A 101 0.51 1.43 3.11
CA MET A 101 1.19 2.70 2.90
C MET A 101 2.54 2.48 2.24
N PHE A 102 2.93 3.44 1.38
CA PHE A 102 4.19 3.35 0.66
C PHE A 102 5.10 4.52 1.05
N LEU A 103 6.41 4.29 0.99
CA LEU A 103 7.38 5.33 1.33
C LEU A 103 7.09 6.60 0.56
N LEU A 104 7.38 7.75 1.16
CA LEU A 104 7.14 9.04 0.54
C LEU A 104 5.71 9.48 0.77
N THR A 105 5.50 10.24 1.85
CA THR A 105 4.17 10.74 2.20
C THR A 105 4.14 12.25 2.13
N ASN A 106 3.15 12.79 1.42
CA ASN A 106 3.01 14.24 1.28
C ASN A 106 1.95 14.77 2.24
N VAL A 107 1.51 13.93 3.17
CA VAL A 107 0.49 14.34 4.13
C VAL A 107 1.14 14.97 5.36
N ASN A 108 0.81 16.23 5.59
CA ASN A 108 1.35 16.96 6.74
C ASN A 108 0.21 17.67 7.47
N GLU A 109 -1.01 17.22 7.22
CA GLU A 109 -2.19 17.82 7.84
C GLU A 109 -2.28 17.48 9.32
N MET A 110 -1.46 16.51 9.76
CA MET A 110 -1.48 16.09 11.15
C MET A 110 -2.87 15.61 11.49
N LEU A 111 -3.04 14.30 11.39
CA LEU A 111 -4.33 13.67 11.68
C LEU A 111 -4.23 12.17 11.43
N LYS A 112 -3.57 11.46 12.34
CA LYS A 112 -3.41 10.01 12.20
C LYS A 112 -4.62 9.27 12.75
N PRO A 113 -5.13 9.69 13.88
CA PRO A 113 -6.31 9.04 14.52
C PRO A 113 -7.54 9.02 13.61
N LYS A 114 -7.46 9.72 12.48
CA LYS A 114 -8.57 9.76 11.54
C LYS A 114 -8.94 8.37 11.06
N LEU A 115 -7.96 7.50 11.00
CA LEU A 115 -8.18 6.13 10.53
C LEU A 115 -9.20 5.43 11.42
N GLU A 116 -9.16 5.71 12.71
CA GLU A 116 -10.09 5.09 13.65
C GLU A 116 -11.52 5.51 13.35
N LYS A 117 -11.68 6.66 12.69
CA LYS A 117 -13.02 7.15 12.37
C LYS A 117 -13.37 6.82 10.92
N GLU A 118 -12.40 6.93 10.02
CA GLU A 118 -12.64 6.64 8.61
C GLU A 118 -12.77 5.14 8.38
N LEU A 119 -11.78 4.39 8.85
CA LEU A 119 -11.79 2.94 8.68
C LEU A 119 -12.57 2.28 9.81
N LYS A 120 -13.40 1.31 9.44
CA LYS A 120 -14.20 0.62 10.44
C LYS A 120 -13.36 -0.38 11.24
N PRO A 121 -13.76 -0.75 12.43
CA PRO A 121 -12.98 -1.74 13.24
C PRO A 121 -12.82 -3.08 12.52
N GLY A 122 -11.63 -3.66 12.63
CA GLY A 122 -11.36 -4.95 12.00
C GLY A 122 -10.64 -4.77 10.67
N THR A 123 -10.51 -3.53 10.24
CA THR A 123 -9.81 -3.24 9.00
C THR A 123 -8.31 -3.47 9.19
N ARG A 124 -7.62 -3.90 8.14
CA ARG A 124 -6.19 -4.17 8.23
C ARG A 124 -5.38 -3.08 7.53
N VAL A 125 -4.37 -2.58 8.23
CA VAL A 125 -3.49 -1.54 7.67
C VAL A 125 -2.04 -2.03 7.71
N VAL A 126 -1.33 -1.90 6.59
CA VAL A 126 0.06 -2.34 6.53
C VAL A 126 1.00 -1.19 6.20
N SER A 127 1.99 -0.96 7.05
CA SER A 127 2.94 0.12 6.81
C SER A 127 4.20 -0.43 6.14
N HIS A 128 4.84 0.39 5.31
CA HIS A 128 6.04 -0.03 4.61
C HIS A 128 7.13 -0.44 5.59
N GLU A 129 8.09 0.45 5.83
CA GLU A 129 9.20 0.16 6.74
C GLU A 129 9.04 0.93 8.04
N PHE A 130 8.36 2.06 7.98
CA PHE A 130 8.18 2.89 9.17
C PHE A 130 6.95 2.46 9.96
N GLU A 131 7.15 2.24 11.26
CA GLU A 131 6.07 1.83 12.14
C GLU A 131 5.22 3.04 12.53
N ILE A 132 4.02 2.77 13.05
CA ILE A 132 3.13 3.86 13.45
C ILE A 132 3.26 4.10 14.95
N ARG A 133 3.76 5.27 15.32
CA ARG A 133 3.92 5.60 16.73
C ARG A 133 2.54 5.75 17.38
N GLY A 134 2.51 5.54 18.69
CA GLY A 134 1.27 5.66 19.44
C GLY A 134 0.40 4.43 19.22
N TRP A 135 0.61 3.75 18.10
CA TRP A 135 -0.17 2.57 17.77
C TRP A 135 0.60 1.29 18.10
N ASN A 136 -0.14 0.25 18.47
CA ASN A 136 0.46 -1.04 18.80
C ASN A 136 0.20 -2.03 17.66
N PRO A 137 1.22 -2.51 16.96
CA PRO A 137 1.00 -3.46 15.82
C PRO A 137 0.59 -4.83 16.30
N LYS A 138 -0.17 -5.54 15.46
CA LYS A 138 -0.62 -6.88 15.81
C LYS A 138 0.45 -7.91 15.44
N GLU A 139 0.94 -7.83 14.22
CA GLU A 139 1.97 -8.75 13.74
C GLU A 139 3.10 -7.97 13.07
N VAL A 140 4.33 -8.19 13.55
CA VAL A 140 5.49 -7.50 12.99
C VAL A 140 6.55 -8.52 12.58
N ILE A 141 6.98 -8.47 11.33
CA ILE A 141 8.00 -9.41 10.85
C ILE A 141 9.00 -8.73 9.91
N LYS A 142 10.13 -9.38 9.73
CA LYS A 142 11.19 -8.87 8.87
C LYS A 142 11.51 -9.84 7.74
N VAL A 143 11.94 -9.28 6.61
CA VAL A 143 12.30 -10.05 5.44
C VAL A 143 13.73 -9.73 5.05
N GLU A 144 14.56 -10.76 4.91
CA GLU A 144 15.95 -10.57 4.56
C GLU A 144 16.24 -11.14 3.17
N ASP A 145 16.77 -10.29 2.30
CA ASP A 145 17.11 -10.70 0.94
C ASP A 145 18.30 -9.88 0.47
N GLY A 146 19.04 -10.38 -0.50
CA GLY A 146 20.19 -9.64 -1.00
C GLY A 146 21.06 -9.17 0.15
N ASN A 147 21.43 -7.90 0.13
CA ASN A 147 22.25 -7.32 1.19
C ASN A 147 21.43 -6.33 2.01
N MET A 148 20.11 -6.44 1.95
CA MET A 148 19.24 -5.54 2.70
C MET A 148 18.03 -6.29 3.26
N ASN A 149 17.43 -5.74 4.31
CA ASN A 149 16.25 -6.33 4.93
C ASN A 149 15.10 -5.34 4.93
N HIS A 150 13.91 -5.86 5.20
CA HIS A 150 12.71 -5.02 5.22
C HIS A 150 11.82 -5.42 6.39
N THR A 151 11.08 -4.45 6.92
CA THR A 151 10.18 -4.70 8.04
C THR A 151 8.78 -4.26 7.66
N VAL A 152 7.78 -5.04 8.07
CA VAL A 152 6.39 -4.72 7.76
C VAL A 152 5.55 -4.76 9.03
N TYR A 153 4.77 -3.71 9.24
CA TYR A 153 3.91 -3.64 10.42
C TYR A 153 2.45 -3.80 10.02
N LEU A 154 1.75 -4.65 10.75
CA LEU A 154 0.35 -4.90 10.49
C LEU A 154 -0.48 -4.42 11.67
N TYR A 155 -1.44 -3.53 11.41
CA TYR A 155 -2.29 -3.00 12.46
C TYR A 155 -3.74 -3.37 12.22
N VAL A 156 -4.53 -3.31 13.28
CA VAL A 156 -5.96 -3.61 13.18
C VAL A 156 -6.78 -2.49 13.79
N ILE A 157 -7.72 -1.98 13.02
CA ILE A 157 -8.57 -0.89 13.49
C ILE A 157 -9.51 -1.39 14.59
N GLY A 158 -9.59 -0.62 15.67
CA GLY A 158 -10.44 -0.97 16.80
C GLY A 158 -9.59 -1.04 18.07
N GLU A 159 -8.42 -1.65 17.95
CA GLU A 159 -7.50 -1.78 19.09
C GLU A 159 -6.10 -1.37 18.66
N HIS A 160 -5.38 -0.70 19.56
CA HIS A 160 -4.04 -0.25 19.24
C HIS A 160 -3.27 0.15 20.48
N LYS A 161 -3.06 1.46 20.65
CA LYS A 161 -2.31 1.97 21.80
C LYS A 161 -2.65 1.18 23.07
N ALA A 162 -3.92 1.18 23.45
CA ALA A 162 -4.35 0.46 24.64
C ALA A 162 -5.87 0.27 24.64
N MET A 1 30.39 1.37 -26.50
CA MET A 1 30.80 2.55 -27.31
C MET A 1 31.11 3.71 -26.38
N SER A 2 30.40 3.77 -25.26
CA SER A 2 30.61 4.85 -24.29
C SER A 2 30.20 4.39 -22.90
N TYR A 3 30.66 5.12 -21.88
CA TYR A 3 30.35 4.78 -20.49
C TYR A 3 29.70 5.97 -19.79
N VAL A 4 28.53 5.75 -19.22
CA VAL A 4 27.82 6.80 -18.50
C VAL A 4 27.30 6.27 -17.17
N PRO A 5 27.19 7.11 -16.15
CA PRO A 5 26.68 6.68 -14.81
C PRO A 5 25.20 6.36 -14.83
N HIS A 6 24.77 5.43 -13.99
CA HIS A 6 23.37 5.05 -13.92
C HIS A 6 23.01 4.54 -12.52
N VAL A 7 22.41 5.42 -11.71
CA VAL A 7 22.03 5.05 -10.36
C VAL A 7 20.68 5.68 -9.98
N PRO A 8 19.66 5.40 -10.73
CA PRO A 8 18.29 5.93 -10.48
C PRO A 8 17.61 5.26 -9.29
N TYR A 9 16.57 5.90 -8.77
CA TYR A 9 15.83 5.35 -7.63
C TYR A 9 15.34 3.95 -7.97
N VAL A 10 15.44 3.04 -6.99
CA VAL A 10 15.00 1.66 -7.19
C VAL A 10 13.85 1.32 -6.22
N PRO A 11 12.65 1.03 -6.70
CA PRO A 11 11.51 0.70 -5.80
C PRO A 11 11.64 -0.71 -5.23
N THR A 12 10.94 -0.97 -4.12
CA THR A 12 10.99 -2.28 -3.48
C THR A 12 10.49 -3.36 -4.44
N PRO A 13 11.00 -4.57 -4.32
CA PRO A 13 10.57 -5.69 -5.22
C PRO A 13 9.14 -6.16 -4.94
N GLU A 14 8.60 -6.92 -5.89
CA GLU A 14 7.24 -7.45 -5.77
C GLU A 14 7.10 -8.32 -4.53
N LYS A 15 8.20 -8.92 -4.10
CA LYS A 15 8.18 -9.80 -2.92
C LYS A 15 7.69 -9.02 -1.69
N VAL A 16 8.14 -7.77 -1.56
CA VAL A 16 7.73 -6.95 -0.43
C VAL A 16 6.22 -6.73 -0.46
N VAL A 17 5.70 -6.39 -1.64
CA VAL A 17 4.27 -6.16 -1.79
C VAL A 17 3.50 -7.45 -1.53
N ARG A 18 4.06 -8.56 -2.01
CA ARG A 18 3.43 -9.86 -1.83
C ARG A 18 3.25 -10.20 -0.35
N ARG A 19 4.27 -9.91 0.46
CA ARG A 19 4.18 -10.19 1.90
C ARG A 19 3.13 -9.32 2.56
N MET A 20 3.05 -8.07 2.14
CA MET A 20 2.09 -7.12 2.69
C MET A 20 0.66 -7.57 2.43
N LEU A 21 0.45 -8.16 1.27
CA LEU A 21 -0.86 -8.64 0.88
C LEU A 21 -1.26 -9.89 1.70
N GLU A 22 -0.32 -10.80 1.93
CA GLU A 22 -0.61 -12.02 2.66
C GLU A 22 -0.97 -11.74 4.12
N ILE A 23 -0.21 -10.87 4.75
CA ILE A 23 -0.46 -10.54 6.15
C ILE A 23 -1.78 -9.81 6.31
N ALA A 24 -2.10 -8.97 5.35
CA ALA A 24 -3.33 -8.21 5.40
C ALA A 24 -4.52 -9.16 5.23
N LYS A 25 -4.21 -10.40 4.86
CA LYS A 25 -5.24 -11.43 4.64
C LYS A 25 -6.20 -11.00 3.54
N VAL A 26 -5.67 -10.29 2.56
CA VAL A 26 -6.50 -9.83 1.45
C VAL A 26 -6.99 -11.02 0.63
N SER A 27 -8.31 -11.10 0.48
CA SER A 27 -8.91 -12.19 -0.29
C SER A 27 -9.59 -11.63 -1.53
N GLN A 28 -10.07 -12.52 -2.39
CA GLN A 28 -10.72 -12.11 -3.62
C GLN A 28 -11.97 -11.28 -3.33
N ASP A 29 -12.52 -11.42 -2.13
CA ASP A 29 -13.71 -10.67 -1.75
C ASP A 29 -13.34 -9.41 -0.97
N ASP A 30 -12.05 -9.13 -0.88
CA ASP A 30 -11.57 -7.95 -0.15
C ASP A 30 -11.01 -6.90 -1.09
N ILE A 31 -11.39 -5.64 -0.86
CA ILE A 31 -10.90 -4.54 -1.69
C ILE A 31 -9.55 -4.06 -1.17
N VAL A 32 -8.76 -3.46 -2.06
CA VAL A 32 -7.45 -2.94 -1.68
C VAL A 32 -7.31 -1.46 -2.04
N TYR A 33 -7.15 -0.64 -1.01
CA TYR A 33 -6.93 0.80 -1.19
C TYR A 33 -5.52 1.15 -0.71
N ALA A 34 -4.73 1.76 -1.58
CA ALA A 34 -3.37 2.13 -1.24
C ALA A 34 -2.94 3.42 -1.91
N LEU A 35 -2.04 4.15 -1.25
CA LEU A 35 -1.54 5.41 -1.80
C LEU A 35 -0.08 5.28 -2.20
N GLY A 36 0.44 4.06 -2.18
CA GLY A 36 1.82 3.80 -2.53
C GLY A 36 1.95 3.40 -3.99
N CYS A 37 0.87 3.58 -4.76
CA CYS A 37 0.87 3.22 -6.17
C CYS A 37 2.08 3.83 -6.89
N GLY A 38 1.83 4.88 -7.68
CA GLY A 38 2.91 5.52 -8.41
C GLY A 38 3.32 4.68 -9.62
N ASP A 39 2.54 3.64 -9.89
CA ASP A 39 2.80 2.73 -11.01
C ASP A 39 1.69 1.69 -11.12
N GLY A 40 1.00 1.45 -10.00
CA GLY A 40 -0.08 0.49 -9.98
C GLY A 40 0.42 -0.90 -9.62
N ARG A 41 1.73 -1.06 -9.48
CA ARG A 41 2.28 -2.37 -9.15
C ARG A 41 1.69 -2.85 -7.83
N ILE A 42 1.49 -1.93 -6.91
CA ILE A 42 0.94 -2.26 -5.60
C ILE A 42 -0.45 -2.89 -5.71
N ILE A 43 -1.32 -2.33 -6.56
CA ILE A 43 -2.67 -2.87 -6.72
C ILE A 43 -2.76 -3.93 -7.82
N ILE A 44 -1.92 -3.81 -8.84
CA ILE A 44 -1.91 -4.77 -9.94
C ILE A 44 -1.58 -6.18 -9.46
N THR A 45 -0.59 -6.30 -8.57
CA THR A 45 -0.20 -7.60 -8.06
C THR A 45 -1.34 -8.21 -7.25
N ALA A 46 -2.21 -7.34 -6.75
CA ALA A 46 -3.35 -7.79 -5.99
C ALA A 46 -4.39 -8.41 -6.93
N ALA A 47 -4.97 -7.58 -7.78
CA ALA A 47 -5.99 -8.06 -8.70
C ALA A 47 -5.45 -9.15 -9.61
N LYS A 48 -4.22 -9.00 -10.06
CA LYS A 48 -3.62 -9.99 -10.95
C LYS A 48 -3.49 -11.35 -10.25
N ASP A 49 -3.00 -11.34 -9.02
CA ASP A 49 -2.81 -12.59 -8.28
C ASP A 49 -3.87 -12.81 -7.20
N PHE A 50 -4.04 -11.84 -6.32
CA PHE A 50 -5.00 -11.96 -5.23
C PHE A 50 -6.44 -11.87 -5.72
N ASN A 51 -6.65 -11.55 -6.99
CA ASN A 51 -8.00 -11.47 -7.51
C ASN A 51 -8.90 -10.64 -6.61
N VAL A 52 -8.35 -9.59 -6.00
CA VAL A 52 -9.15 -8.76 -5.12
C VAL A 52 -10.51 -8.45 -5.73
N LYS A 53 -11.40 -7.96 -4.89
CA LYS A 53 -12.73 -7.58 -5.34
C LYS A 53 -12.62 -6.28 -6.13
N LYS A 54 -11.96 -5.31 -5.51
CA LYS A 54 -11.77 -4.01 -6.11
C LYS A 54 -10.43 -3.43 -5.65
N ALA A 55 -9.59 -3.05 -6.60
CA ALA A 55 -8.29 -2.49 -6.28
C ALA A 55 -8.20 -1.05 -6.76
N VAL A 56 -7.89 -0.16 -5.84
CA VAL A 56 -7.79 1.26 -6.15
C VAL A 56 -6.50 1.85 -5.61
N GLY A 57 -5.83 2.64 -6.44
CA GLY A 57 -4.59 3.30 -6.04
C GLY A 57 -4.78 4.81 -5.99
N VAL A 58 -4.28 5.42 -4.94
CA VAL A 58 -4.40 6.88 -4.79
C VAL A 58 -3.06 7.53 -5.08
N GLU A 59 -3.05 8.44 -6.03
CA GLU A 59 -1.82 9.12 -6.40
C GLU A 59 -2.09 10.27 -7.36
N ILE A 60 -1.29 11.32 -7.25
CA ILE A 60 -1.44 12.47 -8.13
C ILE A 60 -0.07 12.89 -8.66
N ASN A 61 0.10 12.79 -9.98
CA ASN A 61 1.37 13.16 -10.60
C ASN A 61 1.10 13.68 -12.01
N ASP A 62 2.17 13.97 -12.73
CA ASP A 62 2.04 14.48 -14.10
C ASP A 62 2.55 13.45 -15.11
N GLU A 63 3.87 13.26 -15.13
CA GLU A 63 4.47 12.31 -16.05
C GLU A 63 4.15 10.87 -15.67
N ARG A 64 4.14 10.59 -14.38
CA ARG A 64 3.86 9.25 -13.90
C ARG A 64 2.36 8.95 -13.88
N ILE A 65 1.54 9.97 -14.14
CA ILE A 65 0.10 9.77 -14.13
C ILE A 65 -0.32 8.83 -15.25
N ARG A 66 0.34 8.94 -16.40
CA ARG A 66 0.03 8.10 -17.54
C ARG A 66 0.69 6.74 -17.40
N GLU A 67 1.83 6.71 -16.70
CA GLU A 67 2.56 5.47 -16.53
C GLU A 67 1.72 4.43 -15.79
N ALA A 68 1.10 4.83 -14.68
CA ALA A 68 0.29 3.90 -13.89
C ALA A 68 -0.87 3.32 -14.68
N LEU A 69 -1.53 4.16 -15.47
CA LEU A 69 -2.64 3.69 -16.28
C LEU A 69 -2.18 2.63 -17.27
N ALA A 70 -1.00 2.85 -17.83
CA ALA A 70 -0.44 1.93 -18.81
C ALA A 70 -0.18 0.56 -18.21
N ASN A 71 0.29 0.51 -16.97
CA ASN A 71 0.59 -0.76 -16.34
C ASN A 71 -0.66 -1.64 -16.25
N ILE A 72 -1.79 -1.05 -15.87
CA ILE A 72 -3.01 -1.83 -15.73
C ILE A 72 -3.33 -2.58 -17.01
N GLU A 73 -3.28 -1.89 -18.15
CA GLU A 73 -3.56 -2.55 -19.42
C GLU A 73 -2.54 -3.63 -19.69
N LYS A 74 -1.28 -3.34 -19.38
CA LYS A 74 -0.19 -4.28 -19.60
C LYS A 74 -0.48 -5.59 -18.89
N ASN A 75 -1.03 -5.50 -17.69
CA ASN A 75 -1.34 -6.69 -16.90
C ASN A 75 -2.78 -7.15 -17.12
N GLY A 76 -3.51 -6.47 -18.01
CA GLY A 76 -4.88 -6.86 -18.33
C GLY A 76 -5.72 -7.07 -17.08
N VAL A 77 -5.59 -6.17 -16.11
CA VAL A 77 -6.35 -6.28 -14.86
C VAL A 77 -7.40 -5.20 -14.76
N THR A 78 -7.76 -4.56 -15.88
CA THR A 78 -8.75 -3.52 -15.84
C THR A 78 -9.99 -3.95 -15.07
N GLY A 79 -10.76 -2.96 -14.66
CA GLY A 79 -11.99 -3.22 -13.93
C GLY A 79 -11.71 -3.52 -12.47
N ARG A 80 -10.53 -4.06 -12.18
CA ARG A 80 -10.17 -4.40 -10.81
C ARG A 80 -9.15 -3.41 -10.26
N ALA A 81 -8.40 -2.79 -11.18
CA ALA A 81 -7.38 -1.83 -10.79
C ALA A 81 -7.70 -0.45 -11.36
N SER A 82 -7.67 0.55 -10.48
CA SER A 82 -7.96 1.91 -10.90
C SER A 82 -7.05 2.88 -10.16
N ILE A 83 -6.92 4.08 -10.72
CA ILE A 83 -6.11 5.12 -10.10
C ILE A 83 -6.92 6.40 -9.96
N VAL A 84 -6.79 7.07 -8.83
CA VAL A 84 -7.53 8.30 -8.58
C VAL A 84 -6.59 9.44 -8.19
N LYS A 85 -6.75 10.57 -8.87
CA LYS A 85 -5.92 11.74 -8.57
C LYS A 85 -6.66 12.68 -7.63
N GLY A 86 -5.90 13.45 -6.88
CA GLY A 86 -6.49 14.38 -5.93
C GLY A 86 -5.84 14.21 -4.56
N ASN A 87 -6.50 14.72 -3.52
CA ASN A 87 -5.96 14.61 -2.17
C ASN A 87 -6.62 13.45 -1.43
N PHE A 88 -5.79 12.55 -0.91
CA PHE A 88 -6.29 11.39 -0.18
C PHE A 88 -7.28 11.80 0.90
N PHE A 89 -7.13 13.03 1.39
CA PHE A 89 -8.03 13.55 2.41
C PHE A 89 -9.46 13.57 1.88
N GLU A 90 -9.60 14.13 0.68
CA GLU A 90 -10.90 14.24 0.03
C GLU A 90 -11.47 12.85 -0.28
N VAL A 91 -10.59 11.93 -0.69
CA VAL A 91 -11.01 10.57 -1.02
C VAL A 91 -11.42 9.82 0.24
N ASP A 92 -12.59 9.18 0.19
CA ASP A 92 -13.08 8.42 1.33
C ASP A 92 -12.64 6.97 1.21
N ILE A 93 -12.05 6.44 2.30
CA ILE A 93 -11.57 5.06 2.30
C ILE A 93 -12.19 4.27 3.44
N SER A 94 -13.24 4.80 4.06
CA SER A 94 -13.89 4.09 5.17
C SER A 94 -14.37 2.71 4.74
N GLU A 95 -14.78 2.60 3.49
CA GLU A 95 -15.28 1.33 2.97
C GLU A 95 -14.16 0.32 2.75
N ALA A 96 -12.92 0.81 2.73
CA ALA A 96 -11.78 -0.08 2.49
C ALA A 96 -11.57 -1.06 3.64
N THR A 97 -11.41 -2.34 3.30
CA THR A 97 -11.20 -3.36 4.32
C THR A 97 -9.70 -3.61 4.52
N VAL A 98 -8.94 -3.43 3.45
CA VAL A 98 -7.50 -3.63 3.50
C VAL A 98 -6.79 -2.38 2.98
N VAL A 99 -5.89 -1.83 3.79
CA VAL A 99 -5.16 -0.63 3.40
C VAL A 99 -3.68 -0.71 3.80
N THR A 100 -2.85 -0.03 3.04
CA THR A 100 -1.42 0.01 3.31
C THR A 100 -0.95 1.46 3.32
N MET A 101 0.05 1.75 4.14
CA MET A 101 0.57 3.11 4.25
C MET A 101 2.00 3.19 3.75
N PHE A 102 2.24 4.07 2.78
CA PHE A 102 3.57 4.26 2.23
C PHE A 102 3.87 5.74 2.07
N LEU A 103 4.80 6.24 2.88
CA LEU A 103 5.18 7.65 2.82
C LEU A 103 6.68 7.81 2.98
N LEU A 104 7.27 8.64 2.13
CA LEU A 104 8.71 8.88 2.19
C LEU A 104 9.08 9.49 3.53
N THR A 105 8.29 10.47 3.97
CA THR A 105 8.55 11.15 5.24
C THR A 105 7.24 11.62 5.86
N ASN A 106 7.27 11.88 7.17
CA ASN A 106 6.09 12.35 7.87
C ASN A 106 5.99 13.88 7.83
N VAL A 107 5.16 14.37 6.92
CA VAL A 107 4.98 15.81 6.76
C VAL A 107 4.20 16.41 7.93
N ASN A 108 3.27 15.62 8.47
CA ASN A 108 2.45 16.09 9.59
C ASN A 108 2.64 15.21 10.82
N GLU A 109 1.60 15.08 11.64
CA GLU A 109 1.68 14.26 12.84
C GLU A 109 2.04 12.83 12.49
N MET A 110 2.77 12.17 13.38
CA MET A 110 3.16 10.78 13.16
C MET A 110 1.94 9.87 13.32
N LEU A 111 1.10 10.19 14.30
CA LEU A 111 -0.08 9.40 14.60
C LEU A 111 -1.24 9.76 13.66
N LYS A 112 -2.07 8.76 13.36
CA LYS A 112 -3.21 8.95 12.48
C LYS A 112 -4.48 8.38 13.13
N PRO A 113 -5.00 9.02 14.15
CA PRO A 113 -6.23 8.54 14.86
C PRO A 113 -7.48 8.67 13.98
N LYS A 114 -7.35 9.42 12.90
CA LYS A 114 -8.46 9.61 11.98
C LYS A 114 -8.92 8.27 11.41
N LEU A 115 -7.97 7.37 11.22
CA LEU A 115 -8.29 6.05 10.67
C LEU A 115 -9.28 5.32 11.57
N GLU A 116 -9.15 5.52 12.87
CA GLU A 116 -10.06 4.87 13.81
C GLU A 116 -11.50 5.34 13.58
N LYS A 117 -11.66 6.53 13.01
CA LYS A 117 -12.98 7.06 12.74
C LYS A 117 -13.41 6.80 11.29
N GLU A 118 -12.45 6.93 10.37
CA GLU A 118 -12.73 6.73 8.96
C GLU A 118 -12.84 5.24 8.62
N LEU A 119 -11.82 4.48 9.00
CA LEU A 119 -11.82 3.04 8.75
C LEU A 119 -12.62 2.33 9.84
N LYS A 120 -13.51 1.44 9.45
CA LYS A 120 -14.34 0.74 10.42
C LYS A 120 -13.52 -0.33 11.15
N PRO A 121 -13.87 -0.67 12.38
CA PRO A 121 -13.11 -1.70 13.14
C PRO A 121 -12.99 -3.01 12.35
N GLY A 122 -11.80 -3.60 12.40
CA GLY A 122 -11.57 -4.86 11.70
C GLY A 122 -10.83 -4.63 10.39
N THR A 123 -10.59 -3.37 10.05
CA THR A 123 -9.86 -3.06 8.83
C THR A 123 -8.40 -3.44 8.98
N ARG A 124 -7.77 -3.88 7.89
CA ARG A 124 -6.36 -4.29 7.95
C ARG A 124 -5.47 -3.14 7.51
N VAL A 125 -4.52 -2.77 8.37
CA VAL A 125 -3.60 -1.68 8.03
C VAL A 125 -2.16 -2.18 8.08
N VAL A 126 -1.45 -1.96 6.98
CA VAL A 126 -0.05 -2.38 6.89
C VAL A 126 0.86 -1.19 6.64
N SER A 127 1.82 -0.96 7.52
CA SER A 127 2.74 0.16 7.35
C SER A 127 3.97 -0.29 6.55
N HIS A 128 4.67 0.68 5.95
CA HIS A 128 5.85 0.36 5.16
C HIS A 128 7.01 -0.10 6.04
N GLU A 129 7.98 0.79 6.25
CA GLU A 129 9.15 0.46 7.06
C GLU A 129 9.03 1.09 8.45
N PHE A 130 8.48 2.30 8.52
CA PHE A 130 8.34 2.98 9.79
C PHE A 130 7.17 2.42 10.60
N GLU A 131 7.39 2.28 11.91
CA GLU A 131 6.35 1.77 12.80
C GLU A 131 5.41 2.88 13.21
N ILE A 132 4.24 2.51 13.73
CA ILE A 132 3.26 3.50 14.16
C ILE A 132 3.45 3.79 15.65
N ARG A 133 3.78 5.04 15.97
CA ARG A 133 3.96 5.42 17.36
C ARG A 133 2.61 5.64 18.03
N GLY A 134 2.52 5.28 19.31
CA GLY A 134 1.27 5.45 20.04
C GLY A 134 0.36 4.24 19.86
N TRP A 135 0.60 3.49 18.78
CA TRP A 135 -0.20 2.31 18.48
C TRP A 135 0.61 1.05 18.71
N ASN A 136 -0.09 -0.04 19.02
CA ASN A 136 0.57 -1.32 19.27
C ASN A 136 0.33 -2.26 18.08
N PRO A 137 1.36 -2.70 17.38
CA PRO A 137 1.17 -3.60 16.20
C PRO A 137 0.72 -5.00 16.63
N LYS A 138 -0.07 -5.65 15.79
CA LYS A 138 -0.55 -6.99 16.09
C LYS A 138 0.51 -8.01 15.70
N GLU A 139 1.03 -7.87 14.48
CA GLU A 139 2.05 -8.79 13.97
C GLU A 139 3.07 -8.03 13.12
N VAL A 140 4.35 -8.24 13.41
CA VAL A 140 5.41 -7.58 12.65
C VAL A 140 6.57 -8.53 12.43
N ILE A 141 7.09 -8.54 11.20
CA ILE A 141 8.21 -9.40 10.86
C ILE A 141 9.18 -8.69 9.94
N LYS A 142 10.36 -9.28 9.75
CA LYS A 142 11.37 -8.69 8.88
C LYS A 142 11.72 -9.63 7.73
N VAL A 143 12.13 -9.03 6.62
CA VAL A 143 12.49 -9.78 5.43
C VAL A 143 13.88 -9.35 4.97
N GLU A 144 14.75 -10.32 4.75
CA GLU A 144 16.10 -10.04 4.30
C GLU A 144 16.27 -10.50 2.86
N ASP A 145 16.59 -9.56 1.95
CA ASP A 145 16.76 -9.91 0.56
C ASP A 145 17.95 -9.16 -0.03
N GLY A 146 19.10 -9.82 -0.09
CA GLY A 146 20.31 -9.20 -0.63
C GLY A 146 21.17 -8.64 0.49
N ASN A 147 21.42 -7.33 0.44
CA ASN A 147 22.23 -6.67 1.45
C ASN A 147 21.40 -5.68 2.26
N MET A 148 20.07 -5.81 2.15
CA MET A 148 19.17 -4.93 2.88
C MET A 148 17.98 -5.71 3.42
N ASN A 149 17.33 -5.16 4.45
CA ASN A 149 16.18 -5.81 5.05
C ASN A 149 14.97 -4.89 5.06
N HIS A 150 13.81 -5.46 5.27
CA HIS A 150 12.57 -4.70 5.30
C HIS A 150 11.70 -5.16 6.46
N THR A 151 10.99 -4.22 7.07
CA THR A 151 10.11 -4.53 8.20
C THR A 151 8.69 -4.09 7.88
N VAL A 152 7.72 -4.90 8.26
CA VAL A 152 6.32 -4.57 7.99
C VAL A 152 5.47 -4.74 9.25
N TYR A 153 4.65 -3.73 9.54
CA TYR A 153 3.79 -3.79 10.72
C TYR A 153 2.35 -4.00 10.31
N LEU A 154 1.68 -4.92 10.98
CA LEU A 154 0.29 -5.23 10.71
C LEU A 154 -0.56 -4.86 11.91
N TYR A 155 -1.59 -4.06 11.69
CA TYR A 155 -2.44 -3.63 12.80
C TYR A 155 -3.90 -3.52 12.36
N VAL A 156 -4.79 -4.07 13.17
CA VAL A 156 -6.22 -4.03 12.86
C VAL A 156 -6.92 -2.92 13.65
N ILE A 157 -7.86 -2.24 12.98
CA ILE A 157 -8.60 -1.15 13.60
C ILE A 157 -9.61 -1.68 14.61
N GLY A 158 -9.65 -1.07 15.79
CA GLY A 158 -10.58 -1.49 16.83
C GLY A 158 -9.97 -1.32 18.23
N GLU A 159 -8.65 -1.47 18.32
CA GLU A 159 -7.96 -1.32 19.60
C GLU A 159 -6.59 -0.68 19.37
N HIS A 160 -6.48 0.63 19.62
CA HIS A 160 -5.22 1.33 19.42
C HIS A 160 -4.72 1.94 20.72
N LYS A 161 -3.54 1.52 21.16
CA LYS A 161 -2.94 2.04 22.39
C LYS A 161 -1.72 1.18 22.77
N ALA A 162 -0.95 1.65 23.74
CA ALA A 162 0.23 0.92 24.18
C ALA A 162 1.15 0.64 23.01
N MET A 1 25.68 13.28 -27.59
CA MET A 1 26.00 12.66 -26.28
C MET A 1 24.71 12.46 -25.48
N SER A 2 24.74 11.48 -24.58
CA SER A 2 23.57 11.17 -23.76
C SER A 2 23.95 11.19 -22.27
N TYR A 3 22.98 11.54 -21.43
CA TYR A 3 23.22 11.59 -19.99
C TYR A 3 22.48 10.46 -19.27
N VAL A 4 23.19 9.78 -18.37
CA VAL A 4 22.59 8.68 -17.63
C VAL A 4 21.58 9.22 -16.62
N PRO A 5 20.54 8.47 -16.30
CA PRO A 5 19.51 8.93 -15.32
C PRO A 5 20.05 8.98 -13.89
N HIS A 6 20.20 10.19 -13.38
CA HIS A 6 20.72 10.37 -12.02
C HIS A 6 19.71 9.85 -10.99
N VAL A 7 20.22 9.19 -9.96
CA VAL A 7 19.37 8.65 -8.90
C VAL A 7 18.21 7.85 -9.50
N PRO A 8 18.50 6.71 -10.06
CA PRO A 8 17.47 5.82 -10.66
C PRO A 8 16.37 5.43 -9.68
N TYR A 9 15.16 5.29 -10.18
CA TYR A 9 14.03 4.92 -9.34
C TYR A 9 13.58 3.50 -9.65
N VAL A 10 13.58 2.65 -8.64
CA VAL A 10 13.16 1.27 -8.81
C VAL A 10 12.21 0.87 -7.68
N PRO A 11 11.11 0.19 -7.98
CA PRO A 11 10.14 -0.24 -6.93
C PRO A 11 10.67 -1.44 -6.13
N THR A 12 10.08 -1.68 -4.96
CA THR A 12 10.52 -2.79 -4.13
C THR A 12 10.18 -4.13 -4.81
N PRO A 13 10.84 -5.22 -4.47
CA PRO A 13 10.55 -6.54 -5.10
C PRO A 13 9.09 -6.94 -4.90
N GLU A 14 8.54 -7.64 -5.90
CA GLU A 14 7.15 -8.08 -5.83
C GLU A 14 6.94 -8.97 -4.62
N LYS A 15 8.02 -9.59 -4.16
CA LYS A 15 7.93 -10.47 -3.00
C LYS A 15 7.45 -9.67 -1.78
N VAL A 16 7.94 -8.43 -1.66
CA VAL A 16 7.57 -7.59 -0.53
C VAL A 16 6.07 -7.31 -0.49
N VAL A 17 5.47 -6.95 -1.63
CA VAL A 17 4.04 -6.66 -1.65
C VAL A 17 3.23 -7.94 -1.44
N ARG A 18 3.80 -9.07 -1.87
CA ARG A 18 3.12 -10.34 -1.72
C ARG A 18 2.90 -10.68 -0.24
N ARG A 19 3.89 -10.40 0.61
CA ARG A 19 3.76 -10.68 2.03
C ARG A 19 2.75 -9.76 2.71
N MET A 20 2.74 -8.49 2.33
CA MET A 20 1.83 -7.52 2.92
C MET A 20 0.38 -7.87 2.60
N LEU A 21 0.17 -8.42 1.41
CA LEU A 21 -1.17 -8.82 0.98
C LEU A 21 -1.66 -10.04 1.77
N GLU A 22 -0.78 -11.01 2.01
CA GLU A 22 -1.17 -12.23 2.74
C GLU A 22 -1.60 -11.92 4.17
N ILE A 23 -0.84 -11.07 4.83
CA ILE A 23 -1.14 -10.72 6.22
C ILE A 23 -2.36 -9.81 6.32
N ALA A 24 -2.55 -8.98 5.30
CA ALA A 24 -3.68 -8.06 5.29
C ALA A 24 -4.93 -8.78 4.80
N LYS A 25 -4.99 -10.07 5.10
CA LYS A 25 -6.13 -10.91 4.75
C LYS A 25 -6.85 -10.41 3.49
N VAL A 26 -6.14 -10.39 2.38
CA VAL A 26 -6.74 -9.93 1.12
C VAL A 26 -7.33 -11.11 0.37
N SER A 27 -8.67 -11.13 0.27
CA SER A 27 -9.37 -12.19 -0.41
C SER A 27 -10.03 -11.65 -1.67
N GLN A 28 -10.46 -12.55 -2.56
CA GLN A 28 -11.09 -12.14 -3.81
C GLN A 28 -12.35 -11.32 -3.53
N ASP A 29 -12.89 -11.44 -2.32
CA ASP A 29 -14.08 -10.70 -1.95
C ASP A 29 -13.73 -9.43 -1.16
N ASP A 30 -12.43 -9.19 -0.99
CA ASP A 30 -11.97 -8.02 -0.25
C ASP A 30 -11.35 -6.97 -1.17
N ILE A 31 -11.64 -5.70 -0.92
CA ILE A 31 -11.10 -4.63 -1.74
C ILE A 31 -9.76 -4.16 -1.19
N VAL A 32 -8.94 -3.60 -2.07
CA VAL A 32 -7.63 -3.10 -1.68
C VAL A 32 -7.48 -1.62 -2.06
N TYR A 33 -7.28 -0.78 -1.06
CA TYR A 33 -7.08 0.66 -1.29
C TYR A 33 -5.67 1.05 -0.85
N ALA A 34 -4.76 1.15 -1.80
CA ALA A 34 -3.38 1.51 -1.48
C ALA A 34 -3.19 3.01 -1.61
N LEU A 35 -2.78 3.63 -0.52
CA LEU A 35 -2.57 5.08 -0.49
C LEU A 35 -1.46 5.54 -1.45
N GLY A 36 -0.40 4.74 -1.60
CA GLY A 36 0.70 5.14 -2.49
C GLY A 36 1.16 3.99 -3.39
N CYS A 37 0.68 3.98 -4.63
CA CYS A 37 1.08 2.94 -5.57
C CYS A 37 2.38 3.31 -6.28
N GLY A 38 2.38 4.45 -6.96
CA GLY A 38 3.57 4.90 -7.66
C GLY A 38 3.75 4.19 -9.01
N ASP A 39 2.72 3.46 -9.43
CA ASP A 39 2.78 2.74 -10.71
C ASP A 39 1.66 1.71 -10.83
N GLY A 40 1.01 1.42 -9.71
CA GLY A 40 -0.08 0.45 -9.70
C GLY A 40 0.42 -0.95 -9.39
N ARG A 41 1.73 -1.11 -9.32
CA ARG A 41 2.31 -2.42 -9.02
C ARG A 41 1.75 -2.93 -7.69
N ILE A 42 1.40 -2.00 -6.82
CA ILE A 42 0.87 -2.34 -5.51
C ILE A 42 -0.51 -3.02 -5.62
N ILE A 43 -1.38 -2.48 -6.48
CA ILE A 43 -2.72 -3.03 -6.65
C ILE A 43 -2.79 -4.06 -7.77
N ILE A 44 -1.92 -3.93 -8.76
CA ILE A 44 -1.90 -4.86 -9.89
C ILE A 44 -1.58 -6.28 -9.43
N THR A 45 -0.63 -6.41 -8.52
CA THR A 45 -0.27 -7.73 -8.00
C THR A 45 -1.43 -8.32 -7.22
N ALA A 46 -2.31 -7.45 -6.75
CA ALA A 46 -3.47 -7.89 -6.01
C ALA A 46 -4.49 -8.50 -6.96
N ALA A 47 -5.07 -7.67 -7.80
CA ALA A 47 -6.08 -8.13 -8.74
C ALA A 47 -5.53 -9.21 -9.67
N LYS A 48 -4.29 -9.05 -10.08
CA LYS A 48 -3.67 -10.03 -10.97
C LYS A 48 -3.55 -11.39 -10.30
N ASP A 49 -3.09 -11.41 -9.06
CA ASP A 49 -2.92 -12.68 -8.33
C ASP A 49 -3.97 -12.91 -7.26
N PHE A 50 -4.14 -11.93 -6.36
CA PHE A 50 -5.11 -12.07 -5.28
C PHE A 50 -6.54 -12.02 -5.79
N ASN A 51 -6.74 -11.70 -7.06
CA ASN A 51 -8.08 -11.66 -7.62
C ASN A 51 -9.00 -10.80 -6.76
N VAL A 52 -8.44 -9.77 -6.12
CA VAL A 52 -9.23 -8.91 -5.27
C VAL A 52 -10.56 -8.58 -5.92
N LYS A 53 -11.47 -8.07 -5.12
CA LYS A 53 -12.78 -7.68 -5.62
C LYS A 53 -12.65 -6.34 -6.33
N LYS A 54 -12.03 -5.40 -5.65
CA LYS A 54 -11.83 -4.07 -6.18
C LYS A 54 -10.49 -3.52 -5.68
N ALA A 55 -9.66 -3.02 -6.60
CA ALA A 55 -8.36 -2.49 -6.23
C ALA A 55 -8.22 -1.03 -6.68
N VAL A 56 -7.85 -0.17 -5.75
CA VAL A 56 -7.67 1.24 -6.06
C VAL A 56 -6.38 1.78 -5.45
N GLY A 57 -5.66 2.58 -6.24
CA GLY A 57 -4.41 3.17 -5.76
C GLY A 57 -4.52 4.69 -5.79
N VAL A 58 -4.12 5.33 -4.70
CA VAL A 58 -4.19 6.79 -4.64
C VAL A 58 -2.85 7.38 -5.04
N GLU A 59 -2.86 8.22 -6.06
CA GLU A 59 -1.63 8.85 -6.53
C GLU A 59 -1.94 10.05 -7.40
N ILE A 60 -1.16 11.11 -7.22
CA ILE A 60 -1.34 12.32 -8.00
C ILE A 60 0.02 12.78 -8.51
N ASN A 61 0.21 12.75 -9.82
CA ASN A 61 1.46 13.15 -10.43
C ASN A 61 1.19 13.72 -11.82
N ASP A 62 2.26 14.02 -12.55
CA ASP A 62 2.12 14.56 -13.90
C ASP A 62 2.66 13.59 -14.93
N GLU A 63 3.98 13.42 -14.95
CA GLU A 63 4.61 12.50 -15.89
C GLU A 63 4.34 11.05 -15.52
N ARG A 64 4.36 10.78 -14.22
CA ARG A 64 4.15 9.43 -13.73
C ARG A 64 2.66 9.07 -13.67
N ILE A 65 1.80 10.05 -13.90
CA ILE A 65 0.37 9.78 -13.85
C ILE A 65 -0.04 8.81 -14.95
N ARG A 66 0.58 8.96 -16.12
CA ARG A 66 0.28 8.11 -17.25
C ARG A 66 0.95 6.76 -17.11
N GLU A 67 2.06 6.72 -16.38
CA GLU A 67 2.78 5.47 -16.20
C GLU A 67 1.92 4.43 -15.50
N ALA A 68 1.29 4.81 -14.39
CA ALA A 68 0.46 3.88 -13.65
C ALA A 68 -0.71 3.37 -14.47
N LEU A 69 -1.33 4.25 -15.26
CA LEU A 69 -2.44 3.84 -16.10
C LEU A 69 -2.00 2.78 -17.10
N ALA A 70 -0.81 2.99 -17.65
CA ALA A 70 -0.26 2.06 -18.63
C ALA A 70 -0.02 0.68 -18.04
N ASN A 71 0.43 0.63 -16.80
CA ASN A 71 0.71 -0.65 -16.17
C ASN A 71 -0.54 -1.52 -16.09
N ILE A 72 -1.67 -0.93 -15.71
CA ILE A 72 -2.90 -1.70 -15.58
C ILE A 72 -3.24 -2.40 -16.89
N GLU A 73 -3.16 -1.68 -18.01
CA GLU A 73 -3.46 -2.29 -19.30
C GLU A 73 -2.45 -3.40 -19.59
N LYS A 74 -1.19 -3.14 -19.27
CA LYS A 74 -0.13 -4.11 -19.53
C LYS A 74 -0.45 -5.43 -18.83
N ASN A 75 -1.00 -5.35 -17.63
CA ASN A 75 -1.34 -6.55 -16.88
C ASN A 75 -2.78 -6.97 -17.12
N GLY A 76 -3.47 -6.26 -18.02
CA GLY A 76 -4.85 -6.60 -18.36
C GLY A 76 -5.71 -6.81 -17.11
N VAL A 77 -5.56 -5.96 -16.11
CA VAL A 77 -6.33 -6.08 -14.87
C VAL A 77 -7.36 -4.97 -14.76
N THR A 78 -7.66 -4.28 -15.86
CA THR A 78 -8.64 -3.21 -15.81
C THR A 78 -9.88 -3.63 -15.05
N GLY A 79 -10.65 -2.65 -14.65
CA GLY A 79 -11.89 -2.89 -13.94
C GLY A 79 -11.62 -3.25 -12.48
N ARG A 80 -10.52 -3.96 -12.22
CA ARG A 80 -10.19 -4.35 -10.86
C ARG A 80 -9.17 -3.39 -10.28
N ALA A 81 -8.41 -2.73 -11.15
CA ALA A 81 -7.39 -1.79 -10.72
C ALA A 81 -7.63 -0.42 -11.31
N SER A 82 -7.56 0.59 -10.44
CA SER A 82 -7.79 1.97 -10.88
C SER A 82 -6.92 2.93 -10.08
N ILE A 83 -6.78 4.14 -10.59
CA ILE A 83 -5.98 5.16 -9.92
C ILE A 83 -6.78 6.45 -9.78
N VAL A 84 -6.65 7.09 -8.62
CA VAL A 84 -7.37 8.33 -8.35
C VAL A 84 -6.42 9.45 -7.94
N LYS A 85 -6.54 10.60 -8.60
CA LYS A 85 -5.69 11.72 -8.27
C LYS A 85 -6.38 12.64 -7.27
N GLY A 86 -5.61 13.25 -6.40
CA GLY A 86 -6.15 14.14 -5.38
C GLY A 86 -5.51 13.87 -4.03
N ASN A 87 -6.09 14.45 -2.98
CA ASN A 87 -5.56 14.25 -1.64
C ASN A 87 -6.39 13.21 -0.89
N PHE A 88 -5.70 12.23 -0.31
CA PHE A 88 -6.39 11.16 0.42
C PHE A 88 -7.45 11.75 1.34
N PHE A 89 -7.25 12.99 1.74
CA PHE A 89 -8.22 13.66 2.60
C PHE A 89 -9.57 13.76 1.90
N GLU A 90 -9.52 14.22 0.65
CA GLU A 90 -10.72 14.40 -0.16
C GLU A 90 -11.44 13.07 -0.40
N VAL A 91 -10.69 12.02 -0.66
CA VAL A 91 -11.30 10.71 -0.93
C VAL A 91 -11.60 9.98 0.38
N ASP A 92 -12.63 9.14 0.34
CA ASP A 92 -13.04 8.37 1.51
C ASP A 92 -12.64 6.91 1.35
N ILE A 93 -12.07 6.33 2.41
CA ILE A 93 -11.64 4.94 2.38
C ILE A 93 -12.32 4.13 3.48
N SER A 94 -13.36 4.69 4.08
CA SER A 94 -14.05 3.99 5.17
C SER A 94 -14.60 2.65 4.69
N GLU A 95 -14.99 2.58 3.42
CA GLU A 95 -15.54 1.35 2.86
C GLU A 95 -14.42 0.34 2.63
N ALA A 96 -13.19 0.81 2.59
CA ALA A 96 -12.04 -0.06 2.35
C ALA A 96 -11.81 -1.00 3.52
N THR A 97 -11.54 -2.27 3.21
CA THR A 97 -11.29 -3.26 4.24
C THR A 97 -9.78 -3.45 4.44
N VAL A 98 -9.03 -3.27 3.37
CA VAL A 98 -7.58 -3.42 3.43
C VAL A 98 -6.88 -2.22 2.80
N VAL A 99 -5.94 -1.63 3.54
CA VAL A 99 -5.18 -0.49 3.03
C VAL A 99 -3.70 -0.66 3.34
N THR A 100 -2.86 -0.07 2.49
CA THR A 100 -1.42 -0.12 2.67
C THR A 100 -0.82 1.25 2.43
N MET A 101 0.41 1.47 2.91
CA MET A 101 1.07 2.76 2.74
C MET A 101 2.45 2.57 2.12
N PHE A 102 2.85 3.54 1.30
CA PHE A 102 4.15 3.49 0.63
C PHE A 102 4.80 4.87 0.71
N LEU A 103 6.07 4.91 1.10
CA LEU A 103 6.77 6.18 1.22
C LEU A 103 6.73 6.96 -0.09
N LEU A 104 6.25 8.20 -0.01
CA LEU A 104 6.15 9.06 -1.19
C LEU A 104 6.41 10.52 -0.79
N THR A 105 5.41 11.12 -0.15
CA THR A 105 5.50 12.50 0.29
C THR A 105 5.25 12.62 1.79
N ASN A 106 6.14 13.30 2.49
CA ASN A 106 6.01 13.47 3.93
C ASN A 106 4.85 14.42 4.25
N VAL A 107 4.22 14.21 5.40
CA VAL A 107 3.10 15.05 5.81
C VAL A 107 3.26 15.49 7.27
N ASN A 108 2.94 16.75 7.54
CA ASN A 108 3.06 17.29 8.90
C ASN A 108 2.16 16.53 9.86
N GLU A 109 0.95 16.20 9.40
CA GLU A 109 0.00 15.48 10.26
C GLU A 109 -0.25 14.08 9.71
N MET A 110 0.11 13.08 10.51
CA MET A 110 -0.10 11.68 10.12
C MET A 110 -1.57 11.34 10.16
N LEU A 111 -2.29 11.94 11.10
CA LEU A 111 -3.72 11.71 11.24
C LEU A 111 -4.02 10.23 11.43
N LYS A 112 -3.57 9.67 12.56
CA LYS A 112 -3.80 8.26 12.83
C LYS A 112 -5.16 8.04 13.50
N PRO A 113 -5.55 8.90 14.41
CA PRO A 113 -6.85 8.78 15.15
C PRO A 113 -8.05 8.75 14.21
N LYS A 114 -7.95 9.47 13.10
CA LYS A 114 -9.04 9.51 12.14
C LYS A 114 -9.32 8.12 11.57
N LEU A 115 -8.28 7.31 11.42
CA LEU A 115 -8.44 5.97 10.87
C LEU A 115 -9.42 5.16 11.73
N GLU A 116 -9.35 5.36 13.04
CA GLU A 116 -10.23 4.64 13.95
C GLU A 116 -11.69 4.99 13.71
N LYS A 117 -11.92 6.17 13.12
CA LYS A 117 -13.28 6.61 12.85
C LYS A 117 -13.65 6.38 11.39
N GLU A 118 -12.70 6.63 10.48
CA GLU A 118 -12.96 6.45 9.06
C GLU A 118 -13.05 4.97 8.73
N LEU A 119 -12.05 4.21 9.16
CA LEU A 119 -12.02 2.78 8.89
C LEU A 119 -12.81 2.04 9.95
N LYS A 120 -13.67 1.13 9.51
CA LYS A 120 -14.47 0.35 10.44
C LYS A 120 -13.58 -0.64 11.17
N PRO A 121 -13.92 -1.03 12.38
CA PRO A 121 -13.08 -1.99 13.15
C PRO A 121 -12.90 -3.29 12.39
N GLY A 122 -11.71 -3.86 12.49
CA GLY A 122 -11.41 -5.12 11.79
C GLY A 122 -10.66 -4.84 10.50
N THR A 123 -10.50 -3.57 10.16
CA THR A 123 -9.78 -3.19 8.95
C THR A 123 -8.29 -3.42 9.17
N ARG A 124 -7.57 -3.81 8.11
CA ARG A 124 -6.15 -4.06 8.23
C ARG A 124 -5.35 -2.94 7.59
N VAL A 125 -4.35 -2.46 8.31
CA VAL A 125 -3.49 -1.38 7.82
C VAL A 125 -2.03 -1.84 7.84
N VAL A 126 -1.35 -1.67 6.71
CA VAL A 126 0.04 -2.08 6.60
C VAL A 126 0.93 -0.89 6.29
N SER A 127 1.93 -0.64 7.14
CA SER A 127 2.83 0.49 6.91
C SER A 127 4.06 0.04 6.12
N HIS A 128 4.74 1.01 5.52
CA HIS A 128 5.92 0.71 4.72
C HIS A 128 7.08 0.25 5.61
N GLU A 129 8.05 1.14 5.82
CA GLU A 129 9.21 0.81 6.65
C GLU A 129 9.09 1.44 8.04
N PHE A 130 8.55 2.65 8.09
CA PHE A 130 8.40 3.37 9.35
C PHE A 130 7.27 2.78 10.18
N GLU A 131 7.45 2.77 11.50
CA GLU A 131 6.44 2.24 12.41
C GLU A 131 5.49 3.34 12.84
N ILE A 132 4.36 2.96 13.42
CA ILE A 132 3.38 3.93 13.88
C ILE A 132 3.60 4.21 15.36
N ARG A 133 4.00 5.43 15.69
CA ARG A 133 4.23 5.77 17.08
C ARG A 133 2.89 6.03 17.78
N GLY A 134 2.84 5.75 19.07
CA GLY A 134 1.62 5.98 19.83
C GLY A 134 0.66 4.81 19.66
N TRP A 135 0.90 3.99 18.64
CA TRP A 135 0.03 2.83 18.37
C TRP A 135 0.77 1.52 18.62
N ASN A 136 0.00 0.48 18.90
CA ASN A 136 0.57 -0.84 19.17
C ASN A 136 0.34 -1.77 17.97
N PRO A 137 1.36 -2.20 17.26
CA PRO A 137 1.18 -3.10 16.08
C PRO A 137 0.80 -4.51 16.50
N LYS A 138 0.06 -5.22 15.64
CA LYS A 138 -0.35 -6.58 15.95
C LYS A 138 0.71 -7.59 15.54
N GLU A 139 1.17 -7.48 14.30
CA GLU A 139 2.20 -8.38 13.78
C GLU A 139 3.29 -7.61 13.07
N VAL A 140 4.54 -7.82 13.51
CA VAL A 140 5.69 -7.13 12.91
C VAL A 140 6.77 -8.13 12.52
N ILE A 141 7.22 -8.07 11.27
CA ILE A 141 8.27 -8.98 10.81
C ILE A 141 9.27 -8.27 9.92
N LYS A 142 10.40 -8.93 9.72
CA LYS A 142 11.46 -8.38 8.89
C LYS A 142 11.88 -9.38 7.82
N VAL A 143 12.29 -8.84 6.69
CA VAL A 143 12.72 -9.65 5.56
C VAL A 143 14.10 -9.19 5.13
N GLU A 144 15.02 -10.11 4.97
CA GLU A 144 16.37 -9.76 4.53
C GLU A 144 16.56 -10.21 3.09
N ASP A 145 16.96 -9.28 2.23
CA ASP A 145 17.15 -9.59 0.83
C ASP A 145 18.62 -9.48 0.43
N GLY A 146 18.95 -10.20 -0.63
CA GLY A 146 20.31 -10.27 -1.16
C GLY A 146 20.97 -8.91 -1.29
N ASN A 147 20.27 -7.84 -0.95
CA ASN A 147 20.86 -6.51 -1.02
C ASN A 147 20.49 -5.69 0.21
N MET A 148 19.20 -5.67 0.53
CA MET A 148 18.71 -4.90 1.67
C MET A 148 17.55 -5.61 2.36
N ASN A 149 17.24 -5.16 3.58
CA ASN A 149 16.14 -5.74 4.34
C ASN A 149 14.97 -4.80 4.41
N HIS A 150 13.81 -5.36 4.72
CA HIS A 150 12.58 -4.58 4.81
C HIS A 150 11.76 -5.00 6.04
N THR A 151 11.15 -4.02 6.69
CA THR A 151 10.33 -4.28 7.87
C THR A 151 8.93 -3.75 7.59
N VAL A 152 7.91 -4.50 8.00
CA VAL A 152 6.53 -4.08 7.76
C VAL A 152 5.68 -4.23 9.01
N TYR A 153 4.87 -3.22 9.30
CA TYR A 153 4.01 -3.24 10.47
C TYR A 153 2.55 -3.46 10.07
N LEU A 154 1.90 -4.37 10.78
CA LEU A 154 0.51 -4.71 10.53
C LEU A 154 -0.34 -4.30 11.73
N TYR A 155 -1.43 -3.60 11.47
CA TYR A 155 -2.30 -3.14 12.56
C TYR A 155 -3.77 -3.27 12.19
N VAL A 156 -4.54 -3.83 13.11
CA VAL A 156 -5.99 -4.00 12.90
C VAL A 156 -6.76 -2.94 13.66
N ILE A 157 -7.70 -2.29 12.98
CA ILE A 157 -8.51 -1.25 13.60
C ILE A 157 -9.44 -1.86 14.64
N GLY A 158 -9.48 -1.26 15.82
CA GLY A 158 -10.35 -1.75 16.90
C GLY A 158 -9.63 -1.68 18.24
N GLU A 159 -8.34 -2.00 18.25
CA GLU A 159 -7.54 -1.94 19.47
C GLU A 159 -6.20 -1.28 19.18
N HIS A 160 -5.95 -0.15 19.85
CA HIS A 160 -4.70 0.59 19.65
C HIS A 160 -3.82 0.51 20.89
N LYS A 161 -3.11 1.60 21.17
CA LYS A 161 -2.19 1.65 22.32
C LYS A 161 -2.77 0.86 23.50
N ALA A 162 -4.00 1.14 23.86
CA ALA A 162 -4.64 0.45 24.97
C ALA A 162 -6.15 0.42 24.80
N MET A 1 41.24 9.78 -7.86
CA MET A 1 41.21 9.40 -9.30
C MET A 1 40.02 8.47 -9.55
N SER A 2 39.03 8.54 -8.67
CA SER A 2 37.85 7.69 -8.79
C SER A 2 36.57 8.53 -8.73
N TYR A 3 35.52 8.04 -9.38
CA TYR A 3 34.24 8.74 -9.40
C TYR A 3 33.22 8.03 -8.52
N VAL A 4 32.33 8.79 -7.92
CA VAL A 4 31.31 8.21 -7.05
C VAL A 4 30.37 7.30 -7.85
N PRO A 5 29.85 6.25 -7.25
CA PRO A 5 28.94 5.30 -7.96
C PRO A 5 27.57 5.93 -8.27
N HIS A 6 26.92 5.39 -9.29
CA HIS A 6 25.60 5.88 -9.69
C HIS A 6 24.55 4.81 -9.38
N VAL A 7 23.59 5.14 -8.53
CA VAL A 7 22.55 4.18 -8.15
C VAL A 7 21.15 4.77 -8.30
N PRO A 8 20.59 4.71 -9.47
CA PRO A 8 19.21 5.23 -9.75
C PRO A 8 18.19 4.58 -8.83
N TYR A 9 17.13 5.31 -8.51
CA TYR A 9 16.10 4.77 -7.62
C TYR A 9 15.61 3.42 -8.13
N VAL A 10 15.73 2.40 -7.29
CA VAL A 10 15.32 1.05 -7.66
C VAL A 10 14.13 0.59 -6.80
N PRO A 11 12.93 0.51 -7.35
CA PRO A 11 11.75 0.04 -6.58
C PRO A 11 12.02 -1.32 -5.93
N THR A 12 11.47 -1.53 -4.74
CA THR A 12 11.70 -2.79 -4.04
C THR A 12 11.07 -3.96 -4.81
N PRO A 13 11.54 -5.19 -4.61
CA PRO A 13 10.97 -6.38 -5.32
C PRO A 13 9.48 -6.56 -5.03
N GLU A 14 8.76 -7.14 -5.99
CA GLU A 14 7.34 -7.38 -5.83
C GLU A 14 7.10 -8.31 -4.64
N LYS A 15 8.16 -8.99 -4.22
CA LYS A 15 8.08 -9.92 -3.10
C LYS A 15 7.62 -9.18 -1.86
N VAL A 16 8.10 -7.96 -1.71
CA VAL A 16 7.73 -7.12 -0.58
C VAL A 16 6.22 -6.87 -0.60
N VAL A 17 5.71 -6.55 -1.77
CA VAL A 17 4.28 -6.31 -1.93
C VAL A 17 3.50 -7.58 -1.62
N ARG A 18 4.04 -8.70 -2.07
CA ARG A 18 3.40 -9.99 -1.84
C ARG A 18 3.23 -10.29 -0.36
N ARG A 19 4.23 -9.98 0.46
CA ARG A 19 4.13 -10.24 1.89
C ARG A 19 3.10 -9.34 2.57
N MET A 20 3.05 -8.08 2.17
CA MET A 20 2.10 -7.14 2.75
C MET A 20 0.67 -7.58 2.46
N LEU A 21 0.48 -8.14 1.27
CA LEU A 21 -0.85 -8.59 0.87
C LEU A 21 -1.31 -9.81 1.68
N GLU A 22 -0.39 -10.75 1.96
CA GLU A 22 -0.74 -11.95 2.71
C GLU A 22 -1.17 -11.63 4.13
N ILE A 23 -0.43 -10.75 4.78
CA ILE A 23 -0.73 -10.37 6.17
C ILE A 23 -1.99 -9.52 6.24
N ALA A 24 -2.24 -8.76 5.19
CA ALA A 24 -3.41 -7.89 5.15
C ALA A 24 -4.64 -8.69 4.74
N LYS A 25 -4.62 -9.98 5.07
CA LYS A 25 -5.74 -10.87 4.78
C LYS A 25 -6.48 -10.48 3.50
N VAL A 26 -5.74 -10.36 2.40
CA VAL A 26 -6.36 -9.98 1.13
C VAL A 26 -6.92 -11.21 0.41
N SER A 27 -8.24 -11.29 0.40
CA SER A 27 -8.93 -12.39 -0.26
C SER A 27 -9.65 -11.88 -1.50
N GLN A 28 -10.08 -12.79 -2.37
CA GLN A 28 -10.77 -12.39 -3.58
C GLN A 28 -12.03 -11.59 -3.26
N ASP A 29 -12.51 -11.72 -2.03
CA ASP A 29 -13.71 -11.00 -1.62
C ASP A 29 -13.36 -9.70 -0.90
N ASP A 30 -12.07 -9.45 -0.72
CA ASP A 30 -11.62 -8.24 -0.05
C ASP A 30 -11.04 -7.25 -1.04
N ILE A 31 -11.29 -5.97 -0.82
CA ILE A 31 -10.79 -4.93 -1.70
C ILE A 31 -9.45 -4.40 -1.20
N VAL A 32 -8.67 -3.81 -2.11
CA VAL A 32 -7.38 -3.25 -1.75
C VAL A 32 -7.30 -1.77 -2.10
N TYR A 33 -7.09 -0.94 -1.08
CA TYR A 33 -6.95 0.51 -1.26
C TYR A 33 -5.54 0.90 -0.81
N ALA A 34 -4.72 1.37 -1.76
CA ALA A 34 -3.35 1.75 -1.41
C ALA A 34 -2.97 3.09 -2.04
N LEU A 35 -2.10 3.82 -1.33
CA LEU A 35 -1.65 5.12 -1.81
C LEU A 35 -0.18 5.05 -2.22
N GLY A 36 0.37 3.84 -2.19
CA GLY A 36 1.77 3.64 -2.55
C GLY A 36 1.91 3.25 -4.02
N CYS A 37 0.83 3.39 -4.78
CA CYS A 37 0.85 3.04 -6.20
C CYS A 37 2.10 3.60 -6.88
N GLY A 38 1.95 4.71 -7.59
CA GLY A 38 3.09 5.30 -8.28
C GLY A 38 3.44 4.50 -9.53
N ASP A 39 2.59 3.53 -9.85
CA ASP A 39 2.81 2.68 -11.02
C ASP A 39 1.72 1.61 -11.12
N GLY A 40 1.04 1.35 -10.00
CA GLY A 40 -0.01 0.36 -9.99
C GLY A 40 0.53 -1.02 -9.63
N ARG A 41 1.84 -1.13 -9.53
CA ARG A 41 2.45 -2.42 -9.20
C ARG A 41 1.94 -2.93 -7.85
N ILE A 42 1.46 -2.01 -7.03
CA ILE A 42 0.95 -2.39 -5.71
C ILE A 42 -0.43 -3.05 -5.81
N ILE A 43 -1.30 -2.49 -6.66
CA ILE A 43 -2.65 -3.03 -6.83
C ILE A 43 -2.71 -4.07 -7.95
N ILE A 44 -1.84 -3.94 -8.95
CA ILE A 44 -1.80 -4.88 -10.07
C ILE A 44 -1.44 -6.29 -9.60
N THR A 45 -0.47 -6.38 -8.69
CA THR A 45 -0.06 -7.69 -8.17
C THR A 45 -1.20 -8.31 -7.38
N ALA A 46 -2.08 -7.44 -6.87
CA ALA A 46 -3.22 -7.92 -6.12
C ALA A 46 -4.23 -8.57 -7.06
N ALA A 47 -4.84 -7.76 -7.92
CA ALA A 47 -5.84 -8.27 -8.85
C ALA A 47 -5.26 -9.34 -9.76
N LYS A 48 -4.02 -9.15 -10.18
CA LYS A 48 -3.37 -10.11 -11.05
C LYS A 48 -3.20 -11.47 -10.39
N ASP A 49 -2.75 -11.46 -9.12
CA ASP A 49 -2.53 -12.72 -8.40
C ASP A 49 -3.57 -12.95 -7.30
N PHE A 50 -3.76 -11.97 -6.42
CA PHE A 50 -4.70 -12.13 -5.31
C PHE A 50 -6.16 -12.11 -5.79
N ASN A 51 -6.38 -11.81 -7.06
CA ASN A 51 -7.74 -11.79 -7.59
C ASN A 51 -8.67 -10.96 -6.71
N VAL A 52 -8.15 -9.90 -6.11
CA VAL A 52 -8.95 -9.06 -5.23
C VAL A 52 -10.32 -8.79 -5.83
N LYS A 53 -11.22 -8.35 -4.98
CA LYS A 53 -12.57 -7.99 -5.42
C LYS A 53 -12.50 -6.68 -6.18
N LYS A 54 -11.87 -5.69 -5.55
CA LYS A 54 -11.72 -4.38 -6.13
C LYS A 54 -10.40 -3.77 -5.65
N ALA A 55 -9.59 -3.27 -6.59
CA ALA A 55 -8.32 -2.66 -6.25
C ALA A 55 -8.26 -1.22 -6.73
N VAL A 56 -7.88 -0.33 -5.84
CA VAL A 56 -7.80 1.09 -6.18
C VAL A 56 -6.49 1.70 -5.67
N GLY A 57 -5.85 2.48 -6.52
CA GLY A 57 -4.61 3.14 -6.14
C GLY A 57 -4.83 4.65 -6.01
N VAL A 58 -4.38 5.22 -4.89
CA VAL A 58 -4.54 6.66 -4.68
C VAL A 58 -3.21 7.34 -4.97
N GLU A 59 -3.22 8.30 -5.89
CA GLU A 59 -1.99 9.00 -6.23
C GLU A 59 -2.28 10.19 -7.13
N ILE A 60 -1.48 11.23 -7.00
CA ILE A 60 -1.62 12.42 -7.81
C ILE A 60 -0.26 12.82 -8.37
N ASN A 61 -0.09 12.74 -9.68
CA ASN A 61 1.17 13.09 -10.31
C ASN A 61 0.91 13.60 -11.72
N ASP A 62 1.96 14.01 -12.42
CA ASP A 62 1.83 14.51 -13.77
C ASP A 62 2.39 13.53 -14.80
N GLU A 63 3.70 13.38 -14.81
CA GLU A 63 4.36 12.48 -15.77
C GLU A 63 4.06 11.02 -15.46
N ARG A 64 4.03 10.69 -14.18
CA ARG A 64 3.78 9.31 -13.76
C ARG A 64 2.30 8.95 -13.88
N ILE A 65 1.46 9.93 -14.18
CA ILE A 65 0.03 9.68 -14.30
C ILE A 65 -0.27 8.66 -15.39
N ARG A 66 0.45 8.75 -16.50
CA ARG A 66 0.25 7.85 -17.61
C ARG A 66 0.91 6.50 -17.37
N GLU A 67 1.95 6.49 -16.53
CA GLU A 67 2.64 5.24 -16.25
C GLU A 67 1.70 4.24 -15.57
N ALA A 68 1.09 4.65 -14.46
CA ALA A 68 0.20 3.76 -13.73
C ALA A 68 -0.98 3.30 -14.57
N LEU A 69 -1.57 4.20 -15.34
CA LEU A 69 -2.70 3.82 -16.18
C LEU A 69 -2.26 2.79 -17.21
N ALA A 70 -1.08 3.00 -17.78
CA ALA A 70 -0.53 2.11 -18.79
C ALA A 70 -0.28 0.71 -18.22
N ASN A 71 0.20 0.64 -16.99
CA ASN A 71 0.50 -0.66 -16.39
C ASN A 71 -0.75 -1.52 -16.34
N ILE A 72 -1.87 -0.93 -15.91
CA ILE A 72 -3.13 -1.66 -15.80
C ILE A 72 -3.49 -2.32 -17.13
N GLU A 73 -3.40 -1.57 -18.22
CA GLU A 73 -3.73 -2.15 -19.52
C GLU A 73 -2.73 -3.26 -19.84
N LYS A 74 -1.46 -3.00 -19.54
CA LYS A 74 -0.41 -3.96 -19.82
C LYS A 74 -0.72 -5.30 -19.13
N ASN A 75 -1.23 -5.22 -17.91
CA ASN A 75 -1.55 -6.42 -17.17
C ASN A 75 -3.00 -6.85 -17.38
N GLY A 76 -3.72 -6.13 -18.23
CA GLY A 76 -5.10 -6.47 -18.55
C GLY A 76 -5.94 -6.71 -17.29
N VAL A 77 -5.78 -5.84 -16.30
CA VAL A 77 -6.54 -5.98 -15.05
C VAL A 77 -7.63 -4.92 -14.94
N THR A 78 -7.93 -4.22 -16.04
CA THR A 78 -8.97 -3.19 -15.99
C THR A 78 -10.27 -3.77 -15.45
N GLY A 79 -10.81 -3.15 -14.41
CA GLY A 79 -12.05 -3.61 -13.80
C GLY A 79 -11.75 -4.14 -12.40
N ARG A 80 -10.47 -4.26 -12.10
CA ARG A 80 -10.04 -4.71 -10.79
C ARG A 80 -9.05 -3.70 -10.21
N ALA A 81 -8.37 -2.96 -11.10
CA ALA A 81 -7.40 -1.97 -10.70
C ALA A 81 -7.70 -0.62 -11.34
N SER A 82 -7.61 0.44 -10.53
CA SER A 82 -7.88 1.79 -11.02
C SER A 82 -7.08 2.80 -10.23
N ILE A 83 -7.04 4.05 -10.71
CA ILE A 83 -6.30 5.10 -10.03
C ILE A 83 -7.16 6.34 -9.84
N VAL A 84 -7.05 6.96 -8.66
CA VAL A 84 -7.81 8.16 -8.35
C VAL A 84 -6.87 9.29 -7.97
N LYS A 85 -7.03 10.45 -8.62
CA LYS A 85 -6.20 11.59 -8.31
C LYS A 85 -6.94 12.57 -7.40
N GLY A 86 -6.18 13.35 -6.64
CA GLY A 86 -6.77 14.31 -5.72
C GLY A 86 -6.08 14.26 -4.36
N ASN A 87 -6.72 14.84 -3.35
CA ASN A 87 -6.16 14.85 -2.02
C ASN A 87 -6.78 13.75 -1.16
N PHE A 88 -5.94 12.94 -0.53
CA PHE A 88 -6.41 11.84 0.29
C PHE A 88 -7.51 12.34 1.24
N PHE A 89 -7.41 13.59 1.64
CA PHE A 89 -8.39 14.18 2.53
C PHE A 89 -9.76 14.23 1.83
N GLU A 90 -9.74 14.70 0.59
CA GLU A 90 -10.97 14.84 -0.20
C GLU A 90 -11.67 13.49 -0.42
N VAL A 91 -10.89 12.45 -0.71
CA VAL A 91 -11.46 11.13 -0.94
C VAL A 91 -11.61 10.37 0.37
N ASP A 92 -12.48 9.35 0.35
CA ASP A 92 -12.72 8.55 1.55
C ASP A 92 -12.37 7.09 1.30
N ILE A 93 -11.75 6.47 2.30
CA ILE A 93 -11.35 5.07 2.20
C ILE A 93 -12.04 4.23 3.25
N SER A 94 -13.10 4.75 3.86
CA SER A 94 -13.81 4.02 4.89
C SER A 94 -14.36 2.70 4.34
N GLU A 95 -14.65 2.68 3.05
CA GLU A 95 -15.17 1.49 2.42
C GLU A 95 -14.10 0.42 2.29
N ALA A 96 -12.84 0.83 2.37
CA ALA A 96 -11.72 -0.11 2.25
C ALA A 96 -11.61 -1.03 3.45
N THR A 97 -11.37 -2.31 3.18
CA THR A 97 -11.21 -3.29 4.25
C THR A 97 -9.72 -3.53 4.50
N VAL A 98 -8.92 -3.30 3.46
CA VAL A 98 -7.48 -3.48 3.54
C VAL A 98 -6.77 -2.23 3.02
N VAL A 99 -5.82 -1.72 3.80
CA VAL A 99 -5.08 -0.53 3.41
C VAL A 99 -3.61 -0.61 3.80
N THR A 100 -2.77 0.11 3.06
CA THR A 100 -1.35 0.14 3.33
C THR A 100 -0.84 1.58 3.33
N MET A 101 0.22 1.83 4.08
CA MET A 101 0.78 3.17 4.19
C MET A 101 2.23 3.19 3.74
N PHE A 102 2.56 4.15 2.89
CA PHE A 102 3.93 4.29 2.38
C PHE A 102 4.60 5.52 2.97
N LEU A 103 5.92 5.47 3.09
CA LEU A 103 6.67 6.58 3.65
C LEU A 103 6.15 7.91 3.13
N LEU A 104 5.92 8.86 4.05
CA LEU A 104 5.42 10.18 3.69
C LEU A 104 6.49 11.23 3.97
N THR A 105 6.44 12.33 3.22
CA THR A 105 7.41 13.41 3.39
C THR A 105 7.25 14.04 4.77
N ASN A 106 6.03 14.04 5.28
CA ASN A 106 5.77 14.62 6.60
C ASN A 106 4.51 14.01 7.21
N VAL A 107 4.32 14.24 8.51
CA VAL A 107 3.15 13.71 9.20
C VAL A 107 2.88 14.49 10.48
N ASN A 108 1.61 14.77 10.74
CA ASN A 108 1.23 15.50 11.95
C ASN A 108 0.74 14.53 13.02
N GLU A 109 0.88 13.25 12.74
CA GLU A 109 0.44 12.21 13.69
C GLU A 109 -1.04 12.35 14.01
N MET A 110 -1.69 13.33 13.38
CA MET A 110 -3.12 13.54 13.61
C MET A 110 -3.95 12.67 12.67
N LEU A 111 -3.30 12.08 11.67
CA LEU A 111 -3.99 11.23 10.72
C LEU A 111 -4.12 9.81 11.26
N LYS A 112 -3.29 9.47 12.24
CA LYS A 112 -3.33 8.14 12.83
C LYS A 112 -4.68 7.87 13.50
N PRO A 113 -5.12 8.70 14.43
CA PRO A 113 -6.43 8.50 15.11
C PRO A 113 -7.60 8.69 14.15
N LYS A 114 -7.35 9.40 13.05
CA LYS A 114 -8.39 9.64 12.05
C LYS A 114 -8.89 8.33 11.46
N LEU A 115 -7.97 7.40 11.25
CA LEU A 115 -8.31 6.10 10.67
C LEU A 115 -9.32 5.35 11.54
N GLU A 116 -9.29 5.60 12.83
CA GLU A 116 -10.20 4.93 13.75
C GLU A 116 -11.65 5.29 13.44
N LYS A 117 -11.83 6.45 12.80
CA LYS A 117 -13.19 6.89 12.45
C LYS A 117 -13.51 6.56 11.00
N GLU A 118 -12.54 6.72 10.12
CA GLU A 118 -12.75 6.45 8.71
C GLU A 118 -12.83 4.97 8.43
N LEU A 119 -11.82 4.23 8.87
CA LEU A 119 -11.79 2.79 8.65
C LEU A 119 -12.59 2.09 9.73
N LYS A 120 -13.38 1.10 9.33
CA LYS A 120 -14.21 0.38 10.28
C LYS A 120 -13.38 -0.61 11.10
N PRO A 121 -13.81 -1.01 12.28
CA PRO A 121 -13.04 -1.99 13.11
C PRO A 121 -12.84 -3.32 12.36
N GLY A 122 -11.64 -3.87 12.46
CA GLY A 122 -11.33 -5.13 11.81
C GLY A 122 -10.65 -4.91 10.46
N THR A 123 -10.42 -3.65 10.12
CA THR A 123 -9.75 -3.31 8.88
C THR A 123 -8.26 -3.57 9.02
N ARG A 124 -7.58 -3.93 7.92
CA ARG A 124 -6.16 -4.21 7.98
C ARG A 124 -5.32 -3.02 7.52
N VAL A 125 -4.38 -2.60 8.36
CA VAL A 125 -3.49 -1.49 8.01
C VAL A 125 -2.03 -1.94 8.06
N VAL A 126 -1.29 -1.68 6.98
CA VAL A 126 0.12 -2.09 6.90
C VAL A 126 1.04 -0.91 6.62
N SER A 127 2.05 -0.72 7.48
CA SER A 127 3.00 0.38 7.27
C SER A 127 4.27 -0.16 6.63
N HIS A 128 4.81 0.60 5.69
CA HIS A 128 6.02 0.18 4.98
C HIS A 128 7.11 -0.27 5.95
N GLU A 129 8.05 0.63 6.26
CA GLU A 129 9.14 0.30 7.17
C GLU A 129 9.04 1.10 8.48
N PHE A 130 8.29 2.20 8.42
CA PHE A 130 8.14 3.04 9.60
C PHE A 130 7.02 2.53 10.49
N GLU A 131 7.30 2.42 11.79
CA GLU A 131 6.30 1.95 12.74
C GLU A 131 5.37 3.09 13.14
N ILE A 132 4.17 2.75 13.59
CA ILE A 132 3.21 3.75 14.00
C ILE A 132 3.35 4.04 15.50
N ARG A 133 3.65 5.28 15.84
CA ARG A 133 3.81 5.67 17.24
C ARG A 133 2.44 5.80 17.90
N GLY A 134 2.33 5.32 19.14
CA GLY A 134 1.08 5.41 19.87
C GLY A 134 0.21 4.18 19.62
N TRP A 135 0.46 3.48 18.52
CA TRP A 135 -0.32 2.30 18.18
C TRP A 135 0.44 1.02 18.49
N ASN A 136 -0.29 -0.01 18.88
CA ASN A 136 0.32 -1.30 19.19
C ASN A 136 0.12 -2.25 18.00
N PRO A 137 1.17 -2.65 17.30
CA PRO A 137 1.02 -3.57 16.13
C PRO A 137 0.63 -4.98 16.54
N LYS A 138 -0.13 -5.66 15.68
CA LYS A 138 -0.57 -7.01 15.96
C LYS A 138 0.49 -8.02 15.53
N GLU A 139 0.97 -7.87 14.30
CA GLU A 139 1.97 -8.77 13.75
C GLU A 139 3.13 -7.98 13.14
N VAL A 140 4.35 -8.25 13.62
CA VAL A 140 5.53 -7.57 13.12
C VAL A 140 6.58 -8.59 12.70
N ILE A 141 7.01 -8.52 11.44
CA ILE A 141 8.01 -9.46 10.95
C ILE A 141 9.01 -8.76 10.01
N LYS A 142 10.12 -9.44 9.78
CA LYS A 142 11.16 -8.91 8.90
C LYS A 142 11.43 -9.81 7.73
N VAL A 143 11.87 -9.20 6.63
CA VAL A 143 12.18 -9.92 5.41
C VAL A 143 13.61 -9.60 4.99
N GLU A 144 14.39 -10.64 4.72
CA GLU A 144 15.78 -10.45 4.30
C GLU A 144 15.95 -10.90 2.86
N ASP A 145 16.35 -9.97 1.99
CA ASP A 145 16.55 -10.30 0.59
C ASP A 145 17.81 -9.63 0.05
N GLY A 146 18.90 -10.40 -0.01
CA GLY A 146 20.16 -9.87 -0.52
C GLY A 146 21.06 -9.44 0.64
N ASN A 147 21.41 -8.15 0.65
CA ASN A 147 22.26 -7.61 1.70
C ASN A 147 21.50 -6.57 2.53
N MET A 148 20.18 -6.59 2.41
CA MET A 148 19.35 -5.65 3.15
C MET A 148 18.08 -6.33 3.66
N ASN A 149 17.47 -5.75 4.69
CA ASN A 149 16.24 -6.31 5.24
C ASN A 149 15.14 -5.27 5.31
N HIS A 150 13.93 -5.74 5.49
CA HIS A 150 12.77 -4.86 5.58
C HIS A 150 11.86 -5.31 6.70
N THR A 151 11.18 -4.35 7.33
CA THR A 151 10.27 -4.65 8.42
C THR A 151 8.87 -4.15 8.07
N VAL A 152 7.85 -4.93 8.42
CA VAL A 152 6.47 -4.56 8.13
C VAL A 152 5.62 -4.62 9.38
N TYR A 153 4.84 -3.56 9.61
CA TYR A 153 3.97 -3.50 10.77
C TYR A 153 2.51 -3.62 10.36
N LEU A 154 1.80 -4.53 11.01
CA LEU A 154 0.40 -4.76 10.71
C LEU A 154 -0.44 -4.36 11.90
N TYR A 155 -1.39 -3.46 11.70
CA TYR A 155 -2.26 -3.00 12.78
C TYR A 155 -3.70 -3.40 12.46
N VAL A 156 -4.56 -3.30 13.46
CA VAL A 156 -5.96 -3.62 13.30
C VAL A 156 -6.84 -2.54 13.91
N ILE A 157 -7.75 -2.02 13.10
CA ILE A 157 -8.65 -0.96 13.57
C ILE A 157 -9.60 -1.50 14.63
N GLY A 158 -9.71 -0.75 15.73
CA GLY A 158 -10.59 -1.14 16.83
C GLY A 158 -9.79 -1.32 18.11
N GLU A 159 -8.60 -1.89 17.99
CA GLU A 159 -7.73 -2.11 19.15
C GLU A 159 -6.28 -1.80 18.79
N HIS A 160 -5.62 -1.01 19.62
CA HIS A 160 -4.23 -0.65 19.37
C HIS A 160 -3.63 0.09 20.54
N LYS A 161 -4.00 1.37 20.68
CA LYS A 161 -3.50 2.23 21.75
C LYS A 161 -2.71 1.46 22.81
N ALA A 162 -3.41 0.89 23.77
CA ALA A 162 -2.76 0.13 24.83
C ALA A 162 -1.58 0.90 25.42
N MET A 1 37.46 -0.14 4.02
CA MET A 1 37.60 -0.83 2.70
C MET A 1 36.49 -0.36 1.77
N SER A 2 36.30 0.94 1.67
CA SER A 2 35.26 1.51 0.81
C SER A 2 35.82 2.65 -0.03
N TYR A 3 35.74 2.51 -1.35
CA TYR A 3 36.22 3.53 -2.27
C TYR A 3 35.08 4.08 -3.12
N VAL A 4 34.07 3.24 -3.33
CA VAL A 4 32.92 3.63 -4.14
C VAL A 4 31.62 3.31 -3.39
N PRO A 5 31.35 3.96 -2.29
CA PRO A 5 30.12 3.72 -1.50
C PRO A 5 28.86 4.17 -2.23
N HIS A 6 29.01 5.12 -3.14
CA HIS A 6 27.87 5.63 -3.90
C HIS A 6 27.33 4.56 -4.84
N VAL A 7 26.04 4.25 -4.69
CA VAL A 7 25.40 3.25 -5.53
C VAL A 7 24.03 3.75 -6.01
N PRO A 8 23.57 3.32 -7.16
CA PRO A 8 22.25 3.75 -7.70
C PRO A 8 21.09 3.16 -6.89
N TYR A 9 19.95 3.84 -6.89
CA TYR A 9 18.80 3.35 -6.14
C TYR A 9 18.16 2.15 -6.82
N VAL A 10 18.18 1.01 -6.13
CA VAL A 10 17.62 -0.21 -6.68
C VAL A 10 16.31 -0.60 -5.96
N PRO A 11 15.16 -0.46 -6.57
CA PRO A 11 13.86 -0.84 -5.92
C PRO A 11 13.89 -2.26 -5.39
N THR A 12 13.24 -2.49 -4.27
CA THR A 12 13.21 -3.81 -3.65
C THR A 12 12.38 -4.78 -4.51
N PRO A 13 12.59 -6.08 -4.41
CA PRO A 13 11.81 -7.07 -5.21
C PRO A 13 10.31 -6.95 -4.96
N GLU A 14 9.51 -7.28 -5.97
CA GLU A 14 8.07 -7.22 -5.84
C GLU A 14 7.61 -8.17 -4.72
N LYS A 15 8.47 -9.11 -4.38
CA LYS A 15 8.17 -10.07 -3.33
C LYS A 15 7.79 -9.35 -2.05
N VAL A 16 8.32 -8.15 -1.86
CA VAL A 16 8.03 -7.37 -0.67
C VAL A 16 6.53 -7.07 -0.57
N VAL A 17 5.91 -6.65 -1.68
CA VAL A 17 4.48 -6.35 -1.67
C VAL A 17 3.66 -7.62 -1.49
N ARG A 18 4.19 -8.75 -1.99
CA ARG A 18 3.50 -10.02 -1.87
C ARG A 18 3.28 -10.39 -0.41
N ARG A 19 4.30 -10.18 0.42
CA ARG A 19 4.18 -10.49 1.84
C ARG A 19 3.21 -9.55 2.53
N MET A 20 3.24 -8.29 2.14
CA MET A 20 2.37 -7.26 2.72
C MET A 20 0.91 -7.59 2.46
N LEU A 21 0.66 -8.12 1.27
CA LEU A 21 -0.69 -8.49 0.88
C LEU A 21 -1.19 -9.72 1.65
N GLU A 22 -0.31 -10.70 1.85
CA GLU A 22 -0.69 -11.93 2.55
C GLU A 22 -1.02 -11.68 4.01
N ILE A 23 -0.19 -10.89 4.68
CA ILE A 23 -0.41 -10.61 6.10
C ILE A 23 -1.66 -9.78 6.30
N ALA A 24 -1.92 -8.88 5.37
CA ALA A 24 -3.08 -8.02 5.45
C ALA A 24 -4.36 -8.85 5.32
N LYS A 25 -4.20 -10.11 4.95
CA LYS A 25 -5.35 -11.00 4.79
C LYS A 25 -6.16 -10.61 3.57
N VAL A 26 -5.46 -10.35 2.47
CA VAL A 26 -6.13 -9.95 1.24
C VAL A 26 -6.67 -11.18 0.52
N SER A 27 -8.00 -11.27 0.46
CA SER A 27 -8.67 -12.38 -0.20
C SER A 27 -9.43 -11.87 -1.42
N GLN A 28 -9.85 -12.78 -2.27
CA GLN A 28 -10.57 -12.41 -3.49
C GLN A 28 -11.83 -11.62 -3.16
N ASP A 29 -12.34 -11.75 -1.94
CA ASP A 29 -13.54 -11.03 -1.55
C ASP A 29 -13.20 -9.77 -0.76
N ASP A 30 -11.92 -9.45 -0.68
CA ASP A 30 -11.47 -8.26 0.04
C ASP A 30 -10.90 -7.23 -0.93
N ILE A 31 -11.23 -5.96 -0.70
CA ILE A 31 -10.76 -4.90 -1.58
C ILE A 31 -9.43 -4.33 -1.07
N VAL A 32 -8.64 -3.80 -1.98
CA VAL A 32 -7.35 -3.21 -1.63
C VAL A 32 -7.31 -1.73 -2.03
N TYR A 33 -7.15 -0.86 -1.03
CA TYR A 33 -7.09 0.58 -1.25
C TYR A 33 -5.72 1.10 -0.82
N ALA A 34 -4.84 1.31 -1.78
CA ALA A 34 -3.50 1.82 -1.47
C ALA A 34 -3.43 3.32 -1.70
N LEU A 35 -3.02 4.04 -0.66
CA LEU A 35 -2.95 5.49 -0.70
C LEU A 35 -1.95 6.02 -1.74
N GLY A 36 -0.83 5.33 -1.94
CA GLY A 36 0.18 5.80 -2.89
C GLY A 36 0.74 4.66 -3.75
N CYS A 37 0.13 4.42 -4.91
CA CYS A 37 0.61 3.36 -5.80
C CYS A 37 1.91 3.79 -6.49
N GLY A 38 1.86 4.90 -7.21
CA GLY A 38 3.05 5.40 -7.89
C GLY A 38 3.32 4.66 -9.20
N ASP A 39 2.42 3.74 -9.56
CA ASP A 39 2.58 2.97 -10.79
C ASP A 39 1.48 1.92 -10.94
N GLY A 40 0.76 1.66 -9.86
CA GLY A 40 -0.32 0.69 -9.88
C GLY A 40 0.22 -0.70 -9.58
N ARG A 41 1.52 -0.82 -9.42
CA ARG A 41 2.13 -2.11 -9.14
C ARG A 41 1.56 -2.66 -7.83
N ILE A 42 1.32 -1.77 -6.88
CA ILE A 42 0.80 -2.16 -5.58
C ILE A 42 -0.57 -2.85 -5.71
N ILE A 43 -1.45 -2.31 -6.57
CA ILE A 43 -2.77 -2.90 -6.74
C ILE A 43 -2.81 -3.94 -7.86
N ILE A 44 -1.97 -3.76 -8.88
CA ILE A 44 -1.92 -4.70 -9.99
C ILE A 44 -1.48 -6.09 -9.54
N THR A 45 -0.50 -6.15 -8.65
CA THR A 45 -0.04 -7.44 -8.14
C THR A 45 -1.14 -8.10 -7.33
N ALA A 46 -2.04 -7.27 -6.81
CA ALA A 46 -3.15 -7.77 -6.03
C ALA A 46 -4.15 -8.47 -6.96
N ALA A 47 -4.81 -7.68 -7.81
CA ALA A 47 -5.81 -8.21 -8.71
C ALA A 47 -5.22 -9.27 -9.63
N LYS A 48 -3.99 -9.06 -10.08
CA LYS A 48 -3.34 -10.01 -10.97
C LYS A 48 -3.15 -11.37 -10.29
N ASP A 49 -2.65 -11.35 -9.05
CA ASP A 49 -2.39 -12.61 -8.33
C ASP A 49 -3.39 -12.86 -7.20
N PHE A 50 -3.59 -11.87 -6.35
CA PHE A 50 -4.50 -12.04 -5.21
C PHE A 50 -5.96 -12.03 -5.66
N ASN A 51 -6.20 -11.73 -6.93
CA ASN A 51 -7.57 -11.74 -7.45
C ASN A 51 -8.52 -10.93 -6.57
N VAL A 52 -8.02 -9.85 -5.96
CA VAL A 52 -8.85 -9.03 -5.09
C VAL A 52 -10.21 -8.78 -5.73
N LYS A 53 -11.13 -8.34 -4.89
CA LYS A 53 -12.47 -8.01 -5.36
C LYS A 53 -12.43 -6.69 -6.12
N LYS A 54 -11.83 -5.70 -5.48
CA LYS A 54 -11.70 -4.38 -6.07
C LYS A 54 -10.40 -3.75 -5.62
N ALA A 55 -9.61 -3.26 -6.57
CA ALA A 55 -8.33 -2.63 -6.24
C ALA A 55 -8.29 -1.20 -6.73
N VAL A 56 -7.96 -0.28 -5.82
CA VAL A 56 -7.89 1.13 -6.15
C VAL A 56 -6.63 1.77 -5.56
N GLY A 57 -5.98 2.61 -6.35
CA GLY A 57 -4.79 3.32 -5.89
C GLY A 57 -5.02 4.82 -5.95
N VAL A 58 -4.63 5.53 -4.89
CA VAL A 58 -4.81 6.97 -4.86
C VAL A 58 -3.51 7.67 -5.23
N GLU A 59 -3.57 8.53 -6.25
CA GLU A 59 -2.38 9.24 -6.67
C GLU A 59 -2.74 10.37 -7.62
N ILE A 60 -2.01 11.48 -7.49
CA ILE A 60 -2.24 12.63 -8.35
C ILE A 60 -0.89 13.15 -8.83
N ASN A 61 -0.64 13.01 -10.13
CA ASN A 61 0.62 13.45 -10.71
C ASN A 61 0.41 13.83 -12.15
N ASP A 62 1.50 14.09 -12.86
CA ASP A 62 1.41 14.46 -14.28
C ASP A 62 2.06 13.41 -15.17
N GLU A 63 3.38 13.28 -15.06
CA GLU A 63 4.11 12.31 -15.87
C GLU A 63 3.85 10.88 -15.40
N ARG A 64 3.76 10.69 -14.09
CA ARG A 64 3.52 9.36 -13.54
C ARG A 64 2.04 9.03 -13.52
N ILE A 65 1.22 10.00 -13.85
CA ILE A 65 -0.23 9.78 -13.84
C ILE A 65 -0.63 8.85 -14.99
N ARG A 66 0.03 9.01 -16.13
CA ARG A 66 -0.26 8.18 -17.28
C ARG A 66 0.45 6.84 -17.18
N GLU A 67 1.57 6.81 -16.46
CA GLU A 67 2.32 5.58 -16.31
C GLU A 67 1.50 4.51 -15.60
N ALA A 68 0.83 4.88 -14.51
CA ALA A 68 0.04 3.93 -13.74
C ALA A 68 -1.11 3.36 -14.57
N LEU A 69 -1.74 4.21 -15.37
CA LEU A 69 -2.85 3.76 -16.21
C LEU A 69 -2.36 2.72 -17.20
N ALA A 70 -1.18 2.97 -17.76
CA ALA A 70 -0.59 2.08 -18.74
C ALA A 70 -0.28 0.70 -18.14
N ASN A 71 0.20 0.67 -16.90
CA ASN A 71 0.55 -0.59 -16.26
C ASN A 71 -0.66 -1.52 -16.18
N ILE A 72 -1.81 -0.99 -15.81
CA ILE A 72 -3.00 -1.81 -15.67
C ILE A 72 -3.32 -2.54 -16.97
N GLU A 73 -3.28 -1.82 -18.10
CA GLU A 73 -3.56 -2.46 -19.37
C GLU A 73 -2.52 -3.53 -19.66
N LYS A 74 -1.26 -3.21 -19.34
CA LYS A 74 -0.16 -4.14 -19.58
C LYS A 74 -0.43 -5.46 -18.87
N ASN A 75 -0.96 -5.38 -17.65
CA ASN A 75 -1.25 -6.58 -16.87
C ASN A 75 -2.69 -7.05 -17.11
N GLY A 76 -3.41 -6.38 -18.01
CA GLY A 76 -4.76 -6.79 -18.33
C GLY A 76 -5.61 -7.02 -17.08
N VAL A 77 -5.48 -6.13 -16.10
CA VAL A 77 -6.25 -6.27 -14.86
C VAL A 77 -7.31 -5.18 -14.74
N THR A 78 -7.64 -4.52 -15.84
CA THR A 78 -8.66 -3.48 -15.79
C THR A 78 -9.88 -3.94 -15.02
N GLY A 79 -10.69 -3.00 -14.62
CA GLY A 79 -11.91 -3.32 -13.89
C GLY A 79 -11.62 -3.62 -12.43
N ARG A 80 -10.48 -4.27 -12.17
CA ARG A 80 -10.12 -4.61 -10.80
C ARG A 80 -9.14 -3.59 -10.25
N ALA A 81 -8.42 -2.92 -11.14
CA ALA A 81 -7.44 -1.92 -10.75
C ALA A 81 -7.77 -0.58 -11.36
N SER A 82 -7.74 0.46 -10.55
CA SER A 82 -8.04 1.81 -11.02
C SER A 82 -7.25 2.84 -10.24
N ILE A 83 -7.20 4.06 -10.76
CA ILE A 83 -6.47 5.13 -10.10
C ILE A 83 -7.36 6.36 -9.98
N VAL A 84 -7.26 7.04 -8.83
CA VAL A 84 -8.06 8.23 -8.58
C VAL A 84 -7.18 9.41 -8.21
N LYS A 85 -7.37 10.52 -8.91
CA LYS A 85 -6.59 11.72 -8.64
C LYS A 85 -7.35 12.66 -7.70
N GLY A 86 -6.62 13.43 -6.91
CA GLY A 86 -7.25 14.35 -5.98
C GLY A 86 -6.60 14.24 -4.61
N ASN A 87 -7.25 14.80 -3.59
CA ASN A 87 -6.71 14.75 -2.25
C ASN A 87 -7.38 13.63 -1.45
N PHE A 88 -6.56 12.76 -0.86
CA PHE A 88 -7.07 11.66 -0.06
C PHE A 88 -8.09 12.15 0.94
N PHE A 89 -7.92 13.38 1.40
CA PHE A 89 -8.86 13.96 2.36
C PHE A 89 -10.25 14.05 1.73
N GLU A 90 -10.29 14.57 0.51
CA GLU A 90 -11.55 14.74 -0.22
C GLU A 90 -12.22 13.41 -0.50
N VAL A 91 -11.44 12.40 -0.86
CA VAL A 91 -12.00 11.09 -1.16
C VAL A 91 -12.23 10.29 0.11
N ASP A 92 -13.20 9.37 0.05
CA ASP A 92 -13.53 8.54 1.22
C ASP A 92 -12.99 7.13 1.02
N ILE A 93 -12.32 6.61 2.04
CA ILE A 93 -11.76 5.27 1.99
C ILE A 93 -12.28 4.41 3.14
N SER A 94 -13.31 4.89 3.82
CA SER A 94 -13.86 4.14 4.95
C SER A 94 -14.32 2.76 4.51
N GLU A 95 -14.70 2.66 3.25
CA GLU A 95 -15.16 1.39 2.69
C GLU A 95 -14.01 0.39 2.56
N ALA A 96 -12.78 0.90 2.62
CA ALA A 96 -11.61 0.04 2.47
C ALA A 96 -11.47 -0.93 3.63
N THR A 97 -11.31 -2.21 3.30
CA THR A 97 -11.13 -3.23 4.34
C THR A 97 -9.64 -3.46 4.56
N VAL A 98 -8.85 -3.28 3.51
CA VAL A 98 -7.40 -3.45 3.59
C VAL A 98 -6.70 -2.23 2.99
N VAL A 99 -5.75 -1.68 3.75
CA VAL A 99 -5.02 -0.50 3.30
C VAL A 99 -3.53 -0.61 3.64
N THR A 100 -2.69 0.02 2.81
CA THR A 100 -1.25 0.00 3.02
C THR A 100 -0.70 1.41 3.18
N MET A 101 0.46 1.54 3.82
CA MET A 101 1.06 2.86 4.04
C MET A 101 2.57 2.81 3.81
N PHE A 102 3.10 3.87 3.20
CA PHE A 102 4.52 3.96 2.91
C PHE A 102 5.03 5.38 3.11
N LEU A 103 6.35 5.55 3.15
CA LEU A 103 6.93 6.87 3.33
C LEU A 103 6.43 7.83 2.25
N LEU A 104 5.75 8.89 2.67
CA LEU A 104 5.23 9.88 1.74
C LEU A 104 5.46 11.29 2.26
N THR A 105 5.72 12.22 1.34
CA THR A 105 5.95 13.60 1.73
C THR A 105 4.72 14.43 1.40
N ASN A 106 3.79 13.84 0.66
CA ASN A 106 2.56 14.51 0.29
C ASN A 106 1.74 14.88 1.52
N VAL A 107 1.71 13.98 2.50
CA VAL A 107 0.96 14.21 3.72
C VAL A 107 1.90 14.54 4.87
N ASN A 108 1.73 15.73 5.45
CA ASN A 108 2.57 16.16 6.56
C ASN A 108 1.75 16.21 7.85
N GLU A 109 0.47 16.51 7.72
CA GLU A 109 -0.40 16.60 8.89
C GLU A 109 -1.79 16.03 8.58
N MET A 110 -2.50 15.65 9.64
CA MET A 110 -3.87 15.09 9.55
C MET A 110 -4.18 14.19 10.74
N LEU A 111 -3.20 14.01 11.63
CA LEU A 111 -3.42 13.17 12.81
C LEU A 111 -3.72 11.73 12.39
N LYS A 112 -2.87 10.79 12.82
CA LYS A 112 -3.06 9.39 12.50
C LYS A 112 -4.39 8.84 13.04
N PRO A 113 -4.75 9.16 14.26
CA PRO A 113 -6.04 8.68 14.87
C PRO A 113 -7.23 8.90 13.93
N LYS A 114 -7.02 9.65 12.87
CA LYS A 114 -8.08 9.92 11.91
C LYS A 114 -8.58 8.60 11.29
N LEU A 115 -7.65 7.67 11.05
CA LEU A 115 -8.00 6.39 10.46
C LEU A 115 -9.00 5.64 11.35
N GLU A 116 -8.86 5.79 12.65
CA GLU A 116 -9.76 5.12 13.57
C GLU A 116 -11.20 5.57 13.33
N LYS A 117 -11.36 6.76 12.75
CA LYS A 117 -12.69 7.28 12.46
C LYS A 117 -13.09 7.02 11.01
N GLU A 118 -12.15 7.21 10.09
CA GLU A 118 -12.44 7.00 8.68
C GLU A 118 -12.61 5.51 8.36
N LEU A 119 -11.63 4.71 8.79
CA LEU A 119 -11.66 3.28 8.55
C LEU A 119 -12.50 2.60 9.61
N LYS A 120 -13.39 1.71 9.19
CA LYS A 120 -14.25 1.01 10.14
C LYS A 120 -13.45 -0.05 10.89
N PRO A 121 -13.83 -0.36 12.12
CA PRO A 121 -13.10 -1.41 12.90
C PRO A 121 -12.98 -2.72 12.14
N GLY A 122 -11.80 -3.33 12.21
CA GLY A 122 -11.57 -4.60 11.53
C GLY A 122 -10.80 -4.40 10.24
N THR A 123 -10.50 -3.14 9.93
CA THR A 123 -9.74 -2.84 8.73
C THR A 123 -8.28 -3.23 8.93
N ARG A 124 -7.62 -3.65 7.86
CA ARG A 124 -6.22 -4.06 7.95
C ARG A 124 -5.31 -2.94 7.46
N VAL A 125 -4.33 -2.58 8.28
CA VAL A 125 -3.39 -1.51 7.93
C VAL A 125 -1.95 -2.02 7.99
N VAL A 126 -1.20 -1.80 6.91
CA VAL A 126 0.19 -2.25 6.84
C VAL A 126 1.14 -1.06 6.70
N SER A 127 2.04 -0.90 7.65
CA SER A 127 3.01 0.20 7.61
C SER A 127 4.35 -0.29 7.05
N HIS A 128 5.06 0.61 6.38
CA HIS A 128 6.34 0.28 5.79
C HIS A 128 7.30 -0.30 6.83
N GLU A 129 8.27 0.50 7.27
CA GLU A 129 9.25 0.04 8.25
C GLU A 129 9.11 0.77 9.59
N PHE A 130 8.40 1.90 9.57
CA PHE A 130 8.22 2.68 10.78
C PHE A 130 7.05 2.14 11.61
N GLU A 131 7.33 1.83 12.86
CA GLU A 131 6.31 1.32 13.78
C GLU A 131 5.40 2.46 14.21
N ILE A 132 4.10 2.18 14.31
CA ILE A 132 3.15 3.21 14.71
C ILE A 132 3.25 3.42 16.22
N ARG A 133 3.65 4.63 16.62
CA ARG A 133 3.78 4.96 18.03
C ARG A 133 2.40 5.24 18.63
N GLY A 134 2.18 4.75 19.84
CA GLY A 134 0.90 4.97 20.51
C GLY A 134 -0.07 3.81 20.26
N TRP A 135 0.13 3.11 19.14
CA TRP A 135 -0.74 1.98 18.79
C TRP A 135 -0.11 0.67 19.22
N ASN A 136 -0.77 -0.43 18.90
CA ASN A 136 -0.26 -1.77 19.24
C ASN A 136 -0.36 -2.68 18.01
N PRO A 137 0.74 -3.07 17.37
CA PRO A 137 0.67 -3.94 16.17
C PRO A 137 0.23 -5.36 16.51
N LYS A 138 -0.51 -5.98 15.59
CA LYS A 138 -0.97 -7.34 15.80
C LYS A 138 0.11 -8.34 15.41
N GLU A 139 0.67 -8.15 14.22
CA GLU A 139 1.71 -9.04 13.72
C GLU A 139 2.78 -8.26 12.97
N VAL A 140 4.03 -8.48 13.33
CA VAL A 140 5.15 -7.78 12.69
C VAL A 140 6.31 -8.75 12.49
N ILE A 141 6.85 -8.76 11.27
CA ILE A 141 7.96 -9.65 10.95
C ILE A 141 8.99 -8.96 10.06
N LYS A 142 10.13 -9.60 9.88
CA LYS A 142 11.19 -9.06 9.04
C LYS A 142 11.50 -9.98 7.87
N VAL A 143 12.00 -9.37 6.80
CA VAL A 143 12.36 -10.11 5.60
C VAL A 143 13.78 -9.76 5.20
N GLU A 144 14.60 -10.78 4.96
CA GLU A 144 15.99 -10.56 4.57
C GLU A 144 16.25 -11.12 3.19
N ASP A 145 16.78 -10.28 2.30
CA ASP A 145 17.07 -10.70 0.94
C ASP A 145 18.46 -10.23 0.53
N GLY A 146 19.41 -11.16 0.51
CA GLY A 146 20.78 -10.81 0.14
C GLY A 146 21.54 -10.26 1.35
N ASN A 147 21.70 -8.94 1.40
CA ASN A 147 22.39 -8.31 2.52
C ASN A 147 21.54 -7.16 3.07
N MET A 148 20.26 -7.17 2.74
CA MET A 148 19.34 -6.13 3.19
C MET A 148 18.25 -6.72 4.08
N ASN A 149 17.41 -5.83 4.62
CA ASN A 149 16.30 -6.28 5.46
C ASN A 149 15.16 -5.28 5.46
N HIS A 150 13.95 -5.81 5.65
CA HIS A 150 12.75 -5.00 5.67
C HIS A 150 11.84 -5.46 6.81
N THR A 151 11.15 -4.52 7.43
CA THR A 151 10.24 -4.82 8.52
C THR A 151 8.86 -4.27 8.20
N VAL A 152 7.81 -5.01 8.56
CA VAL A 152 6.45 -4.55 8.28
C VAL A 152 5.55 -4.78 9.49
N TYR A 153 4.70 -3.79 9.75
CA TYR A 153 3.77 -3.86 10.87
C TYR A 153 2.34 -3.97 10.37
N LEU A 154 1.60 -4.90 10.97
CA LEU A 154 0.20 -5.10 10.63
C LEU A 154 -0.63 -4.61 11.80
N TYR A 155 -1.61 -3.76 11.55
CA TYR A 155 -2.43 -3.22 12.62
C TYR A 155 -3.90 -3.22 12.23
N VAL A 156 -4.74 -3.76 13.13
CA VAL A 156 -6.17 -3.83 12.89
C VAL A 156 -6.89 -2.68 13.60
N ILE A 157 -7.76 -1.99 12.86
CA ILE A 157 -8.51 -0.88 13.41
C ILE A 157 -9.56 -1.36 14.40
N GLY A 158 -9.59 -0.74 15.58
CA GLY A 158 -10.54 -1.11 16.61
C GLY A 158 -9.90 -1.08 17.99
N GLU A 159 -8.59 -1.37 18.04
CA GLU A 159 -7.86 -1.36 19.31
C GLU A 159 -6.52 -0.65 19.14
N HIS A 160 -6.42 0.58 19.64
CA HIS A 160 -5.20 1.36 19.53
C HIS A 160 -4.62 1.67 20.91
N LYS A 161 -3.61 0.89 21.32
CA LYS A 161 -2.97 1.08 22.62
C LYS A 161 -2.11 -0.14 22.97
N ALA A 162 -2.79 -1.24 23.29
CA ALA A 162 -2.08 -2.47 23.65
C ALA A 162 -2.56 -3.64 22.79
N MET A 1 31.06 16.84 -1.01
CA MET A 1 31.59 17.85 -1.98
C MET A 1 30.72 17.84 -3.24
N SER A 2 30.64 16.68 -3.88
CA SER A 2 29.85 16.55 -5.10
C SER A 2 29.38 15.11 -5.27
N TYR A 3 28.35 14.91 -6.09
CA TYR A 3 27.82 13.58 -6.35
C TYR A 3 27.61 13.36 -7.84
N VAL A 4 28.64 12.87 -8.52
CA VAL A 4 28.56 12.64 -9.96
C VAL A 4 27.60 11.49 -10.28
N PRO A 5 27.56 10.46 -9.48
CA PRO A 5 26.66 9.28 -9.72
C PRO A 5 25.18 9.68 -9.73
N HIS A 6 24.38 8.95 -10.50
CA HIS A 6 22.96 9.22 -10.59
C HIS A 6 22.24 8.65 -9.38
N VAL A 7 21.13 9.27 -9.00
CA VAL A 7 20.36 8.82 -7.84
C VAL A 7 18.88 8.66 -8.18
N PRO A 8 18.56 7.77 -9.07
CA PRO A 8 17.15 7.53 -9.49
C PRO A 8 16.34 6.79 -8.42
N TYR A 9 15.03 7.00 -8.41
CA TYR A 9 14.18 6.34 -7.43
C TYR A 9 14.26 4.83 -7.60
N VAL A 10 14.47 4.12 -6.48
CA VAL A 10 14.58 2.66 -6.53
C VAL A 10 13.43 1.99 -5.76
N PRO A 11 12.47 1.38 -6.42
CA PRO A 11 11.34 0.71 -5.71
C PRO A 11 11.77 -0.59 -5.05
N THR A 12 11.12 -0.96 -3.95
CA THR A 12 11.48 -2.19 -3.27
C THR A 12 11.04 -3.42 -4.08
N PRO A 13 11.63 -4.57 -3.88
CA PRO A 13 11.23 -5.81 -4.64
C PRO A 13 9.74 -6.11 -4.50
N GLU A 14 9.17 -6.68 -5.55
CA GLU A 14 7.75 -7.03 -5.56
C GLU A 14 7.42 -7.96 -4.41
N LYS A 15 8.38 -8.80 -4.04
CA LYS A 15 8.19 -9.74 -2.94
C LYS A 15 7.70 -9.01 -1.69
N VAL A 16 8.17 -7.79 -1.51
CA VAL A 16 7.75 -7.00 -0.35
C VAL A 16 6.24 -6.76 -0.39
N VAL A 17 5.74 -6.38 -1.57
CA VAL A 17 4.31 -6.15 -1.73
C VAL A 17 3.54 -7.43 -1.47
N ARG A 18 4.09 -8.54 -1.95
CA ARG A 18 3.45 -9.84 -1.80
C ARG A 18 3.27 -10.18 -0.32
N ARG A 19 4.26 -9.91 0.51
CA ARG A 19 4.14 -10.20 1.94
C ARG A 19 3.12 -9.29 2.61
N MET A 20 3.08 -8.04 2.19
CA MET A 20 2.15 -7.07 2.74
C MET A 20 0.71 -7.49 2.47
N LEU A 21 0.49 -8.06 1.31
CA LEU A 21 -0.83 -8.51 0.92
C LEU A 21 -1.28 -9.73 1.73
N GLU A 22 -0.35 -10.66 1.97
CA GLU A 22 -0.66 -11.88 2.71
C GLU A 22 -1.05 -11.58 4.16
N ILE A 23 -0.27 -10.73 4.82
CA ILE A 23 -0.54 -10.41 6.21
C ILE A 23 -1.83 -9.62 6.36
N ALA A 24 -2.11 -8.75 5.41
CA ALA A 24 -3.31 -7.95 5.45
C ALA A 24 -4.54 -8.84 5.30
N LYS A 25 -4.31 -10.07 4.87
CA LYS A 25 -5.39 -11.03 4.69
C LYS A 25 -6.27 -10.62 3.51
N VAL A 26 -5.62 -10.27 2.41
CA VAL A 26 -6.34 -9.85 1.21
C VAL A 26 -6.92 -11.06 0.50
N SER A 27 -8.25 -11.14 0.50
CA SER A 27 -8.95 -12.24 -0.14
C SER A 27 -9.69 -11.71 -1.37
N GLN A 28 -10.14 -12.62 -2.22
CA GLN A 28 -10.84 -12.22 -3.42
C GLN A 28 -12.09 -11.42 -3.07
N ASP A 29 -12.53 -11.52 -1.82
CA ASP A 29 -13.73 -10.78 -1.39
C ASP A 29 -13.36 -9.48 -0.69
N ASP A 30 -12.06 -9.23 -0.54
CA ASP A 30 -11.59 -8.01 0.12
C ASP A 30 -11.02 -7.03 -0.90
N ILE A 31 -11.30 -5.74 -0.70
CA ILE A 31 -10.80 -4.71 -1.60
C ILE A 31 -9.46 -4.18 -1.11
N VAL A 32 -8.67 -3.65 -2.05
CA VAL A 32 -7.36 -3.10 -1.71
C VAL A 32 -7.28 -1.62 -2.08
N TYR A 33 -7.04 -0.78 -1.08
CA TYR A 33 -6.89 0.67 -1.28
C TYR A 33 -5.48 1.08 -0.87
N ALA A 34 -4.66 1.49 -1.84
CA ALA A 34 -3.29 1.90 -1.56
C ALA A 34 -3.01 3.27 -2.17
N LEU A 35 -2.21 4.07 -1.45
CA LEU A 35 -1.87 5.40 -1.94
C LEU A 35 -0.40 5.48 -2.33
N GLY A 36 0.28 4.34 -2.27
CA GLY A 36 1.70 4.29 -2.63
C GLY A 36 1.89 3.78 -4.05
N CYS A 37 0.80 3.65 -4.80
CA CYS A 37 0.88 3.16 -6.17
C CYS A 37 2.01 3.87 -6.93
N GLY A 38 1.68 4.90 -7.70
CA GLY A 38 2.70 5.62 -8.45
C GLY A 38 3.16 4.78 -9.64
N ASP A 39 2.42 3.72 -9.92
CA ASP A 39 2.72 2.82 -11.01
C ASP A 39 1.63 1.77 -11.16
N GLY A 40 0.93 1.49 -10.05
CA GLY A 40 -0.14 0.51 -10.06
C GLY A 40 0.38 -0.87 -9.72
N ARG A 41 1.69 -1.01 -9.59
CA ARG A 41 2.27 -2.30 -9.27
C ARG A 41 1.69 -2.83 -7.95
N ILE A 42 1.49 -1.93 -7.01
CA ILE A 42 0.96 -2.32 -5.71
C ILE A 42 -0.43 -2.96 -5.83
N ILE A 43 -1.31 -2.38 -6.65
CA ILE A 43 -2.66 -2.92 -6.81
C ILE A 43 -2.73 -3.99 -7.92
N ILE A 44 -1.90 -3.85 -8.94
CA ILE A 44 -1.88 -4.80 -10.04
C ILE A 44 -1.52 -6.21 -9.57
N THR A 45 -0.55 -6.30 -8.67
CA THR A 45 -0.14 -7.61 -8.16
C THR A 45 -1.29 -8.23 -7.38
N ALA A 46 -2.12 -7.36 -6.82
CA ALA A 46 -3.26 -7.84 -6.06
C ALA A 46 -4.28 -8.48 -6.99
N ALA A 47 -4.91 -7.67 -7.82
CA ALA A 47 -5.93 -8.17 -8.74
C ALA A 47 -5.37 -9.25 -9.67
N LYS A 48 -4.13 -9.06 -10.10
CA LYS A 48 -3.52 -10.02 -10.99
C LYS A 48 -3.39 -11.40 -10.34
N ASP A 49 -2.92 -11.44 -9.09
CA ASP A 49 -2.73 -12.72 -8.39
C ASP A 49 -3.74 -12.92 -7.25
N PHE A 50 -3.86 -11.93 -6.37
CA PHE A 50 -4.79 -12.06 -5.23
C PHE A 50 -6.24 -12.05 -5.69
N ASN A 51 -6.49 -11.73 -6.96
CA ASN A 51 -7.84 -11.71 -7.48
C ASN A 51 -8.77 -10.87 -6.61
N VAL A 52 -8.22 -9.81 -6.03
CA VAL A 52 -9.01 -8.96 -5.16
C VAL A 52 -10.37 -8.65 -5.77
N LYS A 53 -11.28 -8.19 -4.93
CA LYS A 53 -12.61 -7.81 -5.41
C LYS A 53 -12.51 -6.51 -6.17
N LYS A 54 -11.85 -5.54 -5.54
CA LYS A 54 -11.67 -4.23 -6.13
C LYS A 54 -10.34 -3.65 -5.68
N ALA A 55 -9.55 -3.16 -6.63
CA ALA A 55 -8.25 -2.57 -6.31
C ALA A 55 -8.19 -1.14 -6.82
N VAL A 56 -7.86 -0.21 -5.93
CA VAL A 56 -7.77 1.19 -6.30
C VAL A 56 -6.49 1.82 -5.78
N GLY A 57 -5.83 2.59 -6.64
CA GLY A 57 -4.62 3.28 -6.28
C GLY A 57 -4.87 4.77 -6.17
N VAL A 58 -4.46 5.37 -5.05
CA VAL A 58 -4.68 6.81 -4.87
C VAL A 58 -3.37 7.56 -5.09
N GLU A 59 -3.39 8.49 -6.03
CA GLU A 59 -2.21 9.28 -6.35
C GLU A 59 -2.54 10.36 -7.37
N ILE A 60 -1.81 11.46 -7.30
CA ILE A 60 -1.99 12.55 -8.23
C ILE A 60 -0.63 13.01 -8.74
N ASN A 61 -0.40 12.90 -10.04
CA ASN A 61 0.87 13.31 -10.62
C ASN A 61 0.64 13.78 -12.05
N ASP A 62 1.73 14.07 -12.76
CA ASP A 62 1.63 14.52 -14.14
C ASP A 62 2.23 13.49 -15.10
N GLU A 63 3.54 13.33 -15.04
CA GLU A 63 4.22 12.39 -15.92
C GLU A 63 3.90 10.94 -15.54
N ARG A 64 3.84 10.68 -14.24
CA ARG A 64 3.58 9.33 -13.75
C ARG A 64 2.10 9.00 -13.78
N ILE A 65 1.26 9.98 -14.08
CA ILE A 65 -0.18 9.74 -14.09
C ILE A 65 -0.57 8.78 -15.22
N ARG A 66 0.12 8.90 -16.35
CA ARG A 66 -0.15 8.05 -17.50
C ARG A 66 0.55 6.70 -17.38
N GLU A 67 1.69 6.69 -16.70
CA GLU A 67 2.44 5.46 -16.55
C GLU A 67 1.62 4.40 -15.83
N ALA A 68 1.00 4.77 -14.71
CA ALA A 68 0.21 3.82 -13.95
C ALA A 68 -0.96 3.26 -14.76
N LEU A 69 -1.62 4.12 -15.52
CA LEU A 69 -2.76 3.68 -16.33
C LEU A 69 -2.30 2.63 -17.34
N ALA A 70 -1.14 2.86 -17.92
CA ALA A 70 -0.60 1.95 -18.91
C ALA A 70 -0.33 0.57 -18.32
N ASN A 71 0.15 0.53 -17.09
CA ASN A 71 0.47 -0.74 -16.46
C ASN A 71 -0.77 -1.63 -16.34
N ILE A 72 -1.90 -1.05 -15.94
CA ILE A 72 -3.11 -1.84 -15.77
C ILE A 72 -3.46 -2.58 -17.06
N GLU A 73 -3.41 -1.90 -18.19
CA GLU A 73 -3.71 -2.55 -19.46
C GLU A 73 -2.67 -3.61 -19.76
N LYS A 74 -1.42 -3.30 -19.46
CA LYS A 74 -0.33 -4.25 -19.72
C LYS A 74 -0.58 -5.57 -19.01
N ASN A 75 -1.07 -5.50 -17.78
CA ASN A 75 -1.35 -6.71 -17.01
C ASN A 75 -2.79 -7.18 -17.23
N GLY A 76 -3.53 -6.46 -18.09
CA GLY A 76 -4.89 -6.86 -18.40
C GLY A 76 -5.74 -7.10 -17.15
N VAL A 77 -5.60 -6.23 -16.15
CA VAL A 77 -6.35 -6.38 -14.91
C VAL A 77 -7.45 -5.33 -14.80
N THR A 78 -7.81 -4.68 -15.91
CA THR A 78 -8.83 -3.66 -15.87
C THR A 78 -10.06 -4.15 -15.13
N GLY A 79 -10.86 -3.19 -14.68
CA GLY A 79 -12.07 -3.50 -13.97
C GLY A 79 -11.80 -3.82 -12.51
N ARG A 80 -10.62 -4.40 -12.25
CA ARG A 80 -10.26 -4.75 -10.88
C ARG A 80 -9.26 -3.76 -10.32
N ALA A 81 -8.52 -3.10 -11.22
CA ALA A 81 -7.51 -2.15 -10.82
C ALA A 81 -7.78 -0.78 -11.46
N SER A 82 -7.66 0.27 -10.67
CA SER A 82 -7.90 1.61 -11.16
C SER A 82 -7.09 2.62 -10.36
N ILE A 83 -7.05 3.86 -10.85
CA ILE A 83 -6.32 4.91 -10.18
C ILE A 83 -7.20 6.14 -10.02
N VAL A 84 -7.10 6.79 -8.86
CA VAL A 84 -7.91 7.98 -8.59
C VAL A 84 -7.02 9.16 -8.22
N LYS A 85 -7.21 10.28 -8.90
CA LYS A 85 -6.42 11.47 -8.62
C LYS A 85 -7.20 12.40 -7.70
N GLY A 86 -6.47 13.23 -6.96
CA GLY A 86 -7.11 14.17 -6.03
C GLY A 86 -6.30 14.31 -4.76
N ASN A 87 -6.93 14.83 -3.71
CA ASN A 87 -6.25 15.01 -2.44
C ASN A 87 -6.72 13.97 -1.41
N PHE A 88 -5.76 13.47 -0.64
CA PHE A 88 -6.04 12.46 0.37
C PHE A 88 -7.09 12.96 1.36
N PHE A 89 -6.93 14.18 1.82
CA PHE A 89 -7.87 14.76 2.76
C PHE A 89 -9.27 14.80 2.14
N GLU A 90 -9.32 15.29 0.91
CA GLU A 90 -10.58 15.41 0.19
C GLU A 90 -11.23 14.04 -0.07
N VAL A 91 -10.42 13.05 -0.43
CA VAL A 91 -10.95 11.72 -0.71
C VAL A 91 -11.16 10.92 0.58
N ASP A 92 -12.10 9.99 0.52
CA ASP A 92 -12.41 9.13 1.67
C ASP A 92 -12.11 7.67 1.36
N ILE A 93 -11.47 7.00 2.31
CA ILE A 93 -11.12 5.58 2.14
C ILE A 93 -11.83 4.72 3.17
N SER A 94 -12.88 5.25 3.76
CA SER A 94 -13.62 4.51 4.78
C SER A 94 -14.12 3.18 4.25
N GLU A 95 -14.52 3.15 2.99
CA GLU A 95 -15.03 1.93 2.39
C GLU A 95 -13.94 0.85 2.29
N ALA A 96 -12.70 1.27 2.38
CA ALA A 96 -11.57 0.34 2.28
C ALA A 96 -11.53 -0.61 3.47
N THR A 97 -11.36 -1.91 3.20
CA THR A 97 -11.26 -2.89 4.26
C THR A 97 -9.80 -3.23 4.51
N VAL A 98 -8.98 -3.03 3.47
CA VAL A 98 -7.55 -3.29 3.55
C VAL A 98 -6.77 -2.12 2.96
N VAL A 99 -5.75 -1.66 3.70
CA VAL A 99 -4.92 -0.57 3.23
C VAL A 99 -3.45 -0.82 3.59
N THR A 100 -2.55 -0.20 2.83
CA THR A 100 -1.13 -0.36 3.08
C THR A 100 -0.38 0.91 2.69
N MET A 101 0.68 1.22 3.43
CA MET A 101 1.48 2.41 3.15
C MET A 101 2.86 2.01 2.61
N PHE A 102 3.32 2.74 1.60
CA PHE A 102 4.62 2.47 0.99
C PHE A 102 5.36 3.78 0.73
N LEU A 103 6.65 3.80 1.04
CA LEU A 103 7.45 5.00 0.84
C LEU A 103 7.51 5.37 -0.64
N LEU A 104 7.43 6.67 -0.91
CA LEU A 104 7.47 7.17 -2.28
C LEU A 104 7.56 8.69 -2.29
N THR A 105 6.56 9.33 -1.69
CA THR A 105 6.52 10.79 -1.62
C THR A 105 7.41 11.29 -0.50
N ASN A 106 7.67 12.60 -0.49
CA ASN A 106 8.50 13.19 0.55
C ASN A 106 7.85 13.05 1.92
N VAL A 107 8.68 12.87 2.94
CA VAL A 107 8.17 12.72 4.30
C VAL A 107 7.07 13.73 4.60
N ASN A 108 5.96 13.26 5.14
CA ASN A 108 4.85 14.13 5.47
C ASN A 108 3.92 13.45 6.49
N GLU A 109 3.01 14.21 7.05
CA GLU A 109 2.09 13.66 8.04
C GLU A 109 1.15 12.65 7.37
N MET A 110 0.97 11.51 8.03
CA MET A 110 0.09 10.45 7.51
C MET A 110 -0.51 9.66 8.67
N LEU A 111 0.35 9.24 9.59
CA LEU A 111 -0.09 8.46 10.74
C LEU A 111 -0.99 9.30 11.64
N LYS A 112 -2.29 9.04 11.58
CA LYS A 112 -3.26 9.78 12.39
C LYS A 112 -4.30 8.84 13.00
N PRO A 113 -4.84 9.15 14.16
CA PRO A 113 -5.88 8.30 14.81
C PRO A 113 -7.22 8.39 14.07
N LYS A 114 -7.28 9.30 13.11
CA LYS A 114 -8.48 9.52 12.33
C LYS A 114 -8.93 8.22 11.64
N LEU A 115 -7.96 7.33 11.40
CA LEU A 115 -8.26 6.06 10.75
C LEU A 115 -9.29 5.28 11.56
N GLU A 116 -9.29 5.51 12.86
CA GLU A 116 -10.22 4.82 13.76
C GLU A 116 -11.66 5.20 13.44
N LYS A 117 -11.85 6.37 12.82
CA LYS A 117 -13.19 6.83 12.48
C LYS A 117 -13.48 6.60 11.00
N GLU A 118 -12.44 6.63 10.18
CA GLU A 118 -12.62 6.43 8.75
C GLU A 118 -12.75 4.95 8.40
N LEU A 119 -11.77 4.16 8.81
CA LEU A 119 -11.82 2.73 8.54
C LEU A 119 -12.81 2.07 9.50
N LYS A 120 -13.49 1.03 9.03
CA LYS A 120 -14.45 0.33 9.89
C LYS A 120 -13.68 -0.66 10.78
N PRO A 121 -14.15 -0.95 11.98
CA PRO A 121 -13.45 -1.91 12.88
C PRO A 121 -13.19 -3.25 12.19
N GLY A 122 -11.99 -3.79 12.38
CA GLY A 122 -11.64 -5.08 11.77
C GLY A 122 -10.90 -4.88 10.46
N THR A 123 -10.61 -3.62 10.14
CA THR A 123 -9.87 -3.30 8.93
C THR A 123 -8.40 -3.58 9.14
N ARG A 124 -7.70 -3.99 8.09
CA ARG A 124 -6.28 -4.28 8.19
C ARG A 124 -5.47 -3.12 7.64
N VAL A 125 -4.48 -2.69 8.41
CA VAL A 125 -3.61 -1.59 7.99
C VAL A 125 -2.15 -2.05 8.02
N VAL A 126 -1.42 -1.82 6.92
CA VAL A 126 -0.02 -2.24 6.85
C VAL A 126 0.91 -1.04 6.65
N SER A 127 1.89 -0.87 7.53
CA SER A 127 2.81 0.24 7.42
C SER A 127 4.12 -0.21 6.79
N HIS A 128 4.81 0.71 6.14
CA HIS A 128 6.08 0.39 5.46
C HIS A 128 7.10 -0.14 6.46
N GLU A 129 8.05 0.72 6.85
CA GLU A 129 9.10 0.32 7.78
C GLU A 129 8.93 1.03 9.12
N PHE A 130 8.16 2.11 9.12
CA PHE A 130 7.93 2.88 10.35
C PHE A 130 6.71 2.37 11.08
N GLU A 131 6.87 2.05 12.36
CA GLU A 131 5.77 1.56 13.17
C GLU A 131 4.88 2.72 13.60
N ILE A 132 3.65 2.39 14.00
CA ILE A 132 2.72 3.42 14.44
C ILE A 132 2.83 3.64 15.94
N ARG A 133 3.14 4.87 16.33
CA ARG A 133 3.25 5.21 17.74
C ARG A 133 1.87 5.39 18.35
N GLY A 134 1.68 4.89 19.56
CA GLY A 134 0.39 5.02 20.24
C GLY A 134 -0.48 3.80 19.98
N TRP A 135 -0.20 3.08 18.89
CA TRP A 135 -0.99 1.90 18.55
C TRP A 135 -0.31 0.62 19.05
N ASN A 136 -0.92 -0.51 18.73
CA ASN A 136 -0.38 -1.81 19.10
C ASN A 136 -0.43 -2.75 17.89
N PRO A 137 0.68 -3.12 17.29
CA PRO A 137 0.67 -4.01 16.09
C PRO A 137 0.31 -5.45 16.46
N LYS A 138 -0.39 -6.11 15.55
CA LYS A 138 -0.79 -7.49 15.77
C LYS A 138 0.33 -8.45 15.37
N GLU A 139 0.88 -8.24 14.17
CA GLU A 139 1.95 -9.09 13.67
C GLU A 139 3.10 -8.24 13.11
N VAL A 140 4.31 -8.51 13.59
CA VAL A 140 5.49 -7.77 13.12
C VAL A 140 6.58 -8.74 12.69
N ILE A 141 7.04 -8.62 11.45
CA ILE A 141 8.08 -9.51 10.95
C ILE A 141 9.07 -8.77 10.06
N LYS A 142 10.21 -9.38 9.83
CA LYS A 142 11.25 -8.79 8.99
C LYS A 142 11.58 -9.68 7.80
N VAL A 143 12.04 -9.03 6.73
CA VAL A 143 12.41 -9.74 5.52
C VAL A 143 13.81 -9.34 5.11
N GLU A 144 14.65 -10.33 4.84
CA GLU A 144 16.03 -10.07 4.44
C GLU A 144 16.25 -10.52 3.00
N ASP A 145 16.62 -9.57 2.13
CA ASP A 145 16.86 -9.91 0.73
C ASP A 145 18.09 -9.17 0.21
N GLY A 146 19.21 -9.89 0.14
CA GLY A 146 20.45 -9.28 -0.33
C GLY A 146 21.30 -8.79 0.83
N ASN A 147 21.55 -7.48 0.85
CA ASN A 147 22.35 -6.88 1.93
C ASN A 147 21.52 -5.88 2.71
N MET A 148 20.20 -5.95 2.57
CA MET A 148 19.31 -5.04 3.28
C MET A 148 18.09 -5.80 3.78
N ASN A 149 17.44 -5.26 4.81
CA ASN A 149 16.24 -5.89 5.37
C ASN A 149 15.09 -4.91 5.43
N HIS A 150 13.90 -5.45 5.60
CA HIS A 150 12.69 -4.63 5.68
C HIS A 150 11.79 -5.14 6.79
N THR A 151 11.05 -4.23 7.41
CA THR A 151 10.13 -4.59 8.49
C THR A 151 8.73 -4.11 8.12
N VAL A 152 7.72 -4.93 8.43
CA VAL A 152 6.34 -4.56 8.13
C VAL A 152 5.46 -4.73 9.35
N TYR A 153 4.64 -3.70 9.63
CA TYR A 153 3.75 -3.75 10.78
C TYR A 153 2.30 -3.86 10.34
N LEU A 154 1.59 -4.77 10.98
CA LEU A 154 0.19 -5.01 10.70
C LEU A 154 -0.63 -4.55 11.90
N TYR A 155 -1.70 -3.80 11.66
CA TYR A 155 -2.54 -3.32 12.74
C TYR A 155 -4.00 -3.67 12.44
N VAL A 156 -4.84 -3.55 13.46
CA VAL A 156 -6.26 -3.83 13.29
C VAL A 156 -7.09 -2.68 13.86
N ILE A 157 -7.96 -2.13 13.03
CA ILE A 157 -8.81 -1.03 13.45
C ILE A 157 -9.85 -1.49 14.47
N GLY A 158 -10.00 -0.73 15.54
CA GLY A 158 -10.94 -1.06 16.60
C GLY A 158 -10.20 -1.37 17.89
N GLU A 159 -9.09 -2.09 17.75
CA GLU A 159 -8.27 -2.45 18.90
C GLU A 159 -6.82 -2.08 18.65
N HIS A 160 -6.24 -1.30 19.55
CA HIS A 160 -4.85 -0.88 19.40
C HIS A 160 -4.32 -0.33 20.72
N LYS A 161 -4.58 0.95 20.98
CA LYS A 161 -4.15 1.58 22.21
C LYS A 161 -4.80 0.89 23.40
N ALA A 162 -4.02 0.60 24.43
CA ALA A 162 -4.55 -0.07 25.61
C ALA A 162 -5.91 0.51 25.99
N MET A 1 35.75 11.27 -15.02
CA MET A 1 36.11 11.84 -13.69
C MET A 1 34.83 12.16 -12.91
N SER A 2 33.74 12.34 -13.64
CA SER A 2 32.45 12.65 -13.02
C SER A 2 31.38 11.67 -13.48
N TYR A 3 30.43 11.36 -12.59
CA TYR A 3 29.36 10.43 -12.92
C TYR A 3 28.00 11.05 -12.57
N VAL A 4 27.01 10.77 -13.41
CA VAL A 4 25.67 11.29 -13.20
C VAL A 4 24.64 10.17 -13.31
N PRO A 5 24.65 9.23 -12.39
CA PRO A 5 23.70 8.09 -12.40
C PRO A 5 22.29 8.50 -11.97
N HIS A 6 22.16 8.96 -10.73
CA HIS A 6 20.86 9.37 -10.22
C HIS A 6 19.80 8.33 -10.52
N VAL A 7 20.23 7.06 -10.52
CA VAL A 7 19.31 5.95 -10.81
C VAL A 7 19.43 4.88 -9.73
N PRO A 8 18.83 5.09 -8.58
CA PRO A 8 18.87 4.12 -7.45
C PRO A 8 18.40 2.73 -7.88
N TYR A 9 19.05 1.71 -7.34
CA TYR A 9 18.71 0.32 -7.67
C TYR A 9 18.20 -0.41 -6.44
N VAL A 10 17.04 -1.06 -6.58
CA VAL A 10 16.44 -1.81 -5.48
C VAL A 10 16.51 -3.31 -5.77
N PRO A 11 17.27 -4.09 -5.03
CA PRO A 11 17.38 -5.55 -5.29
C PRO A 11 16.13 -6.32 -4.88
N THR A 12 15.62 -6.04 -3.68
CA THR A 12 14.43 -6.74 -3.18
C THR A 12 13.33 -6.83 -4.24
N PRO A 13 13.04 -8.00 -4.78
CA PRO A 13 11.96 -8.16 -5.79
C PRO A 13 10.62 -7.63 -5.27
N GLU A 14 9.62 -7.62 -6.15
CA GLU A 14 8.30 -7.16 -5.78
C GLU A 14 7.69 -8.03 -4.66
N LYS A 15 8.33 -9.17 -4.42
CA LYS A 15 7.85 -10.09 -3.39
C LYS A 15 7.52 -9.35 -2.10
N VAL A 16 8.07 -8.16 -1.93
CA VAL A 16 7.80 -7.38 -0.73
C VAL A 16 6.31 -7.08 -0.61
N VAL A 17 5.69 -6.68 -1.72
CA VAL A 17 4.26 -6.37 -1.72
C VAL A 17 3.44 -7.63 -1.49
N ARG A 18 3.95 -8.76 -1.94
CA ARG A 18 3.25 -10.02 -1.78
C ARG A 18 3.05 -10.37 -0.30
N ARG A 19 4.08 -10.13 0.51
CA ARG A 19 3.98 -10.42 1.94
C ARG A 19 2.99 -9.50 2.62
N MET A 20 2.97 -8.24 2.22
CA MET A 20 2.07 -7.25 2.80
C MET A 20 0.62 -7.64 2.55
N LEU A 21 0.38 -8.20 1.37
CA LEU A 21 -0.96 -8.63 0.99
C LEU A 21 -1.40 -9.86 1.80
N GLU A 22 -0.49 -10.81 2.02
CA GLU A 22 -0.84 -12.02 2.77
C GLU A 22 -1.19 -11.73 4.21
N ILE A 23 -0.39 -10.89 4.85
CA ILE A 23 -0.63 -10.56 6.26
C ILE A 23 -1.92 -9.77 6.42
N ALA A 24 -2.22 -8.93 5.45
CA ALA A 24 -3.43 -8.13 5.49
C ALA A 24 -4.65 -9.03 5.32
N LYS A 25 -4.37 -10.27 4.93
CA LYS A 25 -5.43 -11.26 4.73
C LYS A 25 -6.35 -10.85 3.59
N VAL A 26 -5.81 -10.12 2.62
CA VAL A 26 -6.61 -9.67 1.49
C VAL A 26 -7.15 -10.85 0.70
N SER A 27 -8.48 -10.92 0.62
CA SER A 27 -9.16 -11.98 -0.10
C SER A 27 -9.90 -11.40 -1.31
N GLN A 28 -10.42 -12.29 -2.15
CA GLN A 28 -11.14 -11.86 -3.35
C GLN A 28 -12.35 -11.00 -2.98
N ASP A 29 -12.78 -11.06 -1.73
CA ASP A 29 -13.94 -10.29 -1.30
C ASP A 29 -13.52 -9.00 -0.59
N ASP A 30 -12.21 -8.75 -0.52
CA ASP A 30 -11.69 -7.56 0.14
C ASP A 30 -11.14 -6.56 -0.87
N ILE A 31 -11.44 -5.28 -0.64
CA ILE A 31 -10.95 -4.23 -1.54
C ILE A 31 -9.60 -3.71 -1.05
N VAL A 32 -8.82 -3.17 -1.96
CA VAL A 32 -7.50 -2.63 -1.61
C VAL A 32 -7.36 -1.15 -1.94
N TYR A 33 -7.14 -0.35 -0.89
CA TYR A 33 -6.94 1.09 -1.05
C TYR A 33 -5.50 1.43 -0.66
N ALA A 34 -4.67 1.69 -1.66
CA ALA A 34 -3.26 2.01 -1.40
C ALA A 34 -2.89 3.35 -2.00
N LEU A 35 -2.04 4.09 -1.29
CA LEU A 35 -1.60 5.40 -1.74
C LEU A 35 -0.13 5.35 -2.17
N GLY A 36 0.44 4.15 -2.14
CA GLY A 36 1.83 3.96 -2.53
C GLY A 36 1.95 3.54 -3.99
N CYS A 37 0.85 3.65 -4.73
CA CYS A 37 0.85 3.28 -6.14
C CYS A 37 2.11 3.77 -6.85
N GLY A 38 2.00 4.90 -7.55
CA GLY A 38 3.16 5.44 -8.26
C GLY A 38 3.45 4.63 -9.52
N ASP A 39 2.55 3.71 -9.84
CA ASP A 39 2.70 2.87 -11.02
C ASP A 39 1.60 1.81 -11.08
N GLY A 40 0.96 1.56 -9.94
CA GLY A 40 -0.12 0.58 -9.89
C GLY A 40 0.40 -0.81 -9.53
N ARG A 41 1.71 -0.95 -9.39
CA ARG A 41 2.28 -2.25 -9.05
C ARG A 41 1.75 -2.74 -7.71
N ILE A 42 1.37 -1.79 -6.86
CA ILE A 42 0.85 -2.14 -5.53
C ILE A 42 -0.54 -2.77 -5.64
N ILE A 43 -1.41 -2.20 -6.47
CA ILE A 43 -2.77 -2.72 -6.62
C ILE A 43 -2.87 -3.79 -7.71
N ILE A 44 -2.03 -3.68 -8.73
CA ILE A 44 -2.03 -4.64 -9.83
C ILE A 44 -1.69 -6.05 -9.35
N THR A 45 -0.71 -6.17 -8.46
CA THR A 45 -0.32 -7.47 -7.93
C THR A 45 -1.46 -8.08 -7.12
N ALA A 46 -2.32 -7.21 -6.61
CA ALA A 46 -3.46 -7.67 -5.84
C ALA A 46 -4.50 -8.29 -6.76
N ALA A 47 -5.10 -7.46 -7.60
CA ALA A 47 -6.13 -7.94 -8.51
C ALA A 47 -5.59 -9.01 -9.45
N LYS A 48 -4.37 -8.85 -9.90
CA LYS A 48 -3.77 -9.83 -10.81
C LYS A 48 -3.63 -11.19 -10.14
N ASP A 49 -3.12 -11.22 -8.90
CA ASP A 49 -2.91 -12.48 -8.20
C ASP A 49 -3.94 -12.71 -7.09
N PHE A 50 -4.11 -11.73 -6.20
CA PHE A 50 -5.05 -11.88 -5.09
C PHE A 50 -6.49 -11.80 -5.55
N ASN A 51 -6.73 -11.49 -6.82
CA ASN A 51 -8.09 -11.42 -7.34
C ASN A 51 -8.99 -10.58 -6.43
N VAL A 52 -8.43 -9.55 -5.83
CA VAL A 52 -9.19 -8.70 -4.93
C VAL A 52 -10.55 -8.35 -5.52
N LYS A 53 -11.43 -7.86 -4.66
CA LYS A 53 -12.76 -7.46 -5.09
C LYS A 53 -12.66 -6.17 -5.90
N LYS A 54 -11.97 -5.20 -5.32
CA LYS A 54 -11.78 -3.92 -5.97
C LYS A 54 -10.46 -3.30 -5.49
N ALA A 55 -9.62 -2.91 -6.43
CA ALA A 55 -8.33 -2.31 -6.08
C ALA A 55 -8.27 -0.88 -6.59
N VAL A 56 -7.90 0.04 -5.71
CA VAL A 56 -7.81 1.44 -6.05
C VAL A 56 -6.50 2.05 -5.57
N GLY A 57 -5.84 2.80 -6.45
CA GLY A 57 -4.59 3.45 -6.11
C GLY A 57 -4.80 4.95 -5.99
N VAL A 58 -4.20 5.56 -4.98
CA VAL A 58 -4.33 6.99 -4.75
C VAL A 58 -2.97 7.67 -4.90
N GLU A 59 -2.95 8.72 -5.71
CA GLU A 59 -1.71 9.47 -5.95
C GLU A 59 -1.92 10.52 -7.02
N ILE A 60 -1.04 11.51 -7.04
CA ILE A 60 -1.11 12.57 -8.03
C ILE A 60 0.27 12.85 -8.59
N ASN A 61 0.42 12.72 -9.90
CA ASN A 61 1.71 12.94 -10.54
C ASN A 61 1.48 13.49 -11.94
N ASP A 62 2.56 13.80 -12.64
CA ASP A 62 2.46 14.33 -14.00
C ASP A 62 2.92 13.31 -15.03
N GLU A 63 4.21 13.05 -15.06
CA GLU A 63 4.77 12.09 -16.01
C GLU A 63 4.38 10.65 -15.66
N ARG A 64 4.35 10.36 -14.36
CA ARG A 64 4.02 9.02 -13.90
C ARG A 64 2.51 8.78 -13.91
N ILE A 65 1.74 9.83 -14.17
CA ILE A 65 0.29 9.68 -14.16
C ILE A 65 -0.17 8.74 -15.28
N ARG A 66 0.49 8.84 -16.43
CA ARG A 66 0.14 8.01 -17.57
C ARG A 66 0.76 6.63 -17.46
N GLU A 67 1.89 6.55 -16.77
CA GLU A 67 2.57 5.27 -16.61
C GLU A 67 1.67 4.27 -15.89
N ALA A 68 1.09 4.68 -14.77
CA ALA A 68 0.23 3.78 -14.00
C ALA A 68 -0.97 3.30 -14.79
N LEU A 69 -1.60 4.19 -15.56
CA LEU A 69 -2.76 3.79 -16.35
C LEU A 69 -2.37 2.70 -17.32
N ALA A 70 -1.22 2.87 -17.94
CA ALA A 70 -0.71 1.88 -18.89
C ALA A 70 -0.43 0.55 -18.20
N ASN A 71 0.08 0.63 -16.98
CA ASN A 71 0.43 -0.56 -16.20
C ASN A 71 -0.79 -1.41 -15.89
N ILE A 72 -1.97 -0.81 -15.87
CA ILE A 72 -3.20 -1.56 -15.60
C ILE A 72 -3.55 -2.41 -16.82
N GLU A 73 -3.53 -1.77 -17.99
CA GLU A 73 -3.84 -2.47 -19.24
C GLU A 73 -2.79 -3.54 -19.51
N LYS A 74 -1.54 -3.22 -19.22
CA LYS A 74 -0.44 -4.14 -19.44
C LYS A 74 -0.70 -5.46 -18.73
N ASN A 75 -1.24 -5.38 -17.52
CA ASN A 75 -1.53 -6.59 -16.75
C ASN A 75 -2.98 -7.04 -16.95
N GLY A 76 -3.70 -6.34 -17.84
CA GLY A 76 -5.07 -6.71 -18.14
C GLY A 76 -5.91 -6.90 -16.88
N VAL A 77 -5.77 -6.01 -15.91
CA VAL A 77 -6.53 -6.12 -14.67
C VAL A 77 -7.61 -5.06 -14.57
N THR A 78 -7.95 -4.40 -15.68
CA THR A 78 -8.96 -3.38 -15.63
C THR A 78 -10.19 -3.86 -14.89
N GLY A 79 -10.98 -2.89 -14.46
CA GLY A 79 -12.22 -3.18 -13.76
C GLY A 79 -11.96 -3.59 -12.32
N ARG A 80 -10.69 -3.88 -12.01
CA ARG A 80 -10.32 -4.28 -10.65
C ARG A 80 -9.28 -3.31 -10.10
N ALA A 81 -8.54 -2.67 -11.00
CA ALA A 81 -7.51 -1.73 -10.61
C ALA A 81 -7.76 -0.37 -11.24
N SER A 82 -7.63 0.67 -10.45
CA SER A 82 -7.85 2.02 -10.93
C SER A 82 -6.97 3.01 -10.18
N ILE A 83 -6.87 4.22 -10.70
CA ILE A 83 -6.07 5.27 -10.06
C ILE A 83 -6.88 6.54 -9.92
N VAL A 84 -6.71 7.21 -8.78
CA VAL A 84 -7.43 8.45 -8.50
C VAL A 84 -6.48 9.58 -8.16
N LYS A 85 -6.62 10.71 -8.83
CA LYS A 85 -5.76 11.85 -8.58
C LYS A 85 -6.50 12.91 -7.77
N GLY A 86 -5.73 13.77 -7.10
CA GLY A 86 -6.33 14.82 -6.28
C GLY A 86 -5.66 14.87 -4.91
N ASN A 87 -6.35 15.46 -3.94
CA ASN A 87 -5.81 15.57 -2.60
C ASN A 87 -6.31 14.43 -1.71
N PHE A 88 -5.38 13.72 -1.08
CA PHE A 88 -5.74 12.60 -0.23
C PHE A 88 -6.81 13.01 0.77
N PHE A 89 -6.81 14.28 1.16
CA PHE A 89 -7.81 14.77 2.10
C PHE A 89 -9.21 14.61 1.51
N GLU A 90 -9.35 15.05 0.27
CA GLU A 90 -10.62 14.96 -0.43
C GLU A 90 -11.03 13.50 -0.61
N VAL A 91 -10.05 12.65 -0.92
CA VAL A 91 -10.31 11.24 -1.12
C VAL A 91 -10.65 10.55 0.19
N ASP A 92 -11.75 9.80 0.20
CA ASP A 92 -12.17 9.10 1.40
C ASP A 92 -11.82 7.61 1.29
N ILE A 93 -11.33 7.05 2.39
CA ILE A 93 -10.96 5.63 2.41
C ILE A 93 -11.78 4.86 3.43
N SER A 94 -12.82 5.47 3.97
CA SER A 94 -13.64 4.82 4.97
C SER A 94 -14.20 3.51 4.43
N GLU A 95 -14.52 3.49 3.15
CA GLU A 95 -15.07 2.28 2.53
C GLU A 95 -14.02 1.17 2.43
N ALA A 96 -12.75 1.54 2.53
CA ALA A 96 -11.67 0.56 2.42
C ALA A 96 -11.66 -0.42 3.59
N THR A 97 -11.56 -1.71 3.29
CA THR A 97 -11.49 -2.72 4.34
C THR A 97 -10.05 -3.16 4.56
N VAL A 98 -9.22 -2.97 3.53
CA VAL A 98 -7.79 -3.31 3.61
C VAL A 98 -6.94 -2.18 3.03
N VAL A 99 -5.92 -1.78 3.78
CA VAL A 99 -5.03 -0.71 3.32
C VAL A 99 -3.57 -1.09 3.50
N THR A 100 -2.76 -0.71 2.52
CA THR A 100 -1.33 -1.01 2.57
C THR A 100 -0.52 0.21 2.15
N MET A 101 0.71 0.30 2.62
CA MET A 101 1.58 1.42 2.28
C MET A 101 2.98 0.92 1.90
N PHE A 102 3.45 1.31 0.72
CA PHE A 102 4.77 0.91 0.27
C PHE A 102 5.35 1.96 -0.68
N LEU A 103 6.04 2.95 -0.11
CA LEU A 103 6.64 4.01 -0.90
C LEU A 103 7.88 4.55 -0.19
N LEU A 104 8.94 4.75 -0.94
CA LEU A 104 10.18 5.26 -0.37
C LEU A 104 10.02 6.73 0.02
N THR A 105 10.61 7.10 1.15
CA THR A 105 10.54 8.49 1.62
C THR A 105 9.10 8.86 1.98
N ASN A 106 8.56 8.20 3.00
CA ASN A 106 7.19 8.47 3.45
C ASN A 106 7.21 9.27 4.76
N VAL A 107 6.40 10.32 4.81
CA VAL A 107 6.32 11.14 6.00
C VAL A 107 5.61 10.39 7.12
N ASN A 108 4.67 9.52 6.74
CA ASN A 108 3.92 8.73 7.70
C ASN A 108 3.23 9.62 8.73
N GLU A 109 2.75 10.78 8.28
CA GLU A 109 2.05 11.71 9.16
C GLU A 109 0.59 11.83 8.77
N MET A 110 0.30 11.56 7.50
CA MET A 110 -1.05 11.66 6.98
C MET A 110 -1.89 10.46 7.40
N LEU A 111 -1.55 9.86 8.53
CA LEU A 111 -2.30 8.72 9.04
C LEU A 111 -2.82 9.05 10.44
N LYS A 112 -3.73 10.02 10.50
CA LYS A 112 -4.28 10.46 11.79
C LYS A 112 -5.22 9.41 12.38
N PRO A 113 -5.37 9.38 13.69
CA PRO A 113 -6.28 8.40 14.38
C PRO A 113 -7.66 8.33 13.71
N LYS A 114 -7.91 9.20 12.74
CA LYS A 114 -9.20 9.21 12.05
C LYS A 114 -9.47 7.85 11.40
N LEU A 115 -8.43 7.04 11.28
CA LEU A 115 -8.58 5.71 10.69
C LEU A 115 -9.58 4.89 11.51
N GLU A 116 -9.54 5.09 12.83
CA GLU A 116 -10.45 4.37 13.71
C GLU A 116 -11.89 4.76 13.44
N LYS A 117 -12.09 5.92 12.82
CA LYS A 117 -13.43 6.38 12.50
C LYS A 117 -13.78 6.08 11.05
N GLU A 118 -12.82 6.27 10.15
CA GLU A 118 -13.05 6.02 8.74
C GLU A 118 -13.11 4.53 8.44
N LEU A 119 -12.08 3.80 8.87
CA LEU A 119 -12.03 2.36 8.66
C LEU A 119 -12.83 1.66 9.75
N LYS A 120 -13.71 0.75 9.35
CA LYS A 120 -14.54 0.04 10.32
C LYS A 120 -13.69 -0.95 11.12
N PRO A 121 -14.04 -1.25 12.35
CA PRO A 121 -13.26 -2.22 13.18
C PRO A 121 -13.05 -3.55 12.46
N GLY A 122 -11.84 -4.09 12.56
CA GLY A 122 -11.53 -5.37 11.93
C GLY A 122 -10.80 -5.14 10.61
N THR A 123 -10.61 -3.87 10.26
CA THR A 123 -9.89 -3.52 9.05
C THR A 123 -8.41 -3.82 9.24
N ARG A 124 -7.74 -4.25 8.17
CA ARG A 124 -6.32 -4.54 8.24
C ARG A 124 -5.53 -3.41 7.59
N VAL A 125 -4.51 -2.94 8.29
CA VAL A 125 -3.67 -1.87 7.77
C VAL A 125 -2.20 -2.25 7.86
N VAL A 126 -1.44 -1.96 6.82
CA VAL A 126 -0.02 -2.31 6.78
C VAL A 126 0.86 -1.10 6.46
N SER A 127 1.88 -0.86 7.29
CA SER A 127 2.79 0.25 7.06
C SER A 127 4.08 -0.25 6.43
N HIS A 128 4.71 0.59 5.62
CA HIS A 128 5.95 0.22 4.96
C HIS A 128 7.02 -0.21 5.95
N GLU A 129 7.92 0.72 6.28
CA GLU A 129 9.00 0.43 7.22
C GLU A 129 8.85 1.23 8.51
N PHE A 130 8.03 2.27 8.46
CA PHE A 130 7.83 3.13 9.62
C PHE A 130 6.69 2.62 10.49
N GLU A 131 6.94 2.53 11.79
CA GLU A 131 5.92 2.07 12.74
C GLU A 131 5.04 3.22 13.18
N ILE A 132 3.86 2.89 13.70
CA ILE A 132 2.93 3.92 14.15
C ILE A 132 3.09 4.18 15.65
N ARG A 133 3.44 5.42 15.99
CA ARG A 133 3.61 5.79 17.39
C ARG A 133 2.25 5.87 18.07
N GLY A 134 2.17 5.39 19.31
CA GLY A 134 0.92 5.44 20.06
C GLY A 134 0.10 4.18 19.84
N TRP A 135 0.35 3.49 18.72
CA TRP A 135 -0.39 2.27 18.40
C TRP A 135 0.48 1.05 18.65
N ASN A 136 -0.15 -0.07 18.97
CA ASN A 136 0.58 -1.31 19.23
C ASN A 136 0.32 -2.35 18.13
N PRO A 137 1.23 -2.54 17.19
CA PRO A 137 1.04 -3.53 16.09
C PRO A 137 0.79 -4.94 16.63
N LYS A 138 0.04 -5.72 15.86
CA LYS A 138 -0.27 -7.09 16.25
C LYS A 138 0.83 -8.05 15.81
N GLU A 139 1.22 -7.94 14.53
CA GLU A 139 2.28 -8.80 13.99
C GLU A 139 3.39 -7.96 13.38
N VAL A 140 4.63 -8.22 13.80
CA VAL A 140 5.78 -7.49 13.28
C VAL A 140 6.87 -8.45 12.85
N ILE A 141 7.29 -8.36 11.58
CA ILE A 141 8.34 -9.23 11.08
C ILE A 141 9.29 -8.48 10.15
N LYS A 142 10.45 -9.07 9.92
CA LYS A 142 11.45 -8.47 9.06
C LYS A 142 11.84 -9.41 7.91
N VAL A 143 12.21 -8.79 6.80
CA VAL A 143 12.62 -9.53 5.61
C VAL A 143 14.01 -9.09 5.18
N GLU A 144 14.90 -10.06 4.98
CA GLU A 144 16.26 -9.76 4.57
C GLU A 144 16.53 -10.27 3.16
N ASP A 145 17.00 -9.39 2.29
CA ASP A 145 17.28 -9.77 0.91
C ASP A 145 18.51 -9.03 0.37
N GLY A 146 19.66 -9.70 0.36
CA GLY A 146 20.88 -9.09 -0.14
C GLY A 146 21.68 -8.47 1.01
N ASN A 147 21.80 -7.15 0.99
CA ASN A 147 22.55 -6.44 2.03
C ASN A 147 21.66 -5.43 2.76
N MET A 148 20.36 -5.58 2.58
CA MET A 148 19.40 -4.69 3.21
C MET A 148 18.18 -5.48 3.68
N ASN A 149 17.46 -4.94 4.65
CA ASN A 149 16.28 -5.61 5.18
C ASN A 149 15.10 -4.65 5.23
N HIS A 150 13.92 -5.21 5.46
CA HIS A 150 12.70 -4.43 5.53
C HIS A 150 11.81 -4.92 6.67
N THR A 151 11.04 -4.02 7.24
CA THR A 151 10.14 -4.36 8.33
C THR A 151 8.72 -3.97 7.97
N VAL A 152 7.75 -4.82 8.30
CA VAL A 152 6.35 -4.56 7.99
C VAL A 152 5.50 -4.65 9.25
N TYR A 153 4.67 -3.63 9.46
CA TYR A 153 3.81 -3.60 10.64
C TYR A 153 2.35 -3.81 10.26
N LEU A 154 1.70 -4.73 10.95
CA LEU A 154 0.30 -5.04 10.70
C LEU A 154 -0.52 -4.68 11.94
N TYR A 155 -1.51 -3.82 11.77
CA TYR A 155 -2.36 -3.42 12.88
C TYR A 155 -3.83 -3.45 12.47
N VAL A 156 -4.66 -4.06 13.32
CA VAL A 156 -6.08 -4.19 13.06
C VAL A 156 -6.88 -3.08 13.76
N ILE A 157 -7.80 -2.47 13.02
CA ILE A 157 -8.64 -1.40 13.56
C ILE A 157 -9.62 -1.97 14.58
N GLY A 158 -9.91 -1.17 15.60
CA GLY A 158 -10.82 -1.57 16.66
C GLY A 158 -10.13 -1.41 18.01
N GLU A 159 -8.82 -1.63 17.99
CA GLU A 159 -8.00 -1.48 19.18
C GLU A 159 -6.68 -0.85 18.79
N HIS A 160 -6.56 0.45 18.98
CA HIS A 160 -5.32 1.14 18.61
C HIS A 160 -4.17 0.72 19.50
N LYS A 161 -4.47 0.32 20.74
CA LYS A 161 -3.43 -0.12 21.67
C LYS A 161 -3.65 -1.59 22.04
N ALA A 162 -2.55 -2.29 22.30
CA ALA A 162 -2.64 -3.70 22.67
C ALA A 162 -1.57 -4.05 23.71
N MET A 1 14.85 26.53 -5.15
CA MET A 1 14.09 26.23 -6.39
C MET A 1 14.34 24.78 -6.81
N SER A 2 15.14 24.61 -7.86
CA SER A 2 15.44 23.26 -8.35
C SER A 2 14.16 22.51 -8.67
N TYR A 3 13.25 23.18 -9.37
CA TYR A 3 11.98 22.56 -9.75
C TYR A 3 12.20 21.50 -10.82
N VAL A 4 11.37 20.46 -10.79
CA VAL A 4 11.49 19.39 -11.76
C VAL A 4 12.91 18.83 -11.80
N PRO A 5 13.41 18.44 -10.67
CA PRO A 5 14.79 17.88 -10.54
C PRO A 5 14.92 16.51 -11.22
N HIS A 6 13.79 15.86 -11.44
CA HIS A 6 13.78 14.56 -12.09
C HIS A 6 14.64 13.56 -11.33
N VAL A 7 14.37 13.42 -10.04
CA VAL A 7 15.13 12.50 -9.21
C VAL A 7 14.77 11.04 -9.57
N PRO A 8 15.71 10.13 -9.44
CA PRO A 8 15.46 8.68 -9.77
C PRO A 8 14.55 8.02 -8.75
N TYR A 9 13.79 7.03 -9.21
CA TYR A 9 12.87 6.30 -8.33
C TYR A 9 13.11 4.79 -8.45
N VAL A 10 13.37 4.14 -7.33
CA VAL A 10 13.61 2.70 -7.32
C VAL A 10 12.48 1.94 -6.62
N PRO A 11 11.63 1.22 -7.32
CA PRO A 11 10.51 0.47 -6.67
C PRO A 11 11.01 -0.78 -5.95
N THR A 12 10.35 -1.14 -4.86
CA THR A 12 10.75 -2.31 -4.09
C THR A 12 10.37 -3.60 -4.85
N PRO A 13 10.99 -4.72 -4.56
CA PRO A 13 10.65 -6.01 -5.25
C PRO A 13 9.19 -6.39 -5.05
N GLU A 14 8.60 -7.06 -6.04
CA GLU A 14 7.21 -7.47 -5.94
C GLU A 14 7.04 -8.38 -4.73
N LYS A 15 8.13 -9.00 -4.30
CA LYS A 15 8.10 -9.89 -3.15
C LYS A 15 7.65 -9.12 -1.90
N VAL A 16 8.14 -7.89 -1.77
CA VAL A 16 7.77 -7.05 -0.63
C VAL A 16 6.27 -6.79 -0.66
N VAL A 17 5.77 -6.44 -1.85
CA VAL A 17 4.33 -6.18 -2.01
C VAL A 17 3.53 -7.44 -1.72
N ARG A 18 4.05 -8.57 -2.16
CA ARG A 18 3.38 -9.84 -1.96
C ARG A 18 3.19 -10.14 -0.47
N ARG A 19 4.19 -9.86 0.34
CA ARG A 19 4.09 -10.11 1.78
C ARG A 19 3.08 -9.19 2.46
N MET A 20 3.05 -7.92 2.05
CA MET A 20 2.15 -6.95 2.66
C MET A 20 0.69 -7.33 2.40
N LEU A 21 0.44 -7.93 1.25
CA LEU A 21 -0.91 -8.34 0.90
C LEU A 21 -1.35 -9.59 1.69
N GLU A 22 -0.44 -10.55 1.84
CA GLU A 22 -0.76 -11.79 2.56
C GLU A 22 -1.10 -11.53 4.02
N ILE A 23 -0.30 -10.71 4.67
CA ILE A 23 -0.52 -10.41 6.09
C ILE A 23 -1.81 -9.65 6.28
N ALA A 24 -2.12 -8.77 5.33
CA ALA A 24 -3.33 -7.97 5.41
C ALA A 24 -4.57 -8.84 5.23
N LYS A 25 -4.34 -10.10 4.87
CA LYS A 25 -5.43 -11.06 4.65
C LYS A 25 -6.30 -10.64 3.47
N VAL A 26 -5.64 -10.28 2.37
CA VAL A 26 -6.36 -9.86 1.17
C VAL A 26 -6.91 -11.08 0.43
N SER A 27 -8.23 -11.15 0.36
CA SER A 27 -8.91 -12.25 -0.31
C SER A 27 -9.64 -11.74 -1.54
N GLN A 28 -10.03 -12.65 -2.43
CA GLN A 28 -10.72 -12.26 -3.65
C GLN A 28 -12.01 -11.49 -3.32
N ASP A 29 -12.48 -11.62 -2.09
CA ASP A 29 -13.70 -10.94 -1.68
C ASP A 29 -13.40 -9.65 -0.94
N ASP A 30 -12.12 -9.33 -0.77
CA ASP A 30 -11.71 -8.12 -0.06
C ASP A 30 -11.11 -7.11 -1.04
N ILE A 31 -11.39 -5.83 -0.80
CA ILE A 31 -10.87 -4.78 -1.67
C ILE A 31 -9.53 -4.27 -1.15
N VAL A 32 -8.73 -3.70 -2.05
CA VAL A 32 -7.42 -3.17 -1.67
C VAL A 32 -7.31 -1.69 -2.04
N TYR A 33 -7.09 -0.85 -1.03
CA TYR A 33 -6.94 0.59 -1.22
C TYR A 33 -5.52 1.00 -0.81
N ALA A 34 -4.70 1.35 -1.80
CA ALA A 34 -3.31 1.73 -1.52
C ALA A 34 -3.01 3.12 -2.07
N LEU A 35 -2.24 3.89 -1.30
CA LEU A 35 -1.88 5.25 -1.72
C LEU A 35 -0.42 5.28 -2.15
N GLY A 36 0.23 4.13 -2.10
CA GLY A 36 1.64 4.03 -2.49
C GLY A 36 1.79 3.60 -3.94
N CYS A 37 0.72 3.71 -4.72
CA CYS A 37 0.77 3.31 -6.12
C CYS A 37 1.99 3.91 -6.82
N GLY A 38 1.78 4.95 -7.62
CA GLY A 38 2.89 5.58 -8.33
C GLY A 38 3.31 4.73 -9.52
N ASP A 39 2.54 3.68 -9.79
CA ASP A 39 2.83 2.78 -10.91
C ASP A 39 1.72 1.73 -11.04
N GLY A 40 1.00 1.49 -9.95
CA GLY A 40 -0.07 0.52 -9.95
C GLY A 40 0.46 -0.88 -9.65
N ARG A 41 1.77 -0.99 -9.45
CA ARG A 41 2.36 -2.29 -9.16
C ARG A 41 1.83 -2.82 -7.83
N ILE A 42 1.43 -1.89 -6.97
CA ILE A 42 0.91 -2.28 -5.66
C ILE A 42 -0.48 -2.92 -5.77
N ILE A 43 -1.35 -2.35 -6.62
CA ILE A 43 -2.71 -2.90 -6.79
C ILE A 43 -2.77 -3.94 -7.90
N ILE A 44 -1.92 -3.79 -8.91
CA ILE A 44 -1.89 -4.73 -10.04
C ILE A 44 -1.52 -6.13 -9.58
N THR A 45 -0.55 -6.23 -8.67
CA THR A 45 -0.13 -7.53 -8.17
C THR A 45 -1.25 -8.17 -7.36
N ALA A 46 -2.15 -7.33 -6.86
CA ALA A 46 -3.27 -7.83 -6.09
C ALA A 46 -4.30 -8.47 -7.03
N ALA A 47 -4.91 -7.65 -7.86
CA ALA A 47 -5.92 -8.13 -8.79
C ALA A 47 -5.36 -9.19 -9.73
N LYS A 48 -4.12 -9.00 -10.15
CA LYS A 48 -3.48 -9.96 -11.05
C LYS A 48 -3.33 -11.33 -10.39
N ASP A 49 -2.84 -11.34 -9.16
CA ASP A 49 -2.61 -12.60 -8.45
C ASP A 49 -3.64 -12.86 -7.33
N PHE A 50 -3.82 -11.89 -6.45
CA PHE A 50 -4.75 -12.05 -5.33
C PHE A 50 -6.19 -12.02 -5.80
N ASN A 51 -6.44 -11.72 -7.07
CA ASN A 51 -7.79 -11.70 -7.59
C ASN A 51 -8.71 -10.88 -6.69
N VAL A 52 -8.18 -9.82 -6.09
CA VAL A 52 -8.97 -8.98 -5.21
C VAL A 52 -10.33 -8.71 -5.81
N LYS A 53 -11.25 -8.28 -4.96
CA LYS A 53 -12.58 -7.93 -5.42
C LYS A 53 -12.52 -6.60 -6.18
N LYS A 54 -11.88 -5.63 -5.54
CA LYS A 54 -11.74 -4.30 -6.14
C LYS A 54 -10.43 -3.68 -5.68
N ALA A 55 -9.61 -3.24 -6.63
CA ALA A 55 -8.32 -2.63 -6.29
C ALA A 55 -8.28 -1.19 -6.78
N VAL A 56 -7.95 -0.28 -5.88
CA VAL A 56 -7.88 1.13 -6.21
C VAL A 56 -6.60 1.76 -5.68
N GLY A 57 -5.95 2.55 -6.53
CA GLY A 57 -4.72 3.23 -6.15
C GLY A 57 -4.97 4.73 -6.01
N VAL A 58 -4.47 5.32 -4.93
CA VAL A 58 -4.66 6.75 -4.71
C VAL A 58 -3.33 7.47 -4.87
N GLU A 59 -3.32 8.50 -5.72
CA GLU A 59 -2.11 9.27 -5.97
C GLU A 59 -2.36 10.31 -7.04
N ILE A 60 -1.56 11.36 -7.03
CA ILE A 60 -1.68 12.42 -8.02
C ILE A 60 -0.30 12.79 -8.53
N ASN A 61 -0.09 12.67 -9.83
CA ASN A 61 1.21 12.99 -10.43
C ASN A 61 1.00 13.50 -11.85
N ASP A 62 2.10 13.76 -12.56
CA ASP A 62 2.01 14.25 -13.92
C ASP A 62 2.59 13.22 -14.90
N GLU A 63 3.90 13.04 -14.86
CA GLU A 63 4.55 12.08 -15.75
C GLU A 63 4.24 10.65 -15.36
N ARG A 64 4.20 10.40 -14.05
CA ARG A 64 3.94 9.06 -13.54
C ARG A 64 2.45 8.74 -13.55
N ILE A 65 1.62 9.73 -13.84
CA ILE A 65 0.18 9.50 -13.85
C ILE A 65 -0.24 8.61 -15.01
N ARG A 66 0.45 8.75 -16.13
CA ARG A 66 0.15 7.95 -17.31
C ARG A 66 0.73 6.56 -17.22
N GLU A 67 1.85 6.43 -16.50
CA GLU A 67 2.49 5.13 -16.38
C GLU A 67 1.57 4.13 -15.70
N ALA A 68 0.94 4.53 -14.60
CA ALA A 68 0.06 3.64 -13.86
C ALA A 68 -1.11 3.17 -14.73
N LEU A 69 -1.70 4.08 -15.49
CA LEU A 69 -2.83 3.72 -16.34
C LEU A 69 -2.38 2.68 -17.37
N ALA A 70 -1.21 2.91 -17.94
CA ALA A 70 -0.65 2.00 -18.93
C ALA A 70 -0.34 0.64 -18.33
N ASN A 71 0.17 0.64 -17.10
CA ASN A 71 0.52 -0.61 -16.44
C ASN A 71 -0.68 -1.53 -16.31
N ILE A 72 -1.82 -0.99 -15.87
CA ILE A 72 -3.02 -1.81 -15.70
C ILE A 72 -3.37 -2.53 -17.00
N GLU A 73 -3.34 -1.81 -18.13
CA GLU A 73 -3.66 -2.43 -19.39
C GLU A 73 -2.63 -3.51 -19.72
N LYS A 74 -1.37 -3.22 -19.43
CA LYS A 74 -0.29 -4.17 -19.70
C LYS A 74 -0.56 -5.48 -18.98
N ASN A 75 -1.07 -5.39 -17.76
CA ASN A 75 -1.36 -6.59 -16.98
C ASN A 75 -2.80 -7.06 -17.21
N GLY A 76 -3.52 -6.37 -18.10
CA GLY A 76 -4.89 -6.77 -18.41
C GLY A 76 -5.72 -6.99 -17.15
N VAL A 77 -5.56 -6.13 -16.16
CA VAL A 77 -6.30 -6.24 -14.91
C VAL A 77 -7.37 -5.18 -14.80
N THR A 78 -7.72 -4.52 -15.90
CA THR A 78 -8.73 -3.48 -15.85
C THR A 78 -9.96 -3.97 -15.11
N GLY A 79 -10.76 -3.00 -14.70
CA GLY A 79 -11.99 -3.29 -14.01
C GLY A 79 -11.74 -3.64 -12.55
N ARG A 80 -10.52 -4.10 -12.24
CA ARG A 80 -10.17 -4.47 -10.87
C ARG A 80 -9.18 -3.47 -10.32
N ALA A 81 -8.40 -2.85 -11.21
CA ALA A 81 -7.40 -1.87 -10.81
C ALA A 81 -7.75 -0.50 -11.38
N SER A 82 -7.74 0.50 -10.51
CA SER A 82 -8.05 1.86 -10.93
C SER A 82 -7.17 2.85 -10.19
N ILE A 83 -7.07 4.06 -10.74
CA ILE A 83 -6.27 5.11 -10.10
C ILE A 83 -7.10 6.37 -9.95
N VAL A 84 -6.98 7.02 -8.80
CA VAL A 84 -7.73 8.24 -8.51
C VAL A 84 -6.80 9.38 -8.11
N LYS A 85 -6.96 10.53 -8.75
CA LYS A 85 -6.13 11.69 -8.44
C LYS A 85 -6.87 12.64 -7.51
N GLY A 86 -6.09 13.41 -6.75
CA GLY A 86 -6.68 14.36 -5.81
C GLY A 86 -5.97 14.30 -4.46
N ASN A 87 -6.60 14.85 -3.43
CA ASN A 87 -6.01 14.84 -2.10
C ASN A 87 -6.57 13.67 -1.29
N PHE A 88 -5.67 12.86 -0.74
CA PHE A 88 -6.08 11.71 0.04
C PHE A 88 -7.10 12.11 1.11
N PHE A 89 -7.00 13.35 1.58
CA PHE A 89 -7.92 13.85 2.59
C PHE A 89 -9.34 13.81 2.04
N GLU A 90 -9.51 14.34 0.84
CA GLU A 90 -10.81 14.38 0.18
C GLU A 90 -11.31 12.96 -0.10
N VAL A 91 -10.40 12.09 -0.50
CA VAL A 91 -10.77 10.71 -0.81
C VAL A 91 -11.15 9.95 0.46
N ASP A 92 -12.30 9.27 0.40
CA ASP A 92 -12.77 8.50 1.53
C ASP A 92 -12.30 7.05 1.42
N ILE A 93 -11.72 6.54 2.52
CA ILE A 93 -11.21 5.17 2.52
C ILE A 93 -11.99 4.30 3.51
N SER A 94 -13.06 4.84 4.09
CA SER A 94 -13.84 4.09 5.05
C SER A 94 -14.44 2.84 4.43
N GLU A 95 -14.66 2.86 3.13
CA GLU A 95 -15.23 1.71 2.44
C GLU A 95 -14.21 0.58 2.31
N ALA A 96 -12.93 0.95 2.38
CA ALA A 96 -11.86 -0.04 2.23
C ALA A 96 -11.70 -0.93 3.45
N THR A 97 -11.43 -2.22 3.20
CA THR A 97 -11.24 -3.17 4.27
C THR A 97 -9.75 -3.40 4.52
N VAL A 98 -8.96 -3.20 3.48
CA VAL A 98 -7.51 -3.36 3.57
C VAL A 98 -6.79 -2.14 3.02
N VAL A 99 -5.84 -1.61 3.80
CA VAL A 99 -5.10 -0.43 3.38
C VAL A 99 -3.61 -0.56 3.73
N THR A 100 -2.78 0.07 2.91
CA THR A 100 -1.33 0.06 3.12
C THR A 100 -0.79 1.48 3.12
N MET A 101 0.39 1.67 3.69
CA MET A 101 1.00 3.00 3.76
C MET A 101 2.40 2.97 3.15
N PHE A 102 2.72 4.00 2.37
CA PHE A 102 4.02 4.10 1.72
C PHE A 102 4.69 5.44 2.03
N LEU A 103 6.01 5.43 2.08
CA LEU A 103 6.76 6.66 2.38
C LEU A 103 6.27 7.82 1.52
N LEU A 104 6.19 8.99 2.13
CA LEU A 104 5.74 10.19 1.43
C LEU A 104 6.90 11.16 1.25
N THR A 105 6.81 12.00 0.22
CA THR A 105 7.86 12.96 -0.06
C THR A 105 8.03 13.91 1.14
N ASN A 106 6.91 14.36 1.69
CA ASN A 106 6.96 15.26 2.83
C ASN A 106 7.51 14.55 4.07
N VAL A 107 8.23 15.29 4.90
CA VAL A 107 8.82 14.72 6.11
C VAL A 107 7.96 15.03 7.33
N ASN A 108 6.76 15.56 7.07
CA ASN A 108 5.84 15.91 8.14
C ASN A 108 5.35 14.66 8.87
N GLU A 109 4.88 14.85 10.10
CA GLU A 109 4.39 13.74 10.90
C GLU A 109 3.30 12.97 10.15
N MET A 110 2.91 11.82 10.70
CA MET A 110 1.86 11.01 10.08
C MET A 110 0.85 10.56 11.12
N LEU A 111 1.09 9.38 11.70
CA LEU A 111 0.19 8.83 12.71
C LEU A 111 -1.22 8.65 12.15
N LYS A 112 -1.92 9.76 11.91
CA LYS A 112 -3.26 9.70 11.35
C LYS A 112 -4.18 8.83 12.20
N PRO A 113 -4.54 9.25 13.39
CA PRO A 113 -5.42 8.47 14.29
C PRO A 113 -6.86 8.44 13.76
N LYS A 114 -7.14 9.36 12.85
CA LYS A 114 -8.47 9.47 12.27
C LYS A 114 -8.86 8.17 11.58
N LEU A 115 -7.89 7.28 11.40
CA LEU A 115 -8.16 5.99 10.75
C LEU A 115 -9.18 5.22 11.57
N GLU A 116 -9.10 5.35 12.88
CA GLU A 116 -10.03 4.66 13.78
C GLU A 116 -11.46 5.13 13.52
N LYS A 117 -11.60 6.31 12.95
CA LYS A 117 -12.93 6.85 12.66
C LYS A 117 -13.29 6.65 11.20
N GLU A 118 -12.32 6.81 10.31
CA GLU A 118 -12.56 6.64 8.88
C GLU A 118 -12.73 5.17 8.54
N LEU A 119 -11.77 4.36 8.96
CA LEU A 119 -11.82 2.92 8.70
C LEU A 119 -12.63 2.23 9.78
N LYS A 120 -13.48 1.30 9.36
CA LYS A 120 -14.33 0.58 10.31
C LYS A 120 -13.52 -0.47 11.09
N PRO A 121 -13.95 -0.86 12.27
CA PRO A 121 -13.22 -1.90 13.07
C PRO A 121 -13.06 -3.21 12.30
N GLY A 122 -11.89 -3.82 12.41
CA GLY A 122 -11.63 -5.08 11.72
C GLY A 122 -10.86 -4.85 10.44
N THR A 123 -10.67 -3.59 10.09
CA THR A 123 -9.93 -3.25 8.89
C THR A 123 -8.44 -3.50 9.11
N ARG A 124 -7.74 -3.92 8.06
CA ARG A 124 -6.32 -4.20 8.18
C ARG A 124 -5.47 -3.06 7.63
N VAL A 125 -4.49 -2.65 8.41
CA VAL A 125 -3.58 -1.57 8.00
C VAL A 125 -2.14 -2.05 8.05
N VAL A 126 -1.41 -1.83 6.96
CA VAL A 126 -0.01 -2.27 6.88
C VAL A 126 0.92 -1.09 6.66
N SER A 127 1.88 -0.91 7.57
CA SER A 127 2.85 0.17 7.43
C SER A 127 3.97 -0.25 6.49
N HIS A 128 4.78 0.71 6.07
CA HIS A 128 5.89 0.40 5.18
C HIS A 128 7.14 0.11 5.99
N GLU A 129 7.99 1.12 6.14
CA GLU A 129 9.23 0.96 6.90
C GLU A 129 9.07 1.47 8.32
N PHE A 130 8.54 2.68 8.45
CA PHE A 130 8.35 3.30 9.75
C PHE A 130 7.17 2.68 10.51
N GLU A 131 7.36 2.49 11.81
CA GLU A 131 6.33 1.92 12.67
C GLU A 131 5.42 3.02 13.20
N ILE A 132 4.13 2.72 13.32
CA ILE A 132 3.19 3.71 13.82
C ILE A 132 3.38 3.90 15.33
N ARG A 133 3.86 5.07 15.72
CA ARG A 133 4.06 5.36 17.14
C ARG A 133 2.71 5.58 17.81
N GLY A 134 2.57 5.11 19.03
CA GLY A 134 1.31 5.28 19.76
C GLY A 134 0.38 4.09 19.53
N TRP A 135 0.60 3.37 18.43
CA TRP A 135 -0.24 2.22 18.11
C TRP A 135 0.48 0.91 18.45
N ASN A 136 -0.28 -0.07 18.89
CA ASN A 136 0.28 -1.38 19.22
C ASN A 136 0.06 -2.33 18.03
N PRO A 137 1.13 -2.82 17.40
CA PRO A 137 0.98 -3.72 16.22
C PRO A 137 0.50 -5.12 16.61
N LYS A 138 -0.28 -5.74 15.74
CA LYS A 138 -0.78 -7.09 16.00
C LYS A 138 0.27 -8.11 15.57
N GLU A 139 0.77 -7.94 14.34
CA GLU A 139 1.78 -8.85 13.82
C GLU A 139 2.86 -8.05 13.08
N VAL A 140 4.11 -8.44 13.27
CA VAL A 140 5.22 -7.74 12.62
C VAL A 140 6.39 -8.69 12.36
N ILE A 141 6.94 -8.62 11.15
CA ILE A 141 8.06 -9.47 10.79
C ILE A 141 9.07 -8.71 9.95
N LYS A 142 10.25 -9.29 9.79
CA LYS A 142 11.30 -8.68 8.99
C LYS A 142 11.67 -9.55 7.80
N VAL A 143 12.12 -8.89 6.73
CA VAL A 143 12.51 -9.60 5.52
C VAL A 143 13.91 -9.18 5.11
N GLU A 144 14.77 -10.16 4.87
CA GLU A 144 16.14 -9.88 4.46
C GLU A 144 16.36 -10.33 3.02
N ASP A 145 16.66 -9.37 2.14
CA ASP A 145 16.88 -9.71 0.74
C ASP A 145 18.10 -8.96 0.20
N GLY A 146 19.24 -9.63 0.14
CA GLY A 146 20.46 -9.00 -0.35
C GLY A 146 21.32 -8.49 0.80
N ASN A 147 21.56 -7.18 0.80
CA ASN A 147 22.37 -6.55 1.85
C ASN A 147 21.52 -5.57 2.66
N MET A 148 20.20 -5.67 2.53
CA MET A 148 19.30 -4.79 3.26
C MET A 148 18.09 -5.57 3.76
N ASN A 149 17.43 -5.04 4.79
CA ASN A 149 16.25 -5.69 5.35
C ASN A 149 15.07 -4.73 5.39
N HIS A 150 13.89 -5.30 5.59
CA HIS A 150 12.67 -4.52 5.64
C HIS A 150 11.78 -5.02 6.78
N THR A 151 11.02 -4.11 7.38
CA THR A 151 10.13 -4.48 8.48
C THR A 151 8.71 -4.02 8.16
N VAL A 152 7.73 -4.84 8.51
CA VAL A 152 6.33 -4.50 8.25
C VAL A 152 5.46 -4.66 9.49
N TYR A 153 4.60 -3.67 9.73
CA TYR A 153 3.70 -3.71 10.88
C TYR A 153 2.26 -3.85 10.44
N LEU A 154 1.55 -4.78 11.06
CA LEU A 154 0.15 -5.02 10.75
C LEU A 154 -0.72 -4.62 11.93
N TYR A 155 -1.60 -3.65 11.73
CA TYR A 155 -2.49 -3.20 12.79
C TYR A 155 -3.94 -3.59 12.45
N VAL A 156 -4.80 -3.48 13.45
CA VAL A 156 -6.21 -3.78 13.25
C VAL A 156 -7.08 -2.69 13.86
N ILE A 157 -7.99 -2.16 13.06
CA ILE A 157 -8.88 -1.11 13.53
C ILE A 157 -9.92 -1.66 14.50
N GLY A 158 -10.17 -0.91 15.56
CA GLY A 158 -11.13 -1.32 16.58
C GLY A 158 -10.50 -1.32 17.96
N GLU A 159 -9.22 -1.65 18.01
CA GLU A 159 -8.49 -1.66 19.28
C GLU A 159 -7.04 -1.31 19.05
N HIS A 160 -6.70 -0.06 19.33
CA HIS A 160 -5.35 0.42 19.15
C HIS A 160 -5.17 1.79 19.77
N LYS A 161 -3.95 2.32 19.70
CA LYS A 161 -3.64 3.63 20.25
C LYS A 161 -3.36 3.51 21.75
N ALA A 162 -3.76 2.39 22.34
CA ALA A 162 -3.54 2.16 23.76
C ALA A 162 -4.45 1.04 24.27
N MET A 1 14.99 -4.05 -27.19
CA MET A 1 15.27 -5.50 -26.96
C MET A 1 15.06 -5.84 -25.50
N SER A 2 13.81 -6.13 -25.14
CA SER A 2 13.48 -6.48 -23.75
C SER A 2 14.21 -7.75 -23.34
N TYR A 3 14.70 -7.78 -22.11
CA TYR A 3 15.41 -8.95 -21.60
C TYR A 3 14.59 -9.64 -20.52
N VAL A 4 14.35 -10.94 -20.70
CA VAL A 4 13.58 -11.71 -19.73
C VAL A 4 14.34 -11.88 -18.42
N PRO A 5 15.62 -12.21 -18.44
CA PRO A 5 16.41 -12.40 -17.18
C PRO A 5 16.75 -11.08 -16.51
N HIS A 6 16.97 -11.12 -15.21
CA HIS A 6 17.32 -9.91 -14.46
C HIS A 6 18.37 -10.21 -13.40
N VAL A 7 19.60 -10.47 -13.84
CA VAL A 7 20.69 -10.76 -12.91
C VAL A 7 21.00 -9.53 -12.05
N PRO A 8 20.98 -8.37 -12.62
CA PRO A 8 21.28 -7.11 -11.88
C PRO A 8 20.32 -6.88 -10.72
N TYR A 9 20.80 -6.20 -9.68
CA TYR A 9 19.98 -5.94 -8.51
C TYR A 9 18.70 -5.20 -8.93
N VAL A 10 17.63 -5.41 -8.17
CA VAL A 10 16.37 -4.75 -8.44
C VAL A 10 15.89 -4.08 -7.15
N PRO A 11 15.60 -2.78 -7.15
CA PRO A 11 15.14 -2.06 -5.93
C PRO A 11 14.26 -2.92 -5.01
N THR A 12 12.96 -2.66 -4.98
CA THR A 12 12.06 -3.45 -4.12
C THR A 12 11.37 -4.53 -4.97
N PRO A 13 11.55 -5.80 -4.65
CA PRO A 13 10.90 -6.90 -5.42
C PRO A 13 9.43 -7.05 -5.08
N GLU A 14 8.66 -7.64 -6.00
CA GLU A 14 7.23 -7.83 -5.79
C GLU A 14 7.01 -8.69 -4.54
N LYS A 15 8.07 -9.35 -4.10
CA LYS A 15 7.98 -10.20 -2.91
C LYS A 15 7.54 -9.38 -1.71
N VAL A 16 8.05 -8.16 -1.60
CA VAL A 16 7.69 -7.30 -0.48
C VAL A 16 6.20 -7.01 -0.49
N VAL A 17 5.68 -6.64 -1.66
CA VAL A 17 4.26 -6.35 -1.81
C VAL A 17 3.43 -7.61 -1.55
N ARG A 18 3.93 -8.74 -2.03
CA ARG A 18 3.23 -10.01 -1.88
C ARG A 18 3.00 -10.34 -0.40
N ARG A 19 4.00 -10.10 0.44
CA ARG A 19 3.86 -10.37 1.86
C ARG A 19 2.83 -9.45 2.51
N MET A 20 2.82 -8.19 2.08
CA MET A 20 1.90 -7.20 2.63
C MET A 20 0.44 -7.58 2.37
N LEU A 21 0.18 -8.17 1.21
CA LEU A 21 -1.16 -8.58 0.85
C LEU A 21 -1.60 -9.81 1.65
N GLU A 22 -0.69 -10.76 1.83
CA GLU A 22 -1.00 -11.98 2.57
C GLU A 22 -1.37 -11.70 4.02
N ILE A 23 -0.58 -10.85 4.67
CA ILE A 23 -0.83 -10.51 6.07
C ILE A 23 -2.08 -9.65 6.21
N ALA A 24 -2.33 -8.82 5.21
CA ALA A 24 -3.48 -7.94 5.23
C ALA A 24 -4.73 -8.70 4.78
N LYS A 25 -4.74 -10.00 5.06
CA LYS A 25 -5.88 -10.85 4.75
C LYS A 25 -6.59 -10.41 3.47
N VAL A 26 -5.85 -10.22 2.39
CA VAL A 26 -6.45 -9.80 1.13
C VAL A 26 -6.97 -10.99 0.35
N SER A 27 -8.28 -11.10 0.22
CA SER A 27 -8.90 -12.19 -0.51
C SER A 27 -9.61 -11.64 -1.75
N GLN A 28 -10.07 -12.54 -2.60
CA GLN A 28 -10.75 -12.13 -3.82
C GLN A 28 -12.01 -11.34 -3.49
N ASP A 29 -12.50 -11.48 -2.26
CA ASP A 29 -13.70 -10.77 -1.85
C ASP A 29 -13.36 -9.45 -1.16
N ASP A 30 -12.09 -9.28 -0.79
CA ASP A 30 -11.65 -8.06 -0.13
C ASP A 30 -11.04 -7.09 -1.12
N ILE A 31 -11.26 -5.79 -0.89
CA ILE A 31 -10.73 -4.76 -1.77
C ILE A 31 -9.40 -4.24 -1.25
N VAL A 32 -8.62 -3.61 -2.13
CA VAL A 32 -7.33 -3.05 -1.74
C VAL A 32 -7.24 -1.57 -2.10
N TYR A 33 -7.02 -0.74 -1.08
CA TYR A 33 -6.87 0.71 -1.28
C TYR A 33 -5.46 1.11 -0.87
N ALA A 34 -4.59 1.31 -1.85
CA ALA A 34 -3.20 1.67 -1.57
C ALA A 34 -2.85 3.03 -2.16
N LEU A 35 -2.02 3.78 -1.44
CA LEU A 35 -1.60 5.11 -1.88
C LEU A 35 -0.14 5.09 -2.29
N GLY A 36 0.46 3.91 -2.27
CA GLY A 36 1.86 3.75 -2.63
C GLY A 36 2.02 3.32 -4.08
N CYS A 37 0.94 3.44 -4.86
CA CYS A 37 0.96 3.04 -6.27
C CYS A 37 2.26 3.53 -6.94
N GLY A 38 2.16 4.63 -7.67
CA GLY A 38 3.34 5.17 -8.36
C GLY A 38 3.66 4.34 -9.60
N ASP A 39 2.78 3.39 -9.90
CA ASP A 39 2.95 2.52 -11.07
C ASP A 39 1.79 1.53 -11.17
N GLY A 40 1.12 1.28 -10.04
CA GLY A 40 0.01 0.35 -10.01
C GLY A 40 0.49 -1.05 -9.67
N ARG A 41 1.80 -1.23 -9.60
CA ARG A 41 2.37 -2.53 -9.28
C ARG A 41 1.81 -3.03 -7.94
N ILE A 42 1.46 -2.09 -7.08
CA ILE A 42 0.93 -2.44 -5.76
C ILE A 42 -0.46 -3.07 -5.87
N ILE A 43 -1.33 -2.49 -6.69
CA ILE A 43 -2.70 -3.00 -6.85
C ILE A 43 -2.79 -4.06 -7.95
N ILE A 44 -1.93 -3.93 -8.96
CA ILE A 44 -1.92 -4.87 -10.07
C ILE A 44 -1.61 -6.29 -9.62
N THR A 45 -0.64 -6.44 -8.72
CA THR A 45 -0.28 -7.76 -8.21
C THR A 45 -1.44 -8.35 -7.42
N ALA A 46 -2.30 -7.48 -6.92
CA ALA A 46 -3.46 -7.93 -6.17
C ALA A 46 -4.51 -8.50 -7.12
N ALA A 47 -5.08 -7.65 -7.95
CA ALA A 47 -6.11 -8.09 -8.88
C ALA A 47 -5.59 -9.17 -9.82
N LYS A 48 -4.34 -9.02 -10.26
CA LYS A 48 -3.76 -10.00 -11.16
C LYS A 48 -3.67 -11.38 -10.51
N ASP A 49 -3.19 -11.42 -9.26
CA ASP A 49 -3.03 -12.69 -8.55
C ASP A 49 -4.08 -12.90 -7.46
N PHE A 50 -4.22 -11.93 -6.56
CA PHE A 50 -5.17 -12.05 -5.46
C PHE A 50 -6.62 -11.92 -5.94
N ASN A 51 -6.83 -11.58 -7.20
CA ASN A 51 -8.18 -11.46 -7.74
C ASN A 51 -9.05 -10.57 -6.86
N VAL A 52 -8.45 -9.55 -6.24
CA VAL A 52 -9.21 -8.66 -5.38
C VAL A 52 -10.42 -8.10 -6.11
N LYS A 53 -11.59 -8.27 -5.51
CA LYS A 53 -12.84 -7.81 -6.10
C LYS A 53 -12.68 -6.39 -6.62
N LYS A 54 -12.08 -5.53 -5.81
CA LYS A 54 -11.88 -4.14 -6.19
C LYS A 54 -10.52 -3.63 -5.73
N ALA A 55 -9.74 -3.06 -6.65
CA ALA A 55 -8.43 -2.53 -6.32
C ALA A 55 -8.32 -1.09 -6.80
N VAL A 56 -7.87 -0.21 -5.91
CA VAL A 56 -7.74 1.21 -6.27
C VAL A 56 -6.42 1.78 -5.76
N GLY A 57 -5.76 2.55 -6.62
CA GLY A 57 -4.50 3.18 -6.25
C GLY A 57 -4.71 4.68 -6.10
N VAL A 58 -4.33 5.23 -4.96
CA VAL A 58 -4.48 6.66 -4.73
C VAL A 58 -3.16 7.37 -5.00
N GLU A 59 -3.19 8.33 -5.92
CA GLU A 59 -1.98 9.07 -6.27
C GLU A 59 -2.31 10.22 -7.20
N ILE A 60 -1.54 11.30 -7.10
CA ILE A 60 -1.74 12.46 -7.95
C ILE A 60 -0.39 12.93 -8.49
N ASN A 61 -0.19 12.80 -9.80
CA ASN A 61 1.05 13.23 -10.42
C ASN A 61 0.79 13.64 -11.86
N ASP A 62 1.83 14.07 -12.57
CA ASP A 62 1.67 14.49 -13.95
C ASP A 62 2.26 13.47 -14.92
N GLU A 63 3.58 13.29 -14.87
CA GLU A 63 4.26 12.36 -15.78
C GLU A 63 3.94 10.90 -15.46
N ARG A 64 3.86 10.58 -14.17
CA ARG A 64 3.60 9.21 -13.77
C ARG A 64 2.13 8.85 -13.94
N ILE A 65 1.31 9.84 -14.26
CA ILE A 65 -0.13 9.59 -14.43
C ILE A 65 -0.39 8.60 -15.56
N ARG A 66 0.38 8.72 -16.63
CA ARG A 66 0.21 7.84 -17.78
C ARG A 66 0.88 6.50 -17.57
N GLU A 67 1.97 6.50 -16.80
CA GLU A 67 2.68 5.26 -16.56
C GLU A 67 1.80 4.24 -15.87
N ALA A 68 1.14 4.62 -14.78
CA ALA A 68 0.29 3.70 -14.04
C ALA A 68 -0.89 3.19 -14.88
N LEU A 69 -1.50 4.07 -15.66
CA LEU A 69 -2.63 3.66 -16.48
C LEU A 69 -2.20 2.57 -17.46
N ALA A 70 -1.02 2.75 -18.02
CA ALA A 70 -0.48 1.77 -18.97
C ALA A 70 -0.25 0.43 -18.29
N ASN A 71 0.19 0.46 -17.04
CA ASN A 71 0.48 -0.75 -16.29
C ASN A 71 -0.78 -1.57 -16.01
N ILE A 72 -1.95 -0.92 -15.98
CA ILE A 72 -3.18 -1.64 -15.75
C ILE A 72 -3.56 -2.43 -17.00
N GLU A 73 -3.52 -1.75 -18.15
CA GLU A 73 -3.83 -2.41 -19.41
C GLU A 73 -2.80 -3.49 -19.72
N LYS A 74 -1.54 -3.19 -19.41
CA LYS A 74 -0.47 -4.14 -19.68
C LYS A 74 -0.75 -5.47 -18.99
N ASN A 75 -1.26 -5.40 -17.78
CA ASN A 75 -1.57 -6.61 -17.03
C ASN A 75 -3.03 -7.03 -17.24
N GLY A 76 -3.73 -6.31 -18.10
CA GLY A 76 -5.12 -6.64 -18.41
C GLY A 76 -5.95 -6.85 -17.15
N VAL A 77 -5.77 -5.98 -16.15
CA VAL A 77 -6.51 -6.11 -14.91
C VAL A 77 -7.57 -5.03 -14.78
N THR A 78 -7.90 -4.34 -15.87
CA THR A 78 -8.90 -3.29 -15.79
C THR A 78 -10.13 -3.74 -15.02
N GLY A 79 -10.91 -2.77 -14.61
CA GLY A 79 -12.12 -3.04 -13.87
C GLY A 79 -11.82 -3.38 -12.41
N ARG A 80 -10.67 -4.03 -12.18
CA ARG A 80 -10.31 -4.40 -10.82
C ARG A 80 -9.27 -3.44 -10.26
N ALA A 81 -8.52 -2.82 -11.16
CA ALA A 81 -7.48 -1.88 -10.76
C ALA A 81 -7.72 -0.52 -11.40
N SER A 82 -7.57 0.54 -10.61
CA SER A 82 -7.79 1.88 -11.11
C SER A 82 -6.94 2.88 -10.33
N ILE A 83 -6.86 4.10 -10.84
CA ILE A 83 -6.09 5.14 -10.17
C ILE A 83 -6.94 6.39 -9.97
N VAL A 84 -6.84 6.99 -8.79
CA VAL A 84 -7.61 8.19 -8.48
C VAL A 84 -6.71 9.32 -8.00
N LYS A 85 -6.91 10.50 -8.57
CA LYS A 85 -6.11 11.66 -8.19
C LYS A 85 -6.86 12.57 -7.25
N GLY A 86 -6.11 13.29 -6.42
CA GLY A 86 -6.72 14.21 -5.47
C GLY A 86 -5.88 14.32 -4.20
N ASN A 87 -6.41 15.04 -3.22
CA ASN A 87 -5.70 15.22 -1.96
C ASN A 87 -5.94 14.03 -1.03
N PHE A 88 -4.88 13.58 -0.38
CA PHE A 88 -4.96 12.44 0.51
C PHE A 88 -5.96 12.70 1.63
N PHE A 89 -5.96 13.94 2.13
CA PHE A 89 -6.89 14.31 3.19
C PHE A 89 -8.32 14.26 2.67
N GLU A 90 -8.51 14.75 1.46
CA GLU A 90 -9.82 14.77 0.81
C GLU A 90 -10.30 13.35 0.50
N VAL A 91 -9.38 12.49 0.10
CA VAL A 91 -9.73 11.12 -0.25
C VAL A 91 -10.17 10.32 0.97
N ASP A 92 -11.36 9.75 0.88
CA ASP A 92 -11.91 8.95 1.97
C ASP A 92 -11.73 7.45 1.67
N ILE A 93 -11.10 6.74 2.59
CA ILE A 93 -10.87 5.30 2.41
C ILE A 93 -11.71 4.49 3.38
N SER A 94 -12.75 5.10 3.93
CA SER A 94 -13.60 4.41 4.89
C SER A 94 -14.25 3.19 4.26
N GLU A 95 -14.45 3.23 2.95
CA GLU A 95 -15.06 2.11 2.25
C GLU A 95 -14.08 0.94 2.11
N ALA A 96 -12.80 1.26 2.23
CA ALA A 96 -11.76 0.23 2.09
C ALA A 96 -11.69 -0.69 3.29
N THR A 97 -11.47 -1.99 3.03
CA THR A 97 -11.35 -2.96 4.10
C THR A 97 -9.88 -3.27 4.37
N VAL A 98 -9.04 -3.07 3.34
CA VAL A 98 -7.61 -3.32 3.45
C VAL A 98 -6.83 -2.13 2.89
N VAL A 99 -5.84 -1.66 3.65
CA VAL A 99 -5.02 -0.55 3.18
C VAL A 99 -3.55 -0.78 3.52
N THR A 100 -2.67 -0.17 2.74
CA THR A 100 -1.24 -0.29 2.96
C THR A 100 -0.55 1.05 2.73
N MET A 101 0.65 1.21 3.28
CA MET A 101 1.40 2.45 3.11
C MET A 101 2.82 2.13 2.61
N PHE A 102 3.24 2.85 1.58
CA PHE A 102 4.57 2.65 1.02
C PHE A 102 5.06 3.93 0.35
N LEU A 103 5.61 4.84 1.16
CA LEU A 103 6.12 6.10 0.63
C LEU A 103 7.28 6.59 1.49
N LEU A 104 8.35 7.05 0.84
CA LEU A 104 9.52 7.54 1.56
C LEU A 104 9.15 8.73 2.42
N THR A 105 8.36 9.64 1.87
CA THR A 105 7.95 10.84 2.60
C THR A 105 6.45 10.79 2.93
N ASN A 106 6.13 11.02 4.20
CA ASN A 106 4.74 11.00 4.64
C ASN A 106 4.54 11.94 5.83
N VAL A 107 3.28 12.10 6.24
CA VAL A 107 2.97 12.98 7.37
C VAL A 107 2.28 12.19 8.49
N ASN A 108 2.85 12.26 9.69
CA ASN A 108 2.29 11.56 10.83
C ASN A 108 1.50 12.53 11.71
N GLU A 109 1.34 13.76 11.23
CA GLU A 109 0.62 14.78 11.99
C GLU A 109 -0.89 14.64 11.76
N MET A 110 -1.65 14.80 12.83
CA MET A 110 -3.10 14.71 12.74
C MET A 110 -3.51 13.52 11.88
N LEU A 111 -2.67 12.49 11.86
CA LEU A 111 -2.95 11.29 11.08
C LEU A 111 -2.75 10.05 11.94
N LYS A 112 -3.84 9.55 12.51
CA LYS A 112 -3.80 8.36 13.36
C LYS A 112 -5.20 8.06 13.93
N PRO A 113 -5.81 8.99 14.62
CA PRO A 113 -7.16 8.78 15.21
C PRO A 113 -8.26 8.76 14.16
N LYS A 114 -7.97 9.32 12.99
CA LYS A 114 -8.95 9.35 11.89
C LYS A 114 -9.25 7.93 11.40
N LEU A 115 -8.24 7.08 11.40
CA LEU A 115 -8.41 5.71 10.93
C LEU A 115 -9.47 4.99 11.75
N GLU A 116 -9.50 5.28 13.05
CA GLU A 116 -10.47 4.66 13.94
C GLU A 116 -11.89 5.05 13.56
N LYS A 117 -12.03 6.19 12.89
CA LYS A 117 -13.34 6.66 12.49
C LYS A 117 -13.63 6.33 11.02
N GLU A 118 -12.64 6.50 10.16
CA GLU A 118 -12.83 6.21 8.74
C GLU A 118 -12.90 4.71 8.51
N LEU A 119 -11.91 3.99 9.01
CA LEU A 119 -11.86 2.55 8.82
C LEU A 119 -12.65 1.85 9.94
N LYS A 120 -13.56 0.97 9.53
CA LYS A 120 -14.39 0.25 10.50
C LYS A 120 -13.56 -0.83 11.21
N PRO A 121 -13.91 -1.20 12.42
CA PRO A 121 -13.15 -2.26 13.16
C PRO A 121 -12.98 -3.54 12.34
N GLY A 122 -11.77 -4.08 12.37
CA GLY A 122 -11.48 -5.31 11.63
C GLY A 122 -10.69 -5.00 10.36
N THR A 123 -10.53 -3.72 10.06
CA THR A 123 -9.78 -3.30 8.89
C THR A 123 -8.30 -3.59 9.10
N ARG A 124 -7.61 -4.02 8.04
CA ARG A 124 -6.19 -4.30 8.15
C ARG A 124 -5.37 -3.13 7.63
N VAL A 125 -4.41 -2.70 8.44
CA VAL A 125 -3.54 -1.58 8.09
C VAL A 125 -2.08 -2.02 8.12
N VAL A 126 -1.36 -1.75 7.05
CA VAL A 126 0.05 -2.15 6.96
C VAL A 126 0.93 -0.92 6.77
N SER A 127 1.87 -0.70 7.70
CA SER A 127 2.76 0.45 7.60
C SER A 127 4.05 0.05 6.88
N HIS A 128 4.75 1.04 6.34
CA HIS A 128 5.99 0.79 5.62
C HIS A 128 7.12 0.37 6.57
N GLU A 129 8.03 1.32 6.84
CA GLU A 129 9.15 1.03 7.73
C GLU A 129 8.95 1.72 9.09
N PHE A 130 8.18 2.78 9.10
CA PHE A 130 7.95 3.52 10.34
C PHE A 130 6.87 2.84 11.18
N GLU A 131 7.11 2.77 12.49
CA GLU A 131 6.16 2.15 13.41
C GLU A 131 5.19 3.19 13.94
N ILE A 132 3.91 2.81 14.03
CA ILE A 132 2.90 3.75 14.51
C ILE A 132 3.10 3.98 16.00
N ARG A 133 3.46 5.20 16.36
CA ARG A 133 3.65 5.56 17.76
C ARG A 133 2.30 5.69 18.46
N GLY A 134 2.21 5.20 19.69
CA GLY A 134 0.97 5.28 20.45
C GLY A 134 0.09 4.05 20.21
N TRP A 135 0.32 3.36 19.09
CA TRP A 135 -0.45 2.17 18.76
C TRP A 135 0.41 0.92 18.96
N ASN A 136 -0.26 -0.20 19.22
CA ASN A 136 0.44 -1.47 19.43
C ASN A 136 0.17 -2.45 18.29
N PRO A 137 1.07 -2.59 17.34
CA PRO A 137 0.91 -3.53 16.19
C PRO A 137 0.65 -4.96 16.66
N LYS A 138 -0.07 -5.73 15.85
CA LYS A 138 -0.37 -7.11 16.19
C LYS A 138 0.74 -8.05 15.74
N GLU A 139 1.11 -7.95 14.46
CA GLU A 139 2.15 -8.79 13.90
C GLU A 139 3.25 -7.94 13.24
N VAL A 140 4.48 -8.13 13.70
CA VAL A 140 5.61 -7.38 13.16
C VAL A 140 6.75 -8.31 12.77
N ILE A 141 7.21 -8.20 11.52
CA ILE A 141 8.30 -9.05 11.06
C ILE A 141 9.26 -8.28 10.15
N LYS A 142 10.43 -8.86 9.96
CA LYS A 142 11.45 -8.25 9.11
C LYS A 142 11.84 -9.16 7.95
N VAL A 143 12.24 -8.55 6.85
CA VAL A 143 12.64 -9.28 5.67
C VAL A 143 14.03 -8.83 5.23
N GLU A 144 14.90 -9.80 5.01
CA GLU A 144 16.25 -9.51 4.58
C GLU A 144 16.43 -9.97 3.13
N ASP A 145 16.76 -9.01 2.25
CA ASP A 145 16.95 -9.34 0.84
C ASP A 145 18.15 -8.57 0.28
N GLY A 146 19.30 -9.24 0.22
CA GLY A 146 20.50 -8.61 -0.30
C GLY A 146 21.38 -8.09 0.83
N ASN A 147 21.63 -6.79 0.81
CA ASN A 147 22.45 -6.15 1.84
C ASN A 147 21.61 -5.17 2.66
N MET A 148 20.29 -5.30 2.55
CA MET A 148 19.38 -4.41 3.27
C MET A 148 18.17 -5.20 3.76
N ASN A 149 17.51 -4.68 4.79
CA ASN A 149 16.33 -5.35 5.34
C ASN A 149 15.14 -4.39 5.36
N HIS A 150 13.96 -4.96 5.57
CA HIS A 150 12.74 -4.18 5.61
C HIS A 150 11.85 -4.68 6.74
N THR A 151 11.08 -3.77 7.32
CA THR A 151 10.17 -4.11 8.42
C THR A 151 8.76 -3.70 8.06
N VAL A 152 7.79 -4.54 8.39
CA VAL A 152 6.40 -4.24 8.09
C VAL A 152 5.54 -4.41 9.35
N TYR A 153 4.72 -3.41 9.63
CA TYR A 153 3.86 -3.45 10.81
C TYR A 153 2.42 -3.70 10.41
N LEU A 154 1.78 -4.65 11.07
CA LEU A 154 0.40 -5.00 10.78
C LEU A 154 -0.47 -4.69 11.99
N TYR A 155 -1.51 -3.90 11.78
CA TYR A 155 -2.40 -3.52 12.88
C TYR A 155 -3.85 -3.52 12.43
N VAL A 156 -4.71 -4.17 13.22
CA VAL A 156 -6.13 -4.23 12.89
C VAL A 156 -6.91 -3.18 13.67
N ILE A 157 -7.88 -2.55 13.00
CA ILE A 157 -8.69 -1.52 13.64
C ILE A 157 -9.69 -2.16 14.60
N GLY A 158 -9.81 -1.57 15.79
CA GLY A 158 -10.74 -2.09 16.79
C GLY A 158 -10.13 -2.04 18.19
N GLU A 159 -8.82 -2.21 18.27
CA GLU A 159 -8.13 -2.15 19.56
C GLU A 159 -6.73 -1.57 19.37
N HIS A 160 -6.50 -0.41 19.98
CA HIS A 160 -5.20 0.25 19.88
C HIS A 160 -4.48 0.18 21.22
N LYS A 161 -3.82 1.28 21.61
CA LYS A 161 -3.05 1.35 22.86
C LYS A 161 -2.70 -0.04 23.39
N ALA A 162 -3.64 -0.69 24.08
CA ALA A 162 -3.39 -2.01 24.63
C ALA A 162 -2.15 -2.01 25.51
N MET A 1 21.99 18.74 6.84
CA MET A 1 22.84 18.16 5.76
C MET A 1 22.08 17.02 5.08
N SER A 2 22.01 17.08 3.75
CA SER A 2 21.32 16.04 2.99
C SER A 2 21.92 15.93 1.58
N TYR A 3 21.68 14.79 0.93
CA TYR A 3 22.19 14.57 -0.41
C TYR A 3 21.83 13.17 -0.90
N VAL A 4 21.50 12.28 0.03
CA VAL A 4 21.15 10.91 -0.34
C VAL A 4 19.91 10.89 -1.23
N PRO A 5 18.93 11.71 -0.96
CA PRO A 5 17.67 11.74 -1.78
C PRO A 5 17.95 12.10 -3.23
N HIS A 6 17.28 11.41 -4.16
CA HIS A 6 17.47 11.66 -5.58
C HIS A 6 16.91 10.49 -6.40
N VAL A 7 17.75 9.49 -6.58
CA VAL A 7 17.37 8.31 -7.34
C VAL A 7 17.69 7.04 -6.54
N PRO A 8 16.96 6.76 -5.50
CA PRO A 8 17.20 5.55 -4.65
C PRO A 8 16.84 4.25 -5.37
N TYR A 9 17.51 3.17 -5.00
CA TYR A 9 17.27 1.86 -5.62
C TYR A 9 16.78 0.86 -4.57
N VAL A 10 15.72 0.14 -4.90
CA VAL A 10 15.16 -0.85 -3.98
C VAL A 10 15.36 -2.26 -4.53
N PRO A 11 16.28 -3.05 -4.00
CA PRO A 11 16.52 -4.44 -4.51
C PRO A 11 15.42 -5.41 -4.12
N THR A 12 14.85 -5.23 -2.93
CA THR A 12 13.80 -6.12 -2.45
C THR A 12 12.76 -6.41 -3.56
N PRO A 13 12.75 -7.61 -4.11
CA PRO A 13 11.76 -7.97 -5.18
C PRO A 13 10.32 -7.69 -4.76
N GLU A 14 9.39 -7.97 -5.66
CA GLU A 14 7.96 -7.74 -5.40
C GLU A 14 7.51 -8.54 -4.19
N LYS A 15 8.35 -9.49 -3.78
CA LYS A 15 8.04 -10.34 -2.64
C LYS A 15 7.54 -9.49 -1.47
N VAL A 16 8.06 -8.27 -1.35
CA VAL A 16 7.66 -7.39 -0.27
C VAL A 16 6.16 -7.09 -0.35
N VAL A 17 5.69 -6.73 -1.54
CA VAL A 17 4.28 -6.44 -1.74
C VAL A 17 3.44 -7.69 -1.49
N ARG A 18 3.93 -8.82 -1.94
CA ARG A 18 3.21 -10.09 -1.77
C ARG A 18 2.96 -10.39 -0.30
N ARG A 19 3.96 -10.18 0.54
CA ARG A 19 3.81 -10.45 1.98
C ARG A 19 2.81 -9.50 2.61
N MET A 20 2.84 -8.24 2.19
CA MET A 20 1.96 -7.20 2.72
C MET A 20 0.49 -7.54 2.45
N LEU A 21 0.22 -8.12 1.30
CA LEU A 21 -1.13 -8.49 0.92
C LEU A 21 -1.61 -9.71 1.72
N GLU A 22 -0.73 -10.69 1.91
CA GLU A 22 -1.08 -11.90 2.63
C GLU A 22 -1.43 -11.63 4.08
N ILE A 23 -0.60 -10.83 4.74
CA ILE A 23 -0.83 -10.52 6.16
C ILE A 23 -2.07 -9.67 6.33
N ALA A 24 -2.28 -8.75 5.40
CA ALA A 24 -3.44 -7.87 5.46
C ALA A 24 -4.73 -8.67 5.30
N LYS A 25 -4.58 -9.92 4.88
CA LYS A 25 -5.73 -10.78 4.70
C LYS A 25 -6.55 -10.34 3.49
N VAL A 26 -5.90 -10.34 2.32
CA VAL A 26 -6.58 -9.92 1.10
C VAL A 26 -7.13 -11.13 0.34
N SER A 27 -8.44 -11.20 0.24
CA SER A 27 -9.10 -12.27 -0.47
C SER A 27 -9.79 -11.72 -1.71
N GLN A 28 -10.29 -12.61 -2.55
CA GLN A 28 -10.95 -12.20 -3.77
C GLN A 28 -12.18 -11.34 -3.48
N ASP A 29 -12.69 -11.43 -2.26
CA ASP A 29 -13.87 -10.65 -1.89
C ASP A 29 -13.48 -9.36 -1.16
N ASP A 30 -12.18 -9.17 -0.96
CA ASP A 30 -11.69 -7.98 -0.26
C ASP A 30 -11.07 -6.97 -1.22
N ILE A 31 -11.38 -5.69 -1.00
CA ILE A 31 -10.85 -4.63 -1.85
C ILE A 31 -9.50 -4.16 -1.33
N VAL A 32 -8.68 -3.60 -2.23
CA VAL A 32 -7.37 -3.10 -1.85
C VAL A 32 -7.20 -1.64 -2.24
N TYR A 33 -6.98 -0.79 -1.23
CA TYR A 33 -6.72 0.63 -1.45
C TYR A 33 -5.30 0.95 -1.01
N ALA A 34 -4.45 1.31 -1.98
CA ALA A 34 -3.05 1.62 -1.68
C ALA A 34 -2.67 2.98 -2.24
N LEU A 35 -1.85 3.72 -1.49
CA LEU A 35 -1.42 5.04 -1.91
C LEU A 35 0.03 5.00 -2.40
N GLY A 36 0.60 3.80 -2.45
CA GLY A 36 1.99 3.64 -2.87
C GLY A 36 2.10 3.24 -4.33
N CYS A 37 1.01 3.35 -5.09
CA CYS A 37 1.02 2.97 -6.50
C CYS A 37 2.18 3.66 -7.24
N GLY A 38 1.85 4.59 -8.13
CA GLY A 38 2.89 5.28 -8.89
C GLY A 38 3.36 4.40 -10.05
N ASP A 39 2.60 3.34 -10.31
CA ASP A 39 2.91 2.41 -11.37
C ASP A 39 1.80 1.36 -11.50
N GLY A 40 1.12 1.11 -10.38
CA GLY A 40 0.04 0.15 -10.36
C GLY A 40 0.55 -1.24 -10.00
N ARG A 41 1.87 -1.36 -9.88
CA ARG A 41 2.47 -2.64 -9.54
C ARG A 41 1.90 -3.16 -8.21
N ILE A 42 1.68 -2.22 -7.30
CA ILE A 42 1.16 -2.57 -5.98
C ILE A 42 -0.24 -3.20 -6.07
N ILE A 43 -1.14 -2.61 -6.88
CA ILE A 43 -2.50 -3.14 -7.02
C ILE A 43 -2.59 -4.22 -8.09
N ILE A 44 -1.76 -4.14 -9.11
CA ILE A 44 -1.75 -5.13 -10.19
C ILE A 44 -1.44 -6.53 -9.66
N THR A 45 -0.50 -6.62 -8.73
CA THR A 45 -0.14 -7.92 -8.16
C THR A 45 -1.32 -8.49 -7.38
N ALA A 46 -2.16 -7.60 -6.88
CA ALA A 46 -3.32 -8.03 -6.13
C ALA A 46 -4.35 -8.65 -7.09
N ALA A 47 -4.93 -7.83 -7.95
CA ALA A 47 -5.95 -8.31 -8.87
C ALA A 47 -5.39 -9.41 -9.77
N LYS A 48 -4.15 -9.27 -10.21
CA LYS A 48 -3.55 -10.27 -11.07
C LYS A 48 -3.44 -11.63 -10.37
N ASP A 49 -2.96 -11.63 -9.13
CA ASP A 49 -2.79 -12.88 -8.39
C ASP A 49 -3.84 -13.08 -7.30
N PHE A 50 -4.02 -12.08 -6.44
CA PHE A 50 -4.98 -12.19 -5.34
C PHE A 50 -6.41 -12.12 -5.83
N ASN A 51 -6.60 -11.82 -7.11
CA ASN A 51 -7.96 -11.75 -7.66
C ASN A 51 -8.86 -10.88 -6.79
N VAL A 52 -8.30 -9.84 -6.20
CA VAL A 52 -9.08 -8.96 -5.33
C VAL A 52 -10.41 -8.62 -5.97
N LYS A 53 -11.30 -8.06 -5.16
CA LYS A 53 -12.61 -7.65 -5.63
C LYS A 53 -12.50 -6.29 -6.32
N LYS A 54 -11.88 -5.36 -5.63
CA LYS A 54 -11.69 -4.01 -6.15
C LYS A 54 -10.34 -3.46 -5.72
N ALA A 55 -9.47 -3.20 -6.69
CA ALA A 55 -8.15 -2.67 -6.39
C ALA A 55 -8.05 -1.23 -6.90
N VAL A 56 -7.69 -0.33 -6.02
CA VAL A 56 -7.57 1.08 -6.37
C VAL A 56 -6.28 1.69 -5.85
N GLY A 57 -5.63 2.45 -6.70
CA GLY A 57 -4.40 3.14 -6.32
C GLY A 57 -4.67 4.62 -6.13
N VAL A 58 -4.22 5.18 -5.02
CA VAL A 58 -4.43 6.60 -4.74
C VAL A 58 -3.15 7.38 -4.94
N GLU A 59 -3.18 8.34 -5.85
CA GLU A 59 -2.01 9.18 -6.12
C GLU A 59 -2.35 10.26 -7.14
N ILE A 60 -1.62 11.37 -7.06
CA ILE A 60 -1.85 12.47 -7.99
C ILE A 60 -0.49 12.98 -8.49
N ASN A 61 -0.28 12.89 -9.80
CA ASN A 61 0.96 13.34 -10.40
C ASN A 61 0.70 13.83 -11.81
N ASP A 62 1.77 14.20 -12.52
CA ASP A 62 1.62 14.69 -13.89
C ASP A 62 2.16 13.68 -14.89
N GLU A 63 3.47 13.49 -14.89
CA GLU A 63 4.11 12.55 -15.81
C GLU A 63 3.79 11.10 -15.47
N ARG A 64 3.76 10.81 -14.17
CA ARG A 64 3.49 9.45 -13.72
C ARG A 64 2.01 9.13 -13.74
N ILE A 65 1.18 10.14 -14.02
CA ILE A 65 -0.26 9.93 -14.04
C ILE A 65 -0.66 8.99 -15.17
N ARG A 66 0.01 9.11 -16.30
CA ARG A 66 -0.28 8.27 -17.46
C ARG A 66 0.41 6.93 -17.35
N GLU A 67 1.52 6.90 -16.63
CA GLU A 67 2.27 5.66 -16.47
C GLU A 67 1.41 4.61 -15.77
N ALA A 68 0.75 5.00 -14.68
CA ALA A 68 -0.08 4.06 -13.94
C ALA A 68 -1.22 3.53 -14.79
N LEU A 69 -1.82 4.41 -15.59
CA LEU A 69 -2.92 3.99 -16.45
C LEU A 69 -2.44 2.94 -17.45
N ALA A 70 -1.27 3.18 -18.00
CA ALA A 70 -0.69 2.28 -18.99
C ALA A 70 -0.45 0.88 -18.41
N ASN A 71 0.02 0.82 -17.18
CA ASN A 71 0.30 -0.46 -16.57
C ASN A 71 -0.97 -1.31 -16.48
N ILE A 72 -2.07 -0.70 -16.07
CA ILE A 72 -3.33 -1.43 -15.95
C ILE A 72 -3.65 -2.14 -17.26
N GLU A 73 -3.60 -1.43 -18.37
CA GLU A 73 -3.89 -2.04 -19.66
C GLU A 73 -2.85 -3.11 -19.99
N LYS A 74 -1.58 -2.80 -19.72
CA LYS A 74 -0.50 -3.73 -20.02
C LYS A 74 -0.73 -5.06 -19.32
N ASN A 75 -1.22 -4.98 -18.09
CA ASN A 75 -1.48 -6.19 -17.31
C ASN A 75 -2.92 -6.66 -17.49
N GLY A 76 -3.68 -5.96 -18.35
CA GLY A 76 -5.06 -6.36 -18.64
C GLY A 76 -5.87 -6.60 -17.37
N VAL A 77 -5.73 -5.70 -16.40
CA VAL A 77 -6.47 -5.83 -15.15
C VAL A 77 -7.64 -4.86 -15.09
N THR A 78 -7.96 -4.22 -16.22
CA THR A 78 -9.06 -3.27 -16.25
C THR A 78 -10.33 -3.89 -15.71
N GLY A 79 -10.90 -3.29 -14.67
CA GLY A 79 -12.12 -3.81 -14.06
C GLY A 79 -11.83 -4.31 -12.66
N ARG A 80 -10.54 -4.40 -12.33
CA ARG A 80 -10.13 -4.85 -11.00
C ARG A 80 -9.12 -3.87 -10.43
N ALA A 81 -8.42 -3.17 -11.31
CA ALA A 81 -7.41 -2.21 -10.91
C ALA A 81 -7.67 -0.84 -11.52
N SER A 82 -7.56 0.18 -10.70
CA SER A 82 -7.79 1.55 -11.16
C SER A 82 -6.97 2.52 -10.34
N ILE A 83 -6.88 3.76 -10.81
CA ILE A 83 -6.13 4.78 -10.10
C ILE A 83 -6.99 6.03 -9.92
N VAL A 84 -6.93 6.62 -8.73
CA VAL A 84 -7.73 7.80 -8.43
C VAL A 84 -6.85 8.98 -8.06
N LYS A 85 -7.04 10.10 -8.75
CA LYS A 85 -6.27 11.29 -8.46
C LYS A 85 -7.10 12.25 -7.61
N GLY A 86 -6.42 13.14 -6.89
CA GLY A 86 -7.12 14.08 -6.03
C GLY A 86 -6.41 14.23 -4.69
N ASN A 87 -7.14 14.69 -3.69
CA ASN A 87 -6.57 14.88 -2.36
C ASN A 87 -6.99 13.76 -1.41
N PHE A 88 -6.00 13.22 -0.70
CA PHE A 88 -6.25 12.13 0.25
C PHE A 88 -7.32 12.53 1.26
N PHE A 89 -7.25 13.77 1.72
CA PHE A 89 -8.24 14.25 2.68
C PHE A 89 -9.64 14.13 2.09
N GLU A 90 -9.78 14.62 0.87
CA GLU A 90 -11.05 14.58 0.16
C GLU A 90 -11.47 13.13 -0.11
N VAL A 91 -10.50 12.30 -0.48
CA VAL A 91 -10.78 10.90 -0.79
C VAL A 91 -11.12 10.11 0.48
N ASP A 92 -12.20 9.35 0.42
CA ASP A 92 -12.63 8.54 1.55
C ASP A 92 -12.28 7.08 1.32
N ILE A 93 -11.64 6.47 2.32
CA ILE A 93 -11.25 5.06 2.22
C ILE A 93 -11.91 4.23 3.33
N SER A 94 -12.98 4.75 3.91
CA SER A 94 -13.66 4.03 4.98
C SER A 94 -14.19 2.69 4.49
N GLU A 95 -14.58 2.63 3.23
CA GLU A 95 -15.11 1.39 2.67
C GLU A 95 -14.00 0.36 2.45
N ALA A 96 -12.77 0.84 2.42
CA ALA A 96 -11.63 -0.05 2.19
C ALA A 96 -11.40 -0.98 3.37
N THR A 97 -11.20 -2.26 3.06
CA THR A 97 -10.96 -3.25 4.11
C THR A 97 -9.46 -3.46 4.30
N VAL A 98 -8.70 -3.32 3.22
CA VAL A 98 -7.26 -3.49 3.27
C VAL A 98 -6.54 -2.24 2.75
N VAL A 99 -5.63 -1.72 3.57
CA VAL A 99 -4.87 -0.53 3.20
C VAL A 99 -3.40 -0.68 3.57
N THR A 100 -2.55 -0.10 2.73
CA THR A 100 -1.10 -0.14 2.95
C THR A 100 -0.53 1.27 2.85
N MET A 101 0.62 1.49 3.48
CA MET A 101 1.26 2.81 3.45
C MET A 101 2.70 2.71 2.96
N PHE A 102 3.07 3.65 2.09
CA PHE A 102 4.42 3.67 1.55
C PHE A 102 4.82 5.08 1.15
N LEU A 103 5.42 5.81 2.08
CA LEU A 103 5.86 7.18 1.81
C LEU A 103 7.34 7.33 2.07
N LEU A 104 8.04 8.00 1.16
CA LEU A 104 9.48 8.20 1.30
C LEU A 104 9.77 9.07 2.53
N THR A 105 8.95 10.09 2.73
CA THR A 105 9.13 10.98 3.87
C THR A 105 7.80 11.25 4.57
N ASN A 106 7.88 11.73 5.81
CA ASN A 106 6.67 12.04 6.58
C ASN A 106 5.75 10.83 6.66
N VAL A 107 6.34 9.65 6.80
CA VAL A 107 5.55 8.43 6.90
C VAL A 107 4.67 8.45 8.15
N ASN A 108 5.26 8.87 9.26
CA ASN A 108 4.54 8.94 10.53
C ASN A 108 5.12 10.03 11.42
N GLU A 109 4.81 9.93 12.72
CA GLU A 109 5.28 10.89 13.73
C GLU A 109 4.24 11.97 13.97
N MET A 110 3.35 12.15 12.99
CA MET A 110 2.29 13.14 13.11
C MET A 110 1.05 12.48 13.70
N LEU A 111 1.12 11.17 13.86
CA LEU A 111 -0.01 10.40 14.40
C LEU A 111 -1.23 10.55 13.49
N LYS A 112 -1.92 9.44 13.26
CA LYS A 112 -3.09 9.45 12.39
C LYS A 112 -4.26 8.73 13.05
N PRO A 113 -4.84 9.31 14.08
CA PRO A 113 -6.00 8.69 14.80
C PRO A 113 -7.27 8.72 13.96
N LYS A 114 -7.25 9.50 12.90
CA LYS A 114 -8.41 9.64 12.02
C LYS A 114 -8.78 8.29 11.41
N LEU A 115 -7.82 7.38 11.35
CA LEU A 115 -8.08 6.05 10.78
C LEU A 115 -9.14 5.33 11.60
N GLU A 116 -9.13 5.58 12.91
CA GLU A 116 -10.10 4.96 13.82
C GLU A 116 -11.51 5.41 13.47
N LYS A 117 -11.60 6.57 12.83
CA LYS A 117 -12.89 7.12 12.46
C LYS A 117 -13.21 6.82 11.00
N GLU A 118 -12.22 7.02 10.12
CA GLU A 118 -12.42 6.77 8.70
C GLU A 118 -12.59 5.28 8.43
N LEU A 119 -11.64 4.48 8.92
CA LEU A 119 -11.69 3.04 8.72
C LEU A 119 -12.51 2.37 9.82
N LYS A 120 -13.45 1.52 9.41
CA LYS A 120 -14.29 0.81 10.36
C LYS A 120 -13.47 -0.27 11.07
N PRO A 121 -13.83 -0.65 12.27
CA PRO A 121 -13.09 -1.69 13.02
C PRO A 121 -12.99 -3.00 12.24
N GLY A 122 -11.81 -3.61 12.31
CA GLY A 122 -11.58 -4.86 11.60
C GLY A 122 -10.78 -4.63 10.33
N THR A 123 -10.55 -3.37 10.01
CA THR A 123 -9.78 -3.03 8.82
C THR A 123 -8.31 -3.34 9.05
N ARG A 124 -7.62 -3.81 8.00
CA ARG A 124 -6.21 -4.15 8.14
C ARG A 124 -5.33 -3.00 7.62
N VAL A 125 -4.36 -2.61 8.44
CA VAL A 125 -3.45 -1.53 8.08
C VAL A 125 -2.01 -2.03 8.14
N VAL A 126 -1.26 -1.83 7.06
CA VAL A 126 0.12 -2.27 7.00
C VAL A 126 1.04 -1.08 6.76
N SER A 127 2.00 -0.87 7.65
CA SER A 127 2.94 0.23 7.51
C SER A 127 4.18 -0.22 6.76
N HIS A 128 4.95 0.74 6.26
CA HIS A 128 6.16 0.43 5.51
C HIS A 128 7.29 -0.05 6.43
N GLU A 129 8.25 0.83 6.67
CA GLU A 129 9.38 0.49 7.53
C GLU A 129 9.23 1.12 8.91
N PHE A 130 8.64 2.31 8.96
CA PHE A 130 8.47 3.02 10.23
C PHE A 130 7.27 2.48 11.00
N GLU A 131 7.43 2.35 12.31
CA GLU A 131 6.36 1.86 13.18
C GLU A 131 5.42 2.99 13.56
N ILE A 132 4.22 2.65 14.01
CA ILE A 132 3.24 3.65 14.41
C ILE A 132 3.36 3.94 15.90
N ARG A 133 3.68 5.18 16.25
CA ARG A 133 3.81 5.58 17.65
C ARG A 133 2.43 5.75 18.27
N GLY A 134 2.28 5.32 19.51
CA GLY A 134 1.00 5.45 20.20
C GLY A 134 0.12 4.24 19.95
N TRP A 135 0.37 3.52 18.85
CA TRP A 135 -0.41 2.35 18.51
C TRP A 135 0.36 1.07 18.79
N ASN A 136 -0.36 0.03 19.17
CA ASN A 136 0.28 -1.25 19.47
C ASN A 136 0.10 -2.21 18.27
N PRO A 137 1.16 -2.61 17.61
CA PRO A 137 1.04 -3.52 16.42
C PRO A 137 0.64 -4.94 16.81
N LYS A 138 -0.08 -5.62 15.93
CA LYS A 138 -0.52 -6.98 16.21
C LYS A 138 0.56 -7.98 15.77
N GLU A 139 0.92 -7.94 14.49
CA GLU A 139 1.92 -8.84 13.95
C GLU A 139 2.99 -8.06 13.20
N VAL A 140 4.25 -8.29 13.53
CA VAL A 140 5.34 -7.61 12.86
C VAL A 140 6.52 -8.55 12.65
N ILE A 141 7.06 -8.56 11.44
CA ILE A 141 8.19 -9.42 11.11
C ILE A 141 9.19 -8.68 10.23
N LYS A 142 10.37 -9.27 10.10
CA LYS A 142 11.41 -8.66 9.27
C LYS A 142 11.79 -9.57 8.11
N VAL A 143 12.23 -8.96 7.02
CA VAL A 143 12.61 -9.69 5.82
C VAL A 143 14.03 -9.28 5.42
N GLU A 144 14.88 -10.27 5.21
CA GLU A 144 16.27 -10.01 4.80
C GLU A 144 16.49 -10.49 3.37
N ASP A 145 16.76 -9.55 2.47
CA ASP A 145 16.99 -9.90 1.07
C ASP A 145 18.22 -9.18 0.52
N GLY A 146 19.34 -9.88 0.48
CA GLY A 146 20.58 -9.28 -0.02
C GLY A 146 21.44 -8.75 1.12
N ASN A 147 21.73 -7.45 1.08
CA ASN A 147 22.54 -6.82 2.11
C ASN A 147 21.70 -5.81 2.90
N MET A 148 20.38 -5.91 2.78
CA MET A 148 19.47 -5.00 3.49
C MET A 148 18.26 -5.75 3.98
N ASN A 149 17.59 -5.20 4.99
CA ASN A 149 16.40 -5.83 5.56
C ASN A 149 15.24 -4.85 5.59
N HIS A 150 14.04 -5.39 5.81
CA HIS A 150 12.84 -4.58 5.87
C HIS A 150 11.92 -5.07 6.98
N THR A 151 11.14 -4.16 7.55
CA THR A 151 10.22 -4.49 8.62
C THR A 151 8.81 -4.04 8.25
N VAL A 152 7.81 -4.84 8.58
CA VAL A 152 6.44 -4.50 8.28
C VAL A 152 5.54 -4.67 9.51
N TYR A 153 4.72 -3.65 9.79
CA TYR A 153 3.83 -3.70 10.94
C TYR A 153 2.40 -3.91 10.48
N LEU A 154 1.72 -4.84 11.13
CA LEU A 154 0.34 -5.16 10.82
C LEU A 154 -0.55 -4.85 12.01
N TYR A 155 -1.59 -4.07 11.80
CA TYR A 155 -2.48 -3.73 12.91
C TYR A 155 -3.93 -3.58 12.44
N VAL A 156 -4.85 -4.11 13.24
CA VAL A 156 -6.27 -4.05 12.92
C VAL A 156 -6.97 -2.89 13.64
N ILE A 157 -7.83 -2.18 12.92
CA ILE A 157 -8.56 -1.05 13.48
C ILE A 157 -9.57 -1.49 14.53
N GLY A 158 -10.02 -0.53 15.33
CA GLY A 158 -11.00 -0.80 16.39
C GLY A 158 -10.37 -0.61 17.76
N GLU A 159 -9.06 -0.75 17.83
CA GLU A 159 -8.33 -0.58 19.07
C GLU A 159 -7.05 0.19 18.80
N HIS A 160 -6.40 0.67 19.85
CA HIS A 160 -5.16 1.40 19.67
C HIS A 160 -4.41 1.53 21.00
N LYS A 161 -3.96 2.74 21.31
CA LYS A 161 -3.23 2.96 22.55
C LYS A 161 -3.98 2.28 23.69
N ALA A 162 -3.25 1.74 24.67
CA ALA A 162 -3.89 1.06 25.79
C ALA A 162 -5.13 1.82 26.25
N MET A 1 24.58 -4.07 -11.20
CA MET A 1 25.36 -2.79 -11.20
C MET A 1 25.98 -2.58 -9.83
N SER A 2 27.08 -3.27 -9.57
CA SER A 2 27.77 -3.15 -8.29
C SER A 2 28.32 -1.74 -8.10
N TYR A 3 28.50 -1.02 -9.21
CA TYR A 3 29.02 0.33 -9.13
C TYR A 3 27.90 1.33 -8.81
N VAL A 4 28.17 2.22 -7.86
CA VAL A 4 27.19 3.23 -7.46
C VAL A 4 27.83 4.61 -7.37
N PRO A 5 28.18 5.20 -8.49
CA PRO A 5 28.82 6.55 -8.53
C PRO A 5 28.01 7.60 -7.77
N HIS A 6 26.70 7.57 -7.94
CA HIS A 6 25.82 8.53 -7.27
C HIS A 6 24.60 7.86 -6.68
N VAL A 7 24.81 6.70 -6.07
CA VAL A 7 23.72 5.97 -5.46
C VAL A 7 22.54 5.85 -6.42
N PRO A 8 22.68 5.05 -7.43
CA PRO A 8 21.61 4.83 -8.46
C PRO A 8 20.29 4.39 -7.83
N TYR A 9 19.19 4.87 -8.41
CA TYR A 9 17.87 4.53 -7.89
C TYR A 9 17.61 3.03 -8.00
N VAL A 10 17.15 2.45 -6.90
CA VAL A 10 16.85 1.02 -6.88
C VAL A 10 15.52 0.75 -6.16
N PRO A 11 14.44 0.48 -6.87
CA PRO A 11 13.12 0.20 -6.22
C PRO A 11 13.04 -1.22 -5.67
N THR A 12 12.29 -1.41 -4.59
CA THR A 12 12.17 -2.72 -3.99
C THR A 12 11.42 -3.68 -4.93
N PRO A 13 11.69 -4.97 -4.83
CA PRO A 13 11.02 -5.99 -5.71
C PRO A 13 9.56 -6.21 -5.34
N GLU A 14 8.82 -6.84 -6.25
CA GLU A 14 7.40 -7.11 -6.03
C GLU A 14 7.20 -8.11 -4.90
N LYS A 15 8.25 -8.84 -4.56
CA LYS A 15 8.15 -9.82 -3.50
C LYS A 15 7.74 -9.14 -2.19
N VAL A 16 8.13 -7.89 -2.06
CA VAL A 16 7.82 -7.13 -0.85
C VAL A 16 6.30 -6.89 -0.70
N VAL A 17 5.62 -6.51 -1.79
CA VAL A 17 4.18 -6.26 -1.70
C VAL A 17 3.42 -7.56 -1.49
N ARG A 18 4.01 -8.65 -1.95
CA ARG A 18 3.38 -9.95 -1.79
C ARG A 18 3.21 -10.27 -0.32
N ARG A 19 4.22 -9.95 0.49
CA ARG A 19 4.15 -10.20 1.93
C ARG A 19 3.13 -9.29 2.61
N MET A 20 3.09 -8.02 2.20
CA MET A 20 2.16 -7.08 2.80
C MET A 20 0.71 -7.50 2.53
N LEU A 21 0.51 -8.07 1.36
CA LEU A 21 -0.82 -8.53 0.97
C LEU A 21 -1.26 -9.76 1.76
N GLU A 22 -0.34 -10.71 1.99
CA GLU A 22 -0.67 -11.93 2.72
C GLU A 22 -1.03 -11.66 4.17
N ILE A 23 -0.24 -10.83 4.82
CA ILE A 23 -0.47 -10.51 6.23
C ILE A 23 -1.77 -9.75 6.41
N ALA A 24 -2.09 -8.90 5.43
CA ALA A 24 -3.29 -8.10 5.49
C ALA A 24 -4.53 -8.98 5.32
N LYS A 25 -4.31 -10.23 4.93
CA LYS A 25 -5.42 -11.15 4.74
C LYS A 25 -6.25 -10.76 3.52
N VAL A 26 -5.55 -10.55 2.41
CA VAL A 26 -6.22 -10.15 1.18
C VAL A 26 -6.71 -11.37 0.41
N SER A 27 -8.03 -11.45 0.27
CA SER A 27 -8.66 -12.55 -0.45
C SER A 27 -9.39 -12.01 -1.68
N GLN A 28 -9.85 -12.91 -2.53
CA GLN A 28 -10.54 -12.51 -3.75
C GLN A 28 -11.79 -11.69 -3.44
N ASP A 29 -12.31 -11.81 -2.23
CA ASP A 29 -13.51 -11.07 -1.86
C ASP A 29 -13.17 -9.83 -1.05
N ASP A 30 -11.88 -9.49 -0.97
CA ASP A 30 -11.44 -8.32 -0.22
C ASP A 30 -10.86 -7.26 -1.14
N ILE A 31 -11.24 -6.01 -0.88
CA ILE A 31 -10.75 -4.89 -1.68
C ILE A 31 -9.43 -4.36 -1.11
N VAL A 32 -8.65 -3.71 -1.96
CA VAL A 32 -7.39 -3.13 -1.53
C VAL A 32 -7.27 -1.66 -1.91
N TYR A 33 -7.15 -0.82 -0.87
CA TYR A 33 -6.97 0.63 -1.08
C TYR A 33 -5.57 1.01 -0.62
N ALA A 34 -4.68 1.24 -1.57
CA ALA A 34 -3.30 1.60 -1.25
C ALA A 34 -3.00 3.04 -1.63
N LEU A 35 -2.33 3.74 -0.72
CA LEU A 35 -1.97 5.14 -0.95
C LEU A 35 -0.61 5.23 -1.64
N GLY A 36 0.07 4.10 -1.76
CA GLY A 36 1.39 4.07 -2.38
C GLY A 36 1.40 3.42 -3.76
N CYS A 37 0.78 4.09 -4.74
CA CYS A 37 0.76 3.56 -6.11
C CYS A 37 1.99 4.07 -6.86
N GLY A 38 1.82 5.09 -7.69
CA GLY A 38 2.93 5.64 -8.44
C GLY A 38 3.30 4.76 -9.63
N ASP A 39 2.48 3.74 -9.87
CA ASP A 39 2.71 2.81 -10.97
C ASP A 39 1.57 1.79 -11.05
N GLY A 40 0.93 1.56 -9.91
CA GLY A 40 -0.16 0.60 -9.84
C GLY A 40 0.37 -0.78 -9.52
N ARG A 41 1.69 -0.92 -9.49
CA ARG A 41 2.31 -2.20 -9.19
C ARG A 41 1.84 -2.71 -7.83
N ILE A 42 1.47 -1.76 -6.97
CA ILE A 42 0.99 -2.11 -5.63
C ILE A 42 -0.38 -2.79 -5.68
N ILE A 43 -1.29 -2.26 -6.51
CA ILE A 43 -2.64 -2.83 -6.63
C ILE A 43 -2.73 -3.88 -7.73
N ILE A 44 -1.91 -3.74 -8.76
CA ILE A 44 -1.91 -4.69 -9.87
C ILE A 44 -1.53 -6.09 -9.42
N THR A 45 -0.51 -6.18 -8.56
CA THR A 45 -0.10 -7.49 -8.07
C THR A 45 -1.22 -8.12 -7.26
N ALA A 46 -2.10 -7.25 -6.77
CA ALA A 46 -3.23 -7.72 -6.00
C ALA A 46 -4.27 -8.36 -6.93
N ALA A 47 -4.87 -7.54 -7.78
CA ALA A 47 -5.89 -8.04 -8.70
C ALA A 47 -5.34 -9.13 -9.61
N LYS A 48 -4.11 -8.96 -10.05
CA LYS A 48 -3.50 -9.95 -10.93
C LYS A 48 -3.38 -11.31 -10.24
N ASP A 49 -2.88 -11.31 -9.00
CA ASP A 49 -2.69 -12.56 -8.26
C ASP A 49 -3.74 -12.76 -7.17
N PHE A 50 -3.89 -11.76 -6.30
CA PHE A 50 -4.84 -11.88 -5.18
C PHE A 50 -6.29 -11.80 -5.66
N ASN A 51 -6.52 -11.51 -6.94
CA ASN A 51 -7.87 -11.44 -7.46
C ASN A 51 -8.77 -10.56 -6.60
N VAL A 52 -8.20 -9.51 -6.02
CA VAL A 52 -8.97 -8.63 -5.16
C VAL A 52 -10.22 -8.12 -5.87
N LYS A 53 -11.35 -8.26 -5.21
CA LYS A 53 -12.64 -7.85 -5.79
C LYS A 53 -12.50 -6.46 -6.38
N LYS A 54 -11.91 -5.54 -5.63
CA LYS A 54 -11.72 -4.19 -6.12
C LYS A 54 -10.38 -3.64 -5.65
N ALA A 55 -9.57 -3.16 -6.59
CA ALA A 55 -8.27 -2.60 -6.24
C ALA A 55 -8.22 -1.14 -6.68
N VAL A 56 -7.92 -0.27 -5.74
CA VAL A 56 -7.85 1.17 -6.02
C VAL A 56 -6.59 1.77 -5.45
N GLY A 57 -5.93 2.60 -6.25
CA GLY A 57 -4.70 3.27 -5.82
C GLY A 57 -4.88 4.78 -5.82
N VAL A 58 -4.36 5.45 -4.80
CA VAL A 58 -4.47 6.90 -4.71
C VAL A 58 -3.11 7.54 -4.97
N GLU A 59 -3.09 8.46 -5.91
CA GLU A 59 -1.84 9.15 -6.26
C GLU A 59 -2.12 10.28 -7.22
N ILE A 60 -1.31 11.33 -7.14
CA ILE A 60 -1.45 12.48 -8.02
C ILE A 60 -0.10 12.92 -8.55
N ASN A 61 0.09 12.82 -9.85
CA ASN A 61 1.35 13.22 -10.49
C ASN A 61 1.06 13.73 -11.89
N ASP A 62 2.11 14.09 -12.61
CA ASP A 62 1.96 14.58 -13.98
C ASP A 62 2.47 13.55 -14.98
N GLU A 63 3.78 13.35 -14.99
CA GLU A 63 4.41 12.41 -15.91
C GLU A 63 4.07 10.96 -15.55
N ARG A 64 4.04 10.68 -14.27
CA ARG A 64 3.78 9.32 -13.79
C ARG A 64 2.28 9.01 -13.79
N ILE A 65 1.46 10.02 -14.05
CA ILE A 65 0.01 9.80 -14.05
C ILE A 65 -0.40 8.82 -15.14
N ARG A 66 0.24 8.92 -16.29
CA ARG A 66 -0.08 8.05 -17.41
C ARG A 66 0.63 6.72 -17.28
N GLU A 67 1.77 6.71 -16.60
CA GLU A 67 2.53 5.50 -16.43
C GLU A 67 1.72 4.44 -15.68
N ALA A 68 1.11 4.84 -14.57
CA ALA A 68 0.32 3.90 -13.77
C ALA A 68 -0.85 3.33 -14.57
N LEU A 69 -1.50 4.19 -15.36
CA LEU A 69 -2.64 3.74 -16.15
C LEU A 69 -2.19 2.68 -17.16
N ALA A 70 -1.02 2.91 -17.75
CA ALA A 70 -0.47 1.98 -18.74
C ALA A 70 -0.17 0.62 -18.14
N ASN A 71 0.33 0.60 -16.91
CA ASN A 71 0.68 -0.66 -16.26
C ASN A 71 -0.52 -1.57 -16.15
N ILE A 72 -1.67 -1.03 -15.78
CA ILE A 72 -2.88 -1.83 -15.63
C ILE A 72 -3.22 -2.55 -16.93
N GLU A 73 -3.17 -1.85 -18.05
CA GLU A 73 -3.47 -2.48 -19.33
C GLU A 73 -2.46 -3.58 -19.60
N LYS A 74 -1.19 -3.30 -19.29
CA LYS A 74 -0.13 -4.27 -19.52
C LYS A 74 -0.43 -5.58 -18.79
N ASN A 75 -0.99 -5.47 -17.60
CA ASN A 75 -1.32 -6.65 -16.81
C ASN A 75 -2.77 -7.09 -17.05
N GLY A 76 -3.47 -6.42 -17.96
CA GLY A 76 -4.85 -6.79 -18.28
C GLY A 76 -5.68 -6.99 -17.02
N VAL A 77 -5.52 -6.09 -16.05
CA VAL A 77 -6.27 -6.18 -14.79
C VAL A 77 -7.30 -5.07 -14.68
N THR A 78 -7.63 -4.39 -15.78
CA THR A 78 -8.60 -3.32 -15.73
C THR A 78 -9.82 -3.74 -14.94
N GLY A 79 -10.60 -2.75 -14.55
CA GLY A 79 -11.83 -3.01 -13.80
C GLY A 79 -11.52 -3.35 -12.35
N ARG A 80 -10.44 -4.06 -12.10
CA ARG A 80 -10.08 -4.42 -10.73
C ARG A 80 -9.07 -3.44 -10.18
N ALA A 81 -8.35 -2.79 -11.09
CA ALA A 81 -7.33 -1.82 -10.72
C ALA A 81 -7.65 -0.45 -11.29
N SER A 82 -7.63 0.56 -10.45
CA SER A 82 -7.91 1.91 -10.89
C SER A 82 -7.07 2.91 -10.11
N ILE A 83 -6.97 4.14 -10.63
CA ILE A 83 -6.19 5.17 -9.97
C ILE A 83 -7.02 6.45 -9.84
N VAL A 84 -6.89 7.11 -8.69
CA VAL A 84 -7.61 8.34 -8.43
C VAL A 84 -6.67 9.47 -8.07
N LYS A 85 -6.80 10.61 -8.75
CA LYS A 85 -5.94 11.75 -8.48
C LYS A 85 -6.66 12.74 -7.57
N GLY A 86 -5.88 13.52 -6.83
CA GLY A 86 -6.44 14.51 -5.92
C GLY A 86 -5.82 14.35 -4.54
N ASN A 87 -6.47 14.90 -3.52
CA ASN A 87 -5.94 14.78 -2.17
C ASN A 87 -6.61 13.61 -1.44
N PHE A 88 -5.77 12.71 -0.94
CA PHE A 88 -6.28 11.53 -0.23
C PHE A 88 -7.30 11.92 0.82
N PHE A 89 -7.30 13.19 1.23
CA PHE A 89 -8.26 13.65 2.21
C PHE A 89 -9.67 13.58 1.64
N GLU A 90 -9.80 14.00 0.38
CA GLU A 90 -11.08 14.00 -0.30
C GLU A 90 -11.58 12.57 -0.53
N VAL A 91 -10.65 11.67 -0.87
CA VAL A 91 -11.00 10.28 -1.13
C VAL A 91 -11.39 9.57 0.16
N ASP A 92 -12.53 8.89 0.12
CA ASP A 92 -13.00 8.14 1.29
C ASP A 92 -12.56 6.68 1.20
N ILE A 93 -11.99 6.18 2.30
CA ILE A 93 -11.51 4.80 2.34
C ILE A 93 -12.18 4.00 3.44
N SER A 94 -13.24 4.54 4.03
CA SER A 94 -13.93 3.86 5.10
C SER A 94 -14.43 2.47 4.67
N GLU A 95 -14.88 2.37 3.43
CA GLU A 95 -15.39 1.09 2.93
C GLU A 95 -14.26 0.08 2.72
N ALA A 96 -13.02 0.57 2.64
CA ALA A 96 -11.89 -0.31 2.42
C ALA A 96 -11.67 -1.24 3.60
N THR A 97 -11.44 -2.52 3.31
CA THR A 97 -11.22 -3.51 4.35
C THR A 97 -9.72 -3.67 4.60
N VAL A 98 -8.94 -3.53 3.54
CA VAL A 98 -7.48 -3.65 3.63
C VAL A 98 -6.80 -2.42 3.02
N VAL A 99 -5.89 -1.82 3.78
CA VAL A 99 -5.15 -0.66 3.30
C VAL A 99 -3.68 -0.75 3.69
N THR A 100 -2.83 -0.07 2.93
CA THR A 100 -1.40 -0.06 3.21
C THR A 100 -0.87 1.36 3.16
N MET A 101 0.28 1.60 3.80
CA MET A 101 0.88 2.93 3.81
C MET A 101 2.34 2.87 3.36
N PHE A 102 2.73 3.84 2.53
CA PHE A 102 4.10 3.90 2.04
C PHE A 102 4.48 5.34 1.70
N LEU A 103 4.90 6.09 2.72
CA LEU A 103 5.29 7.48 2.52
C LEU A 103 6.71 7.73 3.04
N LEU A 104 7.40 8.65 2.39
CA LEU A 104 8.77 8.98 2.80
C LEU A 104 8.78 9.53 4.22
N THR A 105 9.92 9.40 4.90
CA THR A 105 10.04 9.87 6.27
C THR A 105 9.35 11.24 6.43
N ASN A 106 8.56 11.37 7.48
CA ASN A 106 7.85 12.62 7.74
C ASN A 106 7.44 12.71 9.21
N VAL A 107 7.02 13.89 9.64
CA VAL A 107 6.61 14.08 11.03
C VAL A 107 5.42 13.18 11.36
N ASN A 108 4.21 13.66 11.12
CA ASN A 108 3.02 12.87 11.40
C ASN A 108 3.06 12.33 12.82
N GLU A 109 3.42 13.18 13.77
CA GLU A 109 3.49 12.77 15.17
C GLU A 109 2.13 12.25 15.65
N MET A 110 1.07 12.70 15.00
CA MET A 110 -0.27 12.26 15.37
C MET A 110 -0.58 10.93 14.69
N LEU A 111 0.24 10.61 13.69
CA LEU A 111 0.08 9.36 12.95
C LEU A 111 -1.32 9.23 12.35
N LYS A 112 -1.98 10.36 12.12
CA LYS A 112 -3.31 10.35 11.52
C LYS A 112 -4.25 9.36 12.25
N PRO A 113 -4.76 9.73 13.40
CA PRO A 113 -5.67 8.84 14.19
C PRO A 113 -7.06 8.76 13.57
N LYS A 114 -7.29 9.61 12.57
CA LYS A 114 -8.58 9.66 11.90
C LYS A 114 -8.94 8.30 11.30
N LEU A 115 -7.96 7.42 11.22
CA LEU A 115 -8.19 6.09 10.67
C LEU A 115 -9.24 5.36 11.50
N GLU A 116 -9.20 5.59 12.80
CA GLU A 116 -10.15 4.96 13.72
C GLU A 116 -11.56 5.48 13.44
N LYS A 117 -11.65 6.65 12.83
CA LYS A 117 -12.94 7.24 12.51
C LYS A 117 -13.37 6.88 11.09
N GLU A 118 -12.43 6.96 10.16
CA GLU A 118 -12.71 6.67 8.76
C GLU A 118 -12.87 5.17 8.52
N LEU A 119 -11.89 4.41 8.97
CA LEU A 119 -11.91 2.96 8.78
C LEU A 119 -12.73 2.30 9.88
N LYS A 120 -13.61 1.38 9.48
CA LYS A 120 -14.45 0.69 10.45
C LYS A 120 -13.63 -0.38 11.19
N PRO A 121 -13.99 -0.72 12.40
CA PRO A 121 -13.24 -1.76 13.17
C PRO A 121 -13.08 -3.05 12.38
N GLY A 122 -11.87 -3.63 12.42
CA GLY A 122 -11.61 -4.87 11.71
C GLY A 122 -10.84 -4.63 10.42
N THR A 123 -10.67 -3.37 10.07
CA THR A 123 -9.92 -3.02 8.87
C THR A 123 -8.45 -3.41 9.05
N ARG A 124 -7.81 -3.85 7.97
CA ARG A 124 -6.42 -4.26 8.02
C ARG A 124 -5.52 -3.12 7.56
N VAL A 125 -4.56 -2.74 8.40
CA VAL A 125 -3.64 -1.67 8.06
C VAL A 125 -2.20 -2.16 8.11
N VAL A 126 -1.47 -1.95 7.01
CA VAL A 126 -0.07 -2.38 6.94
C VAL A 126 0.84 -1.18 6.68
N SER A 127 1.80 -0.94 7.58
CA SER A 127 2.71 0.18 7.42
C SER A 127 4.03 -0.28 6.79
N HIS A 128 4.76 0.66 6.21
CA HIS A 128 6.02 0.35 5.57
C HIS A 128 7.06 -0.15 6.57
N GLU A 129 8.01 0.71 6.91
CA GLU A 129 9.07 0.34 7.86
C GLU A 129 8.87 1.01 9.23
N PHE A 130 8.19 2.14 9.24
CA PHE A 130 7.96 2.87 10.50
C PHE A 130 6.86 2.21 11.32
N GLU A 131 7.09 2.16 12.64
CA GLU A 131 6.13 1.57 13.55
C GLU A 131 5.16 2.63 14.07
N ILE A 132 3.89 2.26 14.23
CA ILE A 132 2.90 3.21 14.70
C ILE A 132 3.07 3.46 16.20
N ARG A 133 3.48 4.67 16.55
CA ARG A 133 3.68 5.04 17.95
C ARG A 133 2.33 5.30 18.60
N GLY A 134 2.19 4.90 19.85
CA GLY A 134 0.95 5.11 20.59
C GLY A 134 -0.01 3.92 20.40
N TRP A 135 0.19 3.17 19.32
CA TRP A 135 -0.65 2.02 19.03
C TRP A 135 0.08 0.74 19.40
N ASN A 136 -0.51 -0.40 19.03
CA ASN A 136 0.11 -1.69 19.30
C ASN A 136 -0.06 -2.61 18.08
N PRO A 137 1.01 -3.00 17.41
CA PRO A 137 0.89 -3.88 16.21
C PRO A 137 0.51 -5.31 16.57
N LYS A 138 -0.18 -5.99 15.66
CA LYS A 138 -0.59 -7.37 15.91
C LYS A 138 0.54 -8.33 15.54
N GLU A 139 1.08 -8.16 14.34
CA GLU A 139 2.17 -9.02 13.88
C GLU A 139 3.26 -8.18 13.22
N VAL A 140 4.50 -8.40 13.65
CA VAL A 140 5.64 -7.66 13.09
C VAL A 140 6.73 -8.63 12.65
N ILE A 141 7.13 -8.56 11.39
CA ILE A 141 8.17 -9.44 10.88
C ILE A 141 9.10 -8.72 9.91
N LYS A 142 10.26 -9.33 9.68
CA LYS A 142 11.24 -8.76 8.77
C LYS A 142 11.51 -9.66 7.58
N VAL A 143 11.89 -9.04 6.47
CA VAL A 143 12.20 -9.77 5.24
C VAL A 143 13.59 -9.40 4.78
N GLU A 144 14.41 -10.40 4.51
CA GLU A 144 15.78 -10.18 4.05
C GLU A 144 15.96 -10.68 2.63
N ASP A 145 16.34 -9.78 1.73
CA ASP A 145 16.54 -10.16 0.33
C ASP A 145 17.78 -9.47 -0.23
N GLY A 146 18.90 -10.18 -0.27
CA GLY A 146 20.13 -9.61 -0.78
C GLY A 146 21.01 -9.10 0.36
N ASN A 147 21.29 -7.80 0.35
CA ASN A 147 22.12 -7.19 1.39
C ASN A 147 21.32 -6.14 2.16
N MET A 148 20.00 -6.22 2.05
CA MET A 148 19.13 -5.28 2.75
C MET A 148 17.90 -5.99 3.30
N ASN A 149 17.29 -5.41 4.31
CA ASN A 149 16.10 -6.01 4.92
C ASN A 149 14.98 -5.00 5.02
N HIS A 150 13.78 -5.51 5.27
CA HIS A 150 12.60 -4.67 5.40
C HIS A 150 11.75 -5.14 6.57
N THR A 151 11.01 -4.22 7.17
CA THR A 151 10.15 -4.57 8.30
C THR A 151 8.72 -4.11 8.00
N VAL A 152 7.74 -4.91 8.39
CA VAL A 152 6.35 -4.58 8.15
C VAL A 152 5.51 -4.72 9.42
N TYR A 153 4.65 -3.73 9.65
CA TYR A 153 3.78 -3.75 10.81
C TYR A 153 2.34 -3.95 10.38
N LEU A 154 1.67 -4.89 11.05
CA LEU A 154 0.27 -5.20 10.78
C LEU A 154 -0.56 -4.71 11.94
N TYR A 155 -1.68 -4.08 11.66
CA TYR A 155 -2.53 -3.57 12.71
C TYR A 155 -4.00 -3.82 12.37
N VAL A 156 -4.87 -3.55 13.34
CA VAL A 156 -6.30 -3.74 13.13
C VAL A 156 -7.10 -2.64 13.82
N ILE A 157 -8.04 -2.07 13.08
CA ILE A 157 -8.88 -1.01 13.62
C ILE A 157 -9.91 -1.58 14.58
N GLY A 158 -10.13 -0.88 15.69
CA GLY A 158 -11.09 -1.31 16.70
C GLY A 158 -10.42 -1.44 18.06
N GLU A 159 -9.20 -1.97 18.06
CA GLU A 159 -8.45 -2.13 19.30
C GLU A 159 -7.02 -1.65 19.10
N HIS A 160 -6.54 -0.83 20.03
CA HIS A 160 -5.19 -0.29 19.96
C HIS A 160 -4.41 -0.62 21.23
N LYS A 161 -3.44 0.22 21.59
CA LYS A 161 -2.62 0.03 22.78
C LYS A 161 -2.74 -1.39 23.34
N ALA A 162 -3.60 -1.55 24.34
CA ALA A 162 -3.81 -2.86 24.96
C ALA A 162 -5.19 -2.94 25.59
N MET A 1 16.36 1.01 -29.88
CA MET A 1 16.27 1.94 -28.71
C MET A 1 17.65 2.12 -28.10
N SER A 2 17.78 1.78 -26.83
CA SER A 2 19.05 1.90 -26.12
C SER A 2 19.39 3.37 -25.88
N TYR A 3 18.38 4.15 -25.49
CA TYR A 3 18.58 5.57 -25.23
C TYR A 3 18.65 5.81 -23.72
N VAL A 4 18.70 4.73 -22.95
CA VAL A 4 18.77 4.84 -21.50
C VAL A 4 17.66 5.73 -20.97
N PRO A 5 16.43 5.40 -21.27
CA PRO A 5 15.24 6.18 -20.82
C PRO A 5 14.99 6.04 -19.33
N HIS A 6 14.37 7.06 -18.73
CA HIS A 6 14.07 7.03 -17.31
C HIS A 6 12.93 6.06 -17.01
N VAL A 7 13.10 5.27 -15.97
CA VAL A 7 12.08 4.30 -15.57
C VAL A 7 11.89 4.30 -14.06
N PRO A 8 10.74 3.90 -13.55
CA PRO A 8 10.51 3.87 -12.07
C PRO A 8 11.60 3.08 -11.34
N TYR A 9 11.99 3.58 -10.17
CA TYR A 9 13.02 2.91 -9.39
C TYR A 9 12.40 1.86 -8.46
N VAL A 10 12.92 0.65 -8.51
CA VAL A 10 12.40 -0.44 -7.69
C VAL A 10 13.56 -1.28 -7.13
N PRO A 11 13.91 -1.13 -5.86
CA PRO A 11 15.03 -1.92 -5.27
C PRO A 11 14.60 -3.35 -4.94
N THR A 12 13.75 -3.49 -3.93
CA THR A 12 13.29 -4.81 -3.51
C THR A 12 12.34 -5.41 -4.55
N PRO A 13 12.27 -6.73 -4.66
CA PRO A 13 11.37 -7.41 -5.63
C PRO A 13 9.89 -7.29 -5.24
N GLU A 14 9.02 -7.64 -6.19
CA GLU A 14 7.58 -7.58 -5.95
C GLU A 14 7.19 -8.47 -4.77
N LYS A 15 8.12 -9.34 -4.38
CA LYS A 15 7.86 -10.26 -3.27
C LYS A 15 7.45 -9.50 -2.01
N VAL A 16 7.98 -8.28 -1.85
CA VAL A 16 7.64 -7.47 -0.69
C VAL A 16 6.14 -7.20 -0.65
N VAL A 17 5.58 -6.84 -1.80
CA VAL A 17 4.15 -6.57 -1.90
C VAL A 17 3.36 -7.84 -1.60
N ARG A 18 3.87 -8.97 -2.08
CA ARG A 18 3.20 -10.25 -1.88
C ARG A 18 3.05 -10.58 -0.40
N ARG A 19 4.05 -10.29 0.42
CA ARG A 19 3.96 -10.58 1.85
C ARG A 19 2.95 -9.67 2.55
N MET A 20 2.92 -8.40 2.16
CA MET A 20 1.99 -7.45 2.77
C MET A 20 0.56 -7.83 2.45
N LEU A 21 0.35 -8.39 1.28
CA LEU A 21 -0.98 -8.81 0.86
C LEU A 21 -1.47 -10.02 1.66
N GLU A 22 -0.59 -10.97 1.92
CA GLU A 22 -0.97 -12.18 2.67
C GLU A 22 -1.41 -11.86 4.09
N ILE A 23 -0.65 -10.99 4.74
CA ILE A 23 -0.94 -10.61 6.12
C ILE A 23 -2.17 -9.72 6.20
N ALA A 24 -2.40 -8.95 5.15
CA ALA A 24 -3.55 -8.04 5.12
C ALA A 24 -4.81 -8.79 4.69
N LYS A 25 -4.85 -10.08 5.02
CA LYS A 25 -6.01 -10.92 4.73
C LYS A 25 -6.71 -10.52 3.44
N VAL A 26 -5.95 -10.45 2.35
CA VAL A 26 -6.53 -10.06 1.07
C VAL A 26 -7.10 -11.28 0.35
N SER A 27 -8.44 -11.34 0.30
CA SER A 27 -9.13 -12.43 -0.36
C SER A 27 -9.85 -11.92 -1.60
N GLN A 28 -10.26 -12.84 -2.47
CA GLN A 28 -10.95 -12.45 -3.69
C GLN A 28 -12.24 -11.70 -3.37
N ASP A 29 -12.72 -11.82 -2.14
CA ASP A 29 -13.94 -11.13 -1.73
C ASP A 29 -13.63 -9.83 -0.99
N ASP A 30 -12.35 -9.53 -0.84
CA ASP A 30 -11.92 -8.31 -0.15
C ASP A 30 -11.27 -7.35 -1.13
N ILE A 31 -11.40 -6.05 -0.87
CA ILE A 31 -10.82 -5.04 -1.74
C ILE A 31 -9.50 -4.53 -1.15
N VAL A 32 -8.70 -3.89 -2.00
CA VAL A 32 -7.42 -3.34 -1.57
C VAL A 32 -7.30 -1.86 -1.94
N TYR A 33 -7.08 -1.01 -0.94
CA TYR A 33 -6.92 0.43 -1.16
C TYR A 33 -5.51 0.86 -0.77
N ALA A 34 -4.64 1.00 -1.76
CA ALA A 34 -3.27 1.40 -1.49
C ALA A 34 -3.12 2.92 -1.63
N LEU A 35 -2.73 3.56 -0.54
CA LEU A 35 -2.59 5.01 -0.53
C LEU A 35 -1.50 5.51 -1.48
N GLY A 36 -0.41 4.76 -1.64
CA GLY A 36 0.68 5.20 -2.53
C GLY A 36 1.18 4.08 -3.44
N CYS A 37 0.52 3.89 -4.58
CA CYS A 37 0.94 2.86 -5.53
C CYS A 37 2.26 3.22 -6.20
N GLY A 38 2.30 4.37 -6.85
CA GLY A 38 3.53 4.81 -7.52
C GLY A 38 3.71 4.15 -8.89
N ASP A 39 2.72 3.36 -9.32
CA ASP A 39 2.79 2.69 -10.62
C ASP A 39 1.69 1.61 -10.76
N GLY A 40 1.01 1.32 -9.65
CA GLY A 40 -0.06 0.33 -9.67
C GLY A 40 0.45 -1.07 -9.34
N ARG A 41 1.77 -1.23 -9.23
CA ARG A 41 2.33 -2.54 -8.93
C ARG A 41 1.83 -3.05 -7.58
N ILE A 42 1.28 -2.14 -6.79
CA ILE A 42 0.76 -2.53 -5.48
C ILE A 42 -0.62 -3.18 -5.60
N ILE A 43 -1.46 -2.63 -6.48
CA ILE A 43 -2.81 -3.15 -6.68
C ILE A 43 -2.86 -4.17 -7.82
N ILE A 44 -1.98 -4.00 -8.80
CA ILE A 44 -1.92 -4.91 -9.95
C ILE A 44 -1.59 -6.33 -9.51
N THR A 45 -0.63 -6.47 -8.60
CA THR A 45 -0.25 -7.80 -8.12
C THR A 45 -1.40 -8.40 -7.33
N ALA A 46 -2.27 -7.53 -6.84
CA ALA A 46 -3.42 -7.97 -6.09
C ALA A 46 -4.46 -8.58 -7.03
N ALA A 47 -5.03 -7.74 -7.87
CA ALA A 47 -6.05 -8.20 -8.81
C ALA A 47 -5.50 -9.27 -9.75
N LYS A 48 -4.25 -9.11 -10.15
CA LYS A 48 -3.63 -10.08 -11.05
C LYS A 48 -3.52 -11.45 -10.40
N ASP A 49 -3.07 -11.47 -9.14
CA ASP A 49 -2.89 -12.74 -8.42
C ASP A 49 -3.95 -12.96 -7.34
N PHE A 50 -4.11 -11.99 -6.45
CA PHE A 50 -5.08 -12.13 -5.35
C PHE A 50 -6.51 -12.02 -5.85
N ASN A 51 -6.72 -11.70 -7.12
CA ASN A 51 -8.07 -11.60 -7.68
C ASN A 51 -8.96 -10.71 -6.80
N VAL A 52 -8.39 -9.69 -6.18
CA VAL A 52 -9.17 -8.82 -5.32
C VAL A 52 -10.38 -8.27 -6.05
N LYS A 53 -11.53 -8.41 -5.42
CA LYS A 53 -12.79 -7.97 -6.01
C LYS A 53 -12.65 -6.55 -6.54
N LYS A 54 -12.07 -5.66 -5.74
CA LYS A 54 -11.88 -4.28 -6.16
C LYS A 54 -10.52 -3.76 -5.67
N ALA A 55 -9.77 -3.13 -6.57
CA ALA A 55 -8.45 -2.62 -6.21
C ALA A 55 -8.32 -1.17 -6.65
N VAL A 56 -7.91 -0.31 -5.72
CA VAL A 56 -7.75 1.11 -6.01
C VAL A 56 -6.45 1.66 -5.42
N GLY A 57 -5.74 2.47 -6.19
CA GLY A 57 -4.51 3.08 -5.72
C GLY A 57 -4.65 4.60 -5.75
N VAL A 58 -4.31 5.26 -4.64
CA VAL A 58 -4.41 6.71 -4.58
C VAL A 58 -3.07 7.34 -4.90
N GLU A 59 -3.06 8.27 -5.82
CA GLU A 59 -1.81 8.93 -6.19
C GLU A 59 -2.07 10.15 -7.06
N ILE A 60 -1.25 11.17 -6.88
CA ILE A 60 -1.36 12.38 -7.67
C ILE A 60 0.01 12.77 -8.18
N ASN A 61 0.18 12.72 -9.49
CA ASN A 61 1.46 13.07 -10.10
C ASN A 61 1.23 13.62 -11.50
N ASP A 62 2.32 13.90 -12.21
CA ASP A 62 2.21 14.42 -13.57
C ASP A 62 2.71 13.41 -14.59
N GLU A 63 4.01 13.16 -14.61
CA GLU A 63 4.59 12.20 -15.54
C GLU A 63 4.22 10.77 -15.17
N ARG A 64 4.23 10.48 -13.87
CA ARG A 64 3.91 9.15 -13.39
C ARG A 64 2.40 8.87 -13.40
N ILE A 65 1.61 9.90 -13.64
CA ILE A 65 0.16 9.73 -13.63
C ILE A 65 -0.28 8.80 -14.77
N ARG A 66 0.38 8.91 -15.90
CA ARG A 66 0.03 8.10 -17.06
C ARG A 66 0.70 6.74 -16.98
N GLU A 67 1.82 6.67 -16.29
CA GLU A 67 2.55 5.42 -16.17
C GLU A 67 1.70 4.36 -15.47
N ALA A 68 1.09 4.73 -14.34
CA ALA A 68 0.27 3.80 -13.59
C ALA A 68 -0.92 3.32 -14.40
N LEU A 69 -1.53 4.21 -15.17
CA LEU A 69 -2.66 3.84 -16.00
C LEU A 69 -2.24 2.80 -17.03
N ALA A 70 -1.06 3.01 -17.60
CA ALA A 70 -0.52 2.11 -18.61
C ALA A 70 -0.24 0.72 -18.04
N ASN A 71 0.25 0.66 -16.81
CA ASN A 71 0.59 -0.61 -16.20
C ASN A 71 -0.64 -1.51 -16.12
N ILE A 72 -1.77 -0.96 -15.70
CA ILE A 72 -2.97 -1.77 -15.58
C ILE A 72 -3.34 -2.43 -16.90
N GLU A 73 -3.30 -1.68 -17.99
CA GLU A 73 -3.61 -2.27 -19.29
C GLU A 73 -2.61 -3.36 -19.61
N LYS A 74 -1.34 -3.10 -19.30
CA LYS A 74 -0.29 -4.06 -19.58
C LYS A 74 -0.60 -5.39 -18.90
N ASN A 75 -1.12 -5.31 -17.68
CA ASN A 75 -1.45 -6.52 -16.93
C ASN A 75 -2.90 -6.93 -17.15
N GLY A 76 -3.60 -6.21 -18.03
CA GLY A 76 -4.99 -6.55 -18.35
C GLY A 76 -5.82 -6.78 -17.10
N VAL A 77 -5.61 -5.93 -16.09
CA VAL A 77 -6.37 -6.07 -14.84
C VAL A 77 -7.39 -4.95 -14.69
N THR A 78 -7.69 -4.24 -15.78
CA THR A 78 -8.66 -3.17 -15.70
C THR A 78 -9.89 -3.59 -14.92
N GLY A 79 -10.67 -2.61 -14.50
CA GLY A 79 -11.89 -2.88 -13.77
C GLY A 79 -11.59 -3.24 -12.32
N ARG A 80 -10.52 -3.99 -12.09
CA ARG A 80 -10.17 -4.38 -10.73
C ARG A 80 -9.15 -3.40 -10.16
N ALA A 81 -8.42 -2.75 -11.05
CA ALA A 81 -7.40 -1.79 -10.64
C ALA A 81 -7.68 -0.43 -11.23
N SER A 82 -7.62 0.59 -10.39
CA SER A 82 -7.87 1.95 -10.83
C SER A 82 -7.03 2.93 -10.04
N ILE A 83 -6.93 4.16 -10.51
CA ILE A 83 -6.16 5.18 -9.83
C ILE A 83 -6.98 6.44 -9.65
N VAL A 84 -6.86 7.06 -8.47
CA VAL A 84 -7.60 8.28 -8.17
C VAL A 84 -6.63 9.38 -7.78
N LYS A 85 -6.76 10.54 -8.41
CA LYS A 85 -5.90 11.67 -8.11
C LYS A 85 -6.66 12.70 -7.28
N GLY A 86 -5.92 13.51 -6.53
CA GLY A 86 -6.55 14.52 -5.68
C GLY A 86 -5.88 14.58 -4.33
N ASN A 87 -6.60 15.11 -3.34
CA ASN A 87 -6.06 15.22 -1.99
C ASN A 87 -6.52 14.07 -1.11
N PHE A 88 -5.56 13.44 -0.43
CA PHE A 88 -5.85 12.31 0.44
C PHE A 88 -6.92 12.67 1.46
N PHE A 89 -6.91 13.93 1.89
CA PHE A 89 -7.91 14.39 2.85
C PHE A 89 -9.30 14.24 2.25
N GLU A 90 -9.45 14.72 1.03
CA GLU A 90 -10.72 14.65 0.31
C GLU A 90 -11.12 13.20 0.03
N VAL A 91 -10.14 12.38 -0.34
CA VAL A 91 -10.39 10.98 -0.65
C VAL A 91 -10.77 10.19 0.60
N ASP A 92 -11.88 9.46 0.52
CA ASP A 92 -12.34 8.66 1.64
C ASP A 92 -12.07 7.18 1.39
N ILE A 93 -11.50 6.51 2.39
CA ILE A 93 -11.17 5.09 2.27
C ILE A 93 -11.95 4.26 3.30
N SER A 94 -13.00 4.84 3.87
CA SER A 94 -13.78 4.12 4.87
C SER A 94 -14.41 2.86 4.28
N GLU A 95 -14.67 2.89 2.98
CA GLU A 95 -15.27 1.73 2.32
C GLU A 95 -14.28 0.58 2.19
N ALA A 96 -13.00 0.89 2.28
CA ALA A 96 -11.95 -0.11 2.13
C ALA A 96 -11.83 -1.02 3.35
N THR A 97 -11.55 -2.30 3.10
CA THR A 97 -11.37 -3.27 4.18
C THR A 97 -9.89 -3.51 4.43
N VAL A 98 -9.09 -3.32 3.38
CA VAL A 98 -7.64 -3.51 3.47
C VAL A 98 -6.89 -2.32 2.89
N VAL A 99 -5.92 -1.81 3.64
CA VAL A 99 -5.12 -0.67 3.19
C VAL A 99 -3.64 -0.94 3.40
N THR A 100 -2.83 -0.50 2.44
CA THR A 100 -1.38 -0.68 2.52
C THR A 100 -0.65 0.63 2.21
N MET A 101 0.58 0.75 2.71
CA MET A 101 1.37 1.95 2.47
C MET A 101 2.67 1.62 1.74
N PHE A 102 3.04 2.46 0.78
CA PHE A 102 4.27 2.24 0.04
C PHE A 102 4.80 3.58 -0.48
N LEU A 103 5.50 4.31 0.37
CA LEU A 103 6.05 5.60 -0.01
C LEU A 103 7.41 5.82 0.65
N LEU A 104 8.37 6.33 -0.12
CA LEU A 104 9.71 6.58 0.40
C LEU A 104 9.64 7.56 1.58
N THR A 105 8.83 8.60 1.42
CA THR A 105 8.69 9.61 2.47
C THR A 105 7.89 9.06 3.64
N ASN A 106 7.97 9.75 4.77
CA ASN A 106 7.26 9.33 5.97
C ASN A 106 5.81 9.79 5.95
N VAL A 107 5.12 9.61 7.07
CA VAL A 107 3.71 9.99 7.19
C VAL A 107 3.54 11.05 8.27
N ASN A 108 2.40 11.73 8.27
CA ASN A 108 2.14 12.76 9.26
C ASN A 108 2.26 12.21 10.68
N GLU A 109 3.03 12.91 11.51
CA GLU A 109 3.23 12.51 12.89
C GLU A 109 1.94 12.60 13.69
N MET A 110 1.15 13.62 13.41
CA MET A 110 -0.12 13.81 14.13
C MET A 110 -1.25 13.08 13.41
N LEU A 111 -1.64 13.59 12.26
CA LEU A 111 -2.72 12.98 11.49
C LEU A 111 -2.48 11.48 11.33
N LYS A 112 -3.40 10.68 11.84
CA LYS A 112 -3.29 9.22 11.75
C LYS A 112 -4.45 8.55 12.50
N PRO A 113 -4.78 9.03 13.67
CA PRO A 113 -5.89 8.46 14.50
C PRO A 113 -7.22 8.49 13.74
N LYS A 114 -7.29 9.33 12.71
CA LYS A 114 -8.51 9.46 11.93
C LYS A 114 -8.89 8.12 11.29
N LEU A 115 -7.93 7.21 11.20
CA LEU A 115 -8.19 5.90 10.62
C LEU A 115 -9.26 5.17 11.41
N GLU A 116 -9.25 5.37 12.73
CA GLU A 116 -10.23 4.74 13.60
C GLU A 116 -11.63 5.27 13.30
N LYS A 117 -11.67 6.46 12.71
CA LYS A 117 -12.95 7.08 12.36
C LYS A 117 -13.33 6.75 10.92
N GLU A 118 -12.35 6.84 10.03
CA GLU A 118 -12.61 6.57 8.61
C GLU A 118 -12.76 5.08 8.35
N LEU A 119 -11.78 4.30 8.79
CA LEU A 119 -11.81 2.86 8.57
C LEU A 119 -12.65 2.18 9.65
N LYS A 120 -13.47 1.22 9.22
CA LYS A 120 -14.33 0.51 10.14
C LYS A 120 -13.51 -0.51 10.95
N PRO A 121 -13.97 -0.92 12.12
CA PRO A 121 -13.23 -1.94 12.92
C PRO A 121 -13.05 -3.24 12.15
N GLY A 122 -11.86 -3.83 12.24
CA GLY A 122 -11.60 -5.08 11.54
C GLY A 122 -10.88 -4.85 10.22
N THR A 123 -10.64 -3.58 9.91
CA THR A 123 -9.93 -3.23 8.67
C THR A 123 -8.44 -3.53 8.84
N ARG A 124 -7.76 -3.92 7.76
CA ARG A 124 -6.34 -4.25 7.84
C ARG A 124 -5.48 -3.08 7.35
N VAL A 125 -4.52 -2.66 8.17
CA VAL A 125 -3.63 -1.56 7.81
C VAL A 125 -2.18 -2.01 7.87
N VAL A 126 -1.44 -1.77 6.79
CA VAL A 126 -0.04 -2.15 6.73
C VAL A 126 0.83 -0.92 6.44
N SER A 127 1.80 -0.66 7.31
CA SER A 127 2.67 0.50 7.13
C SER A 127 3.98 0.08 6.46
N HIS A 128 4.43 0.88 5.49
CA HIS A 128 5.67 0.59 4.78
C HIS A 128 6.79 0.20 5.75
N GLU A 129 7.68 1.15 6.06
CA GLU A 129 8.79 0.88 6.98
C GLU A 129 8.65 1.68 8.27
N PHE A 130 7.90 2.77 8.22
CA PHE A 130 7.72 3.61 9.40
C PHE A 130 6.64 3.05 10.31
N GLU A 131 6.99 2.85 11.59
CA GLU A 131 6.05 2.31 12.56
C GLU A 131 5.15 3.41 13.10
N ILE A 132 3.86 3.11 13.24
CA ILE A 132 2.92 4.09 13.75
C ILE A 132 3.21 4.38 15.22
N ARG A 133 3.55 5.63 15.52
CA ARG A 133 3.82 6.03 16.88
C ARG A 133 2.52 6.24 17.64
N GLY A 134 2.47 5.83 18.90
CA GLY A 134 1.27 6.00 19.71
C GLY A 134 0.34 4.80 19.57
N TRP A 135 0.59 3.96 18.57
CA TRP A 135 -0.24 2.78 18.33
C TRP A 135 0.51 1.50 18.61
N ASN A 136 -0.25 0.44 18.93
CA ASN A 136 0.35 -0.86 19.22
C ASN A 136 0.12 -1.82 18.06
N PRO A 137 1.15 -2.26 17.34
CA PRO A 137 0.99 -3.18 16.19
C PRO A 137 0.63 -4.60 16.63
N LYS A 138 -0.10 -5.32 15.79
CA LYS A 138 -0.49 -6.68 16.12
C LYS A 138 0.58 -7.69 15.69
N GLU A 139 1.01 -7.58 14.43
CA GLU A 139 2.02 -8.48 13.89
C GLU A 139 3.12 -7.68 13.21
N VAL A 140 4.36 -7.88 13.64
CA VAL A 140 5.50 -7.16 13.07
C VAL A 140 6.60 -8.14 12.66
N ILE A 141 7.04 -8.04 11.41
CA ILE A 141 8.11 -8.94 10.94
C ILE A 141 9.10 -8.20 10.05
N LYS A 142 10.26 -8.83 9.87
CA LYS A 142 11.31 -8.25 9.04
C LYS A 142 11.70 -9.19 7.92
N VAL A 143 12.13 -8.60 6.81
CA VAL A 143 12.55 -9.36 5.65
C VAL A 143 13.96 -8.94 5.28
N GLU A 144 14.85 -9.92 5.14
CA GLU A 144 16.23 -9.63 4.78
C GLU A 144 16.49 -10.05 3.35
N ASP A 145 16.85 -9.08 2.50
CA ASP A 145 17.11 -9.38 1.11
C ASP A 145 18.59 -9.24 0.78
N GLY A 146 18.99 -9.96 -0.25
CA GLY A 146 20.37 -10.01 -0.70
C GLY A 146 21.05 -8.65 -0.81
N ASN A 147 20.36 -7.57 -0.45
CA ASN A 147 20.97 -6.25 -0.50
C ASN A 147 20.62 -5.46 0.75
N MET A 148 19.34 -5.44 1.08
CA MET A 148 18.87 -4.68 2.25
C MET A 148 17.71 -5.38 2.94
N ASN A 149 17.40 -4.93 4.16
CA ASN A 149 16.30 -5.50 4.94
C ASN A 149 15.15 -4.52 5.03
N HIS A 150 13.96 -5.05 5.30
CA HIS A 150 12.76 -4.23 5.42
C HIS A 150 11.87 -4.71 6.56
N THR A 151 11.15 -3.77 7.17
CA THR A 151 10.25 -4.08 8.26
C THR A 151 8.84 -3.61 7.92
N VAL A 152 7.84 -4.40 8.24
CA VAL A 152 6.45 -4.03 7.95
C VAL A 152 5.58 -4.21 9.19
N TYR A 153 4.76 -3.21 9.47
CA TYR A 153 3.87 -3.27 10.63
C TYR A 153 2.43 -3.51 10.21
N LEU A 154 1.79 -4.46 10.88
CA LEU A 154 0.40 -4.81 10.60
C LEU A 154 -0.47 -4.43 11.78
N TYR A 155 -1.56 -3.73 11.52
CA TYR A 155 -2.44 -3.30 12.59
C TYR A 155 -3.91 -3.36 12.18
N VAL A 156 -4.73 -3.96 13.05
CA VAL A 156 -6.16 -4.10 12.78
C VAL A 156 -6.94 -3.02 13.53
N ILE A 157 -7.86 -2.36 12.82
CA ILE A 157 -8.67 -1.31 13.43
C ILE A 157 -9.66 -1.91 14.43
N GLY A 158 -9.73 -1.31 15.62
CA GLY A 158 -10.64 -1.79 16.66
C GLY A 158 -9.97 -1.71 18.04
N GLU A 159 -8.68 -1.98 18.08
CA GLU A 159 -7.93 -1.93 19.34
C GLU A 159 -6.57 -1.30 19.10
N HIS A 160 -6.33 -0.14 19.71
CA HIS A 160 -5.06 0.56 19.53
C HIS A 160 -4.19 0.44 20.78
N LYS A 161 -3.44 1.51 21.08
CA LYS A 161 -2.54 1.51 22.22
C LYS A 161 -3.14 0.74 23.40
N ALA A 162 -4.35 1.09 23.78
CA ALA A 162 -5.01 0.41 24.89
C ALA A 162 -6.53 0.50 24.75
N MET A 1 24.32 -4.03 -23.68
CA MET A 1 25.25 -3.78 -24.81
C MET A 1 26.44 -4.74 -24.72
N SER A 2 26.54 -5.44 -23.59
CA SER A 2 27.62 -6.39 -23.39
C SER A 2 27.19 -7.51 -22.45
N TYR A 3 27.81 -8.68 -22.62
CA TYR A 3 27.48 -9.83 -21.78
C TYR A 3 28.46 -9.94 -20.62
N VAL A 4 29.30 -8.93 -20.47
CA VAL A 4 30.29 -8.92 -19.39
C VAL A 4 29.59 -8.76 -18.03
N PRO A 5 30.19 -9.19 -16.95
CA PRO A 5 29.56 -9.05 -15.59
C PRO A 5 29.11 -7.61 -15.33
N HIS A 6 28.01 -7.47 -14.59
CA HIS A 6 27.49 -6.15 -14.25
C HIS A 6 26.51 -6.28 -13.08
N VAL A 7 26.77 -5.55 -11.99
CA VAL A 7 25.91 -5.62 -10.82
C VAL A 7 25.56 -4.24 -10.29
N PRO A 8 24.67 -3.55 -10.93
CA PRO A 8 24.23 -2.18 -10.51
C PRO A 8 23.18 -2.23 -9.41
N TYR A 9 22.96 -1.10 -8.74
CA TYR A 9 21.98 -1.05 -7.67
C TYR A 9 20.60 -1.44 -8.19
N VAL A 10 19.89 -2.25 -7.41
CA VAL A 10 18.55 -2.65 -7.81
C VAL A 10 17.61 -2.54 -6.61
N PRO A 11 16.37 -2.16 -6.82
CA PRO A 11 15.37 -2.05 -5.70
C PRO A 11 14.93 -3.43 -5.21
N THR A 12 14.39 -3.48 -4.00
CA THR A 12 13.95 -4.75 -3.43
C THR A 12 12.85 -5.35 -4.33
N PRO A 13 12.91 -6.62 -4.67
CA PRO A 13 11.87 -7.26 -5.55
C PRO A 13 10.45 -6.93 -5.08
N GLU A 14 9.50 -7.18 -5.98
CA GLU A 14 8.08 -6.93 -5.69
C GLU A 14 7.61 -7.80 -4.53
N LYS A 15 8.44 -8.78 -4.18
CA LYS A 15 8.08 -9.70 -3.09
C LYS A 15 7.70 -8.94 -1.83
N VAL A 16 8.24 -7.72 -1.69
CA VAL A 16 7.92 -6.92 -0.52
C VAL A 16 6.42 -6.65 -0.47
N VAL A 17 5.85 -6.26 -1.61
CA VAL A 17 4.43 -5.99 -1.70
C VAL A 17 3.62 -7.26 -1.45
N ARG A 18 4.13 -8.37 -1.96
CA ARG A 18 3.42 -9.64 -1.81
C ARG A 18 3.23 -9.99 -0.34
N ARG A 19 4.25 -9.75 0.48
CA ARG A 19 4.13 -10.04 1.91
C ARG A 19 3.09 -9.14 2.57
N MET A 20 3.04 -7.90 2.13
CA MET A 20 2.11 -6.91 2.67
C MET A 20 0.66 -7.35 2.44
N LEU A 21 0.42 -8.02 1.32
CA LEU A 21 -0.92 -8.49 1.00
C LEU A 21 -1.26 -9.74 1.82
N GLU A 22 -0.28 -10.64 1.97
CA GLU A 22 -0.51 -11.87 2.71
C GLU A 22 -0.86 -11.60 4.16
N ILE A 23 -0.10 -10.71 4.79
CA ILE A 23 -0.35 -10.39 6.20
C ILE A 23 -1.70 -9.69 6.36
N ALA A 24 -2.04 -8.85 5.41
CA ALA A 24 -3.31 -8.13 5.46
C ALA A 24 -4.45 -9.11 5.21
N LYS A 25 -4.08 -10.32 4.81
CA LYS A 25 -5.06 -11.38 4.53
C LYS A 25 -6.04 -10.95 3.43
N VAL A 26 -5.56 -10.17 2.48
CA VAL A 26 -6.41 -9.71 1.39
C VAL A 26 -6.98 -10.91 0.63
N SER A 27 -8.31 -10.96 0.55
CA SER A 27 -8.99 -12.04 -0.15
C SER A 27 -9.62 -11.53 -1.44
N GLN A 28 -10.03 -12.43 -2.32
CA GLN A 28 -10.63 -12.04 -3.58
C GLN A 28 -11.89 -11.20 -3.33
N ASP A 29 -12.44 -11.32 -2.13
CA ASP A 29 -13.64 -10.57 -1.78
C ASP A 29 -13.30 -9.29 -1.02
N ASP A 30 -12.01 -9.05 -0.81
CA ASP A 30 -11.56 -7.86 -0.08
C ASP A 30 -10.99 -6.81 -1.03
N ILE A 31 -11.37 -5.55 -0.81
CA ILE A 31 -10.88 -4.46 -1.65
C ILE A 31 -9.54 -3.96 -1.13
N VAL A 32 -8.75 -3.38 -2.02
CA VAL A 32 -7.44 -2.85 -1.64
C VAL A 32 -7.31 -1.38 -2.02
N TYR A 33 -7.13 -0.53 -1.02
CA TYR A 33 -6.91 0.90 -1.23
C TYR A 33 -5.50 1.25 -0.76
N ALA A 34 -4.69 1.78 -1.68
CA ALA A 34 -3.31 2.14 -1.32
C ALA A 34 -2.90 3.45 -1.99
N LEU A 35 -2.03 4.19 -1.33
CA LEU A 35 -1.55 5.46 -1.86
C LEU A 35 -0.09 5.34 -2.29
N GLY A 36 0.43 4.13 -2.26
CA GLY A 36 1.82 3.88 -2.64
C GLY A 36 1.94 3.49 -4.11
N CYS A 37 0.84 3.64 -4.85
CA CYS A 37 0.83 3.28 -6.27
C CYS A 37 2.05 3.85 -6.99
N GLY A 38 1.86 4.92 -7.74
CA GLY A 38 2.97 5.53 -8.48
C GLY A 38 3.33 4.67 -9.68
N ASP A 39 2.48 3.70 -9.97
CA ASP A 39 2.70 2.79 -11.11
C ASP A 39 1.59 1.74 -11.18
N GLY A 40 0.91 1.51 -10.07
CA GLY A 40 -0.17 0.54 -10.03
C GLY A 40 0.35 -0.84 -9.67
N ARG A 41 1.66 -0.99 -9.56
CA ARG A 41 2.23 -2.28 -9.23
C ARG A 41 1.67 -2.77 -7.89
N ILE A 42 1.45 -1.82 -6.99
CA ILE A 42 0.93 -2.15 -5.67
C ILE A 42 -0.47 -2.80 -5.74
N ILE A 43 -1.35 -2.24 -6.57
CA ILE A 43 -2.72 -2.78 -6.70
C ILE A 43 -2.81 -3.86 -7.78
N ILE A 44 -1.98 -3.76 -8.81
CA ILE A 44 -1.99 -4.73 -9.90
C ILE A 44 -1.64 -6.14 -9.41
N THR A 45 -0.66 -6.24 -8.52
CA THR A 45 -0.25 -7.54 -8.00
C THR A 45 -1.38 -8.16 -7.17
N ALA A 46 -2.28 -7.32 -6.69
CA ALA A 46 -3.39 -7.81 -5.91
C ALA A 46 -4.45 -8.40 -6.84
N ALA A 47 -5.03 -7.55 -7.69
CA ALA A 47 -6.06 -8.01 -8.60
C ALA A 47 -5.53 -9.10 -9.53
N LYS A 48 -4.30 -8.96 -9.97
CA LYS A 48 -3.71 -9.94 -10.87
C LYS A 48 -3.60 -11.31 -10.19
N ASP A 49 -3.09 -11.33 -8.96
CA ASP A 49 -2.91 -12.59 -8.24
C ASP A 49 -3.96 -12.80 -7.15
N PHE A 50 -4.10 -11.82 -6.25
CA PHE A 50 -5.06 -11.95 -5.16
C PHE A 50 -6.50 -11.85 -5.64
N ASN A 51 -6.72 -11.53 -6.92
CA ASN A 51 -8.06 -11.44 -7.45
C ASN A 51 -8.96 -10.58 -6.56
N VAL A 52 -8.40 -9.54 -5.96
CA VAL A 52 -9.18 -8.69 -5.10
C VAL A 52 -10.53 -8.36 -5.74
N LYS A 53 -11.42 -7.81 -4.94
CA LYS A 53 -12.74 -7.42 -5.44
C LYS A 53 -12.64 -6.10 -6.17
N LYS A 54 -12.03 -5.14 -5.51
CA LYS A 54 -11.86 -3.81 -6.06
C LYS A 54 -10.52 -3.24 -5.61
N ALA A 55 -9.68 -2.88 -6.57
CA ALA A 55 -8.37 -2.32 -6.25
C ALA A 55 -8.28 -0.89 -6.74
N VAL A 56 -7.95 0.01 -5.83
CA VAL A 56 -7.82 1.42 -6.16
C VAL A 56 -6.51 1.99 -5.63
N GLY A 57 -5.84 2.74 -6.49
CA GLY A 57 -4.58 3.37 -6.11
C GLY A 57 -4.74 4.88 -6.06
N VAL A 58 -4.30 5.49 -4.97
CA VAL A 58 -4.40 6.94 -4.82
C VAL A 58 -3.05 7.56 -5.12
N GLU A 59 -3.02 8.47 -6.09
CA GLU A 59 -1.78 9.13 -6.46
C GLU A 59 -2.04 10.25 -7.44
N ILE A 60 -1.23 11.29 -7.35
CA ILE A 60 -1.34 12.42 -8.26
C ILE A 60 0.03 12.78 -8.80
N ASN A 61 0.22 12.62 -10.10
CA ASN A 61 1.50 12.92 -10.73
C ASN A 61 1.26 13.52 -12.11
N ASP A 62 2.33 13.92 -12.78
CA ASP A 62 2.21 14.50 -14.11
C ASP A 62 2.70 13.53 -15.18
N GLU A 63 4.02 13.35 -15.25
CA GLU A 63 4.61 12.46 -16.25
C GLU A 63 4.31 11.00 -15.94
N ARG A 64 4.34 10.64 -14.66
CA ARG A 64 4.10 9.27 -14.25
C ARG A 64 2.61 8.94 -14.23
N ILE A 65 1.77 9.94 -14.44
CA ILE A 65 0.33 9.72 -14.41
C ILE A 65 -0.10 8.72 -15.49
N ARG A 66 0.52 8.81 -16.65
CA ARG A 66 0.20 7.91 -17.76
C ARG A 66 0.84 6.55 -17.58
N GLU A 67 1.94 6.50 -16.84
CA GLU A 67 2.63 5.23 -16.62
C GLU A 67 1.74 4.24 -15.89
N ALA A 68 1.17 4.66 -14.77
CA ALA A 68 0.33 3.78 -13.97
C ALA A 68 -0.86 3.26 -14.76
N LEU A 69 -1.50 4.12 -15.54
CA LEU A 69 -2.64 3.69 -16.34
C LEU A 69 -2.22 2.60 -17.32
N ALA A 70 -1.05 2.80 -17.91
CA ALA A 70 -0.52 1.85 -18.88
C ALA A 70 -0.27 0.48 -18.26
N ASN A 71 0.22 0.46 -17.03
CA ASN A 71 0.52 -0.81 -16.38
C ASN A 71 -0.73 -1.68 -16.26
N ILE A 72 -1.85 -1.08 -15.86
CA ILE A 72 -3.09 -1.85 -15.69
C ILE A 72 -3.44 -2.61 -16.97
N GLU A 73 -3.36 -1.93 -18.11
CA GLU A 73 -3.67 -2.58 -19.37
C GLU A 73 -2.66 -3.70 -19.64
N LYS A 74 -1.40 -3.43 -19.32
CA LYS A 74 -0.34 -4.40 -19.55
C LYS A 74 -0.66 -5.70 -18.82
N ASN A 75 -1.18 -5.59 -17.61
CA ASN A 75 -1.52 -6.77 -16.83
C ASN A 75 -2.97 -7.20 -17.06
N GLY A 76 -3.67 -6.49 -17.95
CA GLY A 76 -5.05 -6.83 -18.26
C GLY A 76 -5.90 -7.03 -17.00
N VAL A 77 -5.73 -6.14 -16.03
CA VAL A 77 -6.49 -6.24 -14.78
C VAL A 77 -7.53 -5.14 -14.68
N THR A 78 -7.86 -4.49 -15.80
CA THR A 78 -8.84 -3.42 -15.76
C THR A 78 -10.08 -3.83 -15.00
N GLY A 79 -10.84 -2.85 -14.59
CA GLY A 79 -12.07 -3.08 -13.86
C GLY A 79 -11.77 -3.38 -12.39
N ARG A 80 -10.64 -4.02 -12.12
CA ARG A 80 -10.27 -4.36 -10.75
C ARG A 80 -9.26 -3.35 -10.22
N ALA A 81 -8.51 -2.74 -11.13
CA ALA A 81 -7.49 -1.77 -10.75
C ALA A 81 -7.77 -0.42 -11.37
N SER A 82 -7.69 0.61 -10.54
CA SER A 82 -7.95 1.97 -11.00
C SER A 82 -7.05 2.95 -10.24
N ILE A 83 -6.92 4.16 -10.79
CA ILE A 83 -6.13 5.20 -10.15
C ILE A 83 -6.93 6.48 -10.03
N VAL A 84 -6.79 7.15 -8.89
CA VAL A 84 -7.51 8.39 -8.63
C VAL A 84 -6.55 9.51 -8.26
N LYS A 85 -6.68 10.64 -8.94
CA LYS A 85 -5.83 11.79 -8.66
C LYS A 85 -6.54 12.76 -7.74
N GLY A 86 -5.77 13.52 -6.97
CA GLY A 86 -6.33 14.48 -6.03
C GLY A 86 -5.68 14.35 -4.66
N ASN A 87 -6.34 14.86 -3.63
CA ASN A 87 -5.79 14.79 -2.28
C ASN A 87 -6.42 13.62 -1.52
N PHE A 88 -5.57 12.76 -0.97
CA PHE A 88 -6.05 11.61 -0.22
C PHE A 88 -7.06 12.02 0.84
N PHE A 89 -6.96 13.26 1.30
CA PHE A 89 -7.89 13.77 2.30
C PHE A 89 -9.31 13.74 1.75
N GLU A 90 -9.45 14.25 0.54
CA GLU A 90 -10.75 14.29 -0.13
C GLU A 90 -11.26 12.88 -0.38
N VAL A 91 -10.35 11.98 -0.74
CA VAL A 91 -10.71 10.59 -1.03
C VAL A 91 -11.12 9.88 0.26
N ASP A 92 -12.26 9.21 0.21
CA ASP A 92 -12.75 8.47 1.37
C ASP A 92 -12.36 7.00 1.27
N ILE A 93 -11.80 6.46 2.34
CA ILE A 93 -11.37 5.07 2.35
C ILE A 93 -12.05 4.29 3.49
N SER A 94 -13.08 4.87 4.08
CA SER A 94 -13.78 4.21 5.17
C SER A 94 -14.29 2.84 4.77
N GLU A 95 -14.76 2.72 3.54
CA GLU A 95 -15.28 1.45 3.06
C GLU A 95 -14.15 0.44 2.81
N ALA A 96 -12.92 0.94 2.76
CA ALA A 96 -11.77 0.08 2.51
C ALA A 96 -11.55 -0.91 3.63
N THR A 97 -11.39 -2.18 3.28
CA THR A 97 -11.17 -3.22 4.28
C THR A 97 -9.68 -3.49 4.46
N VAL A 98 -8.92 -3.26 3.39
CA VAL A 98 -7.47 -3.47 3.43
C VAL A 98 -6.76 -2.25 2.87
N VAL A 99 -5.84 -1.70 3.67
CA VAL A 99 -5.07 -0.53 3.23
C VAL A 99 -3.61 -0.64 3.65
N THR A 100 -2.75 0.08 2.93
CA THR A 100 -1.33 0.09 3.25
C THR A 100 -0.79 1.51 3.09
N MET A 101 0.26 1.81 3.85
CA MET A 101 0.85 3.15 3.82
C MET A 101 2.30 3.10 3.32
N PHE A 102 2.64 4.07 2.48
CA PHE A 102 3.99 4.15 1.94
C PHE A 102 4.39 5.61 1.71
N LEU A 103 4.91 6.25 2.76
CA LEU A 103 5.32 7.65 2.68
C LEU A 103 6.78 7.80 3.09
N LEU A 104 7.52 8.63 2.37
CA LEU A 104 8.93 8.87 2.67
C LEU A 104 9.16 10.32 3.06
N THR A 105 9.85 10.52 4.18
CA THR A 105 10.16 11.86 4.67
C THR A 105 9.04 12.85 4.34
N ASN A 106 7.82 12.53 4.76
CA ASN A 106 6.67 13.39 4.51
C ASN A 106 5.95 13.73 5.80
N VAL A 107 5.30 14.88 5.83
CA VAL A 107 4.57 15.32 7.01
C VAL A 107 3.16 14.75 7.00
N ASN A 108 2.79 14.04 8.06
CA ASN A 108 1.46 13.44 8.15
C ASN A 108 0.52 14.32 8.97
N GLU A 109 1.01 15.49 9.36
CA GLU A 109 0.20 16.42 10.15
C GLU A 109 -0.33 15.76 11.43
N MET A 110 0.06 14.51 11.65
CA MET A 110 -0.37 13.78 12.82
C MET A 110 -1.89 13.74 12.84
N LEU A 111 -2.43 12.67 12.29
CA LEU A 111 -3.88 12.49 12.24
C LEU A 111 -4.21 11.04 11.91
N LYS A 112 -3.46 10.13 12.51
CA LYS A 112 -3.65 8.70 12.28
C LYS A 112 -4.94 8.18 12.94
N PRO A 113 -5.31 8.70 14.10
CA PRO A 113 -6.52 8.24 14.84
C PRO A 113 -7.80 8.32 14.01
N LYS A 114 -7.78 9.14 12.96
CA LYS A 114 -8.94 9.30 12.10
C LYS A 114 -9.35 7.96 11.52
N LEU A 115 -8.36 7.08 11.38
CA LEU A 115 -8.58 5.75 10.83
C LEU A 115 -9.58 4.99 11.69
N GLU A 116 -9.50 5.18 12.99
CA GLU A 116 -10.40 4.50 13.91
C GLU A 116 -11.85 4.91 13.67
N LYS A 117 -12.04 6.08 13.08
CA LYS A 117 -13.39 6.57 12.81
C LYS A 117 -13.80 6.30 11.35
N GLU A 118 -12.84 6.37 10.44
CA GLU A 118 -13.15 6.13 9.02
C GLU A 118 -13.17 4.64 8.71
N LEU A 119 -12.11 3.94 9.09
CA LEU A 119 -12.02 2.50 8.83
C LEU A 119 -12.78 1.76 9.93
N LYS A 120 -13.65 0.84 9.53
CA LYS A 120 -14.43 0.08 10.52
C LYS A 120 -13.54 -0.90 11.28
N PRO A 121 -13.86 -1.23 12.52
CA PRO A 121 -13.05 -2.21 13.31
C PRO A 121 -12.85 -3.52 12.57
N GLY A 122 -11.65 -4.07 12.66
CA GLY A 122 -11.34 -5.34 12.00
C GLY A 122 -10.59 -5.10 10.70
N THR A 123 -10.47 -3.83 10.32
CA THR A 123 -9.76 -3.47 9.12
C THR A 123 -8.27 -3.70 9.31
N ARG A 124 -7.59 -4.05 8.24
CA ARG A 124 -6.16 -4.31 8.31
C ARG A 124 -5.38 -3.15 7.72
N VAL A 125 -4.40 -2.66 8.48
CA VAL A 125 -3.56 -1.56 8.01
C VAL A 125 -2.09 -1.98 8.05
N VAL A 126 -1.39 -1.80 6.94
CA VAL A 126 0.01 -2.20 6.85
C VAL A 126 0.92 -0.99 6.57
N SER A 127 1.90 -0.76 7.43
CA SER A 127 2.82 0.36 7.23
C SER A 127 4.10 -0.13 6.57
N HIS A 128 4.77 0.77 5.85
CA HIS A 128 6.00 0.41 5.15
C HIS A 128 7.09 -0.07 6.12
N GLU A 129 8.04 0.81 6.41
CA GLU A 129 9.14 0.46 7.31
C GLU A 129 8.99 1.15 8.66
N PHE A 130 8.33 2.31 8.66
CA PHE A 130 8.13 3.05 9.90
C PHE A 130 6.97 2.49 10.71
N GLU A 131 7.15 2.40 12.02
CA GLU A 131 6.11 1.91 12.91
C GLU A 131 5.18 3.03 13.33
N ILE A 132 4.02 2.68 13.86
CA ILE A 132 3.07 3.68 14.29
C ILE A 132 3.20 3.95 15.78
N ARG A 133 3.55 5.18 16.13
CA ARG A 133 3.68 5.56 17.54
C ARG A 133 2.30 5.68 18.17
N GLY A 134 2.19 5.23 19.42
CA GLY A 134 0.91 5.31 20.13
C GLY A 134 0.07 4.06 19.90
N TRP A 135 0.34 3.35 18.80
CA TRP A 135 -0.41 2.13 18.48
C TRP A 135 0.44 0.90 18.75
N ASN A 136 -0.23 -0.20 19.09
CA ASN A 136 0.46 -1.46 19.34
C ASN A 136 0.25 -2.42 18.16
N PRO A 137 1.24 -2.63 17.32
CA PRO A 137 1.10 -3.55 16.15
C PRO A 137 0.65 -4.95 16.57
N LYS A 138 -0.11 -5.59 15.71
CA LYS A 138 -0.60 -6.94 15.99
C LYS A 138 0.46 -7.97 15.60
N GLU A 139 1.00 -7.83 14.39
CA GLU A 139 2.02 -8.76 13.90
C GLU A 139 3.12 -8.01 13.17
N VAL A 140 4.37 -8.25 13.58
CA VAL A 140 5.51 -7.60 12.96
C VAL A 140 6.57 -8.62 12.55
N ILE A 141 6.98 -8.57 11.29
CA ILE A 141 8.00 -9.49 10.80
C ILE A 141 8.97 -8.81 9.86
N LYS A 142 10.11 -9.44 9.65
CA LYS A 142 11.14 -8.91 8.77
C LYS A 142 11.43 -9.82 7.60
N VAL A 143 11.87 -9.21 6.51
CA VAL A 143 12.20 -9.95 5.30
C VAL A 143 13.63 -9.64 4.90
N GLU A 144 14.43 -10.68 4.67
CA GLU A 144 15.82 -10.50 4.28
C GLU A 144 16.04 -11.01 2.86
N ASP A 145 16.47 -10.12 1.97
CA ASP A 145 16.70 -10.49 0.59
C ASP A 145 17.97 -9.83 0.06
N GLY A 146 19.07 -10.57 0.04
CA GLY A 146 20.33 -10.04 -0.45
C GLY A 146 21.20 -9.54 0.70
N ASN A 147 21.52 -8.25 0.68
CA ASN A 147 22.33 -7.65 1.74
C ASN A 147 21.54 -6.60 2.51
N MET A 148 20.21 -6.65 2.37
CA MET A 148 19.35 -5.70 3.07
C MET A 148 18.09 -6.39 3.57
N ASN A 149 17.46 -5.78 4.57
CA ASN A 149 16.25 -6.34 5.14
C ASN A 149 15.13 -5.29 5.18
N HIS A 150 13.91 -5.76 5.38
CA HIS A 150 12.76 -4.88 5.44
C HIS A 150 11.83 -5.32 6.56
N THR A 151 11.11 -4.37 7.14
CA THR A 151 10.18 -4.66 8.23
C THR A 151 8.80 -4.14 7.87
N VAL A 152 7.77 -4.91 8.22
CA VAL A 152 6.40 -4.51 7.94
C VAL A 152 5.54 -4.62 9.20
N TYR A 153 4.77 -3.57 9.48
CA TYR A 153 3.93 -3.54 10.65
C TYR A 153 2.47 -3.73 10.26
N LEU A 154 1.79 -4.61 10.97
CA LEU A 154 0.39 -4.90 10.73
C LEU A 154 -0.43 -4.47 11.93
N TYR A 155 -1.47 -3.68 11.69
CA TYR A 155 -2.33 -3.21 12.76
C TYR A 155 -3.77 -3.64 12.50
N VAL A 156 -4.61 -3.52 13.51
CA VAL A 156 -6.02 -3.87 13.37
C VAL A 156 -6.89 -2.81 14.02
N ILE A 157 -7.85 -2.32 13.27
CA ILE A 157 -8.77 -1.30 13.76
C ILE A 157 -9.77 -1.88 14.75
N GLY A 158 -10.02 -1.14 15.82
CA GLY A 158 -10.94 -1.57 16.86
C GLY A 158 -10.29 -1.51 18.22
N GLU A 159 -9.00 -1.83 18.27
CA GLU A 159 -8.24 -1.79 19.51
C GLU A 159 -6.83 -1.29 19.26
N HIS A 160 -6.40 -0.32 20.05
CA HIS A 160 -5.05 0.24 19.90
C HIS A 160 -4.28 0.09 21.20
N LYS A 161 -3.50 1.12 21.55
CA LYS A 161 -2.70 1.13 22.78
C LYS A 161 -2.50 -0.27 23.36
N ALA A 162 -3.44 -0.69 24.21
CA ALA A 162 -3.35 -2.00 24.82
C ALA A 162 -4.73 -2.45 25.33
N MET A 1 32.97 14.35 -6.69
CA MET A 1 34.03 13.41 -7.14
C MET A 1 33.41 12.06 -7.44
N SER A 2 32.45 11.66 -6.61
CA SER A 2 31.77 10.37 -6.80
C SER A 2 30.98 10.38 -8.10
N TYR A 3 30.97 9.23 -8.79
CA TYR A 3 30.23 9.12 -10.04
C TYR A 3 29.52 7.77 -10.10
N VAL A 4 28.20 7.80 -10.20
CA VAL A 4 27.41 6.57 -10.25
C VAL A 4 26.40 6.60 -11.40
N PRO A 5 26.83 6.30 -12.61
CA PRO A 5 25.94 6.30 -13.80
C PRO A 5 25.11 5.03 -13.89
N HIS A 6 25.46 4.03 -13.07
CA HIS A 6 24.74 2.76 -13.05
C HIS A 6 23.85 2.66 -11.82
N VAL A 7 23.05 1.61 -11.77
CA VAL A 7 22.15 1.40 -10.64
C VAL A 7 21.10 2.51 -10.57
N PRO A 8 20.29 2.65 -11.59
CA PRO A 8 19.22 3.68 -11.65
C PRO A 8 18.08 3.38 -10.68
N TYR A 9 17.24 4.38 -10.42
CA TYR A 9 16.14 4.20 -9.49
C TYR A 9 15.37 2.95 -9.83
N VAL A 10 15.18 2.11 -8.82
CA VAL A 10 14.46 0.86 -9.01
C VAL A 10 13.57 0.60 -7.78
N PRO A 11 12.34 0.16 -7.98
CA PRO A 11 11.42 -0.12 -6.84
C PRO A 11 11.80 -1.40 -6.11
N THR A 12 11.28 -1.57 -4.89
CA THR A 12 11.60 -2.76 -4.10
C THR A 12 11.04 -4.02 -4.78
N PRO A 13 11.57 -5.19 -4.51
CA PRO A 13 11.06 -6.46 -5.13
C PRO A 13 9.58 -6.67 -4.86
N GLU A 14 8.89 -7.30 -5.81
CA GLU A 14 7.48 -7.57 -5.66
C GLU A 14 7.24 -8.44 -4.43
N LYS A 15 8.31 -9.08 -3.97
CA LYS A 15 8.22 -9.95 -2.80
C LYS A 15 7.76 -9.14 -1.59
N VAL A 16 8.29 -7.93 -1.47
CA VAL A 16 7.91 -7.06 -0.35
C VAL A 16 6.42 -6.78 -0.39
N VAL A 17 5.93 -6.42 -1.56
CA VAL A 17 4.51 -6.13 -1.74
C VAL A 17 3.66 -7.38 -1.48
N ARG A 18 4.17 -8.52 -1.94
CA ARG A 18 3.44 -9.77 -1.79
C ARG A 18 3.15 -10.08 -0.32
N ARG A 19 4.15 -9.99 0.54
CA ARG A 19 3.96 -10.28 1.95
C ARG A 19 2.97 -9.31 2.59
N MET A 20 3.02 -8.06 2.17
CA MET A 20 2.13 -7.04 2.70
C MET A 20 0.69 -7.46 2.50
N LEU A 21 0.45 -8.17 1.40
CA LEU A 21 -0.88 -8.67 1.10
C LEU A 21 -1.18 -9.90 1.97
N GLU A 22 -0.16 -10.73 2.21
CA GLU A 22 -0.37 -11.94 3.01
C GLU A 22 -0.83 -11.59 4.43
N ILE A 23 -0.14 -10.64 5.05
CA ILE A 23 -0.46 -10.25 6.42
C ILE A 23 -1.82 -9.57 6.50
N ALA A 24 -2.15 -8.80 5.48
CA ALA A 24 -3.42 -8.11 5.45
C ALA A 24 -4.54 -9.12 5.22
N LYS A 25 -4.14 -10.34 4.86
CA LYS A 25 -5.09 -11.43 4.60
C LYS A 25 -6.04 -11.07 3.47
N VAL A 26 -5.53 -10.33 2.50
CA VAL A 26 -6.37 -9.93 1.36
C VAL A 26 -6.91 -11.15 0.65
N SER A 27 -8.24 -11.24 0.60
CA SER A 27 -8.90 -12.36 -0.06
C SER A 27 -9.57 -11.88 -1.34
N GLN A 28 -9.95 -12.81 -2.20
CA GLN A 28 -10.59 -12.46 -3.46
C GLN A 28 -11.85 -11.63 -3.24
N ASP A 29 -12.44 -11.77 -2.05
CA ASP A 29 -13.65 -11.03 -1.73
C ASP A 29 -13.32 -9.76 -0.95
N ASP A 30 -12.03 -9.45 -0.82
CA ASP A 30 -11.59 -8.26 -0.09
C ASP A 30 -11.01 -7.23 -1.05
N ILE A 31 -11.37 -5.97 -0.84
CA ILE A 31 -10.87 -4.90 -1.69
C ILE A 31 -9.54 -4.36 -1.14
N VAL A 32 -8.74 -3.79 -2.03
CA VAL A 32 -7.45 -3.23 -1.64
C VAL A 32 -7.35 -1.75 -2.02
N TYR A 33 -7.15 -0.90 -1.01
CA TYR A 33 -7.00 0.54 -1.23
C TYR A 33 -5.58 0.95 -0.83
N ALA A 34 -4.71 1.07 -1.83
CA ALA A 34 -3.31 1.44 -1.57
C ALA A 34 -3.07 2.90 -1.92
N LEU A 35 -2.47 3.63 -0.99
CA LEU A 35 -2.18 5.05 -1.21
C LEU A 35 -0.81 5.23 -1.85
N GLY A 36 -0.04 4.15 -1.91
CA GLY A 36 1.31 4.21 -2.48
C GLY A 36 1.46 3.37 -3.75
N CYS A 37 0.82 3.82 -4.84
CA CYS A 37 0.93 3.11 -6.11
C CYS A 37 2.15 3.61 -6.87
N GLY A 38 1.99 4.66 -7.67
CA GLY A 38 3.10 5.21 -8.43
C GLY A 38 3.43 4.33 -9.63
N ASP A 39 2.55 3.38 -9.93
CA ASP A 39 2.76 2.48 -11.07
C ASP A 39 1.64 1.45 -11.16
N GLY A 40 0.89 1.27 -10.08
CA GLY A 40 -0.20 0.30 -10.06
C GLY A 40 0.32 -1.07 -9.69
N ARG A 41 1.63 -1.18 -9.51
CA ARG A 41 2.23 -2.46 -9.14
C ARG A 41 1.65 -2.95 -7.81
N ILE A 42 1.46 -2.02 -6.90
CA ILE A 42 0.94 -2.35 -5.57
C ILE A 42 -0.44 -3.04 -5.68
N ILE A 43 -1.32 -2.53 -6.54
CA ILE A 43 -2.65 -3.11 -6.69
C ILE A 43 -2.70 -4.21 -7.75
N ILE A 44 -1.85 -4.09 -8.77
CA ILE A 44 -1.82 -5.09 -9.84
C ILE A 44 -1.45 -6.49 -9.31
N THR A 45 -0.50 -6.55 -8.39
CA THR A 45 -0.10 -7.84 -7.84
C THR A 45 -1.24 -8.45 -7.04
N ALA A 46 -2.16 -7.60 -6.60
CA ALA A 46 -3.29 -8.09 -5.85
C ALA A 46 -4.32 -8.71 -6.81
N ALA A 47 -4.89 -7.88 -7.67
CA ALA A 47 -5.89 -8.37 -8.61
C ALA A 47 -5.33 -9.46 -9.51
N LYS A 48 -4.08 -9.28 -9.93
CA LYS A 48 -3.43 -10.26 -10.80
C LYS A 48 -3.28 -11.61 -10.10
N ASP A 49 -2.81 -11.60 -8.86
CA ASP A 49 -2.60 -12.85 -8.11
C ASP A 49 -3.67 -13.09 -7.05
N PHE A 50 -3.88 -12.11 -6.19
CA PHE A 50 -4.86 -12.26 -5.11
C PHE A 50 -6.30 -12.20 -5.62
N ASN A 51 -6.49 -11.90 -6.90
CA ASN A 51 -7.83 -11.84 -7.46
C ASN A 51 -8.76 -11.00 -6.59
N VAL A 52 -8.22 -9.96 -5.97
CA VAL A 52 -9.03 -9.12 -5.12
C VAL A 52 -10.36 -8.80 -5.78
N LYS A 53 -11.27 -8.25 -5.00
CA LYS A 53 -12.58 -7.87 -5.50
C LYS A 53 -12.49 -6.51 -6.17
N LYS A 54 -11.91 -5.56 -5.46
CA LYS A 54 -11.75 -4.20 -5.97
C LYS A 54 -10.39 -3.65 -5.54
N ALA A 55 -9.58 -3.21 -6.50
CA ALA A 55 -8.26 -2.66 -6.18
C ALA A 55 -8.15 -1.22 -6.66
N VAL A 56 -7.74 -0.34 -5.76
CA VAL A 56 -7.59 1.07 -6.10
C VAL A 56 -6.24 1.60 -5.62
N GLY A 57 -5.53 2.26 -6.51
CA GLY A 57 -4.23 2.84 -6.17
C GLY A 57 -4.30 4.36 -6.22
N VAL A 58 -4.30 5.00 -5.07
CA VAL A 58 -4.37 6.45 -5.02
C VAL A 58 -2.98 7.07 -5.08
N GLU A 59 -2.85 8.11 -5.87
CA GLU A 59 -1.58 8.80 -6.02
C GLU A 59 -1.81 10.28 -6.25
N ILE A 60 -0.89 10.92 -6.95
CA ILE A 60 -0.99 12.34 -7.28
C ILE A 60 0.34 12.79 -7.87
N ASN A 61 0.47 12.76 -9.19
CA ASN A 61 1.70 13.16 -9.84
C ASN A 61 1.41 13.73 -11.23
N ASP A 62 2.45 14.17 -11.93
CA ASP A 62 2.25 14.74 -13.27
C ASP A 62 2.68 13.78 -14.37
N GLU A 63 3.99 13.55 -14.48
CA GLU A 63 4.52 12.67 -15.53
C GLU A 63 4.15 11.21 -15.29
N ARG A 64 4.20 10.79 -14.03
CA ARG A 64 3.89 9.41 -13.69
C ARG A 64 2.40 9.15 -13.69
N ILE A 65 1.60 10.20 -13.85
CA ILE A 65 0.15 10.04 -13.84
C ILE A 65 -0.30 9.12 -14.97
N ARG A 66 0.33 9.25 -16.12
CA ARG A 66 -0.01 8.43 -17.28
C ARG A 66 0.59 7.03 -17.15
N GLU A 67 1.70 6.94 -16.43
CA GLU A 67 2.37 5.65 -16.27
C GLU A 67 1.46 4.66 -15.56
N ALA A 68 0.83 5.08 -14.46
CA ALA A 68 -0.04 4.19 -13.71
C ALA A 68 -1.20 3.69 -14.55
N LEU A 69 -1.78 4.59 -15.35
CA LEU A 69 -2.90 4.21 -16.20
C LEU A 69 -2.46 3.13 -17.17
N ALA A 70 -1.27 3.30 -17.72
CA ALA A 70 -0.72 2.36 -18.69
C ALA A 70 -0.52 0.98 -18.08
N ASN A 71 -0.07 0.94 -16.83
CA ASN A 71 0.17 -0.35 -16.18
C ASN A 71 -1.11 -1.18 -16.12
N ILE A 72 -2.20 -0.55 -15.72
CA ILE A 72 -3.48 -1.27 -15.62
C ILE A 72 -3.81 -1.96 -16.94
N GLU A 73 -3.66 -1.25 -18.05
CA GLU A 73 -3.95 -1.84 -19.35
C GLU A 73 -2.93 -2.94 -19.66
N LYS A 74 -1.66 -2.65 -19.37
CA LYS A 74 -0.58 -3.60 -19.66
C LYS A 74 -0.85 -4.93 -18.96
N ASN A 75 -1.37 -4.84 -17.75
CA ASN A 75 -1.66 -6.04 -16.98
C ASN A 75 -3.11 -6.49 -17.18
N GLY A 76 -3.82 -5.79 -18.06
CA GLY A 76 -5.21 -6.15 -18.36
C GLY A 76 -6.02 -6.37 -17.10
N VAL A 77 -5.86 -5.49 -16.12
CA VAL A 77 -6.59 -5.62 -14.86
C VAL A 77 -7.73 -4.62 -14.79
N THR A 78 -8.11 -4.03 -15.93
CA THR A 78 -9.18 -3.05 -15.92
C THR A 78 -10.49 -3.66 -15.47
N GLY A 79 -11.13 -2.99 -14.53
CA GLY A 79 -12.39 -3.47 -14.00
C GLY A 79 -12.20 -3.94 -12.57
N ARG A 80 -10.94 -4.16 -12.20
CA ARG A 80 -10.62 -4.60 -10.84
C ARG A 80 -9.52 -3.72 -10.25
N ALA A 81 -8.76 -3.07 -11.14
CA ALA A 81 -7.68 -2.19 -10.71
C ALA A 81 -7.85 -0.82 -11.33
N SER A 82 -7.68 0.21 -10.51
CA SER A 82 -7.83 1.59 -10.99
C SER A 82 -6.94 2.53 -10.21
N ILE A 83 -6.77 3.75 -10.72
CA ILE A 83 -5.94 4.73 -10.06
C ILE A 83 -6.66 6.07 -9.93
N VAL A 84 -6.49 6.72 -8.78
CA VAL A 84 -7.13 8.00 -8.53
C VAL A 84 -6.12 9.03 -8.02
N LYS A 85 -6.16 10.23 -8.60
CA LYS A 85 -5.23 11.28 -8.17
C LYS A 85 -5.91 12.18 -7.14
N GLY A 86 -5.10 12.79 -6.28
CA GLY A 86 -5.63 13.69 -5.26
C GLY A 86 -5.02 13.37 -3.89
N ASN A 87 -5.49 14.07 -2.87
CA ASN A 87 -4.98 13.86 -1.53
C ASN A 87 -5.76 12.76 -0.82
N PHE A 88 -5.04 11.75 -0.33
CA PHE A 88 -5.68 10.63 0.34
C PHE A 88 -6.66 11.15 1.40
N PHE A 89 -6.39 12.33 1.93
CA PHE A 89 -7.26 12.94 2.92
C PHE A 89 -8.64 13.17 2.33
N GLU A 90 -8.67 13.78 1.15
CA GLU A 90 -9.91 14.07 0.44
C GLU A 90 -10.61 12.78 0.03
N VAL A 91 -9.83 11.81 -0.42
CA VAL A 91 -10.38 10.53 -0.86
C VAL A 91 -10.91 9.74 0.33
N ASP A 92 -12.12 9.23 0.20
CA ASP A 92 -12.72 8.44 1.26
C ASP A 92 -12.36 6.96 1.11
N ILE A 93 -11.78 6.38 2.16
CA ILE A 93 -11.38 4.98 2.14
C ILE A 93 -12.12 4.18 3.18
N SER A 94 -13.19 4.74 3.73
CA SER A 94 -13.97 4.04 4.76
C SER A 94 -14.52 2.74 4.21
N GLU A 95 -14.75 2.70 2.90
CA GLU A 95 -15.28 1.50 2.26
C GLU A 95 -14.22 0.41 2.16
N ALA A 96 -12.96 0.81 2.25
CA ALA A 96 -11.85 -0.13 2.14
C ALA A 96 -11.74 -1.05 3.35
N THR A 97 -11.52 -2.34 3.10
CA THR A 97 -11.36 -3.30 4.19
C THR A 97 -9.89 -3.56 4.43
N VAL A 98 -9.08 -3.41 3.37
CA VAL A 98 -7.64 -3.61 3.45
C VAL A 98 -6.92 -2.39 2.89
N VAL A 99 -5.99 -1.85 3.66
CA VAL A 99 -5.23 -0.68 3.23
C VAL A 99 -3.74 -0.87 3.47
N THR A 100 -2.94 -0.41 2.53
CA THR A 100 -1.49 -0.51 2.63
C THR A 100 -0.85 0.84 2.33
N MET A 101 0.36 1.06 2.83
CA MET A 101 1.07 2.31 2.60
C MET A 101 2.48 2.05 2.10
N PHE A 102 2.93 2.86 1.15
CA PHE A 102 4.28 2.71 0.61
C PHE A 102 4.82 4.07 0.17
N LEU A 103 5.43 4.78 1.11
CA LEU A 103 6.00 6.09 0.79
C LEU A 103 7.30 6.29 1.56
N LEU A 104 8.38 6.59 0.84
CA LEU A 104 9.67 6.81 1.46
C LEU A 104 9.63 8.01 2.41
N THR A 105 8.95 9.07 1.99
CA THR A 105 8.85 10.28 2.80
C THR A 105 7.73 10.14 3.83
N ASN A 106 7.81 10.95 4.88
CA ASN A 106 6.80 10.92 5.93
C ASN A 106 6.61 12.31 6.53
N VAL A 107 7.18 13.31 5.86
CA VAL A 107 7.08 14.69 6.34
C VAL A 107 5.62 15.15 6.39
N ASN A 108 4.80 14.60 5.50
CA ASN A 108 3.39 14.96 5.45
C ASN A 108 2.66 14.43 6.67
N GLU A 109 1.59 15.14 7.07
CA GLU A 109 0.82 14.73 8.24
C GLU A 109 0.26 13.32 8.03
N MET A 110 0.22 12.54 9.10
CA MET A 110 -0.30 11.18 9.01
C MET A 110 -1.74 11.12 9.49
N LEU A 111 -1.99 11.58 10.72
CA LEU A 111 -3.34 11.58 11.29
C LEU A 111 -3.86 10.15 11.43
N LYS A 112 -3.31 9.41 12.39
CA LYS A 112 -3.75 8.04 12.62
C LYS A 112 -5.17 8.02 13.20
N PRO A 113 -5.52 8.96 14.05
CA PRO A 113 -6.88 9.01 14.68
C PRO A 113 -7.99 9.12 13.64
N LYS A 114 -7.68 9.72 12.51
CA LYS A 114 -8.66 9.88 11.43
C LYS A 114 -9.13 8.51 10.95
N LEU A 115 -8.19 7.58 10.89
CA LEU A 115 -8.48 6.22 10.43
C LEU A 115 -9.51 5.55 11.33
N GLU A 116 -9.46 5.85 12.62
CA GLU A 116 -10.39 5.25 13.57
C GLU A 116 -11.83 5.63 13.23
N LYS A 117 -12.01 6.77 12.57
CA LYS A 117 -13.35 7.22 12.21
C LYS A 117 -13.67 6.84 10.77
N GLU A 118 -12.69 6.92 9.88
CA GLU A 118 -12.91 6.59 8.48
C GLU A 118 -13.03 5.08 8.27
N LEU A 119 -12.05 4.34 8.78
CA LEU A 119 -12.04 2.89 8.63
C LEU A 119 -12.85 2.23 9.73
N LYS A 120 -13.70 1.29 9.35
CA LYS A 120 -14.51 0.56 10.30
C LYS A 120 -13.63 -0.41 11.07
N PRO A 121 -13.96 -0.74 12.30
CA PRO A 121 -13.13 -1.69 13.10
C PRO A 121 -13.00 -3.04 12.40
N GLY A 122 -11.82 -3.64 12.52
CA GLY A 122 -11.57 -4.92 11.88
C GLY A 122 -10.83 -4.74 10.56
N THR A 123 -10.62 -3.48 10.18
CA THR A 123 -9.91 -3.18 8.94
C THR A 123 -8.42 -3.48 9.12
N ARG A 124 -7.75 -3.91 8.06
CA ARG A 124 -6.33 -4.23 8.14
C ARG A 124 -5.50 -3.10 7.54
N VAL A 125 -4.50 -2.65 8.29
CA VAL A 125 -3.62 -1.58 7.82
C VAL A 125 -2.16 -2.01 7.86
N VAL A 126 -1.46 -1.84 6.75
CA VAL A 126 -0.05 -2.22 6.67
C VAL A 126 0.84 -1.02 6.37
N SER A 127 1.82 -0.76 7.23
CA SER A 127 2.72 0.37 7.05
C SER A 127 4.05 -0.10 6.46
N HIS A 128 4.66 0.75 5.62
CA HIS A 128 5.92 0.42 4.98
C HIS A 128 6.96 -0.09 5.98
N GLU A 129 7.93 0.76 6.31
CA GLU A 129 8.99 0.38 7.25
C GLU A 129 8.86 1.13 8.57
N PHE A 130 8.18 2.27 8.53
CA PHE A 130 8.01 3.09 9.74
C PHE A 130 6.89 2.52 10.61
N GLU A 131 7.16 2.41 11.90
CA GLU A 131 6.18 1.89 12.85
C GLU A 131 5.20 2.99 13.25
N ILE A 132 4.07 2.58 13.82
CA ILE A 132 3.06 3.55 14.24
C ILE A 132 3.24 3.88 15.71
N ARG A 133 3.50 5.15 16.00
CA ARG A 133 3.67 5.59 17.38
C ARG A 133 2.31 5.83 18.00
N GLY A 134 2.16 5.45 19.26
CA GLY A 134 0.91 5.64 19.97
C GLY A 134 0.00 4.42 19.82
N TRP A 135 0.26 3.60 18.80
CA TRP A 135 -0.55 2.40 18.55
C TRP A 135 0.28 1.14 18.75
N ASN A 136 -0.42 0.04 18.99
CA ASN A 136 0.25 -1.25 19.18
C ASN A 136 0.01 -2.16 17.96
N PRO A 137 1.04 -2.55 17.23
CA PRO A 137 0.84 -3.43 16.04
C PRO A 137 0.45 -4.85 16.43
N LYS A 138 -0.26 -5.54 15.55
CA LYS A 138 -0.69 -6.91 15.84
C LYS A 138 0.43 -7.90 15.48
N GLU A 139 0.99 -7.76 14.29
CA GLU A 139 2.05 -8.66 13.84
C GLU A 139 3.16 -7.88 13.14
N VAL A 140 4.40 -8.06 13.60
CA VAL A 140 5.54 -7.37 13.01
C VAL A 140 6.64 -8.37 12.64
N ILE A 141 7.07 -8.35 11.39
CA ILE A 141 8.12 -9.27 10.94
C ILE A 141 9.10 -8.58 10.01
N LYS A 142 10.24 -9.21 9.80
CA LYS A 142 11.27 -8.67 8.92
C LYS A 142 11.61 -9.63 7.78
N VAL A 143 12.02 -9.06 6.66
CA VAL A 143 12.38 -9.85 5.49
C VAL A 143 13.78 -9.46 5.03
N GLU A 144 14.62 -10.46 4.80
CA GLU A 144 15.99 -10.21 4.36
C GLU A 144 16.22 -10.76 2.95
N ASP A 145 16.69 -9.90 2.06
CA ASP A 145 16.94 -10.30 0.68
C ASP A 145 18.20 -9.61 0.14
N GLY A 146 19.31 -10.34 0.12
CA GLY A 146 20.55 -9.77 -0.38
C GLY A 146 21.39 -9.18 0.75
N ASN A 147 21.59 -7.86 0.70
CA ASN A 147 22.38 -7.17 1.71
C ASN A 147 21.53 -6.13 2.43
N MET A 148 20.23 -6.22 2.26
CA MET A 148 19.30 -5.28 2.92
C MET A 148 18.07 -6.02 3.41
N ASN A 149 17.40 -5.45 4.39
CA ASN A 149 16.19 -6.06 4.95
C ASN A 149 15.04 -5.06 4.98
N HIS A 150 13.85 -5.59 5.23
CA HIS A 150 12.65 -4.75 5.28
C HIS A 150 11.76 -5.18 6.43
N THR A 151 11.05 -4.22 7.02
CA THR A 151 10.16 -4.51 8.13
C THR A 151 8.75 -4.03 7.77
N VAL A 152 7.74 -4.80 8.14
CA VAL A 152 6.36 -4.44 7.84
C VAL A 152 5.50 -4.55 9.09
N TYR A 153 4.70 -3.51 9.35
CA TYR A 153 3.84 -3.49 10.51
C TYR A 153 2.39 -3.71 10.11
N LEU A 154 1.74 -4.61 10.82
CA LEU A 154 0.33 -4.94 10.57
C LEU A 154 -0.50 -4.42 11.72
N TYR A 155 -1.62 -3.79 11.43
CA TYR A 155 -2.49 -3.25 12.47
C TYR A 155 -3.95 -3.51 12.17
N VAL A 156 -4.75 -3.48 13.22
CA VAL A 156 -6.18 -3.70 13.10
C VAL A 156 -6.97 -2.59 13.77
N ILE A 157 -7.89 -1.99 13.01
CA ILE A 157 -8.71 -0.91 13.54
C ILE A 157 -9.67 -1.45 14.60
N GLY A 158 -9.69 -0.80 15.75
CA GLY A 158 -10.56 -1.22 16.85
C GLY A 158 -9.85 -1.10 18.19
N GLU A 159 -8.55 -1.39 18.20
CA GLU A 159 -7.76 -1.29 19.42
C GLU A 159 -6.43 -0.62 19.11
N HIS A 160 -6.34 0.67 19.43
CA HIS A 160 -5.13 1.44 19.18
C HIS A 160 -4.60 2.10 20.45
N LYS A 161 -3.41 1.69 20.87
CA LYS A 161 -2.79 2.24 22.08
C LYS A 161 -1.49 1.52 22.39
N ALA A 162 -0.37 2.15 22.04
CA ALA A 162 0.93 1.56 22.30
C ALA A 162 0.99 0.95 23.69
N MET A 1 29.03 -5.50 -25.83
CA MET A 1 28.59 -5.34 -24.42
C MET A 1 28.10 -6.69 -23.90
N SER A 2 29.03 -7.64 -23.78
CA SER A 2 28.70 -8.96 -23.29
C SER A 2 28.14 -8.89 -21.87
N TYR A 3 28.79 -8.07 -21.04
CA TYR A 3 28.36 -7.90 -19.65
C TYR A 3 28.09 -6.44 -19.34
N VAL A 4 27.12 -6.20 -18.46
CA VAL A 4 26.75 -4.84 -18.09
C VAL A 4 26.67 -4.70 -16.58
N PRO A 5 27.79 -4.74 -15.89
CA PRO A 5 27.84 -4.62 -14.41
C PRO A 5 27.65 -3.18 -13.94
N HIS A 6 26.58 -2.56 -14.43
CA HIS A 6 26.26 -1.19 -14.06
C HIS A 6 24.78 -0.92 -14.30
N VAL A 7 24.01 -0.78 -13.21
CA VAL A 7 22.58 -0.54 -13.35
C VAL A 7 22.10 0.53 -12.34
N PRO A 8 21.08 1.28 -12.69
CA PRO A 8 20.51 2.33 -11.78
C PRO A 8 19.72 1.71 -10.63
N TYR A 9 19.20 2.54 -9.74
CA TYR A 9 18.44 2.04 -8.61
C TYR A 9 17.42 1.01 -9.10
N VAL A 10 17.17 -0.01 -8.28
CA VAL A 10 16.22 -1.05 -8.65
C VAL A 10 15.16 -1.21 -7.55
N PRO A 11 13.88 -1.02 -7.83
CA PRO A 11 12.81 -1.20 -6.80
C PRO A 11 12.91 -2.58 -6.16
N THR A 12 12.47 -2.69 -4.91
CA THR A 12 12.55 -3.97 -4.20
C THR A 12 11.74 -5.05 -4.94
N PRO A 13 12.07 -6.31 -4.77
CA PRO A 13 11.32 -7.42 -5.45
C PRO A 13 9.84 -7.42 -5.13
N GLU A 14 9.02 -7.89 -6.07
CA GLU A 14 7.58 -7.94 -5.86
C GLU A 14 7.27 -8.76 -4.61
N LYS A 15 8.27 -9.47 -4.13
CA LYS A 15 8.12 -10.31 -2.94
C LYS A 15 7.71 -9.46 -1.74
N VAL A 16 8.27 -8.26 -1.63
CA VAL A 16 7.96 -7.38 -0.51
C VAL A 16 6.47 -7.05 -0.44
N VAL A 17 5.88 -6.67 -1.57
CA VAL A 17 4.46 -6.34 -1.60
C VAL A 17 3.61 -7.59 -1.39
N ARG A 18 4.13 -8.72 -1.85
CA ARG A 18 3.41 -9.99 -1.71
C ARG A 18 3.19 -10.33 -0.24
N ARG A 19 4.20 -10.13 0.59
CA ARG A 19 4.08 -10.42 2.02
C ARG A 19 3.08 -9.48 2.69
N MET A 20 3.12 -8.21 2.29
CA MET A 20 2.22 -7.21 2.86
C MET A 20 0.77 -7.56 2.57
N LEU A 21 0.54 -8.09 1.37
CA LEU A 21 -0.80 -8.47 0.96
C LEU A 21 -1.32 -9.69 1.73
N GLU A 22 -0.45 -10.67 1.96
CA GLU A 22 -0.85 -11.90 2.67
C GLU A 22 -1.22 -11.62 4.12
N ILE A 23 -0.41 -10.81 4.79
CA ILE A 23 -0.66 -10.50 6.20
C ILE A 23 -1.92 -9.66 6.36
N ALA A 24 -2.16 -8.79 5.40
CA ALA A 24 -3.33 -7.92 5.45
C ALA A 24 -4.61 -8.73 5.28
N LYS A 25 -4.44 -10.00 4.91
CA LYS A 25 -5.58 -10.89 4.71
C LYS A 25 -6.39 -10.45 3.48
N VAL A 26 -5.67 -10.27 2.38
CA VAL A 26 -6.31 -9.85 1.14
C VAL A 26 -6.86 -11.07 0.40
N SER A 27 -8.18 -11.13 0.32
CA SER A 27 -8.86 -12.23 -0.35
C SER A 27 -9.54 -11.71 -1.61
N GLN A 28 -9.92 -12.62 -2.48
CA GLN A 28 -10.58 -12.23 -3.72
C GLN A 28 -11.84 -11.45 -3.45
N ASP A 29 -12.34 -11.53 -2.21
CA ASP A 29 -13.56 -10.82 -1.84
C ASP A 29 -13.24 -9.53 -1.06
N ASP A 30 -11.96 -9.28 -0.82
CA ASP A 30 -11.56 -8.07 -0.09
C ASP A 30 -10.94 -7.05 -1.03
N ILE A 31 -11.27 -5.77 -0.80
CA ILE A 31 -10.74 -4.70 -1.64
C ILE A 31 -9.42 -4.19 -1.08
N VAL A 32 -8.61 -3.56 -1.93
CA VAL A 32 -7.33 -3.01 -1.50
C VAL A 32 -7.22 -1.52 -1.86
N TYR A 33 -7.04 -0.69 -0.83
CA TYR A 33 -6.88 0.75 -1.03
C TYR A 33 -5.45 1.14 -0.63
N ALA A 34 -4.70 1.70 -1.57
CA ALA A 34 -3.32 2.08 -1.29
C ALA A 34 -2.96 3.40 -1.98
N LEU A 35 -2.11 4.17 -1.33
CA LEU A 35 -1.68 5.45 -1.87
C LEU A 35 -0.21 5.38 -2.27
N GLY A 36 0.34 4.17 -2.23
CA GLY A 36 1.73 3.97 -2.59
C GLY A 36 1.87 3.60 -4.06
N CYS A 37 0.79 3.75 -4.81
CA CYS A 37 0.80 3.43 -6.24
C CYS A 37 2.02 4.01 -6.93
N GLY A 38 1.84 5.11 -7.66
CA GLY A 38 2.96 5.72 -8.36
C GLY A 38 3.31 4.93 -9.62
N ASP A 39 2.45 3.96 -9.94
CA ASP A 39 2.65 3.12 -11.12
C ASP A 39 1.58 2.03 -11.19
N GLY A 40 0.95 1.77 -10.06
CA GLY A 40 -0.10 0.75 -9.99
C GLY A 40 0.48 -0.59 -9.61
N ARG A 41 1.80 -0.67 -9.51
CA ARG A 41 2.45 -1.92 -9.14
C ARG A 41 1.97 -2.40 -7.78
N ILE A 42 1.43 -1.48 -6.99
CA ILE A 42 0.93 -1.82 -5.66
C ILE A 42 -0.41 -2.55 -5.75
N ILE A 43 -1.31 -2.05 -6.60
CA ILE A 43 -2.63 -2.65 -6.75
C ILE A 43 -2.65 -3.73 -7.84
N ILE A 44 -1.78 -3.59 -8.83
CA ILE A 44 -1.70 -4.55 -9.92
C ILE A 44 -1.30 -5.93 -9.42
N THR A 45 -0.34 -5.99 -8.50
CA THR A 45 0.09 -7.26 -7.94
C THR A 45 -1.05 -7.90 -7.17
N ALA A 46 -1.98 -7.07 -6.70
CA ALA A 46 -3.12 -7.55 -5.97
C ALA A 46 -4.11 -8.22 -6.93
N ALA A 47 -4.69 -7.42 -7.81
CA ALA A 47 -5.66 -7.94 -8.76
C ALA A 47 -5.07 -9.02 -9.66
N LYS A 48 -3.83 -8.83 -10.08
CA LYS A 48 -3.19 -9.80 -10.94
C LYS A 48 -3.02 -11.15 -10.25
N ASP A 49 -2.55 -11.12 -9.00
CA ASP A 49 -2.32 -12.35 -8.25
C ASP A 49 -3.39 -12.61 -7.18
N PHE A 50 -3.62 -11.62 -6.32
CA PHE A 50 -4.60 -11.79 -5.24
C PHE A 50 -6.03 -11.72 -5.75
N ASN A 51 -6.23 -11.43 -7.03
CA ASN A 51 -7.58 -11.38 -7.58
C ASN A 51 -8.53 -10.54 -6.74
N VAL A 52 -8.02 -9.45 -6.17
CA VAL A 52 -8.87 -8.60 -5.34
C VAL A 52 -10.06 -8.09 -6.12
N LYS A 53 -11.24 -8.28 -5.54
CA LYS A 53 -12.48 -7.86 -6.18
C LYS A 53 -12.39 -6.41 -6.65
N LYS A 54 -11.88 -5.55 -5.79
CA LYS A 54 -11.77 -4.14 -6.13
C LYS A 54 -10.44 -3.57 -5.64
N ALA A 55 -9.66 -3.00 -6.55
CA ALA A 55 -8.38 -2.41 -6.20
C ALA A 55 -8.30 -0.98 -6.69
N VAL A 56 -7.98 -0.06 -5.79
CA VAL A 56 -7.88 1.34 -6.14
C VAL A 56 -6.56 1.94 -5.62
N GLY A 57 -5.89 2.69 -6.50
CA GLY A 57 -4.63 3.32 -6.12
C GLY A 57 -4.78 4.84 -6.14
N VAL A 58 -4.35 5.49 -5.07
CA VAL A 58 -4.44 6.94 -5.02
C VAL A 58 -3.11 7.56 -5.42
N GLU A 59 -3.15 8.36 -6.47
CA GLU A 59 -1.94 9.01 -6.97
C GLU A 59 -2.19 10.49 -7.17
N ILE A 60 -1.28 11.16 -7.88
CA ILE A 60 -1.41 12.58 -8.20
C ILE A 60 -0.10 13.07 -8.80
N ASN A 61 0.04 12.99 -10.12
CA ASN A 61 1.26 13.43 -10.78
C ASN A 61 0.92 13.93 -12.18
N ASP A 62 1.95 14.31 -12.94
CA ASP A 62 1.73 14.79 -14.30
C ASP A 62 2.23 13.77 -15.33
N GLU A 63 3.52 13.55 -15.36
CA GLU A 63 4.12 12.62 -16.31
C GLU A 63 3.78 11.17 -15.99
N ARG A 64 3.78 10.85 -14.70
CA ARG A 64 3.51 9.49 -14.25
C ARG A 64 2.01 9.19 -14.22
N ILE A 65 1.19 10.21 -14.45
CA ILE A 65 -0.25 10.01 -14.43
C ILE A 65 -0.69 9.04 -15.54
N ARG A 66 -0.07 9.17 -16.70
CA ARG A 66 -0.39 8.32 -17.83
C ARG A 66 0.28 6.97 -17.71
N GLU A 67 1.42 6.95 -17.02
CA GLU A 67 2.17 5.71 -16.85
C GLU A 67 1.35 4.67 -16.09
N ALA A 68 0.73 5.07 -14.98
CA ALA A 68 -0.05 4.13 -14.17
C ALA A 68 -1.22 3.55 -14.96
N LEU A 69 -1.89 4.37 -15.74
CA LEU A 69 -3.03 3.90 -16.53
C LEU A 69 -2.59 2.80 -17.49
N ALA A 70 -1.44 3.02 -18.10
CA ALA A 70 -0.89 2.06 -19.07
C ALA A 70 -0.58 0.72 -18.40
N ASN A 71 -0.07 0.78 -17.17
CA ASN A 71 0.31 -0.42 -16.43
C ASN A 71 -0.90 -1.32 -16.11
N ILE A 72 -2.09 -0.76 -16.09
CA ILE A 72 -3.28 -1.57 -15.82
C ILE A 72 -3.58 -2.47 -17.02
N GLU A 73 -3.57 -1.88 -18.20
CA GLU A 73 -3.83 -2.63 -19.43
C GLU A 73 -2.73 -3.66 -19.68
N LYS A 74 -1.50 -3.26 -19.38
CA LYS A 74 -0.36 -4.14 -19.60
C LYS A 74 -0.54 -5.44 -18.84
N ASN A 75 -1.07 -5.35 -17.62
CA ASN A 75 -1.29 -6.53 -16.81
C ASN A 75 -2.70 -7.07 -16.99
N GLY A 76 -3.47 -6.43 -17.88
CA GLY A 76 -4.83 -6.87 -18.17
C GLY A 76 -5.64 -7.08 -16.90
N VAL A 77 -5.54 -6.15 -15.95
CA VAL A 77 -6.28 -6.27 -14.70
C VAL A 77 -7.43 -5.28 -14.64
N THR A 78 -7.80 -4.70 -15.77
CA THR A 78 -8.89 -3.74 -15.77
C THR A 78 -10.07 -4.26 -14.98
N GLY A 79 -10.86 -3.30 -14.52
CA GLY A 79 -12.07 -3.61 -13.77
C GLY A 79 -11.72 -4.04 -12.36
N ARG A 80 -10.43 -4.14 -12.04
CA ARG A 80 -10.01 -4.53 -10.70
C ARG A 80 -9.07 -3.47 -10.13
N ALA A 81 -8.32 -2.84 -11.03
CA ALA A 81 -7.35 -1.82 -10.65
C ALA A 81 -7.72 -0.49 -11.27
N SER A 82 -7.75 0.54 -10.43
CA SER A 82 -8.08 1.89 -10.89
C SER A 82 -7.18 2.91 -10.22
N ILE A 83 -7.07 4.09 -10.82
CA ILE A 83 -6.24 5.14 -10.25
C ILE A 83 -7.03 6.44 -10.15
N VAL A 84 -6.89 7.11 -9.01
CA VAL A 84 -7.60 8.37 -8.78
C VAL A 84 -6.63 9.45 -8.33
N LYS A 85 -6.72 10.63 -8.97
CA LYS A 85 -5.85 11.73 -8.60
C LYS A 85 -6.52 12.65 -7.60
N GLY A 86 -5.73 13.29 -6.76
CA GLY A 86 -6.27 14.20 -5.75
C GLY A 86 -5.60 13.97 -4.40
N ASN A 87 -6.20 14.52 -3.34
CA ASN A 87 -5.65 14.38 -2.01
C ASN A 87 -6.37 13.29 -1.23
N PHE A 88 -5.61 12.35 -0.67
CA PHE A 88 -6.20 11.27 0.09
C PHE A 88 -7.21 11.80 1.11
N PHE A 89 -6.96 13.01 1.58
CA PHE A 89 -7.86 13.65 2.53
C PHE A 89 -9.23 13.91 1.89
N GLU A 90 -9.19 14.45 0.68
CA GLU A 90 -10.42 14.80 -0.05
C GLU A 90 -11.29 13.57 -0.34
N VAL A 91 -10.67 12.45 -0.70
CA VAL A 91 -11.43 11.24 -1.00
C VAL A 91 -11.71 10.45 0.27
N ASP A 92 -12.75 9.62 0.21
CA ASP A 92 -13.13 8.80 1.37
C ASP A 92 -12.66 7.36 1.18
N ILE A 93 -12.01 6.80 2.20
CA ILE A 93 -11.53 5.43 2.14
C ILE A 93 -12.19 4.58 3.22
N SER A 94 -13.26 5.08 3.80
CA SER A 94 -13.96 4.34 4.85
C SER A 94 -14.45 3.00 4.32
N GLU A 95 -14.68 2.94 3.01
CA GLU A 95 -15.15 1.71 2.39
C GLU A 95 -14.05 0.65 2.32
N ALA A 96 -12.80 1.10 2.44
CA ALA A 96 -11.66 0.19 2.36
C ALA A 96 -11.60 -0.77 3.53
N THR A 97 -11.50 -2.07 3.23
CA THR A 97 -11.40 -3.09 4.27
C THR A 97 -9.93 -3.40 4.54
N VAL A 98 -9.09 -3.19 3.52
CA VAL A 98 -7.66 -3.45 3.63
C VAL A 98 -6.87 -2.26 3.08
N VAL A 99 -5.91 -1.78 3.87
CA VAL A 99 -5.08 -0.64 3.45
C VAL A 99 -3.60 -0.93 3.70
N THR A 100 -2.77 -0.51 2.75
CA THR A 100 -1.33 -0.71 2.86
C THR A 100 -0.59 0.59 2.50
N MET A 101 0.65 0.70 2.98
CA MET A 101 1.45 1.88 2.70
C MET A 101 2.85 1.49 2.20
N PHE A 102 3.42 2.34 1.36
CA PHE A 102 4.75 2.09 0.81
C PHE A 102 5.58 3.36 0.85
N LEU A 103 6.86 3.23 1.20
CA LEU A 103 7.74 4.39 1.27
C LEU A 103 7.65 5.20 -0.02
N LEU A 104 7.28 6.46 0.13
CA LEU A 104 7.16 7.35 -1.02
C LEU A 104 7.20 8.80 -0.58
N THR A 105 6.28 9.16 0.32
CA THR A 105 6.20 10.53 0.83
C THR A 105 6.40 10.54 2.34
N ASN A 106 7.27 11.42 2.81
CA ASN A 106 7.55 11.53 4.24
C ASN A 106 6.30 11.90 5.02
N VAL A 107 5.49 12.81 4.47
CA VAL A 107 4.27 13.23 5.15
C VAL A 107 3.04 12.62 4.49
N ASN A 108 2.27 11.88 5.28
CA ASN A 108 1.06 11.24 4.78
C ASN A 108 0.17 10.80 5.94
N GLU A 109 -1.14 11.00 5.80
CA GLU A 109 -2.08 10.61 6.85
C GLU A 109 -1.68 11.25 8.17
N MET A 110 -1.62 12.58 8.20
CA MET A 110 -1.23 13.30 9.40
C MET A 110 -1.87 12.65 10.61
N LEU A 111 -3.10 13.04 10.89
CA LEU A 111 -3.81 12.52 12.05
C LEU A 111 -3.84 10.99 12.05
N LYS A 112 -3.25 10.40 13.08
CA LYS A 112 -3.22 8.96 13.23
C LYS A 112 -4.59 8.38 13.61
N PRO A 113 -5.36 9.06 14.47
CA PRO A 113 -6.67 8.54 14.93
C PRO A 113 -7.80 8.72 13.90
N LYS A 114 -7.51 9.41 12.80
CA LYS A 114 -8.51 9.62 11.76
C LYS A 114 -8.97 8.29 11.18
N LEU A 115 -8.02 7.38 11.00
CA LEU A 115 -8.33 6.07 10.43
C LEU A 115 -9.30 5.31 11.33
N GLU A 116 -9.17 5.49 12.62
CA GLU A 116 -10.04 4.81 13.57
C GLU A 116 -11.50 5.21 13.36
N LYS A 117 -11.71 6.40 12.79
CA LYS A 117 -13.07 6.87 12.54
C LYS A 117 -13.50 6.59 11.10
N GLU A 118 -12.57 6.76 10.16
CA GLU A 118 -12.88 6.53 8.75
C GLU A 118 -12.98 5.04 8.43
N LEU A 119 -11.95 4.29 8.82
CA LEU A 119 -11.93 2.84 8.57
C LEU A 119 -12.72 2.12 9.65
N LYS A 120 -13.59 1.21 9.23
CA LYS A 120 -14.41 0.45 10.17
C LYS A 120 -13.54 -0.55 10.92
N PRO A 121 -13.89 -0.91 12.14
CA PRO A 121 -13.09 -1.88 12.92
C PRO A 121 -12.96 -3.21 12.18
N GLY A 122 -11.77 -3.80 12.27
CA GLY A 122 -11.51 -5.06 11.60
C GLY A 122 -10.72 -4.83 10.31
N THR A 123 -10.52 -3.56 9.96
CA THR A 123 -9.76 -3.22 8.77
C THR A 123 -8.28 -3.48 9.02
N ARG A 124 -7.57 -3.97 8.00
CA ARG A 124 -6.15 -4.26 8.14
C ARG A 124 -5.30 -3.11 7.61
N VAL A 125 -4.33 -2.68 8.42
CA VAL A 125 -3.43 -1.60 8.04
C VAL A 125 -1.99 -2.10 8.08
N VAL A 126 -1.27 -1.92 6.98
CA VAL A 126 0.12 -2.38 6.90
C VAL A 126 1.05 -1.19 6.60
N SER A 127 2.05 -0.99 7.45
CA SER A 127 2.99 0.12 7.24
C SER A 127 4.27 -0.40 6.59
N HIS A 128 4.98 0.49 5.90
CA HIS A 128 6.21 0.11 5.23
C HIS A 128 7.28 -0.33 6.22
N GLU A 129 8.21 0.56 6.54
CA GLU A 129 9.28 0.24 7.48
C GLU A 129 9.14 1.04 8.77
N PHE A 130 8.39 2.14 8.69
CA PHE A 130 8.21 2.99 9.87
C PHE A 130 7.06 2.50 10.72
N GLU A 131 7.32 2.39 12.03
CA GLU A 131 6.29 1.93 12.95
C GLU A 131 5.37 3.08 13.33
N ILE A 132 4.17 2.75 13.78
CA ILE A 132 3.21 3.77 14.16
C ILE A 132 3.31 4.05 15.66
N ARG A 133 3.68 5.28 16.01
CA ARG A 133 3.79 5.66 17.41
C ARG A 133 2.42 5.81 18.03
N GLY A 134 2.27 5.36 19.27
CA GLY A 134 1.00 5.48 19.97
C GLY A 134 0.10 4.26 19.70
N TRP A 135 0.30 3.64 18.55
CA TRP A 135 -0.50 2.47 18.20
C TRP A 135 0.21 1.18 18.55
N ASN A 136 -0.55 0.19 18.98
CA ASN A 136 0.03 -1.10 19.34
C ASN A 136 -0.14 -2.10 18.19
N PRO A 137 0.92 -2.51 17.50
CA PRO A 137 0.80 -3.47 16.37
C PRO A 137 0.49 -4.89 16.84
N LYS A 138 -0.22 -5.65 16.00
CA LYS A 138 -0.59 -7.01 16.36
C LYS A 138 0.53 -7.98 15.97
N GLU A 139 1.01 -7.87 14.73
CA GLU A 139 2.08 -8.74 14.26
C GLU A 139 3.20 -7.94 13.60
N VAL A 140 4.44 -8.20 14.02
CA VAL A 140 5.59 -7.51 13.46
C VAL A 140 6.66 -8.51 13.04
N ILE A 141 7.07 -8.46 11.78
CA ILE A 141 8.08 -9.39 11.28
C ILE A 141 9.05 -8.71 10.33
N LYS A 142 10.17 -9.37 10.10
CA LYS A 142 11.20 -8.83 9.20
C LYS A 142 11.48 -9.77 8.04
N VAL A 143 11.89 -9.17 6.92
CA VAL A 143 12.20 -9.91 5.72
C VAL A 143 13.62 -9.57 5.28
N GLU A 144 14.43 -10.59 5.02
CA GLU A 144 15.81 -10.37 4.58
C GLU A 144 16.02 -10.92 3.17
N ASP A 145 16.47 -10.05 2.28
CA ASP A 145 16.72 -10.46 0.89
C ASP A 145 18.00 -9.81 0.37
N GLY A 146 19.09 -10.57 0.35
CA GLY A 146 20.36 -10.05 -0.13
C GLY A 146 21.20 -9.54 1.03
N ASN A 147 21.50 -8.24 1.03
CA ASN A 147 22.30 -7.62 2.08
C ASN A 147 21.51 -6.55 2.83
N MET A 148 20.18 -6.59 2.67
CA MET A 148 19.32 -5.62 3.35
C MET A 148 18.05 -6.30 3.85
N ASN A 149 17.40 -5.69 4.83
CA ASN A 149 16.18 -6.25 5.39
C ASN A 149 15.08 -5.21 5.46
N HIS A 150 13.87 -5.68 5.68
CA HIS A 150 12.70 -4.81 5.77
C HIS A 150 11.81 -5.27 6.91
N THR A 151 11.11 -4.33 7.52
CA THR A 151 10.21 -4.63 8.62
C THR A 151 8.81 -4.17 8.27
N VAL A 152 7.80 -4.96 8.62
CA VAL A 152 6.42 -4.61 8.31
C VAL A 152 5.55 -4.70 9.55
N TYR A 153 4.74 -3.66 9.78
CA TYR A 153 3.85 -3.63 10.93
C TYR A 153 2.41 -3.85 10.48
N LEU A 154 1.75 -4.78 11.15
CA LEU A 154 0.37 -5.12 10.84
C LEU A 154 -0.52 -4.75 12.02
N TYR A 155 -1.56 -3.98 11.76
CA TYR A 155 -2.46 -3.58 12.84
C TYR A 155 -3.91 -3.52 12.37
N VAL A 156 -4.80 -4.09 13.18
CA VAL A 156 -6.22 -4.10 12.85
C VAL A 156 -6.96 -2.99 13.58
N ILE A 157 -7.87 -2.33 12.87
CA ILE A 157 -8.65 -1.23 13.45
C ILE A 157 -9.68 -1.77 14.44
N GLY A 158 -9.79 -1.13 15.60
CA GLY A 158 -10.75 -1.55 16.62
C GLY A 158 -10.19 -1.39 18.03
N GLU A 159 -8.86 -1.45 18.16
CA GLU A 159 -8.22 -1.30 19.46
C GLU A 159 -6.85 -0.65 19.30
N HIS A 160 -6.78 0.65 19.57
CA HIS A 160 -5.52 1.38 19.45
C HIS A 160 -5.25 2.19 20.69
N LYS A 161 -4.00 2.16 21.16
CA LYS A 161 -3.59 2.87 22.37
C LYS A 161 -4.15 2.17 23.59
N ALA A 162 -3.38 2.16 24.68
CA ALA A 162 -3.82 1.51 25.90
C ALA A 162 -5.29 1.83 26.19
N MET A 1 37.67 5.87 -0.82
CA MET A 1 38.61 6.85 -1.46
C MET A 1 37.82 7.80 -2.33
N SER A 2 36.79 8.41 -1.74
CA SER A 2 35.94 9.35 -2.48
C SER A 2 35.31 8.67 -3.69
N TYR A 3 35.49 7.36 -3.78
CA TYR A 3 34.92 6.59 -4.89
C TYR A 3 34.32 5.29 -4.36
N VAL A 4 33.30 4.79 -5.06
CA VAL A 4 32.66 3.55 -4.65
C VAL A 4 32.23 3.63 -3.18
N PRO A 5 31.36 4.55 -2.86
CA PRO A 5 30.88 4.72 -1.46
C PRO A 5 29.98 3.57 -1.01
N HIS A 6 29.95 3.33 0.29
CA HIS A 6 29.15 2.24 0.84
C HIS A 6 27.70 2.67 1.03
N VAL A 7 26.98 2.81 -0.08
CA VAL A 7 25.56 3.21 -0.02
C VAL A 7 24.71 2.30 -0.91
N PRO A 8 24.50 1.07 -0.50
CA PRO A 8 23.68 0.09 -1.28
C PRO A 8 22.26 0.58 -1.52
N TYR A 9 21.74 0.27 -2.70
CA TYR A 9 20.38 0.67 -3.06
C TYR A 9 19.64 -0.49 -3.70
N VAL A 10 18.44 -0.77 -3.20
CA VAL A 10 17.64 -1.85 -3.75
C VAL A 10 16.15 -1.59 -3.50
N PRO A 11 15.33 -1.43 -4.52
CA PRO A 11 13.88 -1.16 -4.33
C PRO A 11 13.12 -2.45 -3.99
N THR A 12 12.30 -2.38 -2.94
CA THR A 12 11.53 -3.55 -2.51
C THR A 12 10.94 -4.33 -3.69
N PRO A 13 11.46 -5.49 -4.02
CA PRO A 13 10.92 -6.32 -5.15
C PRO A 13 9.43 -6.63 -4.96
N GLU A 14 8.83 -7.26 -5.97
CA GLU A 14 7.42 -7.61 -5.90
C GLU A 14 7.18 -8.61 -4.78
N LYS A 15 8.23 -9.33 -4.40
CA LYS A 15 8.13 -10.33 -3.34
C LYS A 15 7.73 -9.66 -2.03
N VAL A 16 8.23 -8.45 -1.85
CA VAL A 16 7.96 -7.69 -0.64
C VAL A 16 6.46 -7.37 -0.49
N VAL A 17 5.82 -6.95 -1.57
CA VAL A 17 4.38 -6.62 -1.50
C VAL A 17 3.56 -7.88 -1.28
N ARG A 18 4.07 -9.01 -1.73
CA ARG A 18 3.35 -10.27 -1.57
C ARG A 18 3.13 -10.58 -0.10
N ARG A 19 4.14 -10.34 0.74
CA ARG A 19 4.01 -10.59 2.17
C ARG A 19 3.04 -9.60 2.80
N MET A 20 3.09 -8.36 2.34
CA MET A 20 2.22 -7.31 2.84
C MET A 20 0.76 -7.65 2.59
N LEU A 21 0.51 -8.26 1.45
CA LEU A 21 -0.84 -8.67 1.07
C LEU A 21 -1.32 -9.84 1.93
N GLU A 22 -0.44 -10.80 2.20
CA GLU A 22 -0.82 -11.98 2.99
C GLU A 22 -1.19 -11.61 4.42
N ILE A 23 -0.36 -10.79 5.05
CA ILE A 23 -0.61 -10.39 6.43
C ILE A 23 -1.90 -9.60 6.55
N ALA A 24 -2.18 -8.78 5.54
CA ALA A 24 -3.37 -7.97 5.54
C ALA A 24 -4.60 -8.87 5.42
N LYS A 25 -4.35 -10.14 5.13
CA LYS A 25 -5.42 -11.12 5.00
C LYS A 25 -6.31 -10.78 3.81
N VAL A 26 -5.74 -10.09 2.83
CA VAL A 26 -6.51 -9.70 1.65
C VAL A 26 -6.94 -10.93 0.86
N SER A 27 -8.26 -11.06 0.67
CA SER A 27 -8.81 -12.18 -0.09
C SER A 27 -9.47 -11.67 -1.35
N GLN A 28 -9.92 -12.58 -2.19
CA GLN A 28 -10.56 -12.20 -3.45
C GLN A 28 -11.83 -11.39 -3.20
N ASP A 29 -12.37 -11.50 -1.99
CA ASP A 29 -13.59 -10.78 -1.66
C ASP A 29 -13.28 -9.46 -0.95
N ASP A 30 -11.99 -9.20 -0.71
CA ASP A 30 -11.57 -7.99 -0.03
C ASP A 30 -10.95 -7.00 -1.01
N ILE A 31 -11.26 -5.72 -0.82
CA ILE A 31 -10.73 -4.68 -1.70
C ILE A 31 -9.40 -4.14 -1.16
N VAL A 32 -8.59 -3.56 -2.05
CA VAL A 32 -7.30 -3.01 -1.65
C VAL A 32 -7.17 -1.54 -2.03
N TYR A 33 -6.98 -0.69 -1.02
CA TYR A 33 -6.79 0.74 -1.24
C TYR A 33 -5.35 1.10 -0.86
N ALA A 34 -4.52 1.35 -1.86
CA ALA A 34 -3.11 1.66 -1.60
C ALA A 34 -2.71 2.98 -2.25
N LEU A 35 -1.87 3.74 -1.56
CA LEU A 35 -1.39 5.02 -2.06
C LEU A 35 0.06 4.91 -2.52
N GLY A 36 0.58 3.68 -2.49
CA GLY A 36 1.95 3.43 -2.89
C GLY A 36 2.06 3.05 -4.35
N CYS A 37 0.97 3.23 -5.10
CA CYS A 37 0.96 2.88 -6.52
C CYS A 37 2.24 3.37 -7.21
N GLY A 38 2.16 4.51 -7.89
CA GLY A 38 3.34 5.03 -8.58
C GLY A 38 3.61 4.25 -9.85
N ASP A 39 2.66 3.39 -10.22
CA ASP A 39 2.80 2.57 -11.43
C ASP A 39 1.71 1.50 -11.47
N GLY A 40 1.08 1.25 -10.32
CA GLY A 40 0.04 0.24 -10.24
C GLY A 40 0.61 -1.12 -9.81
N ARG A 41 1.92 -1.20 -9.71
CA ARG A 41 2.55 -2.45 -9.31
C ARG A 41 2.07 -2.89 -7.93
N ILE A 42 1.54 -1.94 -7.17
CA ILE A 42 1.04 -2.26 -5.84
C ILE A 42 -0.32 -2.96 -5.91
N ILE A 43 -1.20 -2.46 -6.77
CA ILE A 43 -2.54 -3.05 -6.91
C ILE A 43 -2.57 -4.15 -7.97
N ILE A 44 -1.68 -4.07 -8.95
CA ILE A 44 -1.61 -5.08 -10.00
C ILE A 44 -1.29 -6.48 -9.45
N THR A 45 -0.37 -6.55 -8.50
CA THR A 45 -0.01 -7.84 -7.91
C THR A 45 -1.19 -8.40 -7.13
N ALA A 46 -2.05 -7.51 -6.67
CA ALA A 46 -3.21 -7.93 -5.93
C ALA A 46 -4.24 -8.56 -6.88
N ALA A 47 -4.79 -7.74 -7.76
CA ALA A 47 -5.80 -8.23 -8.71
C ALA A 47 -5.24 -9.35 -9.59
N LYS A 48 -3.99 -9.22 -10.00
CA LYS A 48 -3.39 -10.24 -10.83
C LYS A 48 -3.30 -11.58 -10.12
N ASP A 49 -2.85 -11.56 -8.85
CA ASP A 49 -2.70 -12.80 -8.09
C ASP A 49 -3.77 -12.96 -7.02
N PHE A 50 -3.96 -11.96 -6.17
CA PHE A 50 -4.95 -12.05 -5.10
C PHE A 50 -6.37 -11.94 -5.61
N ASN A 51 -6.55 -11.67 -6.91
CA ASN A 51 -7.90 -11.59 -7.47
C ASN A 51 -8.80 -10.68 -6.63
N VAL A 52 -8.22 -9.63 -6.04
CA VAL A 52 -9.00 -8.74 -5.20
C VAL A 52 -10.23 -8.21 -5.94
N LYS A 53 -11.37 -8.34 -5.28
CA LYS A 53 -12.64 -7.92 -5.87
C LYS A 53 -12.50 -6.51 -6.46
N LYS A 54 -11.94 -5.60 -5.69
CA LYS A 54 -11.77 -4.24 -6.16
C LYS A 54 -10.43 -3.68 -5.69
N ALA A 55 -9.60 -3.24 -6.63
CA ALA A 55 -8.30 -2.67 -6.29
C ALA A 55 -8.21 -1.25 -6.80
N VAL A 56 -7.86 -0.34 -5.90
CA VAL A 56 -7.74 1.08 -6.27
C VAL A 56 -6.44 1.66 -5.77
N GLY A 57 -5.75 2.37 -6.66
CA GLY A 57 -4.49 3.01 -6.30
C GLY A 57 -4.71 4.51 -6.18
N VAL A 58 -4.21 5.10 -5.10
CA VAL A 58 -4.37 6.54 -4.90
C VAL A 58 -3.06 7.25 -5.20
N GLU A 59 -3.12 8.17 -6.16
CA GLU A 59 -1.94 8.91 -6.56
C GLU A 59 -2.28 10.38 -6.77
N ILE A 60 -1.38 11.09 -7.43
CA ILE A 60 -1.56 12.50 -7.75
C ILE A 60 -0.25 13.05 -8.30
N ASN A 61 -0.03 12.90 -9.61
CA ASN A 61 1.19 13.38 -10.23
C ASN A 61 0.86 13.88 -11.63
N ASP A 62 1.87 14.36 -12.35
CA ASP A 62 1.65 14.86 -13.70
C ASP A 62 2.14 13.88 -14.74
N GLU A 63 3.45 13.67 -14.80
CA GLU A 63 4.05 12.75 -15.78
C GLU A 63 3.73 11.29 -15.45
N ARG A 64 3.74 10.97 -14.16
CA ARG A 64 3.49 9.60 -13.73
C ARG A 64 2.00 9.27 -13.77
N ILE A 65 1.17 10.28 -14.03
CA ILE A 65 -0.27 10.05 -14.08
C ILE A 65 -0.66 9.11 -15.22
N ARG A 66 0.02 9.24 -16.34
CA ARG A 66 -0.28 8.42 -17.51
C ARG A 66 0.38 7.04 -17.42
N GLU A 67 1.53 6.98 -16.77
CA GLU A 67 2.22 5.70 -16.66
C GLU A 67 1.37 4.68 -15.90
N ALA A 68 0.78 5.10 -14.79
CA ALA A 68 -0.04 4.19 -13.99
C ALA A 68 -1.21 3.66 -14.80
N LEU A 69 -1.83 4.52 -15.60
CA LEU A 69 -2.96 4.09 -16.42
C LEU A 69 -2.51 3.03 -17.40
N ALA A 70 -1.32 3.23 -17.96
CA ALA A 70 -0.76 2.30 -18.93
C ALA A 70 -0.49 0.93 -18.31
N ASN A 71 -0.02 0.92 -17.07
CA ASN A 71 0.28 -0.34 -16.42
C ASN A 71 -0.97 -1.21 -16.31
N ILE A 72 -2.08 -0.61 -15.91
CA ILE A 72 -3.32 -1.35 -15.77
C ILE A 72 -3.66 -2.10 -17.06
N GLU A 73 -3.62 -1.40 -18.19
CA GLU A 73 -3.92 -2.04 -19.47
C GLU A 73 -2.86 -3.09 -19.79
N LYS A 74 -1.60 -2.74 -19.53
CA LYS A 74 -0.49 -3.64 -19.83
C LYS A 74 -0.70 -4.96 -19.10
N ASN A 75 -1.21 -4.88 -17.89
CA ASN A 75 -1.46 -6.06 -17.08
C ASN A 75 -2.89 -6.57 -17.27
N GLY A 76 -3.64 -5.92 -18.15
CA GLY A 76 -5.02 -6.35 -18.44
C GLY A 76 -5.82 -6.56 -17.16
N VAL A 77 -5.66 -5.65 -16.21
CA VAL A 77 -6.38 -5.76 -14.94
C VAL A 77 -7.55 -4.79 -14.89
N THR A 78 -7.90 -4.18 -16.02
CA THR A 78 -9.02 -3.25 -16.04
C THR A 78 -10.28 -3.89 -15.49
N GLY A 79 -10.84 -3.28 -14.45
CA GLY A 79 -12.05 -3.83 -13.84
C GLY A 79 -11.74 -4.28 -12.42
N ARG A 80 -10.44 -4.34 -12.11
CA ARG A 80 -10.01 -4.74 -10.77
C ARG A 80 -9.03 -3.71 -10.23
N ALA A 81 -8.29 -3.08 -11.13
CA ALA A 81 -7.30 -2.08 -10.76
C ALA A 81 -7.62 -0.74 -11.40
N SER A 82 -7.59 0.30 -10.58
CA SER A 82 -7.87 1.64 -11.05
C SER A 82 -7.01 2.66 -10.32
N ILE A 83 -6.89 3.85 -10.87
CA ILE A 83 -6.09 4.90 -10.23
C ILE A 83 -6.92 6.17 -10.08
N VAL A 84 -6.84 6.78 -8.91
CA VAL A 84 -7.60 8.00 -8.62
C VAL A 84 -6.68 9.12 -8.14
N LYS A 85 -6.84 10.31 -8.73
CA LYS A 85 -6.03 11.45 -8.34
C LYS A 85 -6.85 12.40 -7.49
N GLY A 86 -6.16 13.24 -6.71
CA GLY A 86 -6.85 14.20 -5.85
C GLY A 86 -6.09 14.38 -4.54
N ASN A 87 -6.74 15.02 -3.58
CA ASN A 87 -6.11 15.25 -2.27
C ASN A 87 -6.51 14.16 -1.28
N PHE A 88 -5.52 13.69 -0.53
CA PHE A 88 -5.75 12.61 0.44
C PHE A 88 -6.82 13.01 1.44
N PHE A 89 -6.83 14.29 1.82
CA PHE A 89 -7.82 14.78 2.76
C PHE A 89 -9.20 14.81 2.10
N GLU A 90 -9.20 15.12 0.81
CA GLU A 90 -10.45 15.18 0.05
C GLU A 90 -10.86 13.79 -0.45
N VAL A 91 -10.04 12.80 -0.16
CA VAL A 91 -10.33 11.43 -0.60
C VAL A 91 -10.78 10.58 0.59
N ASP A 92 -11.92 9.93 0.46
CA ASP A 92 -12.46 9.09 1.52
C ASP A 92 -12.17 7.62 1.24
N ILE A 93 -11.52 6.95 2.20
CA ILE A 93 -11.18 5.55 2.07
C ILE A 93 -11.92 4.70 3.10
N SER A 94 -13.01 5.23 3.62
CA SER A 94 -13.78 4.51 4.64
C SER A 94 -14.29 3.17 4.12
N GLU A 95 -14.49 3.08 2.80
CA GLU A 95 -14.98 1.84 2.21
C GLU A 95 -13.89 0.77 2.17
N ALA A 96 -12.64 1.20 2.28
CA ALA A 96 -11.51 0.28 2.21
C ALA A 96 -11.45 -0.68 3.41
N THR A 97 -11.35 -1.98 3.12
CA THR A 97 -11.24 -2.98 4.17
C THR A 97 -9.77 -3.33 4.42
N VAL A 98 -8.95 -3.16 3.39
CA VAL A 98 -7.52 -3.43 3.48
C VAL A 98 -6.73 -2.26 2.93
N VAL A 99 -5.79 -1.76 3.72
CA VAL A 99 -4.97 -0.63 3.29
C VAL A 99 -3.48 -0.89 3.55
N THR A 100 -2.66 -0.48 2.60
CA THR A 100 -1.22 -0.64 2.72
C THR A 100 -0.52 0.67 2.39
N MET A 101 0.70 0.84 2.92
CA MET A 101 1.46 2.06 2.67
C MET A 101 2.86 1.72 2.18
N PHE A 102 3.23 2.27 1.03
CA PHE A 102 4.55 2.03 0.46
C PHE A 102 5.07 3.30 -0.22
N LEU A 103 6.05 3.95 0.40
CA LEU A 103 6.64 5.17 -0.15
C LEU A 103 8.15 5.04 -0.24
N LEU A 104 8.73 5.66 -1.26
CA LEU A 104 10.18 5.63 -1.44
C LEU A 104 10.88 6.28 -0.27
N THR A 105 10.30 7.37 0.23
CA THR A 105 10.88 8.10 1.35
C THR A 105 9.99 7.98 2.59
N ASN A 106 10.56 8.26 3.75
CA ASN A 106 9.81 8.15 5.00
C ASN A 106 9.28 9.52 5.43
N VAL A 107 8.11 9.53 6.05
CA VAL A 107 7.49 10.76 6.52
C VAL A 107 7.16 10.66 8.00
N ASN A 108 7.49 11.72 8.75
CA ASN A 108 7.25 11.72 10.18
C ASN A 108 5.77 11.56 10.51
N GLU A 109 4.89 12.20 9.72
CA GLU A 109 3.46 12.11 9.97
C GLU A 109 2.68 11.89 8.67
N MET A 110 1.91 10.81 8.64
CA MET A 110 1.10 10.48 7.46
C MET A 110 -0.24 9.89 7.87
N LEU A 111 -0.29 9.26 9.04
CA LEU A 111 -1.52 8.63 9.52
C LEU A 111 -2.05 9.37 10.75
N LYS A 112 -3.38 9.46 10.85
CA LYS A 112 -4.02 10.13 11.97
C LYS A 112 -5.15 9.28 12.56
N PRO A 113 -5.48 9.44 13.82
CA PRO A 113 -6.59 8.65 14.46
C PRO A 113 -7.86 8.65 13.62
N LYS A 114 -7.86 9.44 12.54
CA LYS A 114 -9.03 9.52 11.67
C LYS A 114 -9.35 8.16 11.07
N LEU A 115 -8.34 7.29 10.99
CA LEU A 115 -8.54 5.96 10.43
C LEU A 115 -9.56 5.20 11.26
N GLU A 116 -9.53 5.42 12.57
CA GLU A 116 -10.45 4.76 13.47
C GLU A 116 -11.89 5.19 13.18
N LYS A 117 -12.05 6.35 12.56
CA LYS A 117 -13.38 6.84 12.22
C LYS A 117 -13.74 6.51 10.77
N GLU A 118 -12.77 6.62 9.88
CA GLU A 118 -13.02 6.34 8.47
C GLU A 118 -13.06 4.83 8.20
N LEU A 119 -12.02 4.12 8.63
CA LEU A 119 -11.96 2.68 8.44
C LEU A 119 -12.74 1.98 9.55
N LYS A 120 -13.56 1.02 9.16
CA LYS A 120 -14.36 0.27 10.13
C LYS A 120 -13.47 -0.67 10.94
N PRO A 121 -13.87 -1.01 12.14
CA PRO A 121 -13.06 -1.91 13.01
C PRO A 121 -12.88 -3.28 12.37
N GLY A 122 -11.70 -3.85 12.54
CA GLY A 122 -11.39 -5.15 11.95
C GLY A 122 -10.65 -4.96 10.63
N THR A 123 -10.51 -3.71 10.21
CA THR A 123 -9.81 -3.40 8.98
C THR A 123 -8.32 -3.64 9.18
N ARG A 124 -7.62 -4.06 8.12
CA ARG A 124 -6.19 -4.33 8.22
C ARG A 124 -5.37 -3.20 7.62
N VAL A 125 -4.40 -2.71 8.40
CA VAL A 125 -3.53 -1.63 7.92
C VAL A 125 -2.06 -2.07 7.99
N VAL A 126 -1.34 -1.90 6.89
CA VAL A 126 0.07 -2.30 6.83
C VAL A 126 0.97 -1.09 6.54
N SER A 127 1.93 -0.84 7.43
CA SER A 127 2.85 0.27 7.25
C SER A 127 4.17 -0.22 6.67
N HIS A 128 4.77 0.60 5.80
CA HIS A 128 6.02 0.25 5.15
C HIS A 128 7.07 -0.23 6.16
N GLU A 129 8.02 0.65 6.48
CA GLU A 129 9.09 0.29 7.41
C GLU A 129 8.95 1.03 8.74
N PHE A 130 8.36 2.22 8.71
CA PHE A 130 8.21 3.01 9.93
C PHE A 130 6.95 2.60 10.69
N GLU A 131 7.13 2.15 11.92
CA GLU A 131 6.02 1.73 12.75
C GLU A 131 5.16 2.94 13.13
N ILE A 132 3.93 2.69 13.55
CA ILE A 132 3.04 3.76 13.93
C ILE A 132 3.20 4.08 15.41
N ARG A 133 3.59 5.31 15.71
CA ARG A 133 3.76 5.73 17.09
C ARG A 133 2.39 5.92 17.75
N GLY A 134 2.25 5.47 18.99
CA GLY A 134 0.99 5.63 19.70
C GLY A 134 0.10 4.40 19.51
N TRP A 135 0.35 3.64 18.46
CA TRP A 135 -0.45 2.44 18.17
C TRP A 135 0.33 1.17 18.48
N ASN A 136 -0.38 0.10 18.82
CA ASN A 136 0.24 -1.18 19.12
C ASN A 136 0.03 -2.15 17.95
N PRO A 137 1.09 -2.59 17.27
CA PRO A 137 0.93 -3.51 16.11
C PRO A 137 0.53 -4.91 16.55
N LYS A 138 -0.19 -5.62 15.69
CA LYS A 138 -0.62 -6.97 16.01
C LYS A 138 0.50 -7.97 15.67
N GLU A 139 1.08 -7.82 14.47
CA GLU A 139 2.16 -8.70 14.05
C GLU A 139 3.31 -7.89 13.46
N VAL A 140 4.53 -8.17 13.91
CA VAL A 140 5.72 -7.47 13.41
C VAL A 140 6.78 -8.47 12.99
N ILE A 141 7.22 -8.41 11.74
CA ILE A 141 8.24 -9.33 11.27
C ILE A 141 9.20 -8.64 10.30
N LYS A 142 10.34 -9.27 10.09
CA LYS A 142 11.36 -8.74 9.18
C LYS A 142 11.67 -9.71 8.05
N VAL A 143 12.09 -9.14 6.92
CA VAL A 143 12.43 -9.93 5.75
C VAL A 143 13.84 -9.59 5.30
N GLU A 144 14.66 -10.60 5.09
CA GLU A 144 16.04 -10.38 4.65
C GLU A 144 16.23 -10.90 3.23
N ASP A 145 16.64 -10.01 2.33
CA ASP A 145 16.84 -10.40 0.94
C ASP A 145 18.09 -9.72 0.37
N GLY A 146 19.21 -10.43 0.36
CA GLY A 146 20.45 -9.87 -0.16
C GLY A 146 21.30 -9.32 0.98
N ASN A 147 21.58 -8.02 0.93
CA ASN A 147 22.39 -7.38 1.95
C ASN A 147 21.57 -6.32 2.69
N MET A 148 20.25 -6.39 2.55
CA MET A 148 19.36 -5.44 3.21
C MET A 148 18.12 -6.15 3.74
N ASN A 149 17.50 -5.57 4.76
CA ASN A 149 16.31 -6.15 5.36
C ASN A 149 15.16 -5.16 5.34
N HIS A 150 13.96 -5.68 5.55
CA HIS A 150 12.76 -4.85 5.57
C HIS A 150 11.85 -5.27 6.72
N THR A 151 11.13 -4.30 7.28
CA THR A 151 10.22 -4.57 8.39
C THR A 151 8.82 -4.12 8.01
N VAL A 152 7.82 -4.91 8.38
CA VAL A 152 6.43 -4.58 8.07
C VAL A 152 5.58 -4.67 9.32
N TYR A 153 4.78 -3.63 9.56
CA TYR A 153 3.91 -3.59 10.73
C TYR A 153 2.45 -3.74 10.32
N LEU A 154 1.75 -4.60 11.03
CA LEU A 154 0.34 -4.85 10.79
C LEU A 154 -0.48 -4.33 11.96
N TYR A 155 -1.52 -3.57 11.67
CA TYR A 155 -2.38 -3.03 12.72
C TYR A 155 -3.82 -3.42 12.45
N VAL A 156 -4.64 -3.36 13.49
CA VAL A 156 -6.06 -3.69 13.36
C VAL A 156 -6.93 -2.59 13.94
N ILE A 157 -7.84 -2.09 13.13
CA ILE A 157 -8.74 -1.03 13.55
C ILE A 157 -9.74 -1.55 14.59
N GLY A 158 -9.90 -0.78 15.67
CA GLY A 158 -10.80 -1.16 16.74
C GLY A 158 -10.13 -0.94 18.09
N GLU A 159 -8.82 -1.13 18.12
CA GLU A 159 -8.06 -0.93 19.35
C GLU A 159 -6.64 -0.48 19.03
N HIS A 160 -6.14 0.49 19.81
CA HIS A 160 -4.79 0.99 19.59
C HIS A 160 -4.35 1.87 20.74
N LYS A 161 -3.08 1.75 21.13
CA LYS A 161 -2.52 2.55 22.22
C LYS A 161 -1.14 2.02 22.61
N ALA A 162 -0.46 2.75 23.49
CA ALA A 162 0.86 2.34 23.93
C ALA A 162 0.84 0.91 24.47
#